data_8R4Q
#
_entry.id   8R4Q
#
_cell.length_a   85.116
_cell.length_b   213.702
_cell.length_c   223.656
_cell.angle_alpha   90
_cell.angle_beta   90
_cell.angle_gamma   90
#
_symmetry.space_group_name_H-M   'P 21 21 21'
#
loop_
_entity.id
_entity.type
_entity.pdbx_description
1 polymer 'Serine/threonine-protein kinase SIK3'
2 polymer scFvH1
3 non-polymer 4-[(2,4-dichloro-5-methoxyphenyl)amino]-6-methoxy-7-[3-(4-methylpiperazin-1-yl)propoxy]quinoline-3-carbonitrile
4 non-polymer 'SULFATE ION'
5 water water
#
loop_
_entity_poly.entity_id
_entity_poly.type
_entity_poly.pdbx_seq_one_letter_code
_entity_poly.pdbx_strand_id
1 'polypeptide(L)'
;SMPARIGYYEIDRTIGKGNFAVVKRATHLVTKAKVAIKIIDKTQLDEENLKKIFREVQIMKMLSHPHIIRLYQVMETERM
IYLVTEYASGGEIFDHLVAHGRMAEKEARRKFKQIVTAVYFCHSRNIVHRDLKAENLLLDANLNIKIADFGFSNLFTPGQ
LLK(TPO)WCGSPPYAAPELFEGKEYDGPKVDIWSLGVVLYVLVCGALPFDGSTLQNLRARVLSGKFRIPFFMSTECEHL
IRHMLVLDPNKRLSMEQICKHKWMKLGDADPNFDRLIAESQQLKEERQVDPLNEDVLLAMEDMGLDKEQTLQSLRSDAYD
HYSAIYSLLCDR
;
A,C,E,G,I,K
2 'polypeptide(L)'
;EVQLVQSGAGVKKPGSSVKVSCKSSGGTSGSSAVSWIRQAPGQGVEWMGGITSIFGPANYAQKFQDRLKITADKATNTVY
MELSGLTFEDTAVYYCARVGDYNFWNGHYRSGYYFDLWGRGTLVTVSSGGGGSGGGGSGGGGSAQSVLTQPPSASGTPGQ
RVTISCSGSSSNIGSNTVNWYQQLPGTAPKLLIYSNTQRPSGVPDRFSGSKSATSASLAISGLQSEDEADYYCAAWDDSL
NGHVVFGGGTKVTVLGAAAENLYFQ
;
B,D,F,H,J,L
#
loop_
_chem_comp.id
_chem_comp.type
_chem_comp.name
_chem_comp.formula
DB8 non-polymer 4-[(2,4-dichloro-5-methoxyphenyl)amino]-6-methoxy-7-[3-(4-methylpiperazin-1-yl)propoxy]quinoline-3-carbonitrile 'C26 H29 Cl2 N5 O3'
SO4 non-polymer 'SULFATE ION' 'O4 S -2'
#
# COMPACT_ATOMS: atom_id res chain seq x y z
N ARG A 5 -44.78 39.94 18.49
CA ARG A 5 -44.09 39.04 19.41
C ARG A 5 -43.11 39.78 20.33
N ILE A 6 -42.23 40.62 19.77
CA ILE A 6 -41.29 41.45 20.53
C ILE A 6 -41.35 42.83 19.90
N GLY A 7 -42.24 43.66 20.42
CA GLY A 7 -42.47 44.99 19.87
C GLY A 7 -43.16 44.89 18.53
N TYR A 8 -42.47 45.36 17.47
CA TYR A 8 -42.97 45.26 16.09
C TYR A 8 -42.27 44.12 15.35
N TYR A 9 -41.78 43.10 16.07
CA TYR A 9 -41.05 42.00 15.44
C TYR A 9 -41.62 40.65 15.78
N GLU A 10 -41.97 39.85 14.75
CA GLU A 10 -42.43 38.48 14.96
C GLU A 10 -41.20 37.62 14.69
N ILE A 11 -40.75 36.88 15.70
CA ILE A 11 -39.52 36.11 15.61
C ILE A 11 -39.69 34.87 14.74
N ASP A 12 -38.73 34.63 13.83
CA ASP A 12 -38.74 33.50 12.92
C ASP A 12 -38.04 32.26 13.49
N ARG A 13 -36.72 32.34 13.72
CA ARG A 13 -35.94 31.20 14.21
C ARG A 13 -34.60 31.64 14.78
N THR A 14 -33.91 30.77 15.52
CA THR A 14 -32.60 31.09 16.04
C THR A 14 -31.58 30.92 14.94
N ILE A 15 -30.84 31.96 14.56
CA ILE A 15 -29.84 31.85 13.49
C ILE A 15 -28.39 31.77 14.03
N GLY A 16 -28.17 32.19 15.27
CA GLY A 16 -26.86 32.10 15.89
C GLY A 16 -26.90 32.30 17.38
N LYS A 17 -25.72 32.39 17.98
CA LYS A 17 -25.57 32.64 19.42
C LYS A 17 -24.51 33.72 19.70
N GLY A 18 -24.46 34.18 20.94
CA GLY A 18 -23.52 35.21 21.37
C GLY A 18 -23.30 35.17 22.86
N ASN A 19 -22.34 35.94 23.38
CA ASN A 19 -22.06 36.00 24.82
C ASN A 19 -23.29 36.35 25.63
N PHE A 20 -23.85 35.37 26.37
CA PHE A 20 -25.08 35.49 27.17
C PHE A 20 -26.29 35.95 26.34
N ALA A 21 -26.28 35.64 25.03
CA ALA A 21 -27.28 36.07 24.08
C ALA A 21 -27.60 35.01 23.01
N VAL A 22 -28.75 35.16 22.35
CA VAL A 22 -29.18 34.29 21.26
C VAL A 22 -29.59 35.20 20.11
N VAL A 23 -29.04 35.00 18.92
CA VAL A 23 -29.42 35.78 17.76
C VAL A 23 -30.58 35.08 17.05
N LYS A 24 -31.61 35.83 16.67
CA LYS A 24 -32.79 35.27 16.03
C LYS A 24 -33.21 36.12 14.85
N ARG A 25 -33.59 35.49 13.72
CA ARG A 25 -34.10 36.25 12.57
C ARG A 25 -35.52 36.70 12.91
N ALA A 26 -35.93 37.88 12.45
CA ALA A 26 -37.29 38.34 12.71
C ALA A 26 -37.84 39.15 11.52
N THR A 27 -39.16 39.43 11.51
CA THR A 27 -39.77 40.20 10.44
C THR A 27 -40.41 41.45 11.04
N HIS A 28 -40.14 42.62 10.47
CA HIS A 28 -40.75 43.85 10.95
C HIS A 28 -42.21 43.83 10.51
N LEU A 29 -43.14 43.92 11.46
CA LEU A 29 -44.57 43.83 11.16
C LEU A 29 -45.13 44.92 10.24
N VAL A 30 -44.55 46.13 10.28
CA VAL A 30 -45.05 47.23 9.43
C VAL A 30 -44.31 47.32 8.06
N THR A 31 -43.05 46.86 7.97
CA THR A 31 -42.30 46.98 6.72
C THR A 31 -42.05 45.62 6.02
N LYS A 32 -42.40 44.51 6.68
CA LYS A 32 -42.26 43.13 6.22
C LYS A 32 -40.81 42.74 5.89
N ALA A 33 -39.83 43.54 6.35
CA ALA A 33 -38.42 43.28 6.10
C ALA A 33 -37.82 42.32 7.14
N LYS A 34 -36.72 41.66 6.78
CA LYS A 34 -36.05 40.74 7.69
C LYS A 34 -34.93 41.48 8.43
N VAL A 35 -34.77 41.19 9.72
CA VAL A 35 -33.73 41.77 10.56
C VAL A 35 -33.07 40.66 11.40
N ALA A 36 -31.91 40.93 11.98
CA ALA A 36 -31.29 40.02 12.94
C ALA A 36 -31.60 40.63 14.32
N ILE A 37 -31.80 39.80 15.36
CA ILE A 37 -32.11 40.33 16.70
C ILE A 37 -31.29 39.62 17.75
N LYS A 38 -30.41 40.35 18.47
CA LYS A 38 -29.65 39.73 19.56
C LYS A 38 -30.47 39.89 20.85
N ILE A 39 -30.87 38.77 21.47
CA ILE A 39 -31.63 38.83 22.71
C ILE A 39 -30.73 38.53 23.91
N ILE A 40 -30.40 39.56 24.68
CA ILE A 40 -29.50 39.40 25.82
C ILE A 40 -30.29 39.34 27.15
N ASP A 41 -30.12 38.28 27.97
CA ASP A 41 -30.81 38.23 29.28
C ASP A 41 -29.96 38.97 30.30
N LYS A 42 -30.49 40.04 30.85
CA LYS A 42 -29.80 40.87 31.84
C LYS A 42 -29.64 40.20 33.21
N THR A 43 -30.36 39.09 33.48
CA THR A 43 -30.25 38.40 34.76
C THR A 43 -28.88 37.70 34.89
N GLN A 44 -28.30 37.23 33.77
CA GLN A 44 -26.98 36.60 33.80
C GLN A 44 -25.85 37.60 33.46
N LEU A 45 -26.08 38.91 33.71
CA LEU A 45 -25.11 39.95 33.39
C LEU A 45 -24.68 40.76 34.60
N ASP A 46 -23.39 41.08 34.69
CA ASP A 46 -22.87 41.89 35.79
C ASP A 46 -22.60 43.35 35.33
N GLU A 47 -22.20 44.24 36.27
CA GLU A 47 -21.91 45.65 36.04
C GLU A 47 -20.96 45.87 34.86
N GLU A 48 -19.88 45.08 34.81
CA GLU A 48 -18.87 45.19 33.76
C GLU A 48 -19.41 44.73 32.40
N ASN A 49 -20.31 43.74 32.40
CA ASN A 49 -20.92 43.21 31.17
C ASN A 49 -21.91 44.20 30.61
N LEU A 50 -22.74 44.83 31.46
CA LEU A 50 -23.74 45.82 31.04
C LEU A 50 -23.08 47.02 30.40
N LYS A 51 -21.91 47.45 30.92
CA LYS A 51 -21.14 48.57 30.39
C LYS A 51 -20.58 48.22 29.00
N LYS A 52 -20.18 46.94 28.80
CA LYS A 52 -19.68 46.39 27.55
C LYS A 52 -20.76 46.24 26.47
N ILE A 53 -22.05 46.25 26.86
CA ILE A 53 -23.17 46.20 25.93
C ILE A 53 -23.48 47.63 25.49
N PHE A 54 -23.45 48.60 26.43
CA PHE A 54 -23.69 50.03 26.14
C PHE A 54 -22.62 50.55 25.19
N ARG A 55 -21.36 50.16 25.41
CA ARG A 55 -20.27 50.62 24.56
C ARG A 55 -20.45 50.06 23.16
N GLU A 56 -20.83 48.77 23.04
CA GLU A 56 -21.10 48.10 21.77
C GLU A 56 -22.16 48.86 20.97
N VAL A 57 -23.24 49.27 21.64
CA VAL A 57 -24.32 50.03 21.02
C VAL A 57 -23.85 51.42 20.60
N GLN A 58 -23.14 52.13 21.49
CA GLN A 58 -22.64 53.46 21.18
C GLN A 58 -21.63 53.48 20.04
N ILE A 59 -20.94 52.36 19.79
CA ILE A 59 -19.98 52.26 18.69
C ILE A 59 -20.72 51.98 17.38
N MET A 60 -21.71 51.09 17.42
CA MET A 60 -22.51 50.76 16.24
C MET A 60 -23.30 51.97 15.72
N LYS A 61 -23.63 52.92 16.60
CA LYS A 61 -24.34 54.15 16.24
C LYS A 61 -23.44 55.12 15.45
N MET A 62 -22.12 55.03 15.65
CA MET A 62 -21.16 55.89 14.94
C MET A 62 -20.79 55.38 13.56
N LEU A 63 -21.04 54.10 13.27
CA LEU A 63 -20.60 53.49 12.02
C LEU A 63 -21.68 53.27 10.96
N SER A 64 -21.63 54.10 9.89
CA SER A 64 -22.55 53.95 8.77
C SER A 64 -21.69 53.78 7.53
N HIS A 65 -21.57 52.55 7.06
CA HIS A 65 -20.71 52.21 5.94
C HIS A 65 -21.34 51.05 5.13
N PRO A 66 -21.13 51.02 3.80
CA PRO A 66 -21.73 49.94 3.00
C PRO A 66 -21.28 48.52 3.39
N HIS A 67 -20.13 48.38 4.06
CA HIS A 67 -19.64 47.06 4.45
C HIS A 67 -19.63 46.82 5.94
N ILE A 68 -20.53 47.50 6.67
CA ILE A 68 -20.68 47.32 8.11
C ILE A 68 -22.17 47.07 8.38
N ILE A 69 -22.48 46.13 9.30
CA ILE A 69 -23.86 45.78 9.64
C ILE A 69 -24.51 46.97 10.33
N ARG A 70 -25.67 47.37 9.81
CA ARG A 70 -26.37 48.56 10.27
C ARG A 70 -27.32 48.28 11.43
N LEU A 71 -27.12 48.98 12.57
CA LEU A 71 -27.99 48.85 13.73
C LEU A 71 -29.24 49.69 13.44
N TYR A 72 -30.41 49.10 13.60
CA TYR A 72 -31.67 49.78 13.33
C TYR A 72 -32.39 50.27 14.57
N GLN A 73 -32.53 49.41 15.57
CA GLN A 73 -33.27 49.74 16.77
C GLN A 73 -32.72 49.06 17.99
N VAL A 74 -32.88 49.68 19.15
CA VAL A 74 -32.46 49.09 20.42
C VAL A 74 -33.67 49.17 21.34
N MET A 75 -34.10 48.03 21.88
CA MET A 75 -35.24 47.98 22.79
C MET A 75 -34.78 47.40 24.11
N GLU A 76 -35.21 47.99 25.22
CA GLU A 76 -34.81 47.50 26.53
C GLU A 76 -35.99 47.41 27.48
N THR A 77 -36.15 46.24 28.08
CA THR A 77 -37.19 45.94 29.08
C THR A 77 -36.49 45.76 30.46
N GLU A 78 -37.28 45.58 31.53
CA GLU A 78 -36.72 45.39 32.88
C GLU A 78 -35.83 44.13 33.02
N ARG A 79 -36.03 43.11 32.13
CA ARG A 79 -35.25 41.87 32.20
C ARG A 79 -34.45 41.57 30.93
N MET A 80 -34.73 42.29 29.81
CA MET A 80 -34.07 41.98 28.54
C MET A 80 -33.58 43.19 27.75
N ILE A 81 -32.65 42.96 26.84
CA ILE A 81 -32.12 43.98 25.94
C ILE A 81 -32.07 43.35 24.54
N TYR A 82 -32.73 44.00 23.57
CA TYR A 82 -32.83 43.51 22.20
C TYR A 82 -32.14 44.47 21.25
N LEU A 83 -31.24 43.95 20.41
CA LEU A 83 -30.54 44.77 19.42
C LEU A 83 -30.99 44.34 18.05
N VAL A 84 -31.65 45.23 17.31
CA VAL A 84 -32.13 44.91 15.96
C VAL A 84 -31.18 45.48 14.89
N THR A 85 -30.60 44.63 14.03
CA THR A 85 -29.71 45.07 12.95
C THR A 85 -30.19 44.55 11.57
N GLU A 86 -29.59 45.01 10.46
CA GLU A 86 -29.94 44.49 9.14
C GLU A 86 -29.61 43.00 9.04
N TYR A 87 -30.32 42.30 8.17
CA TYR A 87 -30.13 40.86 8.02
C TYR A 87 -29.16 40.53 6.90
N ALA A 88 -28.08 39.82 7.25
CA ALA A 88 -27.06 39.37 6.31
C ALA A 88 -27.53 38.04 5.77
N SER A 89 -28.34 38.07 4.70
CA SER A 89 -28.96 36.91 4.05
C SER A 89 -28.02 35.73 3.81
N GLY A 90 -26.79 36.01 3.39
CA GLY A 90 -25.81 34.99 3.07
C GLY A 90 -25.05 34.37 4.24
N GLY A 91 -25.23 34.93 5.43
CA GLY A 91 -24.60 34.40 6.64
C GLY A 91 -23.11 34.61 6.80
N GLU A 92 -22.45 33.81 7.65
CA GLU A 92 -21.01 33.95 7.87
C GLU A 92 -20.15 33.51 6.70
N ILE A 93 -18.95 34.10 6.59
CA ILE A 93 -17.92 33.68 5.63
C ILE A 93 -17.43 32.29 6.05
N PHE A 94 -17.31 32.03 7.37
CA PHE A 94 -16.89 30.76 7.93
C PHE A 94 -17.72 29.58 7.37
N ASP A 95 -19.04 29.73 7.35
CA ASP A 95 -19.94 28.71 6.83
C ASP A 95 -19.80 28.53 5.31
N HIS A 96 -19.50 29.61 4.60
CA HIS A 96 -19.28 29.58 3.16
C HIS A 96 -17.96 28.83 2.84
N LEU A 97 -16.95 28.95 3.72
CA LEU A 97 -15.68 28.23 3.60
C LEU A 97 -15.86 26.75 3.93
N VAL A 98 -16.73 26.44 4.90
CA VAL A 98 -17.02 25.05 5.22
C VAL A 98 -17.73 24.36 4.04
N ALA A 99 -18.58 25.09 3.33
CA ALA A 99 -19.33 24.56 2.20
C ALA A 99 -18.53 24.42 0.92
N HIS A 100 -17.62 25.36 0.63
CA HIS A 100 -16.93 25.34 -0.65
C HIS A 100 -15.41 25.34 -0.61
N GLY A 101 -14.83 25.36 0.57
CA GLY A 101 -13.39 25.34 0.73
C GLY A 101 -12.74 26.67 0.43
N ARG A 102 -11.43 26.66 0.23
CA ARG A 102 -10.65 27.85 -0.06
C ARG A 102 -11.18 28.64 -1.25
N MET A 103 -11.12 29.95 -1.11
CA MET A 103 -11.57 30.89 -2.12
C MET A 103 -10.43 31.17 -3.11
N ALA A 104 -10.74 31.26 -4.43
CA ALA A 104 -9.74 31.59 -5.46
C ALA A 104 -9.21 32.98 -5.17
N GLU A 105 -7.91 33.24 -5.36
CA GLU A 105 -7.33 34.56 -5.06
C GLU A 105 -8.07 35.73 -5.68
N LYS A 106 -8.72 35.52 -6.82
CA LYS A 106 -9.50 36.57 -7.47
C LYS A 106 -10.73 36.91 -6.62
N GLU A 107 -11.43 35.86 -6.17
CA GLU A 107 -12.63 35.94 -5.36
C GLU A 107 -12.33 36.39 -3.93
N ALA A 108 -11.16 36.00 -3.41
CA ALA A 108 -10.67 36.35 -2.09
C ALA A 108 -10.24 37.81 -2.07
N ARG A 109 -9.63 38.31 -3.18
CA ARG A 109 -9.21 39.70 -3.27
C ARG A 109 -10.41 40.62 -3.22
N ARG A 110 -11.51 40.24 -3.87
CA ARG A 110 -12.75 41.02 -3.84
C ARG A 110 -13.28 41.17 -2.42
N LYS A 111 -13.37 40.07 -1.66
CA LYS A 111 -13.87 40.09 -0.29
C LYS A 111 -12.91 40.82 0.63
N PHE A 112 -11.60 40.56 0.49
CA PHE A 112 -10.61 41.22 1.34
C PHE A 112 -10.61 42.73 1.14
N LYS A 113 -10.83 43.19 -0.12
CA LYS A 113 -10.93 44.61 -0.43
C LYS A 113 -12.08 45.22 0.33
N GLN A 114 -13.23 44.53 0.35
CA GLN A 114 -14.42 44.92 1.09
C GLN A 114 -14.15 44.95 2.59
N ILE A 115 -13.50 43.91 3.12
CA ILE A 115 -13.15 43.79 4.54
C ILE A 115 -12.25 44.95 5.00
N VAL A 116 -11.17 45.27 4.24
CA VAL A 116 -10.28 46.36 4.66
C VAL A 116 -10.95 47.72 4.59
N THR A 117 -11.90 47.89 3.66
CA THR A 117 -12.60 49.17 3.51
C THR A 117 -13.37 49.51 4.77
N ALA A 118 -14.02 48.51 5.36
CA ALA A 118 -14.80 48.65 6.59
C ALA A 118 -13.89 48.87 7.80
N VAL A 119 -12.80 48.10 7.90
CA VAL A 119 -11.84 48.20 8.99
C VAL A 119 -11.10 49.53 8.93
N TYR A 120 -10.81 50.03 7.72
CA TYR A 120 -10.16 51.33 7.53
C TYR A 120 -11.11 52.43 8.01
N PHE A 121 -12.39 52.35 7.65
CA PHE A 121 -13.38 53.32 8.05
C PHE A 121 -13.52 53.35 9.58
N CYS A 122 -13.44 52.17 10.23
CA CYS A 122 -13.50 52.05 11.69
C CYS A 122 -12.35 52.78 12.33
N HIS A 123 -11.12 52.51 11.87
CA HIS A 123 -9.92 53.17 12.38
C HIS A 123 -9.99 54.67 12.12
N SER A 124 -10.62 55.09 11.01
CA SER A 124 -10.85 56.47 10.62
C SER A 124 -11.71 57.16 11.68
N ARG A 125 -12.80 56.53 12.13
CA ARG A 125 -13.64 57.07 13.19
C ARG A 125 -13.08 56.78 14.61
N ASN A 126 -11.78 56.47 14.70
CA ASN A 126 -11.06 56.18 15.94
C ASN A 126 -11.64 54.99 16.71
N ILE A 127 -11.93 53.88 15.99
CA ILE A 127 -12.49 52.65 16.56
C ILE A 127 -11.70 51.43 16.10
N VAL A 128 -11.49 50.46 17.00
CA VAL A 128 -10.82 49.21 16.64
C VAL A 128 -11.76 48.03 16.93
N HIS A 129 -11.91 47.10 15.98
CA HIS A 129 -12.82 45.97 16.15
C HIS A 129 -12.34 45.05 17.27
N ARG A 130 -11.10 44.55 17.18
CA ARG A 130 -10.45 43.65 18.12
C ARG A 130 -11.04 42.21 18.14
N ASP A 131 -12.08 41.93 17.32
CA ASP A 131 -12.71 40.61 17.26
C ASP A 131 -13.02 40.21 15.80
N LEU A 132 -12.09 40.46 14.89
CA LEU A 132 -12.26 40.10 13.48
C LEU A 132 -12.02 38.60 13.36
N LYS A 133 -12.99 37.88 12.79
CA LYS A 133 -12.92 36.45 12.58
C LYS A 133 -13.81 36.06 11.42
N ALA A 134 -13.64 34.86 10.84
CA ALA A 134 -14.46 34.41 9.72
C ALA A 134 -15.94 34.33 10.06
N GLU A 135 -16.26 34.01 11.32
CA GLU A 135 -17.64 33.91 11.78
C GLU A 135 -18.30 35.29 12.06
N ASN A 136 -17.53 36.38 12.01
CA ASN A 136 -18.02 37.76 12.20
C ASN A 136 -18.06 38.56 10.89
N LEU A 137 -17.60 37.97 9.76
CA LEU A 137 -17.58 38.61 8.45
C LEU A 137 -18.76 38.02 7.71
N LEU A 138 -19.89 38.71 7.73
CA LEU A 138 -21.11 38.22 7.11
C LEU A 138 -21.25 38.61 5.66
N LEU A 139 -22.17 37.97 4.93
CA LEU A 139 -22.41 38.22 3.53
C LEU A 139 -23.85 38.63 3.30
N ASP A 140 -24.09 39.64 2.46
CA ASP A 140 -25.45 40.07 2.14
C ASP A 140 -26.07 39.14 1.06
N ALA A 141 -27.23 39.53 0.49
CA ALA A 141 -27.90 38.74 -0.55
C ALA A 141 -27.05 38.63 -1.83
N ASN A 142 -26.22 39.65 -2.11
CA ASN A 142 -25.34 39.67 -3.28
C ASN A 142 -23.91 39.17 -2.98
N LEU A 143 -23.73 38.47 -1.83
CA LEU A 143 -22.47 37.94 -1.33
C LEU A 143 -21.39 39.00 -1.11
N ASN A 144 -21.77 40.15 -0.55
CA ASN A 144 -20.83 41.21 -0.23
C ASN A 144 -20.65 41.31 1.28
N ILE A 145 -19.43 41.57 1.71
CA ILE A 145 -19.06 41.63 3.11
C ILE A 145 -19.81 42.70 3.90
N LYS A 146 -20.16 42.34 5.15
CA LYS A 146 -20.80 43.18 6.15
C LYS A 146 -20.15 42.81 7.48
N ILE A 147 -19.26 43.65 8.01
CA ILE A 147 -18.57 43.41 9.28
C ILE A 147 -19.59 43.49 10.42
N ALA A 148 -19.53 42.56 11.38
CA ALA A 148 -20.51 42.54 12.48
C ALA A 148 -19.88 42.22 13.87
N ASP A 149 -20.66 42.35 14.97
CA ASP A 149 -20.25 42.06 16.34
C ASP A 149 -19.16 42.98 16.85
N PHE A 150 -19.58 44.13 17.34
CA PHE A 150 -18.67 45.10 17.92
C PHE A 150 -18.67 44.99 19.44
N GLY A 151 -18.80 43.77 19.97
CA GLY A 151 -18.83 43.50 21.40
C GLY A 151 -17.50 43.78 22.06
N PHE A 152 -16.41 43.45 21.36
CA PHE A 152 -15.07 43.74 21.84
C PHE A 152 -14.51 45.07 21.34
N SER A 153 -15.27 45.81 20.53
CA SER A 153 -14.84 47.07 19.96
C SER A 153 -14.57 48.15 21.01
N ASN A 154 -13.67 49.10 20.69
CA ASN A 154 -13.36 50.21 21.59
C ASN A 154 -12.83 51.43 20.82
N LEU A 155 -13.01 52.62 21.41
CA LEU A 155 -12.53 53.87 20.87
C LEU A 155 -11.06 54.04 21.23
N PHE A 156 -10.25 54.57 20.31
CA PHE A 156 -8.84 54.79 20.56
C PHE A 156 -8.37 56.15 20.06
N THR A 157 -7.25 56.62 20.58
CA THR A 157 -6.60 57.85 20.13
C THR A 157 -5.28 57.43 19.51
N PRO A 158 -4.94 57.86 18.29
CA PRO A 158 -3.66 57.46 17.68
C PRO A 158 -2.46 57.72 18.59
N GLY A 159 -1.67 56.68 18.82
CA GLY A 159 -0.51 56.74 19.70
C GLY A 159 -0.77 56.31 21.13
N GLN A 160 -1.94 55.69 21.39
CA GLN A 160 -2.28 55.23 22.73
C GLN A 160 -2.19 53.71 22.85
N LEU A 161 -2.02 53.22 24.09
CA LEU A 161 -1.95 51.80 24.32
C LEU A 161 -3.15 51.26 25.09
N LEU A 162 -3.80 50.24 24.54
CA LEU A 162 -4.96 49.60 25.15
C LEU A 162 -4.58 48.48 26.09
N LYS A 163 -5.42 48.23 27.09
CA LYS A 163 -5.14 47.19 28.10
C LYS A 163 -6.21 46.10 28.21
N TPO A 164 -7.08 45.96 27.20
CA TPO A 164 -8.12 44.93 27.24
CB TPO A 164 -9.52 45.40 26.81
CG2 TPO A 164 -10.49 44.23 26.90
OG1 TPO A 164 -9.96 46.37 27.77
P TPO A 164 -10.60 47.63 27.18
O1P TPO A 164 -11.02 48.55 28.32
O2P TPO A 164 -11.86 47.25 26.42
O3P TPO A 164 -9.59 48.38 26.30
C TPO A 164 -7.68 43.76 26.40
O TPO A 164 -7.60 43.89 25.19
N TRP A 165 -7.39 42.62 27.04
CA TRP A 165 -6.94 41.45 26.29
C TRP A 165 -8.13 40.62 25.84
N CYS A 166 -8.69 40.99 24.68
CA CYS A 166 -9.86 40.37 24.10
C CYS A 166 -9.66 40.03 22.63
N GLY A 167 -10.47 39.12 22.12
CA GLY A 167 -10.42 38.72 20.72
C GLY A 167 -10.65 37.24 20.51
N SER A 168 -10.79 36.82 19.25
CA SER A 168 -10.99 35.42 18.92
C SER A 168 -9.60 34.77 18.93
N PRO A 169 -9.34 33.79 19.81
CA PRO A 169 -7.98 33.23 19.92
C PRO A 169 -7.25 32.91 18.62
N PRO A 170 -7.80 32.19 17.62
CA PRO A 170 -7.02 31.95 16.39
C PRO A 170 -6.63 33.21 15.59
N TYR A 171 -7.39 34.29 15.72
CA TYR A 171 -7.11 35.53 15.00
C TYR A 171 -6.40 36.58 15.87
N ALA A 172 -6.24 36.31 17.19
CA ALA A 172 -5.63 37.25 18.13
C ALA A 172 -4.14 37.42 17.95
N ALA A 173 -3.69 38.68 18.01
CA ALA A 173 -2.29 39.06 17.88
C ALA A 173 -1.46 38.51 19.06
N PRO A 174 -0.15 38.22 18.87
CA PRO A 174 0.64 37.65 19.96
C PRO A 174 0.66 38.45 21.26
N GLU A 175 0.72 39.79 21.16
CA GLU A 175 0.76 40.71 22.31
C GLU A 175 -0.46 40.55 23.22
N LEU A 176 -1.59 40.13 22.64
CA LEU A 176 -2.81 39.93 23.40
C LEU A 176 -2.64 38.75 24.35
N PHE A 177 -2.02 37.65 23.85
CA PHE A 177 -1.73 36.46 24.64
C PHE A 177 -0.68 36.76 25.73
N GLU A 178 0.30 37.60 25.39
CA GLU A 178 1.36 38.01 26.30
C GLU A 178 0.93 39.03 27.36
N GLY A 179 -0.24 39.63 27.19
CA GLY A 179 -0.73 40.64 28.13
C GLY A 179 0.04 41.94 28.09
N LYS A 180 0.43 42.37 26.88
CA LYS A 180 1.17 43.60 26.66
C LYS A 180 0.22 44.73 26.26
N GLU A 181 0.50 45.98 26.70
CA GLU A 181 -0.31 47.13 26.27
C GLU A 181 -0.02 47.33 24.78
N TYR A 182 -1.05 47.35 23.95
CA TYR A 182 -0.88 47.34 22.50
C TYR A 182 -1.46 48.53 21.74
N ASP A 183 -1.10 48.65 20.44
CA ASP A 183 -1.69 49.66 19.56
C ASP A 183 -2.87 48.99 18.90
N GLY A 184 -4.03 49.62 19.01
CA GLY A 184 -5.28 49.12 18.46
C GLY A 184 -5.25 48.66 17.02
N PRO A 185 -4.99 49.57 16.06
CA PRO A 185 -4.99 49.15 14.64
C PRO A 185 -4.05 48.00 14.29
N LYS A 186 -2.86 47.94 14.92
CA LYS A 186 -1.91 46.86 14.66
C LYS A 186 -2.47 45.48 15.04
N VAL A 187 -3.33 45.43 16.05
CA VAL A 187 -3.99 44.20 16.50
C VAL A 187 -4.99 43.73 15.41
N ASP A 188 -5.70 44.68 14.79
CA ASP A 188 -6.65 44.41 13.70
C ASP A 188 -5.92 44.00 12.42
N ILE A 189 -4.72 44.51 12.18
CA ILE A 189 -3.90 44.16 11.03
C ILE A 189 -3.39 42.72 11.15
N TRP A 190 -3.11 42.24 12.38
CA TRP A 190 -2.72 40.85 12.59
C TRP A 190 -3.95 39.99 12.25
N SER A 191 -5.12 40.34 12.81
CA SER A 191 -6.37 39.65 12.55
C SER A 191 -6.70 39.61 11.06
N LEU A 192 -6.47 40.72 10.34
CA LEU A 192 -6.70 40.77 8.90
C LEU A 192 -5.78 39.83 8.14
N GLY A 193 -4.55 39.67 8.62
CA GLY A 193 -3.60 38.73 8.03
C GLY A 193 -4.11 37.29 8.14
N VAL A 194 -4.65 36.93 9.34
CA VAL A 194 -5.22 35.61 9.62
C VAL A 194 -6.45 35.42 8.74
N VAL A 195 -7.30 36.44 8.63
CA VAL A 195 -8.51 36.42 7.79
C VAL A 195 -8.12 36.16 6.32
N LEU A 196 -7.13 36.88 5.79
CA LEU A 196 -6.70 36.69 4.41
C LEU A 196 -6.17 35.28 4.21
N TYR A 197 -5.44 34.74 5.18
CA TYR A 197 -4.92 33.38 5.09
C TYR A 197 -6.07 32.39 5.05
N VAL A 198 -7.03 32.46 6.00
CA VAL A 198 -8.15 31.53 6.04
C VAL A 198 -9.04 31.64 4.79
N LEU A 199 -9.08 32.80 4.12
CA LEU A 199 -9.87 32.95 2.92
C LEU A 199 -9.25 32.21 1.74
N VAL A 200 -7.92 32.38 1.54
CA VAL A 200 -7.24 31.74 0.42
C VAL A 200 -6.82 30.29 0.68
N CYS A 201 -6.79 29.85 1.95
CA CYS A 201 -6.36 28.49 2.30
C CYS A 201 -7.48 27.58 2.76
N GLY A 202 -8.56 28.14 3.29
CA GLY A 202 -9.67 27.37 3.83
C GLY A 202 -9.31 26.65 5.13
N ALA A 203 -8.29 27.16 5.83
CA ALA A 203 -7.75 26.64 7.09
C ALA A 203 -7.01 27.76 7.81
N LEU A 204 -6.81 27.63 9.13
CA LEU A 204 -6.12 28.65 9.93
C LEU A 204 -4.60 28.53 9.83
N PRO A 205 -3.85 29.65 9.91
CA PRO A 205 -2.37 29.53 9.92
C PRO A 205 -1.85 28.96 11.25
N PHE A 206 -2.56 29.26 12.35
CA PHE A 206 -2.26 28.83 13.71
C PHE A 206 -3.49 28.11 14.21
N ASP A 207 -3.32 26.85 14.63
CA ASP A 207 -4.38 25.97 15.09
C ASP A 207 -3.82 24.94 16.10
N GLY A 208 -4.70 24.38 16.90
CA GLY A 208 -4.33 23.37 17.89
C GLY A 208 -5.53 22.68 18.49
N SER A 209 -5.29 21.65 19.32
CA SER A 209 -6.38 20.94 19.96
C SER A 209 -6.98 21.77 21.10
N THR A 210 -6.15 22.51 21.84
CA THR A 210 -6.58 23.36 22.93
C THR A 210 -6.05 24.79 22.79
N LEU A 211 -6.56 25.71 23.62
CA LEU A 211 -6.11 27.09 23.65
C LEU A 211 -4.63 27.20 24.02
N GLN A 212 -4.13 26.29 24.86
CA GLN A 212 -2.72 26.27 25.24
C GLN A 212 -1.86 26.00 24.02
N ASN A 213 -2.27 25.03 23.18
CA ASN A 213 -1.56 24.66 21.96
C ASN A 213 -1.67 25.76 20.92
N LEU A 214 -2.85 26.39 20.82
CA LEU A 214 -3.10 27.48 19.86
C LEU A 214 -2.17 28.65 20.21
N ARG A 215 -2.09 28.99 21.51
CA ARG A 215 -1.26 30.10 21.97
C ARG A 215 0.20 29.91 21.58
N ALA A 216 0.72 28.70 21.80
CA ALA A 216 2.10 28.37 21.47
C ALA A 216 2.40 28.60 19.99
N ARG A 217 1.42 28.25 19.13
CA ARG A 217 1.52 28.44 17.69
C ARG A 217 1.52 29.93 17.33
N VAL A 218 0.60 30.73 17.90
CA VAL A 218 0.49 32.17 17.64
C VAL A 218 1.76 32.90 18.05
N LEU A 219 2.35 32.51 19.18
CA LEU A 219 3.57 33.13 19.68
C LEU A 219 4.80 32.77 18.87
N SER A 220 4.79 31.62 18.18
CA SER A 220 5.91 31.22 17.34
C SER A 220 6.02 32.12 16.09
N GLY A 221 4.87 32.55 15.57
CA GLY A 221 4.81 33.36 14.35
C GLY A 221 5.15 32.59 13.09
N LYS A 222 5.28 31.25 13.19
CA LYS A 222 5.61 30.38 12.08
C LYS A 222 4.35 29.75 11.55
N PHE A 223 4.17 29.76 10.23
CA PHE A 223 2.97 29.19 9.57
C PHE A 223 3.31 28.70 8.16
N ARG A 224 2.58 27.69 7.68
CA ARG A 224 2.85 27.12 6.36
C ARG A 224 2.18 27.84 5.22
N ILE A 225 2.94 28.18 4.16
CA ILE A 225 2.35 28.75 2.97
C ILE A 225 2.20 27.63 1.96
N PRO A 226 0.94 27.32 1.59
CA PRO A 226 0.72 26.21 0.65
C PRO A 226 1.14 26.53 -0.78
N PHE A 227 1.34 25.49 -1.56
CA PHE A 227 1.80 25.60 -2.93
C PHE A 227 0.95 26.47 -3.84
N PHE A 228 -0.37 26.38 -3.70
CA PHE A 228 -1.31 27.14 -4.52
C PHE A 228 -1.27 28.66 -4.29
N MET A 229 -0.74 29.11 -3.16
CA MET A 229 -0.69 30.54 -2.86
C MET A 229 0.37 31.24 -3.69
N SER A 230 -0.03 32.35 -4.33
CA SER A 230 0.86 33.14 -5.16
C SER A 230 1.97 33.80 -4.34
N THR A 231 3.07 34.16 -5.00
CA THR A 231 4.19 34.79 -4.31
C THR A 231 3.80 36.22 -3.81
N GLU A 232 2.93 36.90 -4.57
CA GLU A 232 2.44 38.22 -4.22
C GLU A 232 1.56 38.11 -2.94
N CYS A 233 0.70 37.11 -2.87
CA CYS A 233 -0.18 36.93 -1.71
C CYS A 233 0.60 36.50 -0.47
N GLU A 234 1.61 35.62 -0.64
CA GLU A 234 2.48 35.17 0.44
C GLU A 234 3.20 36.36 1.06
N HIS A 235 3.68 37.28 0.21
CA HIS A 235 4.37 38.48 0.65
C HIS A 235 3.47 39.33 1.54
N LEU A 236 2.20 39.51 1.13
CA LEU A 236 1.26 40.32 1.88
C LEU A 236 0.98 39.71 3.25
N ILE A 237 0.68 38.42 3.30
CA ILE A 237 0.40 37.75 4.58
C ILE A 237 1.63 37.77 5.50
N ARG A 238 2.80 37.47 4.95
CA ARG A 238 4.05 37.47 5.72
C ARG A 238 4.38 38.85 6.30
N HIS A 239 3.90 39.94 5.64
CA HIS A 239 4.13 41.30 6.12
C HIS A 239 3.02 41.83 7.04
N MET A 240 1.97 41.04 7.28
CA MET A 240 0.88 41.38 8.21
C MET A 240 1.07 40.54 9.48
N LEU A 241 1.37 39.24 9.32
CA LEU A 241 1.61 38.34 10.44
C LEU A 241 3.07 38.45 10.89
N VAL A 242 3.43 39.63 11.43
CA VAL A 242 4.77 39.93 11.93
C VAL A 242 4.68 40.03 13.45
N LEU A 243 5.53 39.32 14.19
CA LEU A 243 5.49 39.37 15.65
C LEU A 243 5.63 40.80 16.22
N ASP A 244 6.63 41.59 15.75
CA ASP A 244 6.81 43.00 16.17
C ASP A 244 5.70 43.83 15.54
N PRO A 245 4.82 44.44 16.35
CA PRO A 245 3.71 45.21 15.78
C PRO A 245 4.11 46.36 14.89
N ASN A 246 5.25 46.98 15.21
CA ASN A 246 5.77 48.11 14.43
C ASN A 246 6.23 47.72 13.02
N LYS A 247 6.62 46.44 12.82
CA LYS A 247 7.04 45.97 11.51
C LYS A 247 5.89 45.39 10.66
N ARG A 248 4.63 45.60 11.10
CA ARG A 248 3.48 45.19 10.34
C ARG A 248 3.12 46.28 9.35
N LEU A 249 2.49 45.90 8.23
CA LEU A 249 2.05 46.87 7.24
C LEU A 249 0.96 47.77 7.83
N SER A 250 0.91 49.04 7.39
CA SER A 250 -0.18 49.92 7.82
C SER A 250 -1.39 49.66 6.91
N MET A 251 -2.58 50.14 7.29
CA MET A 251 -3.77 49.93 6.47
C MET A 251 -3.60 50.56 5.06
N GLU A 252 -2.86 51.68 4.97
CA GLU A 252 -2.60 52.38 3.72
C GLU A 252 -1.65 51.55 2.82
N GLN A 253 -0.64 50.88 3.42
CA GLN A 253 0.32 49.98 2.76
C GLN A 253 -0.37 48.70 2.29
N ILE A 254 -1.36 48.21 3.06
CA ILE A 254 -2.10 47.03 2.70
C ILE A 254 -2.92 47.29 1.43
N CYS A 255 -3.55 48.47 1.36
CA CYS A 255 -4.38 48.87 0.22
C CYS A 255 -3.61 49.01 -1.08
N LYS A 256 -2.35 49.43 -0.98
CA LYS A 256 -1.51 49.62 -2.15
C LYS A 256 -0.52 48.47 -2.37
N HIS A 257 -0.79 47.30 -1.80
CA HIS A 257 0.10 46.15 -1.98
C HIS A 257 0.05 45.64 -3.43
N LYS A 258 1.15 45.02 -3.93
CA LYS A 258 1.17 44.48 -5.30
C LYS A 258 0.02 43.47 -5.53
N TRP A 259 -0.33 42.66 -4.50
CA TRP A 259 -1.41 41.69 -4.58
C TRP A 259 -2.75 42.39 -4.68
N MET A 260 -2.93 43.47 -3.94
CA MET A 260 -4.17 44.23 -3.93
C MET A 260 -4.38 44.94 -5.28
N LYS A 261 -3.30 45.44 -5.89
CA LYS A 261 -3.36 46.13 -7.18
C LYS A 261 -3.51 45.15 -8.39
N LEU A 262 -3.35 43.85 -8.14
CA LEU A 262 -3.43 42.82 -9.15
C LEU A 262 -4.79 42.69 -9.79
N GLY A 263 -4.80 42.20 -11.02
CA GLY A 263 -6.02 42.01 -11.78
C GLY A 263 -6.46 43.29 -12.45
N ASP A 264 -7.78 43.44 -12.62
CA ASP A 264 -8.35 44.61 -13.24
C ASP A 264 -8.20 45.85 -12.35
N ALA A 265 -8.14 47.04 -12.98
CA ALA A 265 -8.04 48.29 -12.24
C ALA A 265 -9.36 48.50 -11.50
N ASP A 266 -9.29 48.76 -10.19
CA ASP A 266 -10.48 48.93 -9.37
C ASP A 266 -10.58 50.34 -8.83
N PRO A 267 -11.14 51.28 -9.62
CA PRO A 267 -11.29 52.65 -9.12
C PRO A 267 -12.33 52.79 -8.01
N ASN A 268 -13.28 51.84 -7.91
CA ASN A 268 -14.28 51.88 -6.86
C ASN A 268 -13.65 51.62 -5.47
N PHE A 269 -12.60 50.78 -5.43
CA PHE A 269 -11.88 50.49 -4.19
C PHE A 269 -11.12 51.72 -3.76
N ASP A 270 -10.46 52.40 -4.72
CA ASP A 270 -9.69 53.62 -4.45
C ASP A 270 -10.57 54.77 -3.95
N ARG A 271 -11.77 54.96 -4.54
CA ARG A 271 -12.66 56.02 -4.08
C ARG A 271 -13.34 55.71 -2.73
N LEU A 272 -13.21 54.48 -2.22
CA LEU A 272 -13.77 54.12 -0.92
C LEU A 272 -12.73 54.24 0.19
N ILE A 273 -11.46 53.98 -0.13
CA ILE A 273 -10.37 54.12 0.83
C ILE A 273 -10.00 55.59 0.98
N ALA A 274 -10.17 56.41 -0.07
CA ALA A 274 -9.95 57.85 0.00
C ALA A 274 -11.05 58.53 0.83
N GLU A 275 -12.29 58.00 0.79
CA GLU A 275 -13.40 58.54 1.57
C GLU A 275 -13.16 58.36 3.07
N SER A 276 -12.52 57.25 3.46
CA SER A 276 -12.20 56.98 4.85
C SER A 276 -11.08 57.94 5.35
N GLN A 277 -10.22 58.44 4.45
CA GLN A 277 -9.15 59.37 4.81
C GLN A 277 -9.62 60.83 4.95
N GLN A 278 -10.74 61.01 5.70
CA GLN A 278 -11.39 62.29 5.96
C GLN A 278 -11.55 62.52 7.48
N PRO A 287 -28.56 62.76 2.26
CA PRO A 287 -29.77 63.61 2.14
C PRO A 287 -31.03 62.97 2.73
N LEU A 288 -32.11 63.75 2.85
CA LEU A 288 -33.36 63.22 3.40
C LEU A 288 -34.25 62.62 2.31
N ASN A 289 -34.84 61.46 2.62
CA ASN A 289 -35.70 60.76 1.66
C ASN A 289 -37.16 61.17 1.83
N GLU A 290 -37.54 62.34 1.31
CA GLU A 290 -38.90 62.87 1.42
C GLU A 290 -40.01 61.93 0.97
N ASP A 291 -39.69 60.97 0.08
CA ASP A 291 -40.68 59.99 -0.39
C ASP A 291 -41.03 59.03 0.75
N VAL A 292 -40.00 58.59 1.52
CA VAL A 292 -40.15 57.70 2.67
C VAL A 292 -40.95 58.43 3.75
N LEU A 293 -40.61 59.71 4.01
CA LEU A 293 -41.31 60.51 5.00
C LEU A 293 -42.80 60.68 4.67
N LEU A 294 -43.15 60.70 3.37
CA LEU A 294 -44.55 60.80 2.97
C LEU A 294 -45.26 59.46 3.24
N ALA A 295 -44.60 58.33 2.96
CA ALA A 295 -45.16 57.02 3.20
C ALA A 295 -45.36 56.79 4.70
N MET A 296 -44.42 57.29 5.53
CA MET A 296 -44.50 57.18 7.00
C MET A 296 -45.65 58.03 7.53
N GLU A 297 -45.92 59.18 6.90
CA GLU A 297 -47.02 60.07 7.25
C GLU A 297 -48.37 59.36 7.09
N ASP A 298 -48.50 58.51 6.05
CA ASP A 298 -49.71 57.73 5.76
C ASP A 298 -49.97 56.66 6.80
N MET A 299 -48.90 56.08 7.37
CA MET A 299 -49.00 55.04 8.41
C MET A 299 -49.40 55.60 9.81
N GLY A 300 -49.59 56.92 9.92
CA GLY A 300 -49.95 57.56 11.17
C GLY A 300 -48.75 58.00 11.98
N LEU A 301 -47.63 58.31 11.29
CA LEU A 301 -46.40 58.73 11.95
C LEU A 301 -46.11 60.18 11.59
N ASP A 302 -45.85 61.02 12.59
CA ASP A 302 -45.57 62.45 12.42
C ASP A 302 -44.22 62.73 11.75
N LYS A 303 -44.23 63.60 10.71
CA LYS A 303 -43.02 63.94 9.97
C LYS A 303 -41.97 64.63 10.85
N GLU A 304 -42.41 65.56 11.70
CA GLU A 304 -41.49 66.26 12.59
C GLU A 304 -40.94 65.38 13.71
N GLN A 305 -41.75 64.43 14.20
CA GLN A 305 -41.31 63.49 15.23
C GLN A 305 -40.35 62.45 14.65
N THR A 306 -40.52 62.09 13.37
CA THR A 306 -39.64 61.17 12.67
C THR A 306 -38.26 61.82 12.52
N LEU A 307 -38.25 63.11 12.12
CA LEU A 307 -37.01 63.88 11.96
C LEU A 307 -36.30 64.05 13.29
N GLN A 308 -37.06 64.27 14.38
CA GLN A 308 -36.51 64.43 15.73
C GLN A 308 -35.88 63.14 16.30
N SER A 309 -36.41 61.97 15.90
CA SER A 309 -35.86 60.67 16.32
C SER A 309 -34.56 60.37 15.56
N LEU A 310 -34.48 60.83 14.31
CA LEU A 310 -33.33 60.67 13.44
C LEU A 310 -32.22 61.62 13.92
N ARG A 311 -32.58 62.87 14.26
CA ARG A 311 -31.67 63.92 14.75
C ARG A 311 -31.02 63.58 16.09
N SER A 312 -31.75 62.88 16.95
CA SER A 312 -31.29 62.60 18.30
C SER A 312 -30.64 61.25 18.50
N ASP A 313 -30.51 60.43 17.44
CA ASP A 313 -29.94 59.07 17.50
C ASP A 313 -30.63 58.24 18.57
N ALA A 314 -31.97 58.27 18.58
CA ALA A 314 -32.73 57.56 19.58
C ALA A 314 -32.77 56.06 19.31
N TYR A 315 -32.81 55.67 18.03
CA TYR A 315 -32.90 54.28 17.57
C TYR A 315 -34.13 53.63 18.18
N ASP A 316 -35.25 54.31 17.97
CA ASP A 316 -36.58 53.98 18.46
C ASP A 316 -37.47 53.52 17.28
N HIS A 317 -38.77 53.38 17.51
CA HIS A 317 -39.74 52.98 16.51
C HIS A 317 -39.66 53.81 15.21
N TYR A 318 -39.48 55.13 15.30
CA TYR A 318 -39.39 55.98 14.11
C TYR A 318 -38.06 55.83 13.36
N SER A 319 -36.93 55.67 14.09
CA SER A 319 -35.61 55.50 13.49
C SER A 319 -35.59 54.23 12.65
N ALA A 320 -36.08 53.13 13.23
CA ALA A 320 -36.10 51.83 12.60
C ALA A 320 -36.94 51.80 11.34
N ILE A 321 -38.11 52.44 11.36
CA ILE A 321 -38.99 52.41 10.20
C ILE A 321 -38.42 53.21 9.03
N TYR A 322 -37.78 54.37 9.30
CA TYR A 322 -37.18 55.16 8.23
C TYR A 322 -36.05 54.37 7.58
N SER A 323 -35.19 53.79 8.42
CA SER A 323 -34.05 53.02 7.99
C SER A 323 -34.47 51.81 7.17
N LEU A 324 -35.45 51.03 7.66
CA LEU A 324 -35.94 49.85 6.96
C LEU A 324 -36.57 50.21 5.62
N LEU A 325 -37.37 51.28 5.58
CA LEU A 325 -38.04 51.76 4.37
C LEU A 325 -37.08 52.26 3.30
N CYS A 326 -35.85 52.63 3.68
CA CYS A 326 -34.86 53.09 2.73
C CYS A 326 -34.06 51.91 2.16
N ASP A 327 -34.76 50.94 1.52
CA ASP A 327 -34.15 49.74 0.94
C ASP A 327 -34.78 49.34 -0.40
N GLU B 1 -27.48 1.91 14.12
CA GLU B 1 -28.43 2.64 13.28
C GLU B 1 -27.73 3.73 12.48
N VAL B 2 -26.86 4.55 13.16
CA VAL B 2 -26.14 5.64 12.48
C VAL B 2 -25.02 5.06 11.63
N GLN B 3 -24.95 5.46 10.35
CA GLN B 3 -23.91 4.94 9.47
C GLN B 3 -23.43 5.95 8.44
N LEU B 4 -22.15 5.83 8.04
CA LEU B 4 -21.58 6.72 7.04
C LEU B 4 -21.59 6.05 5.67
N VAL B 5 -22.36 6.59 4.74
CA VAL B 5 -22.48 6.02 3.40
C VAL B 5 -21.61 6.76 2.41
N GLN B 6 -20.60 6.07 1.89
CA GLN B 6 -19.67 6.67 0.97
C GLN B 6 -20.03 6.47 -0.48
N SER B 7 -19.49 7.30 -1.38
CA SER B 7 -19.70 7.16 -2.82
C SER B 7 -19.00 5.86 -3.34
N GLY B 8 -19.32 5.44 -4.55
CA GLY B 8 -18.75 4.23 -5.13
C GLY B 8 -17.32 4.36 -5.60
N ALA B 9 -16.71 3.22 -5.94
CA ALA B 9 -15.34 3.13 -6.44
C ALA B 9 -15.21 3.72 -7.84
N GLY B 10 -14.02 4.18 -8.20
CA GLY B 10 -13.78 4.78 -9.51
C GLY B 10 -12.34 4.81 -9.99
N VAL B 11 -12.16 4.98 -11.32
CA VAL B 11 -10.84 5.06 -11.94
C VAL B 11 -10.62 6.48 -12.37
N LYS B 12 -9.49 7.07 -11.98
CA LYS B 12 -9.15 8.41 -12.40
C LYS B 12 -7.81 8.40 -13.15
N LYS B 13 -7.68 9.26 -14.18
CA LYS B 13 -6.42 9.33 -14.92
C LYS B 13 -5.44 10.22 -14.15
N PRO B 14 -4.12 9.99 -14.26
CA PRO B 14 -3.16 10.86 -13.53
C PRO B 14 -3.29 12.34 -13.92
N GLY B 15 -3.31 13.21 -12.92
CA GLY B 15 -3.45 14.64 -13.12
C GLY B 15 -4.82 15.14 -12.73
N SER B 16 -5.86 14.30 -12.96
CA SER B 16 -7.24 14.63 -12.63
C SER B 16 -7.51 14.77 -11.10
N SER B 17 -8.72 15.21 -10.72
CA SER B 17 -9.09 15.35 -9.33
C SER B 17 -10.28 14.40 -9.02
N VAL B 18 -10.38 13.92 -7.78
CA VAL B 18 -11.46 13.01 -7.40
C VAL B 18 -12.27 13.54 -6.22
N LYS B 19 -13.60 13.39 -6.24
CA LYS B 19 -14.43 13.84 -5.13
C LYS B 19 -15.15 12.66 -4.53
N VAL B 20 -15.09 12.53 -3.19
CA VAL B 20 -15.72 11.41 -2.49
C VAL B 20 -16.74 11.94 -1.50
N SER B 21 -17.95 11.38 -1.47
CA SER B 21 -18.99 11.84 -0.55
C SER B 21 -19.14 10.92 0.66
N CYS B 22 -19.72 11.42 1.74
CA CYS B 22 -19.89 10.65 2.96
C CYS B 22 -21.15 11.13 3.66
N LYS B 23 -22.31 10.53 3.32
CA LYS B 23 -23.58 10.95 3.88
C LYS B 23 -23.93 10.26 5.18
N SER B 24 -24.21 11.03 6.23
CA SER B 24 -24.53 10.48 7.54
C SER B 24 -26.02 10.14 7.63
N SER B 25 -26.33 8.85 7.53
CA SER B 25 -27.71 8.37 7.54
C SER B 25 -28.04 7.58 8.79
N GLY B 26 -29.17 7.92 9.39
CA GLY B 26 -29.67 7.21 10.55
C GLY B 26 -29.46 7.92 11.87
N GLY B 27 -30.20 7.45 12.88
CA GLY B 27 -30.18 7.90 14.25
C GLY B 27 -30.00 9.39 14.53
N THR B 28 -29.05 9.70 15.45
CA THR B 28 -28.69 11.03 15.98
C THR B 28 -28.09 12.00 14.92
N SER B 29 -28.95 12.51 14.01
CA SER B 29 -28.52 13.42 12.96
C SER B 29 -28.40 14.86 13.49
N GLY B 30 -27.34 15.55 13.09
CA GLY B 30 -27.10 16.91 13.53
C GLY B 30 -25.72 17.43 13.18
N SER B 31 -24.80 17.44 14.16
CA SER B 31 -23.43 17.97 14.02
C SER B 31 -22.39 16.91 14.38
N SER B 32 -21.39 16.72 13.51
CA SER B 32 -20.36 15.71 13.68
C SER B 32 -18.96 16.25 13.39
N ALA B 33 -17.92 15.42 13.57
CA ALA B 33 -16.54 15.80 13.32
C ALA B 33 -15.83 14.82 12.36
N VAL B 34 -16.36 14.69 11.15
CA VAL B 34 -15.82 13.78 10.13
C VAL B 34 -14.39 14.13 9.66
N SER B 35 -13.49 13.11 9.67
CA SER B 35 -12.10 13.12 9.18
C SER B 35 -11.98 12.17 7.99
N TRP B 36 -10.99 12.40 7.11
CA TRP B 36 -10.76 11.53 5.97
C TRP B 36 -9.45 10.81 6.18
N ILE B 37 -9.50 9.49 6.17
CA ILE B 37 -8.33 8.63 6.39
C ILE B 37 -8.18 7.69 5.18
N ARG B 38 -6.98 7.57 4.61
CA ARG B 38 -6.79 6.70 3.45
C ARG B 38 -5.88 5.51 3.74
N GLN B 39 -5.96 4.47 2.91
CA GLN B 39 -5.15 3.30 3.10
C GLN B 39 -4.82 2.68 1.75
N ALA B 40 -3.57 2.82 1.29
CA ALA B 40 -3.16 2.24 0.00
C ALA B 40 -3.16 0.71 0.06
N PRO B 41 -3.35 0.01 -1.07
CA PRO B 41 -3.40 -1.46 -1.00
C PRO B 41 -2.21 -2.12 -0.30
N GLY B 42 -2.52 -2.85 0.77
CA GLY B 42 -1.53 -3.54 1.58
C GLY B 42 -0.69 -2.63 2.47
N GLN B 43 -1.09 -1.35 2.60
CA GLN B 43 -0.38 -0.36 3.39
C GLN B 43 -1.16 0.04 4.66
N GLY B 44 -0.52 0.82 5.52
CA GLY B 44 -1.14 1.28 6.74
C GLY B 44 -2.10 2.42 6.51
N VAL B 45 -2.83 2.78 7.55
CA VAL B 45 -3.82 3.84 7.47
C VAL B 45 -3.14 5.20 7.73
N GLU B 46 -3.63 6.24 7.05
CA GLU B 46 -3.03 7.55 7.09
C GLU B 46 -4.09 8.65 7.16
N TRP B 47 -3.99 9.56 8.14
CA TRP B 47 -4.97 10.64 8.29
C TRP B 47 -4.67 11.77 7.32
N MET B 48 -5.66 12.17 6.52
CA MET B 48 -5.47 13.21 5.53
C MET B 48 -5.92 14.59 6.00
N GLY B 49 -6.97 14.63 6.79
CA GLY B 49 -7.52 15.87 7.28
C GLY B 49 -8.92 15.70 7.84
N GLY B 50 -9.58 16.81 8.14
CA GLY B 50 -10.92 16.79 8.69
C GLY B 50 -11.10 17.84 9.76
N ILE B 51 -12.27 17.88 10.41
CA ILE B 51 -12.53 18.86 11.46
C ILE B 51 -11.95 18.35 12.80
N THR B 52 -10.90 19.03 13.33
CA THR B 52 -10.21 18.57 14.56
C THR B 52 -10.01 19.65 15.64
N SER B 53 -10.75 20.75 15.58
CA SER B 53 -10.67 21.81 16.59
C SER B 53 -11.90 22.68 16.46
N ILE B 54 -12.24 23.37 17.54
CA ILE B 54 -13.37 24.29 17.51
C ILE B 54 -13.02 25.63 16.78
N PHE B 55 -11.72 25.85 16.51
CA PHE B 55 -11.16 27.09 16.01
C PHE B 55 -11.33 27.40 14.49
N GLY B 56 -11.09 26.42 13.64
CA GLY B 56 -11.12 26.66 12.20
C GLY B 56 -12.09 25.82 11.40
N PRO B 57 -12.28 26.21 10.12
CA PRO B 57 -13.22 25.47 9.25
C PRO B 57 -12.84 24.01 8.99
N ALA B 58 -11.55 23.77 8.74
CA ALA B 58 -11.03 22.42 8.50
C ALA B 58 -9.56 22.39 8.85
N ASN B 59 -9.04 21.19 9.17
CA ASN B 59 -7.61 21.06 9.43
C ASN B 59 -7.06 19.98 8.53
N TYR B 60 -6.00 20.29 7.78
CA TYR B 60 -5.40 19.33 6.86
C TYR B 60 -4.05 18.87 7.36
N ALA B 61 -3.70 17.62 7.05
CA ALA B 61 -2.37 17.10 7.37
C ALA B 61 -1.40 17.76 6.40
N GLN B 62 -0.23 18.20 6.87
CA GLN B 62 0.75 18.91 6.06
C GLN B 62 1.00 18.34 4.67
N LYS B 63 1.06 17.00 4.57
CA LYS B 63 1.28 16.26 3.34
C LYS B 63 0.17 16.50 2.31
N PHE B 64 -1.06 16.62 2.78
CA PHE B 64 -2.22 16.78 1.90
C PHE B 64 -2.71 18.20 1.69
N GLN B 65 -2.25 19.17 2.50
CA GLN B 65 -2.71 20.56 2.43
C GLN B 65 -2.80 21.13 1.00
N ASP B 66 -1.75 20.93 0.19
CA ASP B 66 -1.68 21.43 -1.16
C ASP B 66 -2.71 20.88 -2.14
N ARG B 67 -3.20 19.63 -1.94
CA ARG B 67 -4.12 19.03 -2.91
C ARG B 67 -5.51 18.71 -2.38
N LEU B 68 -5.69 18.68 -1.06
CA LEU B 68 -6.99 18.36 -0.46
C LEU B 68 -7.85 19.58 -0.23
N LYS B 69 -9.15 19.38 -0.38
CA LYS B 69 -10.23 20.34 -0.12
C LYS B 69 -11.27 19.50 0.61
N ILE B 70 -11.60 19.88 1.84
CA ILE B 70 -12.60 19.17 2.63
C ILE B 70 -13.79 20.08 2.85
N THR B 71 -14.96 19.69 2.34
CA THR B 71 -16.16 20.52 2.45
C THR B 71 -17.32 19.77 3.12
N ALA B 72 -18.40 20.48 3.49
CA ALA B 72 -19.54 19.84 4.11
C ALA B 72 -20.84 20.53 3.79
N ASP B 73 -21.87 19.75 3.43
CA ASP B 73 -23.21 20.26 3.18
C ASP B 73 -24.04 19.92 4.41
N LYS B 74 -24.15 20.87 5.35
CA LYS B 74 -24.88 20.69 6.59
C LYS B 74 -26.35 20.38 6.35
N ALA B 75 -26.93 20.93 5.28
CA ALA B 75 -28.32 20.71 4.89
C ALA B 75 -28.63 19.24 4.62
N THR B 76 -27.72 18.53 3.91
CA THR B 76 -27.93 17.12 3.58
C THR B 76 -27.10 16.15 4.43
N ASN B 77 -26.35 16.64 5.43
CA ASN B 77 -25.49 15.82 6.26
C ASN B 77 -24.41 15.07 5.47
N THR B 78 -24.01 15.60 4.31
CA THR B 78 -22.99 14.95 3.50
C THR B 78 -21.67 15.68 3.64
N VAL B 79 -20.57 14.95 3.80
CA VAL B 79 -19.26 15.54 3.90
C VAL B 79 -18.46 15.13 2.67
N TYR B 80 -17.80 16.07 2.02
CA TYR B 80 -17.03 15.80 0.82
C TYR B 80 -15.53 15.94 1.02
N MET B 81 -14.78 15.35 0.09
CA MET B 81 -13.33 15.32 0.07
C MET B 81 -12.92 15.40 -1.40
N GLU B 82 -12.11 16.39 -1.77
CA GLU B 82 -11.65 16.52 -3.14
C GLU B 82 -10.14 16.51 -3.21
N LEU B 83 -9.57 15.49 -3.83
CA LEU B 83 -8.13 15.36 -3.95
C LEU B 83 -7.71 15.60 -5.39
N SER B 84 -6.97 16.68 -5.65
CA SER B 84 -6.56 17.04 -6.99
C SER B 84 -5.12 16.58 -7.31
N GLY B 85 -4.73 16.66 -8.60
CA GLY B 85 -3.41 16.26 -9.06
C GLY B 85 -3.06 14.84 -8.71
N LEU B 86 -3.92 13.90 -9.12
CA LEU B 86 -3.75 12.50 -8.80
C LEU B 86 -2.55 11.84 -9.45
N THR B 87 -1.84 11.01 -8.69
CA THR B 87 -0.70 10.23 -9.14
C THR B 87 -0.96 8.76 -8.78
N PHE B 88 -0.15 7.83 -9.31
CA PHE B 88 -0.29 6.42 -8.99
C PHE B 88 -0.20 6.14 -7.48
N GLU B 89 0.49 7.02 -6.72
CA GLU B 89 0.62 6.88 -5.28
C GLU B 89 -0.69 7.17 -4.53
N ASP B 90 -1.66 7.82 -5.19
CA ASP B 90 -2.96 8.14 -4.61
C ASP B 90 -3.99 7.02 -4.75
N THR B 91 -3.63 5.85 -5.35
CA THR B 91 -4.51 4.70 -5.46
C THR B 91 -4.63 4.14 -4.06
N ALA B 92 -5.84 4.20 -3.48
CA ALA B 92 -6.04 3.77 -2.10
C ALA B 92 -7.55 3.64 -1.76
N VAL B 93 -7.90 3.16 -0.52
CA VAL B 93 -9.28 3.13 -0.05
C VAL B 93 -9.42 4.34 0.86
N TYR B 94 -10.37 5.22 0.55
CA TYR B 94 -10.60 6.45 1.28
C TYR B 94 -11.76 6.26 2.22
N TYR B 95 -11.52 6.44 3.51
CA TYR B 95 -12.53 6.27 4.55
C TYR B 95 -12.88 7.59 5.18
N CYS B 96 -14.12 7.73 5.63
CA CYS B 96 -14.52 8.89 6.42
C CYS B 96 -14.83 8.35 7.81
N ALA B 97 -14.34 9.01 8.84
CA ALA B 97 -14.55 8.55 10.20
C ALA B 97 -14.93 9.70 11.14
N ARG B 98 -15.87 9.47 12.04
CA ARG B 98 -16.35 10.50 12.96
C ARG B 98 -15.59 10.47 14.29
N VAL B 99 -15.17 11.65 14.79
CA VAL B 99 -14.50 11.74 16.08
C VAL B 99 -15.56 11.59 17.16
N GLY B 100 -15.40 10.59 18.01
CA GLY B 100 -16.37 10.24 19.02
C GLY B 100 -16.77 11.23 20.09
N ASP B 101 -15.83 12.09 20.54
CA ASP B 101 -16.15 13.03 21.63
C ASP B 101 -16.45 14.47 21.19
N TYR B 102 -16.80 14.69 19.90
CA TYR B 102 -17.11 16.00 19.33
C TYR B 102 -18.02 16.86 20.21
N ASN B 103 -19.03 16.24 20.80
CA ASN B 103 -20.00 16.91 21.65
C ASN B 103 -19.41 17.55 22.92
N PHE B 104 -18.17 17.20 23.29
CA PHE B 104 -17.53 17.79 24.48
C PHE B 104 -16.57 18.93 24.18
N TRP B 105 -16.16 19.10 22.92
CA TRP B 105 -15.19 20.11 22.51
C TRP B 105 -15.55 21.51 22.96
N ASN B 106 -14.61 22.22 23.61
CA ASN B 106 -14.88 23.61 24.03
C ASN B 106 -13.64 24.52 24.03
N GLY B 107 -12.53 24.05 23.47
CA GLY B 107 -11.30 24.84 23.43
C GLY B 107 -10.37 24.55 24.60
N HIS B 108 -10.91 24.02 25.72
CA HIS B 108 -10.17 23.64 26.92
C HIS B 108 -10.07 22.14 27.02
N TYR B 109 -11.17 21.43 26.68
CA TYR B 109 -11.21 19.97 26.67
C TYR B 109 -10.28 19.49 25.58
N ARG B 110 -9.41 18.53 25.91
CA ARG B 110 -8.50 17.95 24.96
C ARG B 110 -9.11 16.65 24.42
N SER B 111 -9.50 16.65 23.15
CA SER B 111 -10.11 15.49 22.53
C SER B 111 -9.16 14.29 22.43
N GLY B 112 -9.74 13.11 22.45
CA GLY B 112 -9.00 11.86 22.31
C GLY B 112 -8.74 11.49 20.85
N TYR B 113 -9.59 12.02 19.94
CA TYR B 113 -9.56 11.79 18.48
C TYR B 113 -9.72 10.32 18.14
N TYR B 114 -10.63 9.67 18.84
CA TYR B 114 -10.94 8.28 18.57
C TYR B 114 -12.05 8.25 17.54
N PHE B 115 -11.94 7.35 16.56
CA PHE B 115 -12.91 7.27 15.49
C PHE B 115 -14.01 6.22 15.78
N ASP B 116 -15.12 6.77 16.29
CA ASP B 116 -16.39 6.19 16.70
C ASP B 116 -16.99 5.32 15.61
N LEU B 117 -17.30 5.94 14.47
CA LEU B 117 -17.97 5.39 13.29
C LEU B 117 -17.04 5.55 12.08
N TRP B 118 -17.09 4.60 11.15
CA TRP B 118 -16.32 4.66 9.92
C TRP B 118 -17.22 4.32 8.73
N GLY B 119 -16.85 4.83 7.57
CA GLY B 119 -17.55 4.48 6.35
C GLY B 119 -16.99 3.18 5.81
N ARG B 120 -17.73 2.50 4.91
CA ARG B 120 -17.27 1.24 4.33
C ARG B 120 -15.96 1.38 3.52
N GLY B 121 -15.70 2.58 3.03
CA GLY B 121 -14.52 2.92 2.23
C GLY B 121 -14.85 3.11 0.78
N THR B 122 -14.06 3.93 0.08
CA THR B 122 -14.24 4.16 -1.36
C THR B 122 -12.94 3.85 -2.05
N LEU B 123 -12.95 2.93 -3.02
CA LEU B 123 -11.73 2.58 -3.72
C LEU B 123 -11.46 3.50 -4.88
N VAL B 124 -10.43 4.32 -4.77
CA VAL B 124 -10.06 5.22 -5.86
C VAL B 124 -8.74 4.72 -6.44
N THR B 125 -8.73 4.45 -7.75
CA THR B 125 -7.54 3.91 -8.39
C THR B 125 -7.10 4.80 -9.54
N VAL B 126 -5.80 5.08 -9.62
CA VAL B 126 -5.23 5.93 -10.65
C VAL B 126 -4.58 5.07 -11.73
N SER B 127 -5.07 5.20 -12.97
CA SER B 127 -4.56 4.41 -14.07
C SER B 127 -4.62 5.15 -15.39
N SER B 128 -3.81 4.72 -16.36
CA SER B 128 -3.81 5.29 -17.70
C SER B 128 -3.41 4.24 -18.75
N VAL B 147 4.62 7.55 11.85
CA VAL B 147 5.23 8.36 12.90
C VAL B 147 5.35 7.56 14.19
N LEU B 148 4.28 6.81 14.52
CA LEU B 148 4.25 5.94 15.69
C LEU B 148 4.88 4.60 15.34
N THR B 149 5.80 4.10 16.18
CA THR B 149 6.51 2.86 15.90
C THR B 149 5.85 1.62 16.50
N GLN B 150 5.39 0.72 15.61
CA GLN B 150 4.71 -0.52 15.95
C GLN B 150 5.40 -1.69 15.24
N PRO B 151 5.60 -2.86 15.91
CA PRO B 151 6.22 -4.00 15.22
C PRO B 151 5.37 -4.45 14.03
N PRO B 152 6.00 -4.82 12.92
CA PRO B 152 5.22 -5.19 11.73
C PRO B 152 4.35 -6.42 11.92
N SER B 153 4.80 -7.34 12.77
CA SER B 153 4.07 -8.56 13.02
C SER B 153 4.28 -9.07 14.44
N ALA B 154 3.26 -9.78 14.93
CA ALA B 154 3.25 -10.43 16.23
C ALA B 154 2.57 -11.79 16.05
N SER B 155 2.88 -12.75 16.93
CA SER B 155 2.29 -14.09 16.82
C SER B 155 2.16 -14.78 18.18
N GLY B 156 1.30 -15.79 18.22
CA GLY B 156 1.09 -16.56 19.43
C GLY B 156 0.21 -17.76 19.21
N THR B 157 0.34 -18.78 20.06
CA THR B 157 -0.50 -19.96 20.00
C THR B 157 -1.83 -19.65 20.74
N PRO B 158 -2.92 -20.36 20.43
CA PRO B 158 -4.21 -20.07 21.10
C PRO B 158 -4.13 -20.16 22.63
N GLY B 159 -4.71 -19.16 23.30
CA GLY B 159 -4.72 -19.08 24.76
C GLY B 159 -3.65 -18.19 25.34
N GLN B 160 -2.58 -17.93 24.56
CA GLN B 160 -1.47 -17.08 24.98
C GLN B 160 -1.86 -15.59 25.06
N ARG B 161 -1.02 -14.78 25.72
CA ARG B 161 -1.25 -13.34 25.82
C ARG B 161 -0.22 -12.64 24.95
N VAL B 162 -0.65 -12.10 23.82
CA VAL B 162 0.27 -11.39 22.92
C VAL B 162 0.25 -9.89 23.20
N THR B 163 1.42 -9.23 23.13
CA THR B 163 1.47 -7.80 23.39
C THR B 163 2.07 -7.01 22.23
N ILE B 164 1.41 -5.93 21.84
CA ILE B 164 1.88 -5.06 20.77
C ILE B 164 2.33 -3.74 21.36
N SER B 165 3.57 -3.34 21.11
CA SER B 165 4.09 -2.07 21.61
C SER B 165 3.85 -0.94 20.60
N CYS B 166 3.76 0.29 21.09
CA CYS B 166 3.56 1.44 20.24
C CYS B 166 4.33 2.59 20.81
N SER B 167 5.51 2.87 20.25
CA SER B 167 6.38 3.95 20.72
C SER B 167 6.10 5.25 20.00
N GLY B 168 6.19 6.35 20.73
CA GLY B 168 5.99 7.67 20.16
C GLY B 168 6.91 8.71 20.76
N SER B 169 6.56 10.00 20.56
CA SER B 169 7.32 11.13 21.09
C SER B 169 6.50 11.90 22.16
N SER B 170 7.09 12.95 22.74
CA SER B 170 6.41 13.75 23.74
C SER B 170 5.23 14.50 23.15
N SER B 171 5.37 14.99 21.90
CA SER B 171 4.29 15.74 21.25
C SER B 171 3.04 14.93 20.93
N ASN B 172 3.17 13.59 20.81
CA ASN B 172 2.00 12.77 20.54
C ASN B 172 1.59 11.92 21.79
N ILE B 173 2.18 10.73 22.04
CA ILE B 173 1.79 9.85 23.15
C ILE B 173 2.07 10.49 24.53
N GLY B 174 3.13 11.27 24.63
CA GLY B 174 3.47 11.93 25.87
C GLY B 174 2.47 13.00 26.29
N SER B 175 1.70 13.54 25.33
CA SER B 175 0.75 14.62 25.61
C SER B 175 -0.72 14.26 25.43
N ASN B 176 -1.00 13.25 24.61
CA ASN B 176 -2.37 12.88 24.27
C ASN B 176 -2.68 11.41 24.59
N THR B 177 -3.97 11.03 24.58
CA THR B 177 -4.35 9.63 24.83
C THR B 177 -4.12 8.79 23.59
N VAL B 178 -3.95 7.48 23.80
CA VAL B 178 -3.74 6.52 22.72
C VAL B 178 -5.01 5.72 22.46
N ASN B 179 -5.28 5.45 21.20
CA ASN B 179 -6.41 4.65 20.74
C ASN B 179 -5.90 3.48 19.89
N TRP B 180 -6.59 2.35 19.94
CA TRP B 180 -6.24 1.18 19.16
C TRP B 180 -7.40 0.77 18.28
N TYR B 181 -7.11 0.31 17.06
CA TYR B 181 -8.12 -0.12 16.10
C TYR B 181 -7.79 -1.51 15.58
N GLN B 182 -8.80 -2.34 15.41
CA GLN B 182 -8.62 -3.68 14.87
C GLN B 182 -9.16 -3.68 13.46
N GLN B 183 -8.39 -4.17 12.49
CA GLN B 183 -8.85 -4.21 11.12
C GLN B 183 -8.86 -5.62 10.55
N LEU B 184 -10.05 -6.14 10.33
CA LEU B 184 -10.22 -7.45 9.73
C LEU B 184 -10.14 -7.33 8.20
N PRO B 185 -9.79 -8.42 7.50
CA PRO B 185 -9.68 -8.32 6.02
C PRO B 185 -10.96 -7.85 5.35
N GLY B 186 -10.80 -6.90 4.43
CA GLY B 186 -11.90 -6.35 3.66
C GLY B 186 -12.84 -5.44 4.42
N THR B 187 -12.43 -4.99 5.60
CA THR B 187 -13.28 -4.11 6.42
C THR B 187 -12.51 -2.86 6.85
N ALA B 188 -13.25 -1.83 7.27
CA ALA B 188 -12.63 -0.61 7.78
C ALA B 188 -12.12 -0.89 9.20
N PRO B 189 -11.10 -0.14 9.66
CA PRO B 189 -10.65 -0.33 11.05
C PRO B 189 -11.77 -0.07 12.06
N LYS B 190 -11.76 -0.75 13.19
CA LYS B 190 -12.81 -0.63 14.20
C LYS B 190 -12.19 -0.22 15.52
N LEU B 191 -12.81 0.72 16.26
CA LEU B 191 -12.28 1.13 17.57
C LEU B 191 -12.21 -0.07 18.52
N LEU B 192 -11.03 -0.32 19.08
CA LEU B 192 -10.79 -1.43 19.98
C LEU B 192 -10.56 -0.88 21.40
N ILE B 193 -9.66 0.09 21.53
CA ILE B 193 -9.35 0.73 22.82
C ILE B 193 -9.37 2.24 22.59
N TYR B 194 -10.04 3.00 23.44
CA TYR B 194 -10.00 4.47 23.34
C TYR B 194 -9.55 5.04 24.68
N SER B 195 -9.00 6.27 24.67
CA SER B 195 -8.53 6.93 25.89
C SER B 195 -7.63 6.05 26.78
N ASN B 196 -6.60 5.44 26.15
CA ASN B 196 -5.57 4.59 26.77
C ASN B 196 -6.04 3.19 27.20
N THR B 197 -7.12 3.09 27.99
CA THR B 197 -7.55 1.79 28.54
C THR B 197 -9.00 1.39 28.27
N GLN B 198 -9.86 2.36 27.95
CA GLN B 198 -11.29 2.10 27.75
C GLN B 198 -11.65 1.21 26.57
N ARG B 199 -12.69 0.38 26.72
CA ARG B 199 -13.15 -0.49 25.66
C ARG B 199 -14.58 -0.17 25.28
N PRO B 200 -14.83 0.16 24.01
CA PRO B 200 -16.21 0.41 23.57
C PRO B 200 -17.08 -0.84 23.70
N SER B 201 -18.41 -0.69 23.79
CA SER B 201 -19.31 -1.85 23.95
C SER B 201 -19.15 -2.86 22.83
N GLY B 202 -18.91 -4.11 23.19
CA GLY B 202 -18.68 -5.16 22.21
C GLY B 202 -17.29 -5.74 22.31
N VAL B 203 -16.30 -4.91 22.68
CA VAL B 203 -14.91 -5.36 22.87
C VAL B 203 -14.79 -6.15 24.18
N PRO B 204 -14.37 -7.43 24.07
CA PRO B 204 -14.25 -8.26 25.28
C PRO B 204 -13.12 -7.85 26.22
N ASP B 205 -13.22 -8.30 27.47
CA ASP B 205 -12.25 -8.04 28.54
C ASP B 205 -10.82 -8.53 28.21
N ARG B 206 -10.67 -9.39 27.18
CA ARG B 206 -9.40 -9.95 26.71
C ARG B 206 -8.46 -8.88 26.17
N PHE B 207 -9.02 -7.83 25.56
CA PHE B 207 -8.23 -6.72 25.04
C PHE B 207 -8.04 -5.69 26.13
N SER B 208 -6.80 -5.19 26.30
CA SER B 208 -6.52 -4.20 27.33
C SER B 208 -5.40 -3.27 26.91
N GLY B 209 -5.57 -1.99 27.16
CA GLY B 209 -4.56 -0.99 26.82
C GLY B 209 -3.81 -0.46 28.02
N SER B 210 -2.68 0.20 27.77
CA SER B 210 -1.86 0.79 28.83
C SER B 210 -0.95 1.86 28.26
N LYS B 211 -0.80 2.99 28.96
CA LYS B 211 0.09 4.05 28.50
C LYS B 211 1.11 4.39 29.58
N SER B 212 2.37 4.55 29.18
CA SER B 212 3.42 4.94 30.11
C SER B 212 4.37 5.88 29.38
N ALA B 213 4.52 7.11 29.91
CA ALA B 213 5.38 8.16 29.37
C ALA B 213 5.14 8.35 27.81
N THR B 214 6.07 8.05 26.85
CA THR B 214 5.80 8.22 25.42
C THR B 214 5.57 6.88 24.73
N SER B 215 5.02 5.89 25.42
CA SER B 215 4.76 4.59 24.81
C SER B 215 3.47 3.97 25.30
N ALA B 216 2.85 3.18 24.44
CA ALA B 216 1.59 2.52 24.71
C ALA B 216 1.70 1.02 24.40
N SER B 217 0.74 0.21 24.90
CA SER B 217 0.77 -1.22 24.67
C SER B 217 -0.63 -1.82 24.62
N LEU B 218 -0.85 -2.76 23.69
CA LEU B 218 -2.11 -3.48 23.58
C LEU B 218 -1.84 -4.92 23.99
N ALA B 219 -2.67 -5.49 24.87
CA ALA B 219 -2.48 -6.86 25.30
C ALA B 219 -3.71 -7.73 24.98
N ILE B 220 -3.53 -8.75 24.13
CA ILE B 220 -4.61 -9.65 23.77
C ILE B 220 -4.44 -10.95 24.57
N SER B 221 -5.09 -11.02 25.74
CA SER B 221 -5.01 -12.19 26.62
C SER B 221 -5.98 -13.28 26.12
N GLY B 222 -5.62 -14.55 26.31
CA GLY B 222 -6.44 -15.68 25.88
C GLY B 222 -6.74 -15.65 24.39
N LEU B 223 -5.69 -15.50 23.58
CA LEU B 223 -5.71 -15.41 22.13
C LEU B 223 -6.64 -16.42 21.46
N GLN B 224 -7.46 -15.95 20.52
CA GLN B 224 -8.39 -16.77 19.76
C GLN B 224 -8.11 -16.63 18.27
N SER B 225 -8.48 -17.64 17.46
CA SER B 225 -8.25 -17.59 16.02
C SER B 225 -8.91 -16.37 15.36
N GLU B 226 -10.06 -15.94 15.91
CA GLU B 226 -10.80 -14.77 15.43
C GLU B 226 -10.04 -13.44 15.59
N ASP B 227 -8.93 -13.43 16.36
CA ASP B 227 -8.14 -12.22 16.58
C ASP B 227 -7.07 -11.98 15.51
N GLU B 228 -6.94 -12.89 14.53
CA GLU B 228 -5.96 -12.74 13.44
C GLU B 228 -6.45 -11.57 12.58
N ALA B 229 -5.84 -10.41 12.79
CA ALA B 229 -6.21 -9.16 12.14
C ALA B 229 -5.02 -8.14 12.23
N ASP B 230 -5.13 -6.96 11.59
CA ASP B 230 -4.13 -5.91 11.68
C ASP B 230 -4.53 -5.00 12.84
N TYR B 231 -3.56 -4.55 13.64
CA TYR B 231 -3.86 -3.69 14.77
C TYR B 231 -3.12 -2.39 14.63
N TYR B 232 -3.85 -1.27 14.64
CA TYR B 232 -3.24 0.02 14.50
C TYR B 232 -3.35 0.80 15.78
N CYS B 233 -2.30 1.52 16.10
CA CYS B 233 -2.24 2.37 17.27
C CYS B 233 -2.33 3.83 16.76
N ALA B 234 -2.97 4.72 17.53
CA ALA B 234 -3.15 6.10 17.09
C ALA B 234 -3.15 7.08 18.24
N ALA B 235 -2.73 8.31 17.97
CA ALA B 235 -2.70 9.38 18.96
C ALA B 235 -2.69 10.74 18.28
N TRP B 236 -3.14 11.79 18.98
CA TRP B 236 -3.07 13.13 18.43
C TRP B 236 -1.64 13.64 18.60
N ASP B 237 -1.13 14.33 17.60
CA ASP B 237 0.20 14.92 17.67
C ASP B 237 0.02 16.44 17.66
N ASP B 238 0.59 17.11 18.66
CA ASP B 238 0.51 18.55 18.76
C ASP B 238 1.55 19.30 17.89
N SER B 239 2.38 18.57 17.12
CA SER B 239 3.35 19.18 16.22
C SER B 239 2.61 19.91 15.10
N LEU B 240 3.12 21.08 14.67
CA LEU B 240 2.50 21.89 13.62
C LEU B 240 1.05 22.31 14.08
N ASN B 241 0.05 22.39 13.17
CA ASN B 241 -1.31 22.72 13.58
C ASN B 241 -2.09 21.51 14.11
N GLY B 242 -1.38 20.44 14.43
CA GLY B 242 -2.01 19.23 14.94
C GLY B 242 -2.46 18.28 13.86
N HIS B 243 -2.32 17.00 14.12
CA HIS B 243 -2.71 15.92 13.21
C HIS B 243 -2.82 14.62 13.99
N VAL B 244 -3.59 13.66 13.48
CA VAL B 244 -3.68 12.37 14.13
C VAL B 244 -2.65 11.45 13.47
N VAL B 245 -1.71 10.93 14.28
CA VAL B 245 -0.70 10.03 13.77
C VAL B 245 -1.08 8.58 14.02
N PHE B 246 -0.68 7.69 13.11
CA PHE B 246 -0.98 6.27 13.21
C PHE B 246 0.31 5.46 13.25
N GLY B 247 0.18 4.25 13.76
CA GLY B 247 1.28 3.30 13.78
C GLY B 247 1.31 2.54 12.46
N GLY B 248 2.42 1.88 12.19
CA GLY B 248 2.57 1.13 10.96
C GLY B 248 1.60 -0.03 10.81
N GLY B 249 1.14 -0.57 11.94
CA GLY B 249 0.24 -1.71 11.98
C GLY B 249 0.96 -2.98 12.37
N THR B 250 0.25 -3.90 13.02
CA THR B 250 0.84 -5.17 13.42
C THR B 250 -0.08 -6.26 12.97
N LYS B 251 0.43 -7.17 12.14
CA LYS B 251 -0.32 -8.31 11.66
C LYS B 251 -0.21 -9.41 12.73
N VAL B 252 -1.24 -9.56 13.57
CA VAL B 252 -1.23 -10.59 14.59
C VAL B 252 -1.62 -11.91 13.96
N THR B 253 -0.74 -12.90 14.04
CA THR B 253 -0.98 -14.20 13.45
C THR B 253 -1.17 -15.25 14.53
N VAL B 254 -2.32 -15.93 14.51
CA VAL B 254 -2.59 -16.98 15.48
C VAL B 254 -2.03 -18.29 14.97
N LEU B 255 -0.96 -18.74 15.60
CA LEU B 255 -0.23 -19.96 15.27
C LEU B 255 -0.99 -21.20 15.74
N GLY B 256 -0.61 -22.35 15.20
CA GLY B 256 -1.24 -23.60 15.61
C GLY B 256 -0.83 -23.95 17.03
N ALA B 257 -1.74 -24.53 17.81
CA ALA B 257 -1.43 -24.89 19.19
C ALA B 257 -0.26 -25.87 19.29
N ALA B 258 0.52 -25.76 20.35
CA ALA B 258 1.69 -26.62 20.60
C ALA B 258 1.31 -28.11 20.73
N ALA B 259 2.26 -29.02 20.52
CA ALA B 259 2.01 -30.45 20.65
C ALA B 259 1.66 -30.81 22.08
N GLU B 260 0.78 -31.81 22.24
CA GLU B 260 0.33 -32.21 23.57
C GLU B 260 1.01 -33.48 24.07
N ASN B 261 1.52 -33.43 25.30
CA ASN B 261 2.14 -34.61 25.93
C ASN B 261 0.99 -35.57 26.26
N LEU B 262 1.13 -36.87 25.93
CA LEU B 262 0.04 -37.82 26.17
C LEU B 262 0.07 -38.50 27.55
N TYR B 263 1.10 -38.26 28.36
CA TYR B 263 1.18 -38.82 29.72
C TYR B 263 0.91 -37.68 30.69
N PHE B 264 -0.15 -37.78 31.55
CA PHE B 264 -0.49 -36.70 32.49
C PHE B 264 -1.42 -37.14 33.61
N ARG C 5 24.32 -17.31 -20.15
CA ARG C 5 24.80 -16.83 -18.86
C ARG C 5 23.66 -16.31 -17.98
N ILE C 6 22.83 -15.37 -18.49
CA ILE C 6 21.68 -14.89 -17.73
C ILE C 6 20.47 -14.63 -18.64
N GLY C 7 19.52 -15.55 -18.60
CA GLY C 7 18.32 -15.49 -19.42
C GLY C 7 18.65 -15.80 -20.87
N TYR C 8 18.24 -14.91 -21.77
CA TYR C 8 18.54 -15.09 -23.19
C TYR C 8 19.75 -14.26 -23.60
N TYR C 9 20.72 -14.04 -22.70
CA TYR C 9 21.88 -13.22 -22.98
C TYR C 9 23.20 -13.90 -22.64
N GLU C 10 24.19 -13.74 -23.53
CA GLU C 10 25.54 -14.26 -23.35
C GLU C 10 26.39 -13.06 -22.98
N ILE C 11 27.00 -13.07 -21.78
CA ILE C 11 27.80 -11.93 -21.35
C ILE C 11 29.16 -11.92 -22.07
N ASP C 12 29.53 -10.76 -22.62
CA ASP C 12 30.78 -10.59 -23.35
C ASP C 12 31.93 -10.12 -22.46
N ARG C 13 31.80 -8.93 -21.84
CA ARG C 13 32.86 -8.37 -20.99
C ARG C 13 32.34 -7.21 -20.15
N THR C 14 33.10 -6.78 -19.14
CA THR C 14 32.70 -5.65 -18.33
C THR C 14 33.10 -4.40 -19.09
N ILE C 15 32.13 -3.54 -19.40
CA ILE C 15 32.40 -2.31 -20.13
C ILE C 15 32.46 -1.08 -19.23
N GLY C 16 31.83 -1.14 -18.06
CA GLY C 16 31.84 -0.03 -17.12
C GLY C 16 31.34 -0.39 -15.75
N LYS C 17 31.07 0.63 -14.92
CA LYS C 17 30.57 0.43 -13.56
C LYS C 17 29.42 1.42 -13.21
N GLY C 18 28.77 1.20 -12.07
CA GLY C 18 27.69 2.04 -11.55
C GLY C 18 27.53 1.86 -10.05
N ASN C 19 26.72 2.70 -9.37
CA ASN C 19 26.53 2.57 -7.91
C ASN C 19 26.06 1.15 -7.52
N PHE C 20 26.90 0.36 -6.80
CA PHE C 20 26.58 -1.02 -6.43
C PHE C 20 26.22 -1.86 -7.65
N ALA C 21 26.84 -1.58 -8.79
CA ALA C 21 26.53 -2.27 -10.04
C ALA C 21 27.72 -2.33 -10.99
N VAL C 22 27.69 -3.27 -11.94
CA VAL C 22 28.70 -3.45 -12.94
C VAL C 22 28.00 -3.47 -14.30
N VAL C 23 28.48 -2.67 -15.24
CA VAL C 23 27.90 -2.62 -16.59
C VAL C 23 28.67 -3.58 -17.49
N LYS C 24 27.93 -4.46 -18.17
CA LYS C 24 28.54 -5.45 -19.06
C LYS C 24 27.92 -5.42 -20.44
N ARG C 25 28.70 -5.78 -21.47
CA ARG C 25 28.15 -5.92 -22.82
C ARG C 25 27.62 -7.34 -22.93
N ALA C 26 26.51 -7.52 -23.67
CA ALA C 26 25.93 -8.85 -23.85
C ALA C 26 25.34 -9.04 -25.26
N THR C 27 25.11 -10.29 -25.66
CA THR C 27 24.53 -10.58 -26.96
C THR C 27 23.21 -11.34 -26.73
N HIS C 28 22.12 -10.92 -27.38
CA HIS C 28 20.85 -11.64 -27.24
C HIS C 28 20.98 -12.92 -28.03
N LEU C 29 20.83 -14.06 -27.39
CA LEU C 29 21.01 -15.37 -28.05
C LEU C 29 20.07 -15.63 -29.24
N VAL C 30 18.88 -15.01 -29.24
CA VAL C 30 17.92 -15.23 -30.32
C VAL C 30 18.04 -14.22 -31.47
N THR C 31 18.49 -12.99 -31.19
CA THR C 31 18.60 -11.97 -32.24
C THR C 31 20.04 -11.68 -32.70
N LYS C 32 21.01 -12.05 -31.86
CA LYS C 32 22.44 -11.84 -32.06
C LYS C 32 22.85 -10.35 -31.95
N ALA C 33 21.96 -9.50 -31.39
CA ALA C 33 22.23 -8.08 -31.22
C ALA C 33 23.01 -7.78 -29.94
N LYS C 34 23.72 -6.63 -29.89
CA LYS C 34 24.47 -6.27 -28.69
C LYS C 34 23.61 -5.37 -27.77
N VAL C 35 23.69 -5.60 -26.46
CA VAL C 35 22.95 -4.83 -25.45
C VAL C 35 23.86 -4.47 -24.26
N ALA C 36 23.45 -3.48 -23.44
CA ALA C 36 24.16 -3.13 -22.22
C ALA C 36 23.37 -3.68 -21.05
N ILE C 37 24.04 -4.33 -20.09
CA ILE C 37 23.35 -4.88 -18.92
C ILE C 37 23.93 -4.36 -17.62
N LYS C 38 23.13 -3.65 -16.82
CA LYS C 38 23.59 -3.20 -15.50
C LYS C 38 23.24 -4.31 -14.51
N ILE C 39 24.24 -4.89 -13.87
CA ILE C 39 24.00 -5.95 -12.89
C ILE C 39 24.12 -5.38 -11.49
N ILE C 40 22.98 -5.20 -10.81
CA ILE C 40 22.95 -4.60 -9.48
C ILE C 40 22.90 -5.64 -8.40
N ASP C 41 23.82 -5.56 -7.44
CA ASP C 41 23.88 -6.52 -6.34
C ASP C 41 22.92 -6.10 -5.21
N LYS C 42 21.83 -6.87 -5.03
CA LYS C 42 20.84 -6.55 -4.02
C LYS C 42 21.29 -6.81 -2.58
N THR C 43 22.44 -7.50 -2.38
CA THR C 43 22.90 -7.84 -1.03
C THR C 43 23.22 -6.61 -0.18
N GLN C 44 23.88 -5.61 -0.76
CA GLN C 44 24.21 -4.39 -0.02
C GLN C 44 23.20 -3.25 -0.23
N LEU C 45 21.99 -3.58 -0.69
CA LEU C 45 20.97 -2.58 -0.95
C LEU C 45 19.91 -2.58 0.14
N ASP C 46 19.48 -1.39 0.56
CA ASP C 46 18.43 -1.24 1.57
C ASP C 46 17.07 -0.88 0.90
N GLU C 47 15.97 -0.84 1.66
CA GLU C 47 14.64 -0.56 1.10
C GLU C 47 14.50 0.83 0.45
N GLU C 48 15.27 1.83 0.88
CA GLU C 48 15.26 3.14 0.22
C GLU C 48 16.03 3.07 -1.12
N ASN C 49 17.08 2.23 -1.20
CA ASN C 49 17.88 2.05 -2.42
C ASN C 49 17.11 1.27 -3.46
N LEU C 50 16.39 0.21 -3.04
CA LEU C 50 15.58 -0.62 -3.93
C LEU C 50 14.46 0.19 -4.58
N LYS C 51 13.87 1.13 -3.81
CA LYS C 51 12.81 2.01 -4.30
C LYS C 51 13.36 2.99 -5.35
N LYS C 52 14.62 3.44 -5.18
CA LYS C 52 15.29 4.34 -6.12
C LYS C 52 15.57 3.62 -7.45
N ILE C 53 15.82 2.29 -7.41
CA ILE C 53 16.04 1.47 -8.61
C ILE C 53 14.73 1.34 -9.39
N PHE C 54 13.60 1.16 -8.65
CA PHE C 54 12.27 1.06 -9.24
C PHE C 54 11.88 2.38 -9.91
N ARG C 55 12.23 3.51 -9.28
CA ARG C 55 11.94 4.83 -9.81
C ARG C 55 12.72 5.03 -11.12
N GLU C 56 14.00 4.63 -11.13
CA GLU C 56 14.87 4.70 -12.30
C GLU C 56 14.25 3.94 -13.47
N VAL C 57 13.72 2.74 -13.20
CA VAL C 57 13.08 1.91 -14.22
C VAL C 57 11.77 2.54 -14.72
N GLN C 58 10.87 2.98 -13.82
CA GLN C 58 9.62 3.60 -14.28
C GLN C 58 9.87 4.90 -15.08
N ILE C 59 10.96 5.63 -14.78
CA ILE C 59 11.27 6.85 -15.53
C ILE C 59 11.78 6.49 -16.94
N MET C 60 12.64 5.47 -17.05
CA MET C 60 13.15 5.00 -18.34
C MET C 60 12.04 4.45 -19.24
N LYS C 61 10.95 3.93 -18.65
CA LYS C 61 9.80 3.42 -19.40
C LYS C 61 8.99 4.56 -20.04
N MET C 62 9.04 5.78 -19.47
CA MET C 62 8.33 6.94 -20.00
C MET C 62 9.08 7.66 -21.12
N LEU C 63 10.40 7.43 -21.26
CA LEU C 63 11.21 8.20 -22.19
C LEU C 63 11.61 7.47 -23.47
N SER C 64 11.00 7.87 -24.59
CA SER C 64 11.32 7.34 -25.90
C SER C 64 11.69 8.55 -26.75
N HIS C 65 12.99 8.74 -26.97
CA HIS C 65 13.52 9.89 -27.70
C HIS C 65 14.79 9.45 -28.47
N PRO C 66 15.06 10.04 -29.64
CA PRO C 66 16.24 9.64 -30.41
C PRO C 66 17.59 9.84 -29.70
N HIS C 67 17.64 10.71 -28.70
CA HIS C 67 18.87 10.95 -27.96
C HIS C 67 18.84 10.49 -26.53
N ILE C 68 18.03 9.46 -26.24
CA ILE C 68 17.95 8.85 -24.92
C ILE C 68 18.12 7.32 -25.07
N ILE C 69 18.91 6.71 -24.17
CA ILE C 69 19.16 5.27 -24.19
C ILE C 69 17.87 4.51 -23.94
N ARG C 70 17.55 3.56 -24.81
CA ARG C 70 16.30 2.81 -24.75
C ARG C 70 16.37 1.57 -23.88
N LEU C 71 15.51 1.49 -22.85
CA LEU C 71 15.43 0.33 -21.97
C LEU C 71 14.66 -0.77 -22.71
N TYR C 72 15.23 -1.98 -22.78
CA TYR C 72 14.61 -3.09 -23.48
C TYR C 72 13.96 -4.10 -22.56
N GLN C 73 14.66 -4.51 -21.49
CA GLN C 73 14.13 -5.55 -20.60
C GLN C 73 14.62 -5.39 -19.16
N VAL C 74 13.83 -5.84 -18.19
CA VAL C 74 14.23 -5.82 -16.79
C VAL C 74 14.03 -7.22 -16.23
N MET C 75 15.09 -7.82 -15.66
CA MET C 75 15.03 -9.17 -15.09
C MET C 75 15.44 -9.14 -13.63
N GLU C 76 14.77 -9.91 -12.77
CA GLU C 76 15.13 -9.93 -11.37
C GLU C 76 15.21 -11.33 -10.79
N THR C 77 16.32 -11.63 -10.10
CA THR C 77 16.56 -12.91 -9.43
C THR C 77 16.57 -12.68 -7.89
N GLU C 78 16.70 -13.76 -7.09
CA GLU C 78 16.73 -13.63 -5.63
C GLU C 78 17.90 -12.79 -5.10
N ARG C 79 19.01 -12.67 -5.86
CA ARG C 79 20.16 -11.89 -5.41
C ARG C 79 20.57 -10.75 -6.34
N MET C 80 20.03 -10.71 -7.57
CA MET C 80 20.43 -9.69 -8.54
C MET C 80 19.26 -9.04 -9.25
N ILE C 81 19.51 -7.89 -9.88
CA ILE C 81 18.55 -7.16 -10.71
C ILE C 81 19.33 -6.73 -11.94
N TYR C 82 18.85 -7.10 -13.13
CA TYR C 82 19.50 -6.84 -14.41
C TYR C 82 18.67 -5.89 -15.25
N LEU C 83 19.29 -4.81 -15.74
CA LEU C 83 18.61 -3.85 -16.61
C LEU C 83 19.25 -3.93 -17.97
N VAL C 84 18.49 -4.33 -18.99
CA VAL C 84 19.01 -4.44 -20.35
C VAL C 84 18.59 -3.23 -21.20
N THR C 85 19.57 -2.48 -21.74
CA THR C 85 19.30 -1.30 -22.59
C THR C 85 20.03 -1.42 -23.96
N GLU C 86 19.74 -0.52 -24.93
CA GLU C 86 20.46 -0.53 -26.21
C GLU C 86 21.95 -0.26 -25.99
N TYR C 87 22.79 -0.78 -26.90
CA TYR C 87 24.23 -0.63 -26.74
C TYR C 87 24.74 0.59 -27.47
N ALA C 88 25.40 1.50 -26.72
CA ALA C 88 25.99 2.73 -27.25
C ALA C 88 27.39 2.37 -27.68
N SER C 89 27.52 1.90 -28.92
CA SER C 89 28.77 1.43 -29.54
C SER C 89 29.99 2.33 -29.32
N GLY C 90 29.79 3.65 -29.39
CA GLY C 90 30.87 4.62 -29.25
C GLY C 90 31.31 4.96 -27.84
N GLY C 91 30.62 4.42 -26.83
CA GLY C 91 30.99 4.63 -25.44
C GLY C 91 30.73 6.02 -24.90
N GLU C 92 31.38 6.39 -23.78
CA GLU C 92 31.19 7.70 -23.14
C GLU C 92 31.85 8.84 -23.89
N ILE C 93 31.31 10.06 -23.70
CA ILE C 93 31.90 11.30 -24.23
C ILE C 93 33.23 11.54 -23.48
N PHE C 94 33.26 11.23 -22.15
CA PHE C 94 34.45 11.37 -21.32
C PHE C 94 35.65 10.64 -21.91
N ASP C 95 35.47 9.40 -22.35
CA ASP C 95 36.55 8.63 -22.94
C ASP C 95 36.99 9.20 -24.30
N HIS C 96 36.06 9.77 -25.04
CA HIS C 96 36.34 10.39 -26.32
C HIS C 96 37.18 11.68 -26.11
N LEU C 97 36.94 12.41 -25.00
CA LEU C 97 37.70 13.60 -24.61
C LEU C 97 39.10 13.20 -24.13
N VAL C 98 39.21 12.07 -23.44
CA VAL C 98 40.52 11.58 -22.99
C VAL C 98 41.37 11.19 -24.19
N ALA C 99 40.75 10.64 -25.24
CA ALA C 99 41.47 10.19 -26.42
C ALA C 99 41.83 11.31 -27.38
N HIS C 100 40.97 12.34 -27.53
CA HIS C 100 41.23 13.36 -28.55
C HIS C 100 41.25 14.81 -28.07
N GLY C 101 41.04 15.02 -26.78
CA GLY C 101 41.08 16.36 -26.21
C GLY C 101 39.84 17.18 -26.51
N ARG C 102 39.95 18.51 -26.30
CA ARG C 102 38.83 19.42 -26.50
C ARG C 102 38.23 19.34 -27.88
N MET C 103 36.91 19.48 -27.95
CA MET C 103 36.20 19.44 -29.22
C MET C 103 36.18 20.81 -29.84
N ALA C 104 36.24 20.85 -31.18
CA ALA C 104 36.12 22.11 -31.92
C ALA C 104 34.70 22.64 -31.70
N GLU C 105 34.52 23.95 -31.55
CA GLU C 105 33.19 24.52 -31.28
C GLU C 105 32.11 24.07 -32.26
N LYS C 106 32.49 23.72 -33.50
CA LYS C 106 31.54 23.25 -34.49
C LYS C 106 31.05 21.87 -34.11
N GLU C 107 31.98 20.95 -33.77
CA GLU C 107 31.68 19.59 -33.33
C GLU C 107 30.94 19.61 -31.99
N ALA C 108 31.37 20.46 -31.07
CA ALA C 108 30.81 20.63 -29.73
C ALA C 108 29.38 21.14 -29.81
N ARG C 109 29.11 22.07 -30.74
CA ARG C 109 27.76 22.62 -30.90
C ARG C 109 26.80 21.55 -31.35
N ARG C 110 27.24 20.66 -32.25
CA ARG C 110 26.41 19.56 -32.71
C ARG C 110 25.99 18.64 -31.55
N LYS C 111 26.95 18.24 -30.69
CA LYS C 111 26.69 17.35 -29.55
C LYS C 111 25.85 18.05 -28.50
N PHE C 112 26.18 19.32 -28.18
CA PHE C 112 25.43 20.07 -27.19
C PHE C 112 23.98 20.25 -27.60
N LYS C 113 23.72 20.45 -28.89
CA LYS C 113 22.34 20.56 -29.39
C LYS C 113 21.59 19.26 -29.12
N GLN C 114 22.22 18.11 -29.43
CA GLN C 114 21.66 16.79 -29.19
C GLN C 114 21.38 16.59 -27.71
N ILE C 115 22.31 17.00 -26.86
CA ILE C 115 22.15 16.88 -25.41
C ILE C 115 20.95 17.71 -24.91
N VAL C 116 20.91 19.02 -25.23
CA VAL C 116 19.78 19.85 -24.78
C VAL C 116 18.44 19.39 -25.38
N THR C 117 18.46 18.67 -26.50
CA THR C 117 17.27 18.11 -27.14
C THR C 117 16.70 17.04 -26.22
N ALA C 118 17.58 16.16 -25.72
CA ALA C 118 17.19 15.08 -24.82
C ALA C 118 16.80 15.61 -23.45
N VAL C 119 17.48 16.65 -22.97
CA VAL C 119 17.21 17.25 -21.66
C VAL C 119 15.90 18.07 -21.67
N TYR C 120 15.61 18.73 -22.79
CA TYR C 120 14.38 19.51 -22.99
C TYR C 120 13.20 18.55 -22.97
N PHE C 121 13.32 17.41 -23.69
CA PHE C 121 12.26 16.40 -23.72
C PHE C 121 11.98 15.85 -22.32
N CYS C 122 13.04 15.57 -21.54
CA CYS C 122 12.91 15.08 -20.16
C CYS C 122 12.12 16.07 -19.33
N HIS C 123 12.47 17.37 -19.43
CA HIS C 123 11.79 18.44 -18.72
C HIS C 123 10.34 18.62 -19.18
N SER C 124 10.04 18.25 -20.45
CA SER C 124 8.66 18.29 -20.96
C SER C 124 7.88 17.21 -20.21
N ARG C 125 8.43 15.99 -20.14
CA ARG C 125 7.78 14.90 -19.44
C ARG C 125 7.83 15.04 -17.91
N ASN C 126 8.19 16.25 -17.41
CA ASN C 126 8.28 16.60 -16.00
C ASN C 126 9.28 15.72 -15.25
N ILE C 127 10.46 15.51 -15.84
CA ILE C 127 11.51 14.67 -15.26
C ILE C 127 12.87 15.37 -15.24
N VAL C 128 13.55 15.42 -14.08
CA VAL C 128 14.89 16.02 -14.01
C VAL C 128 15.93 14.93 -13.94
N HIS C 129 17.06 15.12 -14.64
CA HIS C 129 18.13 14.12 -14.66
C HIS C 129 18.93 14.15 -13.35
N ARG C 130 19.47 15.33 -13.01
CA ARG C 130 20.24 15.61 -11.81
C ARG C 130 21.62 14.94 -11.75
N ASP C 131 21.97 14.08 -12.74
CA ASP C 131 23.26 13.38 -12.81
C ASP C 131 23.88 13.48 -14.21
N LEU C 132 23.81 14.66 -14.84
CA LEU C 132 24.40 14.87 -16.15
C LEU C 132 25.91 14.99 -15.98
N LYS C 133 26.67 14.17 -16.69
CA LYS C 133 28.14 14.19 -16.63
C LYS C 133 28.70 13.64 -17.94
N ALA C 134 29.98 13.89 -18.24
CA ALA C 134 30.60 13.41 -19.47
C ALA C 134 30.59 11.89 -19.57
N GLU C 135 30.67 11.19 -18.43
CA GLU C 135 30.68 9.73 -18.41
C GLU C 135 29.27 9.11 -18.55
N ASN C 136 28.21 9.93 -18.51
CA ASN C 136 26.80 9.48 -18.68
C ASN C 136 26.22 9.83 -20.05
N LEU C 137 26.93 10.66 -20.80
CA LEU C 137 26.56 11.07 -22.12
C LEU C 137 27.27 10.08 -23.04
N LEU C 138 26.50 9.19 -23.68
CA LEU C 138 27.09 8.16 -24.54
C LEU C 138 26.93 8.48 -26.02
N LEU C 139 27.68 7.76 -26.87
CA LEU C 139 27.66 7.95 -28.31
C LEU C 139 27.27 6.66 -28.99
N ASP C 140 26.41 6.75 -30.01
CA ASP C 140 26.02 5.56 -30.77
C ASP C 140 27.11 5.21 -31.83
N ALA C 141 26.82 4.29 -32.77
CA ALA C 141 27.76 3.91 -33.82
C ALA C 141 28.09 5.09 -34.76
N ASN C 142 27.13 6.02 -34.93
CA ASN C 142 27.30 7.19 -35.79
C ASN C 142 27.77 8.44 -35.01
N LEU C 143 28.27 8.24 -33.77
CA LEU C 143 28.73 9.26 -32.84
C LEU C 143 27.67 10.31 -32.49
N ASN C 144 26.45 9.85 -32.24
CA ASN C 144 25.35 10.73 -31.84
C ASN C 144 25.02 10.50 -30.38
N ILE C 145 24.74 11.57 -29.65
CA ILE C 145 24.44 11.52 -28.23
C ILE C 145 23.24 10.64 -27.87
N LYS C 146 23.37 9.90 -26.76
CA LYS C 146 22.36 9.05 -26.14
C LYS C 146 22.52 9.25 -24.64
N ILE C 147 21.62 9.99 -24.01
CA ILE C 147 21.67 10.27 -22.59
C ILE C 147 21.37 8.97 -21.84
N ALA C 148 22.16 8.67 -20.81
CA ALA C 148 21.99 7.45 -20.04
C ALA C 148 22.06 7.69 -18.51
N ASP C 149 21.73 6.68 -17.69
CA ASP C 149 21.79 6.69 -16.23
C ASP C 149 20.79 7.63 -15.58
N PHE C 150 19.56 7.15 -15.41
CA PHE C 150 18.52 7.92 -14.76
C PHE C 150 18.37 7.49 -13.30
N GLY C 151 19.48 7.17 -12.65
CA GLY C 151 19.49 6.72 -11.27
C GLY C 151 19.11 7.83 -10.31
N PHE C 152 19.57 9.06 -10.59
CA PHE C 152 19.23 10.20 -9.73
C PHE C 152 18.01 10.98 -10.21
N SER C 153 17.39 10.57 -11.33
CA SER C 153 16.22 11.20 -11.90
C SER C 153 15.02 11.18 -11.00
N ASN C 154 14.15 12.16 -11.18
CA ASN C 154 12.92 12.26 -10.41
C ASN C 154 11.88 13.07 -11.18
N LEU C 155 10.60 12.84 -10.85
CA LEU C 155 9.48 13.58 -11.42
C LEU C 155 9.34 14.91 -10.66
N PHE C 156 9.03 15.99 -11.39
CA PHE C 156 8.85 17.29 -10.76
C PHE C 156 7.61 17.99 -11.33
N THR C 157 7.10 18.97 -10.57
CA THR C 157 6.00 19.81 -11.01
C THR C 157 6.58 21.22 -11.14
N PRO C 158 6.35 21.92 -12.26
CA PRO C 158 6.92 23.26 -12.41
C PRO C 158 6.61 24.20 -11.26
N GLY C 159 7.68 24.77 -10.70
CA GLY C 159 7.61 25.68 -9.56
C GLY C 159 7.73 25.01 -8.20
N GLN C 160 8.18 23.74 -8.17
CA GLN C 160 8.33 23.01 -6.91
C GLN C 160 9.80 22.93 -6.50
N LEU C 161 10.04 22.73 -5.21
CA LEU C 161 11.40 22.62 -4.71
C LEU C 161 11.75 21.21 -4.25
N LEU C 162 12.83 20.66 -4.81
CA LEU C 162 13.30 19.31 -4.48
C LEU C 162 14.28 19.32 -3.30
N LYS C 163 14.33 18.21 -2.56
CA LYS C 163 15.21 18.13 -1.39
C LYS C 163 16.25 17.02 -1.45
N TPO C 164 16.46 16.37 -2.61
CA TPO C 164 17.43 15.29 -2.71
CB TPO C 164 16.99 14.12 -3.60
CG2 TPO C 164 18.08 13.05 -3.58
OG1 TPO C 164 15.86 13.48 -3.04
P TPO C 164 14.73 13.16 -4.02
O1P TPO C 164 14.19 14.42 -4.67
O2P TPO C 164 13.56 12.57 -3.17
O3P TPO C 164 15.17 12.16 -5.04
C TPO C 164 18.75 15.85 -3.19
O TPO C 164 18.83 16.29 -4.34
N TRP C 165 19.77 15.84 -2.34
CA TRP C 165 21.07 16.38 -2.74
C TRP C 165 21.93 15.31 -3.41
N CYS C 166 21.70 15.12 -4.71
CA CYS C 166 22.36 14.11 -5.51
C CYS C 166 22.95 14.70 -6.80
N GLY C 167 23.92 14.00 -7.36
CA GLY C 167 24.56 14.42 -8.60
C GLY C 167 26.05 14.12 -8.62
N SER C 168 26.69 14.29 -9.79
CA SER C 168 28.14 14.08 -9.92
C SER C 168 28.79 15.35 -9.42
N PRO C 169 29.61 15.25 -8.37
CA PRO C 169 30.18 16.47 -7.77
C PRO C 169 30.74 17.54 -8.72
N PRO C 170 31.60 17.25 -9.72
CA PRO C 170 32.08 18.33 -10.59
C PRO C 170 31.00 19.03 -11.42
N TYR C 171 29.89 18.35 -11.70
CA TYR C 171 28.79 18.94 -12.48
C TYR C 171 27.64 19.47 -11.61
N ALA C 172 27.67 19.20 -10.30
CA ALA C 172 26.62 19.60 -9.36
C ALA C 172 26.55 21.10 -9.13
N ALA C 173 25.32 21.63 -9.12
CA ALA C 173 25.03 23.04 -8.90
C ALA C 173 25.41 23.46 -7.47
N PRO C 174 25.74 24.74 -7.22
CA PRO C 174 26.17 25.13 -5.85
C PRO C 174 25.15 24.85 -4.75
N GLU C 175 23.85 25.05 -5.02
CA GLU C 175 22.76 24.82 -4.07
C GLU C 175 22.72 23.38 -3.56
N LEU C 176 23.20 22.43 -4.38
CA LEU C 176 23.23 21.02 -3.99
C LEU C 176 24.25 20.83 -2.86
N PHE C 177 25.43 21.48 -2.98
CA PHE C 177 26.48 21.45 -1.96
C PHE C 177 26.02 22.17 -0.68
N GLU C 178 25.27 23.26 -0.84
CA GLU C 178 24.76 24.06 0.27
C GLU C 178 23.54 23.44 0.97
N GLY C 179 22.95 22.40 0.39
CA GLY C 179 21.79 21.73 0.97
C GLY C 179 20.53 22.58 0.93
N LYS C 180 20.35 23.33 -0.16
CA LYS C 180 19.19 24.20 -0.35
C LYS C 180 18.11 23.50 -1.17
N GLU C 181 16.82 23.76 -0.86
CA GLU C 181 15.72 23.21 -1.66
C GLU C 181 15.77 23.95 -3.01
N TYR C 182 15.88 23.21 -4.10
CA TYR C 182 16.14 23.79 -5.41
C TYR C 182 15.07 23.56 -6.48
N ASP C 183 15.19 24.29 -7.60
CA ASP C 183 14.36 24.10 -8.78
C ASP C 183 15.13 23.11 -9.67
N GLY C 184 14.54 21.94 -9.87
CA GLY C 184 15.08 20.84 -10.65
C GLY C 184 15.69 21.22 -11.99
N PRO C 185 14.90 21.85 -12.89
CA PRO C 185 15.47 22.25 -14.19
C PRO C 185 16.70 23.16 -14.07
N LYS C 186 16.71 24.14 -13.13
CA LYS C 186 17.88 24.99 -12.95
C LYS C 186 19.14 24.21 -12.51
N VAL C 187 18.97 23.10 -11.79
CA VAL C 187 20.08 22.24 -11.38
C VAL C 187 20.71 21.58 -12.62
N ASP C 188 19.85 21.17 -13.57
CA ASP C 188 20.28 20.55 -14.82
C ASP C 188 20.93 21.59 -15.74
N ILE C 189 20.44 22.84 -15.70
CA ILE C 189 20.98 23.94 -16.48
C ILE C 189 22.42 24.26 -16.03
N TRP C 190 22.74 24.09 -14.72
CA TRP C 190 24.10 24.29 -14.24
C TRP C 190 24.95 23.17 -14.79
N SER C 191 24.48 21.90 -14.68
CA SER C 191 25.17 20.71 -15.18
C SER C 191 25.47 20.85 -16.66
N LEU C 192 24.51 21.38 -17.44
CA LEU C 192 24.69 21.60 -18.88
C LEU C 192 25.78 22.62 -19.16
N GLY C 193 25.90 23.64 -18.31
CA GLY C 193 26.95 24.64 -18.43
C GLY C 193 28.32 24.01 -18.25
N VAL C 194 28.46 23.12 -17.24
CA VAL C 194 29.69 22.38 -16.95
C VAL C 194 30.00 21.44 -18.12
N VAL C 195 28.99 20.76 -18.64
CA VAL C 195 29.12 19.85 -19.79
C VAL C 195 29.64 20.62 -21.00
N LEU C 196 29.05 21.77 -21.32
CA LEU C 196 29.49 22.58 -22.45
C LEU C 196 30.92 23.04 -22.27
N TYR C 197 31.31 23.41 -21.05
CA TYR C 197 32.67 23.82 -20.77
C TYR C 197 33.63 22.65 -20.99
N VAL C 198 33.36 21.48 -20.41
CA VAL C 198 34.24 20.32 -20.55
C VAL C 198 34.33 19.85 -22.02
N LEU C 199 33.30 20.09 -22.84
CA LEU C 199 33.33 19.69 -24.25
C LEU C 199 34.27 20.58 -25.04
N VAL C 200 34.19 21.91 -24.85
CA VAL C 200 35.02 22.84 -25.61
C VAL C 200 36.41 23.07 -25.00
N CYS C 201 36.64 22.68 -23.73
CA CYS C 201 37.93 22.87 -23.08
C CYS C 201 38.72 21.59 -22.84
N GLY C 202 38.03 20.46 -22.78
CA GLY C 202 38.66 19.18 -22.47
C GLY C 202 39.15 19.08 -21.05
N ALA C 203 38.57 19.87 -20.14
CA ALA C 203 38.88 19.97 -18.72
C ALA C 203 37.68 20.58 -17.99
N LEU C 204 37.58 20.39 -16.66
CA LEU C 204 36.45 20.90 -15.87
C LEU C 204 36.64 22.36 -15.48
N PRO C 205 35.55 23.15 -15.34
CA PRO C 205 35.72 24.54 -14.88
C PRO C 205 36.08 24.59 -13.39
N PHE C 206 35.63 23.58 -12.61
CA PHE C 206 35.87 23.44 -11.19
C PHE C 206 36.46 22.07 -10.98
N ASP C 207 37.62 22.03 -10.36
CA ASP C 207 38.36 20.79 -10.11
C ASP C 207 39.25 20.94 -8.86
N GLY C 208 39.62 19.82 -8.27
CA GLY C 208 40.47 19.79 -7.08
C GLY C 208 40.97 18.40 -6.78
N SER C 209 41.82 18.27 -5.75
CA SER C 209 42.35 16.95 -5.39
C SER C 209 41.30 16.11 -4.68
N THR C 210 40.47 16.75 -3.85
CA THR C 210 39.42 16.08 -3.08
C THR C 210 38.05 16.78 -3.28
N LEU C 211 36.97 16.16 -2.81
CA LEU C 211 35.62 16.69 -2.84
C LEU C 211 35.56 18.01 -2.06
N GLN C 212 36.33 18.14 -0.96
CA GLN C 212 36.36 19.38 -0.18
C GLN C 212 36.87 20.53 -1.02
N ASN C 213 37.94 20.29 -1.79
CA ASN C 213 38.55 21.30 -2.65
C ASN C 213 37.66 21.63 -3.83
N LEU C 214 37.01 20.60 -4.40
CA LEU C 214 36.11 20.71 -5.54
C LEU C 214 34.88 21.55 -5.14
N ARG C 215 34.36 21.34 -3.93
CA ARG C 215 33.20 22.08 -3.41
C ARG C 215 33.51 23.56 -3.29
N ALA C 216 34.69 23.90 -2.73
CA ALA C 216 35.12 25.28 -2.56
C ALA C 216 35.16 26.01 -3.90
N ARG C 217 35.62 25.31 -4.95
CA ARG C 217 35.69 25.85 -6.29
C ARG C 217 34.31 26.10 -6.86
N VAL C 218 33.41 25.08 -6.77
CA VAL C 218 32.04 25.20 -7.26
C VAL C 218 31.32 26.39 -6.63
N LEU C 219 31.44 26.54 -5.29
CA LEU C 219 30.80 27.62 -4.52
C LEU C 219 31.33 29.01 -4.83
N SER C 220 32.59 29.11 -5.29
CA SER C 220 33.15 30.40 -5.67
C SER C 220 32.48 30.94 -6.95
N GLY C 221 32.09 30.05 -7.86
CA GLY C 221 31.49 30.42 -9.13
C GLY C 221 32.47 31.04 -10.11
N LYS C 222 33.78 30.99 -9.78
CA LYS C 222 34.84 31.57 -10.59
C LYS C 222 35.50 30.45 -11.39
N PHE C 223 35.72 30.67 -12.68
CA PHE C 223 36.32 29.68 -13.56
C PHE C 223 37.05 30.39 -14.71
N ARG C 224 38.10 29.76 -15.24
CA ARG C 224 38.88 30.36 -16.30
C ARG C 224 38.33 30.11 -17.68
N ILE C 225 38.19 31.17 -18.50
CA ILE C 225 37.81 31.00 -19.90
C ILE C 225 39.10 31.07 -20.70
N PRO C 226 39.46 29.95 -21.37
CA PRO C 226 40.71 29.94 -22.15
C PRO C 226 40.62 30.75 -23.43
N PHE C 227 41.78 31.17 -23.94
CA PHE C 227 41.86 32.03 -25.09
C PHE C 227 41.23 31.44 -26.35
N PHE C 228 41.33 30.12 -26.54
CA PHE C 228 40.76 29.48 -27.72
C PHE C 228 39.25 29.54 -27.83
N MET C 229 38.56 29.88 -26.74
CA MET C 229 37.11 29.93 -26.74
C MET C 229 36.55 31.22 -27.34
N SER C 230 35.43 31.10 -28.07
CA SER C 230 34.78 32.24 -28.71
C SER C 230 34.03 33.12 -27.70
N THR C 231 33.81 34.40 -28.05
CA THR C 231 33.10 35.31 -27.18
C THR C 231 31.63 34.91 -27.01
N GLU C 232 31.02 34.27 -28.02
CA GLU C 232 29.64 33.83 -27.95
C GLU C 232 29.52 32.64 -27.02
N CYS C 233 30.50 31.69 -27.09
CA CYS C 233 30.50 30.51 -26.24
C CYS C 233 30.75 30.91 -24.80
N GLU C 234 31.66 31.87 -24.58
CA GLU C 234 31.95 32.38 -23.23
C GLU C 234 30.69 32.99 -22.62
N HIS C 235 29.95 33.75 -23.42
CA HIS C 235 28.72 34.38 -22.99
C HIS C 235 27.69 33.32 -22.56
N LEU C 236 27.54 32.26 -23.35
CA LEU C 236 26.59 31.21 -23.04
C LEU C 236 26.96 30.50 -21.75
N ILE C 237 28.22 30.08 -21.59
CA ILE C 237 28.66 29.39 -20.36
C ILE C 237 28.53 30.30 -19.14
N ARG C 238 28.96 31.57 -19.26
CA ARG C 238 28.87 32.52 -18.15
C ARG C 238 27.42 32.79 -17.72
N HIS C 239 26.45 32.61 -18.64
CA HIS C 239 25.04 32.80 -18.32
C HIS C 239 24.32 31.51 -17.86
N MET C 240 25.03 30.38 -17.83
CA MET C 240 24.52 29.10 -17.34
C MET C 240 25.14 28.83 -15.95
N LEU C 241 26.44 29.06 -15.82
CA LEU C 241 27.14 28.89 -14.57
C LEU C 241 27.02 30.17 -13.72
N VAL C 242 25.79 30.45 -13.27
CA VAL C 242 25.46 31.60 -12.44
C VAL C 242 25.08 31.08 -11.06
N LEU C 243 25.68 31.63 -9.99
CA LEU C 243 25.40 31.17 -8.63
C LEU C 243 23.92 31.24 -8.25
N ASP C 244 23.27 32.42 -8.46
CA ASP C 244 21.84 32.66 -8.20
C ASP C 244 21.06 31.93 -9.29
N PRO C 245 20.32 30.85 -8.96
CA PRO C 245 19.64 30.07 -9.99
C PRO C 245 18.62 30.84 -10.84
N ASN C 246 18.01 31.87 -10.26
CA ASN C 246 17.05 32.68 -11.00
C ASN C 246 17.69 33.49 -12.12
N LYS C 247 19.00 33.79 -12.00
CA LYS C 247 19.71 34.50 -13.05
C LYS C 247 20.33 33.55 -14.11
N ARG C 248 19.92 32.27 -14.13
CA ARG C 248 20.38 31.32 -15.14
C ARG C 248 19.44 31.35 -16.33
N LEU C 249 19.95 31.03 -17.52
CA LEU C 249 19.10 30.98 -18.71
C LEU C 249 18.09 29.83 -18.60
N SER C 250 16.94 30.00 -19.23
CA SER C 250 15.96 28.92 -19.30
C SER C 250 16.38 27.97 -20.45
N MET C 251 15.68 26.83 -20.61
CA MET C 251 16.00 25.90 -21.69
C MET C 251 15.72 26.49 -23.08
N GLU C 252 14.72 27.38 -23.16
CA GLU C 252 14.33 28.03 -24.41
C GLU C 252 15.35 29.09 -24.81
N GLN C 253 15.82 29.89 -23.84
CA GLN C 253 16.83 30.91 -24.11
C GLN C 253 18.16 30.26 -24.53
N ILE C 254 18.50 29.08 -23.96
CA ILE C 254 19.69 28.30 -24.32
C ILE C 254 19.60 27.94 -25.79
N CYS C 255 18.48 27.37 -26.23
CA CYS C 255 18.25 26.94 -27.60
C CYS C 255 18.37 28.06 -28.61
N LYS C 256 17.98 29.27 -28.23
CA LYS C 256 18.01 30.42 -29.11
C LYS C 256 19.21 31.33 -28.85
N HIS C 257 20.27 30.83 -28.20
CA HIS C 257 21.45 31.65 -27.94
C HIS C 257 22.20 31.96 -29.24
N LYS C 258 22.92 33.10 -29.30
CA LYS C 258 23.70 33.45 -30.50
C LYS C 258 24.71 32.33 -30.89
N TRP C 259 25.31 31.65 -29.89
CA TRP C 259 26.24 30.56 -30.14
C TRP C 259 25.54 29.37 -30.74
N MET C 260 24.34 29.08 -30.26
CA MET C 260 23.55 27.94 -30.72
C MET C 260 23.07 28.16 -32.16
N LYS C 261 22.71 29.41 -32.50
CA LYS C 261 22.25 29.76 -33.84
C LYS C 261 23.38 29.84 -34.87
N LEU C 262 24.65 29.89 -34.41
CA LEU C 262 25.83 30.02 -35.24
C LEU C 262 26.01 28.90 -36.24
N GLY C 263 26.67 29.23 -37.34
CA GLY C 263 26.92 28.30 -38.42
C GLY C 263 25.73 28.22 -39.36
N ASP C 264 25.58 27.05 -40.00
CA ASP C 264 24.46 26.83 -40.91
C ASP C 264 23.15 26.72 -40.14
N ALA C 265 22.05 27.10 -40.81
CA ALA C 265 20.71 27.02 -40.25
C ALA C 265 20.37 25.56 -39.99
N ASP C 266 19.92 25.24 -38.78
CA ASP C 266 19.60 23.88 -38.40
C ASP C 266 18.10 23.73 -38.15
N PRO C 267 17.31 23.46 -39.21
CA PRO C 267 15.87 23.26 -39.00
C PRO C 267 15.54 21.95 -38.29
N ASN C 268 16.44 20.95 -38.35
CA ASN C 268 16.20 19.70 -37.65
C ASN C 268 16.23 19.90 -36.14
N PHE C 269 17.05 20.85 -35.64
CA PHE C 269 17.13 21.14 -34.21
C PHE C 269 15.88 21.85 -33.78
N ASP C 270 15.42 22.83 -34.57
CA ASP C 270 14.20 23.57 -34.32
C ASP C 270 13.01 22.59 -34.26
N ARG C 271 12.99 21.58 -35.15
CA ARG C 271 11.93 20.57 -35.21
C ARG C 271 11.92 19.73 -33.94
N LEU C 272 13.09 19.31 -33.47
CA LEU C 272 13.19 18.50 -32.25
C LEU C 272 12.83 19.27 -31.00
N ILE C 273 13.07 20.60 -30.99
CA ILE C 273 12.74 21.42 -29.84
C ILE C 273 11.24 21.72 -29.80
N ALA C 274 10.64 21.95 -30.98
CA ALA C 274 9.20 22.21 -31.09
C ALA C 274 8.36 20.97 -30.74
N GLU C 275 8.90 19.76 -31.02
CA GLU C 275 8.23 18.50 -30.69
C GLU C 275 8.12 18.31 -29.17
N SER C 276 9.13 18.77 -28.43
CA SER C 276 9.12 18.69 -26.98
C SER C 276 8.30 19.81 -26.30
N GLN C 277 7.71 20.73 -27.09
CA GLN C 277 6.82 21.77 -26.59
C GLN C 277 5.36 21.44 -26.96
N GLN C 278 4.95 20.15 -26.84
CA GLN C 278 3.56 19.75 -27.15
C GLN C 278 2.80 19.15 -25.95
N PRO C 287 1.66 3.15 -32.80
CA PRO C 287 2.46 2.35 -33.76
C PRO C 287 2.19 0.85 -33.68
N LEU C 288 2.68 0.08 -34.68
CA LEU C 288 2.57 -1.39 -34.74
C LEU C 288 3.34 -1.95 -35.93
N ASN C 289 4.41 -2.72 -35.68
CA ASN C 289 5.19 -3.33 -36.76
C ASN C 289 4.68 -4.73 -37.07
N GLU C 290 3.89 -4.85 -38.15
CA GLU C 290 3.29 -6.12 -38.60
C GLU C 290 4.28 -7.09 -39.23
N ASP C 291 5.42 -6.59 -39.69
CA ASP C 291 6.45 -7.41 -40.33
C ASP C 291 7.28 -8.13 -39.28
N VAL C 292 7.64 -7.41 -38.20
CA VAL C 292 8.40 -7.97 -37.08
C VAL C 292 7.55 -9.03 -36.38
N LEU C 293 6.26 -8.74 -36.16
CA LEU C 293 5.35 -9.69 -35.51
C LEU C 293 5.22 -10.98 -36.32
N LEU C 294 5.33 -10.91 -37.66
CA LEU C 294 5.27 -12.10 -38.49
C LEU C 294 6.56 -12.91 -38.33
N ALA C 295 7.71 -12.23 -38.27
CA ALA C 295 8.99 -12.90 -38.07
C ALA C 295 9.05 -13.58 -36.70
N MET C 296 8.47 -12.94 -35.66
CA MET C 296 8.40 -13.49 -34.31
C MET C 296 7.50 -14.73 -34.25
N GLU C 297 6.43 -14.76 -35.06
CA GLU C 297 5.53 -15.91 -35.12
C GLU C 297 6.29 -17.13 -35.67
N ASP C 298 7.16 -16.92 -36.66
CA ASP C 298 7.95 -18.00 -37.23
C ASP C 298 8.92 -18.62 -36.21
N MET C 299 9.49 -17.79 -35.31
CA MET C 299 10.45 -18.21 -34.27
C MET C 299 9.85 -19.09 -33.15
N GLY C 300 8.56 -19.38 -33.22
CA GLY C 300 7.90 -20.18 -32.19
C GLY C 300 7.33 -19.37 -31.05
N LEU C 301 7.44 -18.03 -31.11
CA LEU C 301 6.94 -17.13 -30.07
C LEU C 301 5.45 -16.88 -30.32
N ASP C 302 4.59 -17.19 -29.32
CA ASP C 302 3.13 -17.02 -29.43
C ASP C 302 2.71 -15.60 -29.78
N LYS C 303 1.88 -15.46 -30.82
CA LYS C 303 1.41 -14.16 -31.29
C LYS C 303 0.62 -13.42 -30.22
N GLU C 304 -0.29 -14.11 -29.53
CA GLU C 304 -1.10 -13.48 -28.50
C GLU C 304 -0.30 -13.10 -27.26
N GLN C 305 0.70 -13.92 -26.92
CA GLN C 305 1.56 -13.65 -25.78
C GLN C 305 2.51 -12.49 -26.05
N THR C 306 2.94 -12.35 -27.32
CA THR C 306 3.80 -11.25 -27.75
C THR C 306 3.02 -9.94 -27.64
N LEU C 307 1.76 -9.94 -28.10
CA LEU C 307 0.89 -8.77 -28.05
C LEU C 307 0.60 -8.35 -26.63
N GLN C 308 0.36 -9.32 -25.74
CA GLN C 308 0.07 -9.06 -24.33
C GLN C 308 1.25 -8.42 -23.61
N SER C 309 2.47 -8.81 -23.96
CA SER C 309 3.67 -8.24 -23.35
C SER C 309 3.94 -6.80 -23.84
N LEU C 310 3.57 -6.52 -25.08
CA LEU C 310 3.73 -5.23 -25.75
C LEU C 310 2.74 -4.20 -25.23
N ARG C 311 1.45 -4.55 -25.21
CA ARG C 311 0.41 -3.63 -24.75
C ARG C 311 0.24 -3.59 -23.21
N SER C 312 1.19 -4.17 -22.46
CA SER C 312 1.18 -4.06 -20.99
C SER C 312 2.48 -3.45 -20.44
N ASP C 313 3.47 -3.10 -21.31
CA ASP C 313 4.78 -2.54 -20.92
C ASP C 313 5.43 -3.40 -19.84
N ALA C 314 5.45 -4.72 -20.09
CA ALA C 314 6.01 -5.68 -19.15
C ALA C 314 7.53 -5.63 -19.15
N TYR C 315 8.14 -5.36 -20.32
CA TYR C 315 9.59 -5.30 -20.52
C TYR C 315 10.18 -6.66 -20.11
N ASP C 316 9.62 -7.70 -20.71
CA ASP C 316 9.97 -9.09 -20.48
C ASP C 316 10.64 -9.67 -21.74
N HIS C 317 10.77 -11.00 -21.80
CA HIS C 317 11.37 -11.72 -22.91
C HIS C 317 10.79 -11.31 -24.29
N TYR C 318 9.48 -11.18 -24.39
CA TYR C 318 8.82 -10.83 -25.65
C TYR C 318 8.96 -9.35 -26.02
N SER C 319 8.97 -8.45 -25.01
CA SER C 319 9.13 -7.02 -25.25
C SER C 319 10.51 -6.77 -25.83
N ALA C 320 11.54 -7.42 -25.27
CA ALA C 320 12.91 -7.30 -25.68
C ALA C 320 13.14 -7.73 -27.11
N ILE C 321 12.51 -8.84 -27.54
CA ILE C 321 12.70 -9.35 -28.89
C ILE C 321 12.06 -8.45 -29.93
N TYR C 322 10.86 -7.90 -29.65
CA TYR C 322 10.20 -6.99 -30.59
C TYR C 322 11.05 -5.71 -30.72
N SER C 323 11.48 -5.15 -29.58
CA SER C 323 12.29 -3.94 -29.52
C SER C 323 13.64 -4.10 -30.24
N LEU C 324 14.31 -5.24 -30.05
CA LEU C 324 15.59 -5.52 -30.69
C LEU C 324 15.43 -5.73 -32.20
N LEU C 325 14.37 -6.44 -32.60
CA LEU C 325 14.07 -6.70 -34.01
C LEU C 325 13.72 -5.43 -34.80
N CYS C 326 13.27 -4.37 -34.10
CA CYS C 326 12.93 -3.11 -34.75
C CYS C 326 14.15 -2.19 -34.87
N ASP C 327 15.20 -2.65 -35.60
CA ASP C 327 16.46 -1.96 -35.93
C ASP C 327 17.59 -2.95 -36.24
N GLU D 1 60.78 -3.17 -14.12
CA GLU D 1 60.18 -3.84 -15.27
C GLU D 1 59.25 -2.90 -16.06
N VAL D 2 58.63 -1.93 -15.38
CA VAL D 2 57.73 -0.99 -16.04
C VAL D 2 58.53 0.23 -16.42
N GLN D 3 58.39 0.71 -17.67
CA GLN D 3 59.13 1.89 -18.09
C GLN D 3 58.37 2.77 -19.08
N LEU D 4 58.63 4.09 -19.03
CA LEU D 4 57.97 5.02 -19.94
C LEU D 4 58.88 5.34 -21.11
N VAL D 5 58.51 4.93 -22.32
CA VAL D 5 59.32 5.18 -23.50
C VAL D 5 58.80 6.37 -24.29
N GLN D 6 59.61 7.42 -24.36
CA GLN D 6 59.23 8.64 -25.03
C GLN D 6 59.65 8.71 -26.50
N SER D 7 58.99 9.58 -27.28
CA SER D 7 59.38 9.77 -28.67
C SER D 7 60.76 10.49 -28.75
N GLY D 8 61.34 10.53 -29.94
CA GLY D 8 62.65 11.15 -30.15
C GLY D 8 62.66 12.66 -30.12
N ALA D 9 63.86 13.25 -30.07
CA ALA D 9 64.07 14.70 -30.08
C ALA D 9 63.69 15.31 -31.46
N GLY D 10 63.34 16.60 -31.47
CA GLY D 10 62.97 17.27 -32.70
C GLY D 10 63.16 18.77 -32.72
N VAL D 11 63.28 19.35 -33.93
CA VAL D 11 63.38 20.80 -34.11
C VAL D 11 62.10 21.27 -34.71
N LYS D 12 61.48 22.27 -34.09
CA LYS D 12 60.25 22.84 -34.60
C LYS D 12 60.46 24.33 -34.89
N LYS D 13 59.80 24.85 -35.95
CA LYS D 13 59.91 26.27 -36.25
C LYS D 13 58.91 27.05 -35.36
N PRO D 14 59.20 28.32 -35.00
CA PRO D 14 58.27 29.07 -34.16
C PRO D 14 56.87 29.19 -34.82
N GLY D 15 55.83 28.96 -34.03
CA GLY D 15 54.47 29.02 -34.49
C GLY D 15 53.86 27.64 -34.62
N SER D 16 54.68 26.65 -35.01
CA SER D 16 54.24 25.27 -35.18
C SER D 16 53.83 24.58 -33.86
N SER D 17 53.28 23.37 -33.96
CA SER D 17 52.86 22.61 -32.79
C SER D 17 53.67 21.30 -32.71
N VAL D 18 53.95 20.79 -31.50
CA VAL D 18 54.73 19.56 -31.35
C VAL D 18 53.97 18.49 -30.58
N LYS D 19 54.06 17.22 -31.02
CA LYS D 19 53.40 16.13 -30.29
C LYS D 19 54.44 15.15 -29.75
N VAL D 20 54.37 14.80 -28.47
CA VAL D 20 55.32 13.90 -27.85
C VAL D 20 54.58 12.67 -27.30
N SER D 21 55.08 11.46 -27.54
CA SER D 21 54.43 10.24 -27.07
C SER D 21 55.12 9.65 -25.83
N CYS D 22 54.40 8.82 -25.08
CA CYS D 22 54.94 8.22 -23.86
C CYS D 22 54.30 6.86 -23.68
N LYS D 23 54.92 5.82 -24.22
CA LYS D 23 54.38 4.46 -24.17
C LYS D 23 54.77 3.74 -22.91
N SER D 24 53.80 3.15 -22.22
CA SER D 24 54.06 2.41 -21.00
C SER D 24 54.33 0.95 -21.31
N SER D 25 55.60 0.54 -21.30
CA SER D 25 56.01 -0.82 -21.63
C SER D 25 56.51 -1.59 -20.43
N GLY D 26 56.04 -2.82 -20.35
CA GLY D 26 56.38 -3.73 -19.26
C GLY D 26 55.32 -3.74 -18.18
N GLY D 27 55.60 -4.47 -17.11
CA GLY D 27 54.71 -4.59 -15.96
C GLY D 27 53.26 -4.88 -16.27
N THR D 28 52.34 -4.29 -15.50
CA THR D 28 50.90 -4.52 -15.72
C THR D 28 50.08 -3.23 -15.52
N SER D 29 50.72 -2.05 -15.75
CA SER D 29 50.09 -0.73 -15.57
C SER D 29 49.10 -0.36 -16.68
N GLY D 30 47.92 -1.02 -16.67
CA GLY D 30 46.84 -0.74 -17.61
C GLY D 30 46.32 0.67 -17.37
N SER D 31 45.93 0.96 -16.12
CA SER D 31 45.50 2.31 -15.77
C SER D 31 46.55 3.06 -14.97
N SER D 32 46.94 4.23 -15.46
CA SER D 32 47.96 5.07 -14.84
C SER D 32 47.51 6.55 -14.80
N ALA D 33 48.27 7.42 -14.13
CA ALA D 33 47.96 8.85 -14.08
C ALA D 33 49.23 9.49 -14.54
N VAL D 34 49.30 9.89 -15.81
CA VAL D 34 50.53 10.46 -16.34
C VAL D 34 50.45 11.96 -16.44
N SER D 35 51.50 12.63 -15.96
CA SER D 35 51.65 14.08 -16.01
C SER D 35 52.79 14.46 -16.97
N TRP D 36 52.77 15.67 -17.51
CA TRP D 36 53.84 16.15 -18.39
C TRP D 36 54.55 17.26 -17.67
N ILE D 37 55.85 17.10 -17.50
CA ILE D 37 56.71 18.04 -16.79
C ILE D 37 57.81 18.47 -17.75
N ARG D 38 58.13 19.76 -17.83
CA ARG D 38 59.18 20.22 -18.73
C ARG D 38 60.33 20.88 -17.98
N GLN D 39 61.50 20.97 -18.62
CA GLN D 39 62.67 21.57 -18.00
C GLN D 39 63.52 22.23 -19.06
N ALA D 40 63.53 23.56 -19.11
CA ALA D 40 64.33 24.30 -20.09
C ALA D 40 65.83 24.14 -19.81
N PRO D 41 66.70 24.28 -20.82
CA PRO D 41 68.14 24.08 -20.57
C PRO D 41 68.72 24.91 -19.41
N GLY D 42 69.26 24.20 -18.42
CA GLY D 42 69.84 24.79 -17.23
C GLY D 42 68.83 25.35 -16.24
N GLN D 43 67.54 25.09 -16.45
CA GLN D 43 66.45 25.62 -15.62
C GLN D 43 65.79 24.54 -14.76
N GLY D 44 64.89 24.96 -13.89
CA GLY D 44 64.17 24.03 -13.02
C GLY D 44 63.04 23.32 -13.73
N VAL D 45 62.48 22.33 -13.06
CA VAL D 45 61.40 21.54 -13.61
C VAL D 45 60.04 22.24 -13.36
N GLU D 46 59.11 22.10 -14.31
CA GLU D 46 57.83 22.77 -14.28
C GLU D 46 56.70 21.84 -14.73
N TRP D 47 55.64 21.71 -13.92
CA TRP D 47 54.50 20.86 -14.26
C TRP D 47 53.58 21.53 -15.25
N MET D 48 53.30 20.87 -16.37
CA MET D 48 52.45 21.44 -17.40
C MET D 48 50.99 21.02 -17.31
N GLY D 49 50.77 19.78 -16.91
CA GLY D 49 49.43 19.22 -16.82
C GLY D 49 49.46 17.72 -16.70
N GLY D 50 48.29 17.11 -16.81
CA GLY D 50 48.16 15.67 -16.71
C GLY D 50 46.93 15.27 -15.94
N ILE D 51 46.76 13.96 -15.71
CA ILE D 51 45.59 13.47 -14.97
C ILE D 51 45.85 13.58 -13.45
N THR D 52 45.14 14.50 -12.74
CA THR D 52 45.39 14.74 -11.31
C THR D 52 44.13 14.70 -10.40
N SER D 53 43.03 14.15 -10.88
CA SER D 53 41.80 14.01 -10.09
C SER D 53 40.93 12.97 -10.74
N ILE D 54 40.03 12.37 -9.95
CA ILE D 54 39.12 11.39 -10.50
C ILE D 54 37.97 12.05 -11.31
N PHE D 55 37.81 13.39 -11.17
CA PHE D 55 36.71 14.21 -11.67
C PHE D 55 36.68 14.51 -13.18
N GLY D 56 37.81 14.91 -13.76
CA GLY D 56 37.84 15.29 -15.16
C GLY D 56 38.80 14.53 -16.05
N PRO D 57 38.66 14.74 -17.38
CA PRO D 57 39.52 14.05 -18.34
C PRO D 57 41.01 14.38 -18.20
N ALA D 58 41.32 15.66 -17.98
CA ALA D 58 42.69 16.12 -17.81
C ALA D 58 42.69 17.40 -17.01
N ASN D 59 43.82 17.71 -16.36
CA ASN D 59 43.97 18.97 -15.65
C ASN D 59 45.21 19.67 -16.16
N TYR D 60 45.07 20.92 -16.61
CA TYR D 60 46.20 21.66 -17.13
C TYR D 60 46.62 22.78 -16.19
N ALA D 61 47.92 23.12 -16.20
CA ALA D 61 48.42 24.26 -15.45
C ALA D 61 47.88 25.51 -16.18
N GLN D 62 47.44 26.54 -15.42
CA GLN D 62 46.89 27.76 -16.01
C GLN D 62 47.72 28.35 -17.14
N LYS D 63 49.06 28.32 -16.98
CA LYS D 63 50.03 28.82 -17.93
C LYS D 63 49.96 28.09 -19.28
N PHE D 64 49.71 26.80 -19.24
CA PHE D 64 49.68 25.95 -20.43
C PHE D 64 48.29 25.67 -21.00
N GLN D 65 47.21 25.93 -20.25
CA GLN D 65 45.84 25.61 -20.69
C GLN D 65 45.53 25.98 -22.15
N ASP D 66 45.89 27.20 -22.56
CA ASP D 66 45.62 27.68 -23.91
C ASP D 66 46.31 26.94 -25.04
N ARG D 67 47.50 26.36 -24.79
CA ARG D 67 48.27 25.72 -25.86
C ARG D 67 48.45 24.21 -25.72
N LEU D 68 48.21 23.65 -24.53
CA LEU D 68 48.39 22.22 -24.30
C LEU D 68 47.13 21.42 -24.55
N LYS D 69 47.32 20.20 -25.07
CA LYS D 69 46.30 19.20 -25.31
C LYS D 69 46.96 17.92 -24.81
N ILE D 70 46.36 17.27 -23.81
CA ILE D 70 46.90 16.03 -23.27
C ILE D 70 45.91 14.92 -23.57
N THR D 71 46.33 13.91 -24.35
CA THR D 71 45.46 12.81 -24.74
C THR D 71 46.05 11.45 -24.37
N ALA D 72 45.26 10.36 -24.49
CA ALA D 72 45.75 9.03 -24.19
C ALA D 72 45.05 7.97 -25.03
N ASP D 73 45.84 7.04 -25.58
CA ASP D 73 45.32 5.90 -26.33
C ASP D 73 45.39 4.69 -25.40
N LYS D 74 44.27 4.40 -24.71
CA LYS D 74 44.20 3.30 -23.76
C LYS D 74 44.51 1.96 -24.40
N ALA D 75 44.13 1.80 -25.69
CA ALA D 75 44.39 0.58 -26.46
C ALA D 75 45.87 0.23 -26.54
N THR D 76 46.74 1.23 -26.79
CA THR D 76 48.18 1.01 -26.92
C THR D 76 49.00 1.45 -25.71
N ASN D 77 48.35 1.91 -24.63
CA ASN D 77 49.03 2.41 -23.43
C ASN D 77 49.95 3.59 -23.68
N THR D 78 49.69 4.38 -24.72
CA THR D 78 50.51 5.54 -25.05
C THR D 78 49.80 6.81 -24.63
N VAL D 79 50.54 7.74 -24.01
CA VAL D 79 49.99 9.01 -23.60
C VAL D 79 50.66 10.09 -24.43
N TYR D 80 49.86 11.00 -24.98
CA TYR D 80 50.37 12.06 -25.82
C TYR D 80 50.25 13.46 -25.18
N MET D 81 51.04 14.39 -25.72
CA MET D 81 51.11 15.79 -25.30
C MET D 81 51.31 16.62 -26.55
N GLU D 82 50.43 17.57 -26.80
CA GLU D 82 50.55 18.43 -27.97
C GLU D 82 50.60 19.89 -27.58
N LEU D 83 51.76 20.53 -27.80
CA LEU D 83 51.93 21.93 -27.44
C LEU D 83 51.98 22.77 -28.70
N SER D 84 50.98 23.63 -28.90
CA SER D 84 50.88 24.45 -30.08
C SER D 84 51.44 25.88 -29.87
N GLY D 85 51.60 26.63 -30.97
CA GLY D 85 52.11 28.01 -30.94
C GLY D 85 53.46 28.11 -30.26
N LEU D 86 54.43 27.34 -30.76
CA LEU D 86 55.75 27.28 -30.17
C LEU D 86 56.56 28.57 -30.32
N THR D 87 57.26 28.93 -29.25
CA THR D 87 58.16 30.08 -29.20
C THR D 87 59.51 29.59 -28.69
N PHE D 88 60.55 30.42 -28.79
CA PHE D 88 61.88 30.06 -28.30
C PHE D 88 61.87 29.69 -26.80
N GLU D 89 60.90 30.19 -26.04
CA GLU D 89 60.76 29.89 -24.61
C GLU D 89 60.29 28.44 -24.36
N ASP D 90 59.76 27.76 -25.39
CA ASP D 90 59.29 26.39 -25.30
C ASP D 90 60.39 25.34 -25.55
N THR D 91 61.65 25.76 -25.83
CA THR D 91 62.77 24.84 -26.02
C THR D 91 63.06 24.27 -24.63
N ALA D 92 62.83 22.96 -24.44
CA ALA D 92 63.00 22.31 -23.15
C ALA D 92 63.01 20.77 -23.31
N VAL D 93 63.30 20.01 -22.22
CA VAL D 93 63.20 18.56 -22.21
C VAL D 93 61.83 18.27 -21.60
N TYR D 94 61.00 17.53 -22.32
CA TYR D 94 59.66 17.19 -21.89
C TYR D 94 59.64 15.81 -21.35
N TYR D 95 59.24 15.65 -20.10
CA TYR D 95 59.19 14.37 -19.42
C TYR D 95 57.76 13.96 -19.16
N CYS D 96 57.49 12.67 -19.13
CA CYS D 96 56.19 12.17 -18.70
C CYS D 96 56.47 11.42 -17.41
N ALA D 97 55.68 11.67 -16.37
CA ALA D 97 55.89 11.02 -15.09
C ALA D 97 54.57 10.53 -14.51
N ARG D 98 54.57 9.30 -13.98
CA ARG D 98 53.36 8.69 -13.44
C ARG D 98 53.18 9.00 -11.97
N VAL D 99 51.95 9.33 -11.55
CA VAL D 99 51.64 9.57 -10.13
C VAL D 99 51.56 8.22 -9.45
N GLY D 100 52.39 8.02 -8.44
CA GLY D 100 52.51 6.75 -7.74
C GLY D 100 51.32 6.14 -7.03
N ASP D 101 50.44 6.97 -6.44
CA ASP D 101 49.31 6.45 -5.69
C ASP D 101 47.96 6.46 -6.41
N TYR D 102 47.97 6.54 -7.75
CA TYR D 102 46.77 6.56 -8.60
C TYR D 102 45.71 5.52 -8.19
N ASN D 103 46.14 4.32 -7.87
CA ASN D 103 45.26 3.22 -7.49
C ASN D 103 44.45 3.46 -6.20
N PHE D 104 44.81 4.50 -5.41
CA PHE D 104 44.10 4.83 -4.18
C PHE D 104 43.07 5.94 -4.34
N TRP D 105 43.08 6.65 -5.46
CA TRP D 105 42.19 7.78 -5.71
C TRP D 105 40.74 7.39 -5.65
N ASN D 106 39.91 8.30 -5.13
CA ASN D 106 38.48 8.04 -4.94
C ASN D 106 37.64 9.30 -4.63
N GLY D 107 38.26 10.48 -4.67
CA GLY D 107 37.55 11.71 -4.40
C GLY D 107 37.68 12.20 -2.98
N HIS D 108 37.97 11.28 -2.04
CA HIS D 108 38.16 11.60 -0.63
C HIS D 108 39.63 11.49 -0.25
N TYR D 109 40.34 10.50 -0.82
CA TYR D 109 41.76 10.29 -0.59
C TYR D 109 42.50 11.45 -1.21
N ARG D 110 43.40 12.08 -0.45
CA ARG D 110 44.19 13.19 -0.97
C ARG D 110 45.52 12.63 -1.46
N SER D 111 45.73 12.64 -2.77
CA SER D 111 46.97 12.13 -3.35
C SER D 111 48.20 12.96 -2.94
N GLY D 112 49.35 12.31 -2.93
CA GLY D 112 50.61 12.96 -2.61
C GLY D 112 51.26 13.60 -3.83
N TYR D 113 50.88 13.13 -5.04
CA TYR D 113 51.37 13.57 -6.35
C TYR D 113 52.87 13.38 -6.49
N TYR D 114 53.33 12.21 -6.01
CA TYR D 114 54.73 11.88 -6.14
C TYR D 114 54.92 11.13 -7.43
N PHE D 115 55.98 11.44 -8.17
CA PHE D 115 56.22 10.84 -9.46
C PHE D 115 57.14 9.61 -9.37
N ASP D 116 56.45 8.47 -9.33
CA ASP D 116 56.87 7.09 -9.25
C ASP D 116 57.92 6.74 -10.32
N LEU D 117 57.51 6.83 -11.59
CA LEU D 117 58.24 6.49 -12.79
C LEU D 117 58.35 7.73 -13.66
N TRP D 118 59.46 7.87 -14.38
CA TRP D 118 59.66 8.99 -15.30
C TRP D 118 60.16 8.46 -16.64
N GLY D 119 59.88 9.20 -17.69
CA GLY D 119 60.42 8.87 -19.01
C GLY D 119 61.83 9.45 -19.12
N ARG D 120 62.62 8.94 -20.08
CA ARG D 120 64.00 9.44 -20.27
C ARG D 120 64.06 10.94 -20.65
N GLY D 121 62.96 11.46 -21.23
CA GLY D 121 62.82 12.84 -21.65
C GLY D 121 62.88 13.00 -23.16
N THR D 122 62.22 14.03 -23.70
CA THR D 122 62.23 14.31 -25.14
C THR D 122 62.71 15.72 -25.34
N LEU D 123 63.79 15.92 -26.10
CA LEU D 123 64.31 17.26 -26.32
C LEU D 123 63.62 17.94 -27.48
N VAL D 124 62.82 18.97 -27.17
CA VAL D 124 62.14 19.74 -28.20
C VAL D 124 62.79 21.10 -28.26
N THR D 125 63.28 21.49 -29.43
CA THR D 125 63.96 22.76 -29.59
C THR D 125 63.30 23.60 -30.66
N VAL D 126 63.10 24.89 -30.37
CA VAL D 126 62.46 25.81 -31.31
C VAL D 126 63.52 26.67 -31.97
N SER D 127 63.62 26.59 -33.30
CA SER D 127 64.63 27.32 -34.01
C SER D 127 64.15 27.79 -35.36
N SER D 128 64.63 29.00 -35.68
CA SER D 128 64.46 29.82 -36.88
C SER D 128 63.43 29.31 -37.87
N SER D 146 59.65 30.14 -9.76
CA SER D 146 59.43 28.98 -8.89
C SER D 146 58.44 29.38 -7.77
N VAL D 147 57.41 28.55 -7.51
CA VAL D 147 56.43 28.90 -6.47
C VAL D 147 56.98 28.57 -5.08
N LEU D 148 57.62 27.41 -4.96
CA LEU D 148 58.25 26.94 -3.73
C LEU D 148 59.66 27.52 -3.66
N THR D 149 60.03 28.08 -2.53
CA THR D 149 61.34 28.71 -2.36
C THR D 149 62.42 27.79 -1.78
N GLN D 150 63.47 27.53 -2.54
CA GLN D 150 64.61 26.77 -2.02
C GLN D 150 65.91 27.42 -2.47
N PRO D 151 66.96 27.35 -1.60
CA PRO D 151 68.24 28.01 -1.93
C PRO D 151 68.83 27.48 -3.22
N PRO D 152 69.40 28.38 -4.05
CA PRO D 152 69.94 27.94 -5.34
C PRO D 152 71.08 26.94 -5.25
N SER D 153 71.87 27.05 -4.18
CA SER D 153 72.98 26.16 -3.99
C SER D 153 73.23 25.87 -2.52
N ALA D 154 73.77 24.69 -2.25
CA ALA D 154 74.17 24.24 -0.93
C ALA D 154 75.51 23.50 -1.06
N SER D 155 76.30 23.45 0.01
CA SER D 155 77.60 22.79 -0.04
C SER D 155 78.03 22.21 1.29
N GLY D 156 78.98 21.28 1.24
CA GLY D 156 79.52 20.67 2.44
C GLY D 156 80.70 19.78 2.14
N THR D 157 81.55 19.56 3.16
CA THR D 157 82.68 18.64 3.02
C THR D 157 82.17 17.20 3.25
N PRO D 158 82.86 16.16 2.73
CA PRO D 158 82.37 14.79 2.92
C PRO D 158 82.20 14.39 4.40
N GLY D 159 81.07 13.76 4.70
CA GLY D 159 80.72 13.34 6.06
C GLY D 159 79.79 14.29 6.78
N GLN D 160 79.73 15.55 6.32
CA GLN D 160 78.87 16.58 6.92
C GLN D 160 77.38 16.34 6.65
N ARG D 161 76.50 17.05 7.39
CA ARG D 161 75.07 16.93 7.19
C ARG D 161 74.58 18.22 6.55
N VAL D 162 74.22 18.19 5.27
CA VAL D 162 73.73 19.39 4.60
C VAL D 162 72.21 19.43 4.60
N THR D 163 71.62 20.61 4.80
CA THR D 163 70.16 20.73 4.85
C THR D 163 69.63 21.73 3.82
N ILE D 164 68.61 21.30 3.08
CA ILE D 164 67.98 22.15 2.07
C ILE D 164 66.60 22.52 2.54
N SER D 165 66.30 23.80 2.63
CA SER D 165 64.99 24.26 3.05
C SER D 165 64.06 24.44 1.83
N CYS D 166 62.76 24.31 2.06
CA CYS D 166 61.78 24.49 1.01
C CYS D 166 60.56 25.18 1.61
N SER D 167 60.46 26.49 1.41
CA SER D 167 59.36 27.29 1.95
C SER D 167 58.20 27.37 0.97
N GLY D 168 56.99 27.33 1.49
CA GLY D 168 55.78 27.43 0.70
C GLY D 168 54.69 28.24 1.37
N SER D 169 53.46 28.08 0.88
CA SER D 169 52.27 28.74 1.42
C SER D 169 51.29 27.74 2.04
N SER D 170 50.18 28.21 2.60
CA SER D 170 49.18 27.35 3.20
C SER D 170 48.49 26.48 2.16
N SER D 171 48.24 27.03 0.95
CA SER D 171 47.57 26.28 -0.10
C SER D 171 48.38 25.11 -0.65
N ASN D 172 49.72 25.14 -0.51
CA ASN D 172 50.53 24.03 -0.99
C ASN D 172 51.11 23.20 0.16
N ILE D 173 52.23 23.58 0.80
CA ILE D 173 52.84 22.76 1.85
C ILE D 173 51.95 22.66 3.07
N GLY D 174 51.31 23.74 3.44
CA GLY D 174 50.41 23.75 4.59
C GLY D 174 49.26 22.78 4.49
N SER D 175 48.88 22.39 3.26
CA SER D 175 47.73 21.50 3.04
C SER D 175 48.07 20.13 2.45
N ASN D 176 49.21 20.03 1.76
CA ASN D 176 49.59 18.80 1.09
C ASN D 176 50.95 18.25 1.54
N THR D 177 51.27 16.99 1.20
CA THR D 177 52.56 16.41 1.55
C THR D 177 53.63 16.91 0.59
N VAL D 178 54.88 16.89 1.06
CA VAL D 178 56.03 17.33 0.28
C VAL D 178 56.82 16.12 -0.23
N ASN D 179 57.29 16.21 -1.47
CA ASN D 179 58.11 15.19 -2.12
C ASN D 179 59.43 15.82 -2.56
N TRP D 180 60.51 15.04 -2.55
CA TRP D 180 61.83 15.51 -2.98
C TRP D 180 62.33 14.62 -4.09
N TYR D 181 63.02 15.22 -5.07
CA TYR D 181 63.58 14.51 -6.22
C TYR D 181 65.05 14.84 -6.38
N GLN D 182 65.85 13.85 -6.72
CA GLN D 182 67.27 14.05 -6.95
C GLN D 182 67.49 13.94 -8.44
N GLN D 183 68.18 14.92 -9.04
CA GLN D 183 68.46 14.90 -10.47
C GLN D 183 69.93 14.92 -10.77
N LEU D 184 70.44 13.81 -11.27
CA LEU D 184 71.83 13.71 -11.67
C LEU D 184 71.98 14.23 -13.09
N PRO D 185 73.19 14.70 -13.48
CA PRO D 185 73.36 15.24 -14.84
C PRO D 185 72.94 14.30 -15.97
N GLY D 186 72.17 14.85 -16.90
CA GLY D 186 71.70 14.12 -18.06
C GLY D 186 70.65 13.07 -17.80
N THR D 187 70.02 13.11 -16.63
CA THR D 187 68.99 12.14 -16.27
C THR D 187 67.71 12.86 -15.83
N ALA D 188 66.59 12.13 -15.82
CA ALA D 188 65.33 12.65 -15.34
C ALA D 188 65.38 12.68 -13.81
N PRO D 189 64.60 13.58 -13.17
CA PRO D 189 64.58 13.58 -11.70
C PRO D 189 64.08 12.24 -11.14
N LYS D 190 64.57 11.84 -9.97
CA LYS D 190 64.22 10.55 -9.38
C LYS D 190 63.58 10.78 -8.02
N LEU D 191 62.51 10.05 -7.66
CA LEU D 191 61.89 10.21 -6.34
C LEU D 191 62.91 9.90 -5.23
N LEU D 192 63.10 10.82 -4.30
CA LEU D 192 64.03 10.68 -3.20
C LEU D 192 63.23 10.54 -1.90
N ILE D 193 62.30 11.44 -1.65
CA ILE D 193 61.45 11.40 -0.46
C ILE D 193 60.01 11.61 -0.91
N TYR D 194 59.07 10.79 -0.45
CA TYR D 194 57.65 11.00 -0.76
C TYR D 194 56.86 11.09 0.54
N SER D 195 55.68 11.74 0.50
CA SER D 195 54.82 11.88 1.67
C SER D 195 55.56 12.39 2.93
N ASN D 196 56.32 13.48 2.77
CA ASN D 196 57.10 14.21 3.79
C ASN D 196 58.36 13.49 4.27
N THR D 197 58.27 12.22 4.71
CA THR D 197 59.42 11.53 5.30
C THR D 197 59.80 10.19 4.67
N GLN D 198 58.87 9.56 3.93
CA GLN D 198 59.10 8.24 3.36
C GLN D 198 60.18 8.17 2.30
N ARG D 199 60.92 7.04 2.25
CA ARG D 199 61.97 6.85 1.25
C ARG D 199 61.65 5.64 0.39
N PRO D 200 61.55 5.83 -0.93
CA PRO D 200 61.34 4.67 -1.81
C PRO D 200 62.52 3.71 -1.77
N SER D 201 62.30 2.44 -2.14
CA SER D 201 63.36 1.43 -2.12
C SER D 201 64.58 1.84 -2.94
N GLY D 202 65.74 1.81 -2.29
CA GLY D 202 66.98 2.23 -2.95
C GLY D 202 67.59 3.43 -2.27
N VAL D 203 66.74 4.36 -1.77
CA VAL D 203 67.20 5.56 -1.09
C VAL D 203 67.74 5.21 0.30
N PRO D 204 69.03 5.52 0.56
CA PRO D 204 69.63 5.18 1.87
C PRO D 204 69.11 6.00 3.03
N ASP D 205 69.33 5.50 4.24
CA ASP D 205 68.91 6.13 5.51
C ASP D 205 69.49 7.54 5.72
N ARG D 206 70.53 7.92 4.94
CA ARG D 206 71.20 9.21 4.99
C ARG D 206 70.28 10.37 4.59
N PHE D 207 69.34 10.11 3.68
CA PHE D 207 68.39 11.12 3.24
C PHE D 207 67.18 11.07 4.16
N SER D 208 66.71 12.24 4.60
CA SER D 208 65.56 12.30 5.50
C SER D 208 64.76 13.58 5.27
N GLY D 209 63.45 13.47 5.23
CA GLY D 209 62.59 14.62 5.04
C GLY D 209 61.86 15.02 6.31
N SER D 210 61.32 16.25 6.33
CA SER D 210 60.57 16.75 7.48
C SER D 210 59.66 17.89 7.05
N LYS D 211 58.45 17.96 7.59
CA LYS D 211 57.52 19.04 7.25
C LYS D 211 57.03 19.72 8.53
N SER D 212 57.01 21.05 8.52
CA SER D 212 56.48 21.81 9.65
C SER D 212 55.74 23.03 9.11
N ALA D 213 54.45 23.12 9.45
CA ALA D 213 53.56 24.20 9.04
C ALA D 213 53.66 24.44 7.46
N THR D 214 54.17 25.59 6.91
CA THR D 214 54.27 25.77 5.46
C THR D 214 55.71 25.64 4.98
N SER D 215 56.50 24.79 5.64
CA SER D 215 57.89 24.60 5.27
C SER D 215 58.29 23.14 5.32
N ALA D 216 59.26 22.76 4.50
CA ALA D 216 59.79 21.41 4.43
C ALA D 216 61.33 21.46 4.41
N SER D 217 61.99 20.33 4.71
CA SER D 217 63.44 20.28 4.73
C SER D 217 63.97 18.91 4.34
N LEU D 218 65.06 18.89 3.57
CA LEU D 218 65.74 17.67 3.19
C LEU D 218 67.08 17.67 3.91
N ALA D 219 67.46 16.58 4.56
CA ALA D 219 68.73 16.49 5.26
C ALA D 219 69.58 15.34 4.73
N ILE D 220 70.75 15.66 4.16
CA ILE D 220 71.66 14.64 3.64
C ILE D 220 72.79 14.48 4.67
N SER D 221 72.61 13.63 5.67
CA SER D 221 73.67 13.38 6.66
C SER D 221 74.74 12.46 6.04
N GLY D 222 75.97 12.53 6.55
CA GLY D 222 77.09 11.73 6.05
C GLY D 222 77.32 11.87 4.55
N LEU D 223 77.35 13.14 4.09
CA LEU D 223 77.54 13.53 2.69
C LEU D 223 78.62 12.74 1.95
N GLN D 224 78.28 12.28 0.75
CA GLN D 224 79.20 11.54 -0.12
C GLN D 224 79.36 12.25 -1.45
N SER D 225 80.46 12.01 -2.16
CA SER D 225 80.70 12.65 -3.46
C SER D 225 79.60 12.32 -4.47
N GLU D 226 79.03 11.11 -4.37
CA GLU D 226 77.93 10.64 -5.22
C GLU D 226 76.63 11.45 -5.09
N ASP D 227 76.52 12.28 -4.03
CA ASP D 227 75.34 13.12 -3.77
C ASP D 227 75.36 14.48 -4.49
N GLU D 228 76.44 14.79 -5.22
CA GLU D 228 76.54 16.05 -5.96
C GLU D 228 75.54 15.95 -7.11
N ALA D 229 74.37 16.60 -6.92
CA ALA D 229 73.25 16.58 -7.86
C ALA D 229 72.29 17.78 -7.57
N ASP D 230 71.24 17.98 -8.40
CA ASP D 230 70.24 19.02 -8.17
C ASP D 230 69.12 18.40 -7.35
N TYR D 231 68.60 19.12 -6.37
CA TYR D 231 67.52 18.59 -5.53
C TYR D 231 66.30 19.46 -5.65
N TYR D 232 65.17 18.87 -6.06
CA TYR D 232 63.94 19.62 -6.21
C TYR D 232 62.93 19.22 -5.16
N CYS D 233 62.22 20.19 -4.64
CA CYS D 233 61.14 19.96 -3.70
C CYS D 233 59.81 20.17 -4.42
N ALA D 234 58.77 19.42 -4.05
CA ALA D 234 57.48 19.51 -4.75
C ALA D 234 56.31 19.27 -3.83
N ALA D 235 55.17 19.88 -4.16
CA ALA D 235 53.95 19.71 -3.41
C ALA D 235 52.73 20.06 -4.27
N TRP D 236 51.57 19.52 -3.93
CA TRP D 236 50.34 19.87 -4.64
C TRP D 236 49.87 21.22 -4.12
N ASP D 237 49.40 22.09 -5.00
CA ASP D 237 48.89 23.40 -4.61
C ASP D 237 47.39 23.42 -4.92
N ASP D 238 46.56 23.63 -3.89
CA ASP D 238 45.11 23.66 -4.06
C ASP D 238 44.58 24.97 -4.66
N SER D 239 45.47 25.93 -5.02
CA SER D 239 45.08 27.19 -5.65
C SER D 239 44.54 26.89 -7.06
N LEU D 240 43.49 27.63 -7.49
CA LEU D 240 42.83 27.43 -8.78
C LEU D 240 42.27 25.97 -8.85
N ASN D 241 42.30 25.27 -10.02
CA ASN D 241 41.81 23.89 -10.09
C ASN D 241 42.87 22.87 -9.63
N GLY D 242 43.92 23.34 -8.96
CA GLY D 242 44.97 22.47 -8.48
C GLY D 242 46.09 22.30 -9.49
N HIS D 243 47.32 22.23 -9.00
CA HIS D 243 48.53 22.05 -9.79
C HIS D 243 49.67 21.60 -8.89
N VAL D 244 50.67 20.94 -9.46
CA VAL D 244 51.84 20.54 -8.68
C VAL D 244 52.89 21.63 -8.84
N VAL D 245 53.32 22.21 -7.72
CA VAL D 245 54.34 23.23 -7.73
C VAL D 245 55.73 22.65 -7.38
N PHE D 246 56.78 23.21 -7.96
CA PHE D 246 58.13 22.76 -7.73
C PHE D 246 58.99 23.87 -7.16
N GLY D 247 60.08 23.49 -6.51
CA GLY D 247 61.07 24.42 -6.00
C GLY D 247 62.05 24.77 -7.10
N GLY D 248 62.79 25.84 -6.90
CA GLY D 248 63.77 26.29 -7.88
C GLY D 248 64.89 25.30 -8.16
N GLY D 249 65.19 24.47 -7.17
CA GLY D 249 66.26 23.49 -7.23
C GLY D 249 67.43 23.90 -6.38
N THR D 250 68.21 22.92 -5.95
CA THR D 250 69.39 23.17 -5.13
C THR D 250 70.57 22.38 -5.65
N LYS D 251 71.61 23.06 -6.12
CA LYS D 251 72.80 22.39 -6.62
C LYS D 251 73.67 22.07 -5.41
N VAL D 252 73.62 20.84 -4.91
CA VAL D 252 74.45 20.45 -3.78
C VAL D 252 75.84 20.13 -4.29
N THR D 253 76.83 20.85 -3.79
CA THR D 253 78.20 20.65 -4.20
C THR D 253 79.00 20.04 -3.08
N VAL D 254 79.64 18.89 -3.33
CA VAL D 254 80.51 18.28 -2.33
C VAL D 254 81.88 18.92 -2.47
N LEU D 255 82.27 19.62 -1.43
CA LEU D 255 83.53 20.31 -1.34
C LEU D 255 84.63 19.31 -0.96
N GLY D 256 85.88 19.71 -1.15
CA GLY D 256 87.00 18.85 -0.79
C GLY D 256 87.11 18.75 0.71
N ALA D 257 87.46 17.57 1.24
CA ALA D 257 87.59 17.41 2.69
C ALA D 257 88.63 18.37 3.28
N ALA D 258 88.40 18.82 4.52
CA ALA D 258 89.28 19.77 5.22
C ALA D 258 90.70 19.24 5.42
N ALA D 259 91.66 20.16 5.54
CA ALA D 259 93.05 19.80 5.77
C ALA D 259 93.17 19.20 7.17
N GLU D 260 93.98 18.14 7.34
CA GLU D 260 94.10 17.51 8.64
C GLU D 260 95.43 17.75 9.29
N ASN D 261 95.41 18.15 10.55
CA ASN D 261 96.63 18.32 11.33
C ASN D 261 97.26 16.95 11.55
N LEU D 262 98.59 16.86 11.49
CA LEU D 262 99.26 15.58 11.60
C LEU D 262 99.77 15.24 13.00
N TYR D 263 99.69 16.18 13.96
CA TYR D 263 100.12 15.91 15.33
C TYR D 263 98.89 15.81 16.23
N ARG E 5 7.49 -12.39 -2.67
CA ARG E 5 7.33 -12.47 -1.22
C ARG E 5 8.50 -13.23 -0.55
N ILE E 6 8.50 -14.59 -0.56
CA ILE E 6 9.55 -15.39 0.10
C ILE E 6 10.32 -16.20 -0.93
N GLY E 7 11.51 -15.74 -1.28
CA GLY E 7 12.34 -16.42 -2.27
C GLY E 7 11.69 -16.34 -3.63
N TYR E 8 11.49 -17.49 -4.30
CA TYR E 8 10.82 -17.48 -5.60
C TYR E 8 9.35 -17.85 -5.47
N TYR E 9 8.71 -17.43 -4.37
CA TYR E 9 7.30 -17.76 -4.13
C TYR E 9 6.43 -16.55 -3.77
N GLU E 10 5.24 -16.49 -4.35
CA GLU E 10 4.26 -15.44 -4.09
C GLU E 10 3.22 -16.08 -3.19
N ILE E 11 3.02 -15.55 -1.97
CA ILE E 11 2.06 -16.17 -1.05
C ILE E 11 0.62 -15.83 -1.45
N ASP E 12 -0.24 -16.86 -1.52
CA ASP E 12 -1.64 -16.71 -1.88
C ASP E 12 -2.54 -16.48 -0.68
N ARG E 13 -2.61 -17.45 0.24
CA ARG E 13 -3.49 -17.37 1.41
C ARG E 13 -3.12 -18.42 2.47
N THR E 14 -3.65 -18.28 3.69
CA THR E 14 -3.40 -19.27 4.73
C THR E 14 -4.36 -20.43 4.48
N ILE E 15 -3.83 -21.64 4.27
CA ILE E 15 -4.67 -22.79 4.03
C ILE E 15 -4.88 -23.66 5.27
N GLY E 16 -3.96 -23.59 6.23
CA GLY E 16 -4.08 -24.35 7.46
C GLY E 16 -3.16 -23.88 8.54
N LYS E 17 -3.03 -24.68 9.60
CA LYS E 17 -2.13 -24.37 10.71
C LYS E 17 -1.31 -25.60 11.14
N GLY E 18 -0.35 -25.40 12.03
CA GLY E 18 0.53 -26.44 12.56
C GLY E 18 1.14 -26.01 13.88
N ASN E 19 1.82 -26.92 14.60
CA ASN E 19 2.43 -26.57 15.90
C ASN E 19 3.43 -25.42 15.74
N PHE E 20 3.11 -24.24 16.31
CA PHE E 20 3.93 -23.01 16.18
C PHE E 20 4.18 -22.64 14.72
N ALA E 21 3.23 -22.96 13.84
CA ALA E 21 3.38 -22.73 12.42
C ALA E 21 2.06 -22.42 11.72
N VAL E 22 2.13 -21.83 10.52
CA VAL E 22 0.98 -21.52 9.71
C VAL E 22 1.26 -22.07 8.30
N VAL E 23 0.34 -22.86 7.75
CA VAL E 23 0.51 -23.42 6.41
C VAL E 23 -0.14 -22.45 5.41
N LYS E 24 0.58 -22.11 4.33
CA LYS E 24 0.09 -21.19 3.32
C LYS E 24 0.24 -21.73 1.93
N ARG E 25 -0.65 -21.37 1.01
CA ARG E 25 -0.51 -21.77 -0.39
C ARG E 25 0.37 -20.71 -1.06
N ALA E 26 1.22 -21.12 -2.00
CA ALA E 26 2.09 -20.18 -2.70
C ALA E 26 2.25 -20.59 -4.17
N THR E 27 2.71 -19.67 -5.02
CA THR E 27 2.95 -19.96 -6.43
C THR E 27 4.42 -19.76 -6.73
N HIS E 28 5.07 -20.71 -7.43
CA HIS E 28 6.48 -20.53 -7.81
C HIS E 28 6.49 -19.48 -8.91
N LEU E 29 7.23 -18.40 -8.73
CA LEU E 29 7.31 -17.32 -9.71
C LEU E 29 7.88 -17.72 -11.07
N VAL E 30 8.74 -18.74 -11.13
CA VAL E 30 9.36 -19.16 -12.38
C VAL E 30 8.57 -20.25 -13.11
N THR E 31 7.88 -21.15 -12.37
CA THR E 31 7.14 -22.26 -12.99
C THR E 31 5.62 -22.05 -13.03
N LYS E 32 5.11 -21.16 -12.19
CA LYS E 32 3.69 -20.85 -12.00
C LYS E 32 2.90 -22.01 -11.34
N ALA E 33 3.61 -22.99 -10.73
CA ALA E 33 2.96 -24.11 -10.07
C ALA E 33 2.58 -23.76 -8.62
N LYS E 34 1.62 -24.49 -8.03
CA LYS E 34 1.21 -24.25 -6.65
C LYS E 34 1.96 -25.16 -5.70
N VAL E 35 2.34 -24.64 -4.52
CA VAL E 35 3.03 -25.38 -3.47
C VAL E 35 2.46 -24.98 -2.09
N ALA E 36 2.74 -25.76 -1.04
CA ALA E 36 2.31 -25.42 0.32
C ALA E 36 3.57 -25.08 1.13
N ILE E 37 3.56 -23.99 1.91
CA ILE E 37 4.70 -23.57 2.72
C ILE E 37 4.38 -23.50 4.21
N LYS E 38 5.00 -24.37 5.04
CA LYS E 38 4.81 -24.29 6.49
C LYS E 38 5.75 -23.22 7.00
N ILE E 39 5.21 -22.16 7.61
CA ILE E 39 6.03 -21.08 8.14
C ILE E 39 6.15 -21.22 9.65
N ILE E 40 7.31 -21.68 10.13
CA ILE E 40 7.52 -21.91 11.55
C ILE E 40 8.20 -20.75 12.21
N ASP E 41 7.59 -20.23 13.28
CA ASP E 41 8.16 -19.09 13.99
C ASP E 41 9.18 -19.55 15.01
N LYS E 42 10.46 -19.24 14.77
CA LYS E 42 11.55 -19.67 15.65
C LYS E 42 11.59 -18.94 16.99
N THR E 43 10.83 -17.84 17.15
CA THR E 43 10.86 -17.07 18.40
C THR E 43 10.28 -17.86 19.58
N GLN E 44 9.24 -18.65 19.31
CA GLN E 44 8.61 -19.46 20.34
C GLN E 44 9.10 -20.92 20.25
N LEU E 45 10.37 -21.14 19.87
CA LEU E 45 10.92 -22.49 19.76
C LEU E 45 12.16 -22.64 20.63
N ASP E 46 12.30 -23.79 21.29
CA ASP E 46 13.48 -24.06 22.13
C ASP E 46 14.46 -25.02 21.39
N GLU E 47 15.64 -25.25 21.98
CA GLU E 47 16.69 -26.12 21.47
C GLU E 47 16.15 -27.50 21.04
N GLU E 48 15.35 -28.16 21.90
CA GLU E 48 14.77 -29.48 21.65
C GLU E 48 13.75 -29.44 20.50
N ASN E 49 13.02 -28.31 20.36
CA ASN E 49 12.03 -28.15 19.31
C ASN E 49 12.70 -27.97 17.95
N LEU E 50 13.79 -27.18 17.90
CA LEU E 50 14.56 -26.93 16.68
C LEU E 50 15.16 -28.22 16.12
N LYS E 51 15.61 -29.10 17.01
CA LYS E 51 16.18 -30.40 16.65
C LYS E 51 15.10 -31.33 16.06
N LYS E 52 13.86 -31.24 16.59
CA LYS E 52 12.71 -32.01 16.11
C LYS E 52 12.31 -31.57 14.70
N ILE E 53 12.49 -30.28 14.36
CA ILE E 53 12.18 -29.75 13.04
C ILE E 53 13.20 -30.30 12.02
N PHE E 54 14.48 -30.37 12.41
CA PHE E 54 15.52 -30.90 11.53
C PHE E 54 15.36 -32.41 11.31
N ARG E 55 14.83 -33.13 12.31
CA ARG E 55 14.56 -34.56 12.19
C ARG E 55 13.40 -34.77 11.20
N GLU E 56 12.34 -33.94 11.32
CA GLU E 56 11.17 -33.97 10.43
C GLU E 56 11.63 -33.80 8.97
N VAL E 57 12.53 -32.83 8.71
CA VAL E 57 13.06 -32.57 7.37
C VAL E 57 13.90 -33.75 6.89
N GLN E 58 14.82 -34.26 7.73
CA GLN E 58 15.69 -35.39 7.35
C GLN E 58 14.93 -36.67 7.08
N ILE E 59 13.76 -36.86 7.69
CA ILE E 59 12.94 -38.03 7.43
C ILE E 59 12.21 -37.85 6.10
N MET E 60 11.67 -36.65 5.87
CA MET E 60 10.99 -36.36 4.59
C MET E 60 11.95 -36.47 3.41
N LYS E 61 13.24 -36.14 3.62
CA LYS E 61 14.28 -36.25 2.60
C LYS E 61 14.61 -37.71 2.19
N MET E 62 14.03 -38.71 2.90
CA MET E 62 14.20 -40.15 2.64
C MET E 62 12.99 -40.79 1.95
N LEU E 63 11.83 -40.13 1.98
CA LEU E 63 10.61 -40.72 1.48
C LEU E 63 10.11 -40.21 0.13
N SER E 64 10.23 -41.06 -0.90
CA SER E 64 9.72 -40.74 -2.23
C SER E 64 8.76 -41.89 -2.61
N HIS E 65 7.46 -41.62 -2.54
CA HIS E 65 6.41 -42.61 -2.79
C HIS E 65 5.15 -41.91 -3.36
N PRO E 66 4.40 -42.57 -4.27
CA PRO E 66 3.22 -41.92 -4.86
C PRO E 66 2.16 -41.45 -3.87
N HIS E 67 2.14 -42.01 -2.65
CA HIS E 67 1.15 -41.63 -1.64
C HIS E 67 1.74 -40.92 -0.44
N ILE E 68 2.87 -40.24 -0.63
CA ILE E 68 3.49 -39.43 0.42
C ILE E 68 3.77 -38.02 -0.15
N ILE E 69 3.50 -36.96 0.65
CA ILE E 69 3.71 -35.58 0.24
C ILE E 69 5.20 -35.33 0.01
N ARG E 70 5.53 -34.76 -1.15
CA ARG E 70 6.92 -34.55 -1.55
C ARG E 70 7.47 -33.20 -1.11
N LEU E 71 8.59 -33.21 -0.35
CA LEU E 71 9.27 -32.00 0.10
C LEU E 71 10.09 -31.48 -1.08
N TYR E 72 9.93 -30.20 -1.42
CA TYR E 72 10.62 -29.57 -2.54
C TYR E 72 11.81 -28.71 -2.11
N GLN E 73 11.62 -27.85 -1.11
CA GLN E 73 12.67 -26.92 -0.70
C GLN E 73 12.58 -26.54 0.78
N VAL E 74 13.71 -26.21 1.40
CA VAL E 74 13.75 -25.77 2.79
C VAL E 74 14.53 -24.46 2.83
N MET E 75 13.91 -23.40 3.39
CA MET E 75 14.55 -22.09 3.49
C MET E 75 14.57 -21.64 4.95
N GLU E 76 15.67 -21.01 5.38
CA GLU E 76 15.78 -20.55 6.76
C GLU E 76 16.32 -19.14 6.86
N THR E 77 15.59 -18.27 7.58
CA THR E 77 15.94 -16.88 7.85
C THR E 77 16.28 -16.72 9.34
N GLU E 78 16.73 -15.51 9.76
CA GLU E 78 17.09 -15.24 11.15
C GLU E 78 15.89 -15.45 12.14
N ARG E 79 14.64 -15.31 11.67
CA ARG E 79 13.48 -15.47 12.55
C ARG E 79 12.49 -16.55 12.10
N MET E 80 12.66 -17.10 10.88
CA MET E 80 11.73 -18.09 10.37
C MET E 80 12.36 -19.29 9.67
N ILE E 81 11.57 -20.37 9.54
CA ILE E 81 11.98 -21.58 8.84
C ILE E 81 10.78 -21.96 7.95
N TYR E 82 11.00 -22.08 6.64
CA TYR E 82 9.96 -22.36 5.66
C TYR E 82 10.18 -23.73 5.03
N LEU E 83 9.14 -24.56 4.99
CA LEU E 83 9.21 -25.87 4.37
C LEU E 83 8.27 -25.87 3.18
N VAL E 84 8.79 -26.02 1.98
CA VAL E 84 7.96 -26.03 0.77
C VAL E 84 7.70 -27.45 0.30
N THR E 85 6.44 -27.88 0.20
CA THR E 85 6.08 -29.23 -0.27
C THR E 85 5.05 -29.15 -1.43
N GLU E 86 4.76 -30.30 -2.10
CA GLU E 86 3.74 -30.30 -3.15
C GLU E 86 2.38 -29.93 -2.61
N TYR E 87 1.54 -29.36 -3.47
CA TYR E 87 0.22 -28.91 -3.04
C TYR E 87 -0.83 -29.98 -3.27
N ALA E 88 -1.49 -30.40 -2.17
CA ALA E 88 -2.56 -31.39 -2.18
C ALA E 88 -3.85 -30.61 -2.45
N SER E 89 -4.17 -30.42 -3.74
CA SER E 89 -5.31 -29.67 -4.26
C SER E 89 -6.63 -29.96 -3.57
N GLY E 90 -6.88 -31.24 -3.27
CA GLY E 90 -8.12 -31.69 -2.64
C GLY E 90 -8.24 -31.47 -1.15
N GLY E 91 -7.22 -30.90 -0.54
CA GLY E 91 -7.27 -30.61 0.89
C GLY E 91 -7.16 -31.85 1.75
N GLU E 92 -7.69 -31.81 2.98
CA GLU E 92 -7.59 -32.97 3.86
C GLU E 92 -8.85 -33.86 3.86
N ILE E 93 -8.68 -35.16 4.23
CA ILE E 93 -9.74 -36.17 4.29
C ILE E 93 -10.79 -35.71 5.31
N PHE E 94 -10.35 -35.12 6.44
CA PHE E 94 -11.19 -34.59 7.50
C PHE E 94 -12.26 -33.65 6.95
N ASP E 95 -11.85 -32.70 6.10
CA ASP E 95 -12.77 -31.73 5.50
C ASP E 95 -13.73 -32.38 4.51
N HIS E 96 -13.28 -33.44 3.82
CA HIS E 96 -14.11 -34.20 2.91
C HIS E 96 -15.19 -34.99 3.66
N LEU E 97 -14.85 -35.48 4.87
CA LEU E 97 -15.79 -36.17 5.75
C LEU E 97 -16.79 -35.18 6.33
N VAL E 98 -16.36 -33.95 6.64
CA VAL E 98 -17.25 -32.93 7.15
C VAL E 98 -18.27 -32.54 6.06
N ALA E 99 -17.84 -32.51 4.79
CA ALA E 99 -18.71 -32.15 3.70
C ALA E 99 -19.66 -33.22 3.24
N HIS E 100 -19.25 -34.51 3.27
CA HIS E 100 -20.10 -35.56 2.73
C HIS E 100 -20.44 -36.74 3.67
N GLY E 101 -19.90 -36.72 4.87
CA GLY E 101 -20.16 -37.76 5.85
C GLY E 101 -19.39 -39.03 5.59
N ARG E 102 -19.82 -40.13 6.22
CA ARG E 102 -19.18 -41.43 6.10
C ARG E 102 -19.00 -41.90 4.67
N MET E 103 -17.89 -42.55 4.40
CA MET E 103 -17.59 -43.09 3.09
C MET E 103 -18.19 -44.47 2.96
N ALA E 104 -18.66 -44.82 1.75
CA ALA E 104 -19.14 -46.17 1.48
C ALA E 104 -17.95 -47.13 1.59
N GLU E 105 -18.14 -48.34 2.12
CA GLU E 105 -17.02 -49.29 2.30
C GLU E 105 -16.19 -49.51 1.02
N LYS E 106 -16.79 -49.37 -0.16
CA LYS E 106 -16.09 -49.51 -1.42
C LYS E 106 -15.10 -48.35 -1.61
N GLU E 107 -15.58 -47.11 -1.39
CA GLU E 107 -14.78 -45.89 -1.50
C GLU E 107 -13.71 -45.86 -0.41
N ALA E 108 -14.09 -46.26 0.82
CA ALA E 108 -13.21 -46.30 1.99
C ALA E 108 -12.12 -47.38 1.85
N ARG E 109 -12.40 -48.46 1.12
CA ARG E 109 -11.41 -49.50 0.89
C ARG E 109 -10.32 -48.92 -0.02
N ARG E 110 -10.72 -48.21 -1.08
CA ARG E 110 -9.78 -47.59 -1.99
C ARG E 110 -8.77 -46.66 -1.28
N LYS E 111 -9.27 -45.75 -0.43
CA LYS E 111 -8.42 -44.80 0.30
C LYS E 111 -7.58 -45.53 1.34
N PHE E 112 -8.17 -46.47 2.09
CA PHE E 112 -7.44 -47.23 3.11
C PHE E 112 -6.30 -48.03 2.50
N LYS E 113 -6.50 -48.58 1.29
CA LYS E 113 -5.45 -49.31 0.57
C LYS E 113 -4.30 -48.38 0.25
N GLN E 114 -4.59 -47.14 -0.20
CA GLN E 114 -3.58 -46.14 -0.50
C GLN E 114 -2.84 -45.74 0.77
N ILE E 115 -3.57 -45.58 1.88
CA ILE E 115 -2.98 -45.19 3.15
C ILE E 115 -2.03 -46.27 3.66
N VAL E 116 -2.49 -47.53 3.78
CA VAL E 116 -1.60 -48.60 4.25
C VAL E 116 -0.40 -48.82 3.32
N THR E 117 -0.51 -48.44 2.05
CA THR E 117 0.57 -48.54 1.09
C THR E 117 1.68 -47.56 1.48
N ALA E 118 1.29 -46.33 1.81
CA ALA E 118 2.24 -45.31 2.23
C ALA E 118 2.86 -45.66 3.59
N VAL E 119 2.05 -46.17 4.54
CA VAL E 119 2.50 -46.53 5.88
C VAL E 119 3.43 -47.75 5.85
N TYR E 120 3.14 -48.72 4.98
CA TYR E 120 3.98 -49.91 4.82
C TYR E 120 5.36 -49.47 4.28
N PHE E 121 5.38 -48.55 3.32
CA PHE E 121 6.61 -48.03 2.74
C PHE E 121 7.49 -47.29 3.79
N CYS E 122 6.89 -46.55 4.73
CA CYS E 122 7.63 -45.86 5.81
C CYS E 122 8.27 -46.91 6.71
N HIS E 123 7.49 -47.92 7.14
CA HIS E 123 7.99 -49.00 8.00
C HIS E 123 9.12 -49.81 7.30
N SER E 124 9.14 -49.83 5.95
CA SER E 124 10.20 -50.48 5.16
C SER E 124 11.46 -49.65 5.33
N ARG E 125 11.35 -48.32 5.19
CA ARG E 125 12.50 -47.43 5.36
C ARG E 125 12.85 -47.18 6.84
N ASN E 126 12.32 -48.01 7.77
CA ASN E 126 12.52 -47.93 9.21
C ASN E 126 12.08 -46.59 9.81
N ILE E 127 10.89 -46.12 9.41
CA ILE E 127 10.34 -44.87 9.89
C ILE E 127 8.90 -45.10 10.35
N VAL E 128 8.52 -44.52 11.48
CA VAL E 128 7.16 -44.59 11.98
C VAL E 128 6.55 -43.19 11.97
N HIS E 129 5.27 -43.06 11.54
CA HIS E 129 4.61 -41.77 11.47
C HIS E 129 4.26 -41.23 12.85
N ARG E 130 3.58 -42.05 13.67
CA ARG E 130 3.15 -41.74 15.03
C ARG E 130 2.15 -40.59 15.15
N ASP E 131 1.71 -39.98 14.03
CA ASP E 131 0.73 -38.90 14.07
C ASP E 131 -0.23 -39.00 12.89
N LEU E 132 -0.77 -40.21 12.66
CA LEU E 132 -1.74 -40.40 11.58
C LEU E 132 -3.08 -39.90 12.08
N LYS E 133 -3.76 -39.05 11.29
CA LYS E 133 -5.08 -38.51 11.61
C LYS E 133 -5.78 -38.08 10.33
N ALA E 134 -7.10 -37.87 10.37
CA ALA E 134 -7.85 -37.48 9.17
C ALA E 134 -7.38 -36.14 8.60
N GLU E 135 -6.91 -35.23 9.46
CA GLU E 135 -6.42 -33.93 9.04
C GLU E 135 -4.99 -33.97 8.43
N ASN E 136 -4.33 -35.13 8.43
CA ASN E 136 -3.00 -35.36 7.86
C ASN E 136 -3.03 -36.22 6.59
N LEU E 137 -4.17 -36.82 6.29
CA LEU E 137 -4.33 -37.65 5.11
C LEU E 137 -4.90 -36.73 4.06
N LEU E 138 -4.04 -36.20 3.20
CA LEU E 138 -4.49 -35.24 2.18
C LEU E 138 -4.85 -35.92 0.87
N LEU E 139 -5.54 -35.17 0.00
CA LEU E 139 -5.99 -35.68 -1.29
C LEU E 139 -5.42 -34.82 -2.41
N ASP E 140 -4.94 -35.44 -3.48
CA ASP E 140 -4.43 -34.70 -4.62
C ASP E 140 -5.61 -34.22 -5.54
N ALA E 141 -5.31 -33.72 -6.76
CA ALA E 141 -6.34 -33.27 -7.69
C ALA E 141 -7.25 -34.42 -8.15
N ASN E 142 -6.73 -35.66 -8.19
CA ASN E 142 -7.48 -36.85 -8.59
C ASN E 142 -8.06 -37.62 -7.38
N LEU E 143 -8.12 -36.96 -6.19
CA LEU E 143 -8.62 -37.50 -4.93
C LEU E 143 -7.88 -38.74 -4.45
N ASN E 144 -6.56 -38.74 -4.58
CA ASN E 144 -5.73 -39.84 -4.13
C ASN E 144 -4.95 -39.42 -2.89
N ILE E 145 -4.83 -40.34 -1.94
CA ILE E 145 -4.15 -40.11 -0.68
C ILE E 145 -2.68 -39.70 -0.82
N LYS E 146 -2.27 -38.73 0.01
CA LYS E 146 -0.92 -38.21 0.15
C LYS E 146 -0.71 -38.01 1.65
N ILE E 147 0.05 -38.90 2.30
CA ILE E 147 0.33 -38.81 3.73
C ILE E 147 1.22 -37.59 3.98
N ALA E 148 0.93 -36.81 5.04
CA ALA E 148 1.68 -35.59 5.32
C ALA E 148 1.97 -35.38 6.84
N ASP E 149 2.81 -34.38 7.20
CA ASP E 149 3.16 -34.03 8.58
C ASP E 149 3.93 -35.11 9.32
N PHE E 150 5.24 -35.11 9.09
CA PHE E 150 6.13 -36.04 9.75
C PHE E 150 6.81 -35.36 10.95
N GLY E 151 6.10 -34.49 11.66
CA GLY E 151 6.62 -33.75 12.80
C GLY E 151 6.90 -34.65 13.98
N PHE E 152 6.04 -35.66 14.17
CA PHE E 152 6.24 -36.61 15.28
C PHE E 152 6.96 -37.89 14.84
N SER E 153 7.38 -38.00 13.58
CA SER E 153 8.05 -39.17 13.02
C SER E 153 9.42 -39.44 13.58
N ASN E 154 9.87 -40.69 13.48
CA ASN E 154 11.18 -41.07 13.99
C ASN E 154 11.67 -42.38 13.39
N LEU E 155 12.97 -42.49 13.28
CA LEU E 155 13.59 -43.71 12.77
C LEU E 155 13.55 -44.79 13.86
N PHE E 156 13.27 -46.03 13.48
CA PHE E 156 13.23 -47.13 14.43
C PHE E 156 13.98 -48.36 13.89
N THR E 157 14.35 -49.25 14.79
CA THR E 157 14.96 -50.52 14.44
C THR E 157 13.95 -51.59 14.87
N PRO E 158 13.60 -52.55 14.00
CA PRO E 158 12.63 -53.59 14.41
C PRO E 158 13.01 -54.30 15.71
N GLY E 159 12.08 -54.30 16.67
CA GLY E 159 12.28 -54.88 17.98
C GLY E 159 12.78 -53.91 19.04
N GLN E 160 12.70 -52.59 18.75
CA GLN E 160 13.14 -51.57 19.72
C GLN E 160 11.95 -50.87 20.35
N LEU E 161 12.16 -50.28 21.53
CA LEU E 161 11.08 -49.56 22.20
C LEU E 161 11.31 -48.04 22.26
N LEU E 162 10.32 -47.27 21.77
CA LEU E 162 10.38 -45.82 21.75
C LEU E 162 9.85 -45.20 23.03
N LYS E 163 10.33 -44.00 23.36
CA LYS E 163 9.94 -43.33 24.61
C LYS E 163 9.35 -41.94 24.42
N TPO E 164 8.91 -41.59 23.20
CA TPO E 164 8.32 -40.27 22.98
CB TPO E 164 8.83 -39.55 21.72
CG2 TPO E 164 8.13 -38.19 21.62
OG1 TPO E 164 10.23 -39.29 21.90
P TPO E 164 11.10 -39.62 20.69
O1P TPO E 164 10.69 -38.77 19.50
O2P TPO E 164 12.54 -39.24 21.09
O3P TPO E 164 11.04 -41.12 20.35
C TPO E 164 6.82 -40.41 22.94
O TPO E 164 6.29 -41.03 22.03
N TRP E 165 6.13 -39.84 23.94
CA TRP E 165 4.67 -39.96 23.98
C TRP E 165 3.99 -38.84 23.21
N CYS E 166 3.89 -39.02 21.89
CA CYS E 166 3.35 -38.04 20.96
C CYS E 166 2.30 -38.66 20.03
N GLY E 167 1.45 -37.80 19.46
CA GLY E 167 0.41 -38.22 18.54
C GLY E 167 -0.87 -37.42 18.70
N SER E 168 -1.83 -37.60 17.78
CA SER E 168 -3.11 -36.90 17.85
C SER E 168 -3.97 -37.65 18.85
N PRO E 169 -4.37 -37.02 19.98
CA PRO E 169 -5.08 -37.75 21.03
C PRO E 169 -6.16 -38.74 20.59
N PRO E 170 -7.17 -38.44 19.74
CA PRO E 170 -8.14 -39.48 19.38
C PRO E 170 -7.50 -40.69 18.68
N TYR E 171 -6.58 -40.44 17.75
CA TYR E 171 -5.93 -41.52 17.01
C TYR E 171 -4.72 -42.13 17.74
N ALA E 172 -4.44 -41.74 19.00
CA ALA E 172 -3.30 -42.26 19.75
C ALA E 172 -3.58 -43.58 20.45
N ALA E 173 -2.59 -44.50 20.40
CA ALA E 173 -2.65 -45.82 21.02
C ALA E 173 -2.69 -45.71 22.55
N PRO E 174 -3.31 -46.67 23.26
CA PRO E 174 -3.40 -46.56 24.73
C PRO E 174 -2.07 -46.45 25.45
N GLU E 175 -1.02 -47.16 24.99
CA GLU E 175 0.32 -47.15 25.58
C GLU E 175 0.93 -45.76 25.62
N LEU E 176 0.57 -44.89 24.66
CA LEU E 176 1.08 -43.54 24.61
C LEU E 176 0.50 -42.72 25.75
N PHE E 177 -0.77 -42.94 26.13
CA PHE E 177 -1.42 -42.26 27.25
C PHE E 177 -0.88 -42.78 28.59
N GLU E 178 -0.59 -44.09 28.66
CA GLU E 178 -0.06 -44.76 29.84
C GLU E 178 1.44 -44.51 30.11
N GLY E 179 2.14 -43.96 29.11
CA GLY E 179 3.56 -43.68 29.22
C GLY E 179 4.42 -44.92 29.20
N LYS E 180 4.05 -45.90 28.39
CA LYS E 180 4.78 -47.16 28.27
C LYS E 180 5.72 -47.12 27.07
N GLU E 181 6.91 -47.75 27.18
CA GLU E 181 7.84 -47.83 26.05
C GLU E 181 7.18 -48.77 25.04
N TYR E 182 7.00 -48.30 23.81
CA TYR E 182 6.21 -49.02 22.81
C TYR E 182 6.95 -49.43 21.54
N ASP E 183 6.29 -50.28 20.73
CA ASP E 183 6.81 -50.66 19.42
C ASP E 183 6.19 -49.69 18.44
N GLY E 184 7.04 -49.05 17.65
CA GLY E 184 6.63 -48.06 16.66
C GLY E 184 5.50 -48.48 15.73
N PRO E 185 5.71 -49.52 14.89
CA PRO E 185 4.64 -49.92 13.96
C PRO E 185 3.30 -50.25 14.61
N LYS E 186 3.29 -50.89 15.81
CA LYS E 186 2.04 -51.21 16.50
C LYS E 186 1.24 -49.96 16.89
N VAL E 187 1.92 -48.84 17.13
CA VAL E 187 1.28 -47.57 17.44
C VAL E 187 0.57 -47.02 16.18
N ASP E 188 1.20 -47.20 15.00
CA ASP E 188 0.64 -46.80 13.70
C ASP E 188 -0.54 -47.70 13.32
N ILE E 189 -0.51 -48.97 13.70
CA ILE E 189 -1.59 -49.91 13.42
C ILE E 189 -2.83 -49.55 14.24
N TRP E 190 -2.65 -49.03 15.48
CA TRP E 190 -3.80 -48.57 16.27
C TRP E 190 -4.39 -47.35 15.56
N SER E 191 -3.53 -46.39 15.18
CA SER E 191 -3.94 -45.18 14.46
C SER E 191 -4.67 -45.53 13.17
N LEU E 192 -4.18 -46.53 12.42
CA LEU E 192 -4.83 -46.98 11.19
C LEU E 192 -6.22 -47.55 11.44
N GLY E 193 -6.39 -48.23 12.58
CA GLY E 193 -7.68 -48.75 12.99
C GLY E 193 -8.68 -47.62 13.21
N VAL E 194 -8.23 -46.55 13.89
CA VAL E 194 -9.04 -45.37 14.18
C VAL E 194 -9.38 -44.67 12.85
N VAL E 195 -8.40 -44.56 11.95
CA VAL E 195 -8.57 -43.95 10.62
C VAL E 195 -9.64 -44.72 9.83
N LEU E 196 -9.55 -46.05 9.80
CA LEU E 196 -10.52 -46.87 9.09
C LEU E 196 -11.92 -46.71 9.69
N TYR E 197 -12.02 -46.62 11.01
CA TYR E 197 -13.30 -46.40 11.67
C TYR E 197 -13.88 -45.04 11.26
N VAL E 198 -13.10 -43.95 11.38
CA VAL E 198 -13.58 -42.61 11.03
C VAL E 198 -13.94 -42.49 9.53
N LEU E 199 -13.32 -43.29 8.65
CA LEU E 199 -13.63 -43.25 7.24
C LEU E 199 -15.00 -43.88 6.96
N VAL E 200 -15.27 -45.06 7.53
CA VAL E 200 -16.53 -45.76 7.29
C VAL E 200 -17.68 -45.29 8.17
N CYS E 201 -17.40 -44.57 9.27
CA CYS E 201 -18.44 -44.11 10.20
C CYS E 201 -18.69 -42.63 10.15
N GLY E 202 -17.70 -41.84 9.74
CA GLY E 202 -17.80 -40.39 9.74
C GLY E 202 -17.84 -39.80 11.14
N ALA E 203 -17.29 -40.53 12.12
CA ALA E 203 -17.20 -40.18 13.52
C ALA E 203 -16.07 -40.98 14.17
N LEU E 204 -15.55 -40.53 15.31
CA LEU E 204 -14.47 -41.22 16.01
C LEU E 204 -15.00 -42.36 16.88
N PRO E 205 -14.21 -43.42 17.10
CA PRO E 205 -14.67 -44.49 18.01
C PRO E 205 -14.58 -44.04 19.47
N PHE E 206 -13.58 -43.21 19.79
CA PHE E 206 -13.34 -42.64 21.10
C PHE E 206 -13.43 -41.14 20.95
N ASP E 207 -14.31 -40.53 21.74
CA ASP E 207 -14.53 -39.09 21.71
C ASP E 207 -15.01 -38.62 23.10
N GLY E 208 -14.82 -37.34 23.38
CA GLY E 208 -15.24 -36.74 24.63
C GLY E 208 -15.20 -35.23 24.59
N SER E 209 -15.67 -34.57 25.67
CA SER E 209 -15.66 -33.11 25.72
C SER E 209 -14.25 -32.57 25.96
N THR E 210 -13.44 -33.30 26.75
CA THR E 210 -12.06 -32.91 27.06
C THR E 210 -11.09 -34.08 26.82
N LEU E 211 -9.77 -33.80 26.84
CA LEU E 211 -8.71 -34.77 26.70
C LEU E 211 -8.78 -35.80 27.81
N GLN E 212 -9.19 -35.41 29.02
CA GLN E 212 -9.33 -36.35 30.13
C GLN E 212 -10.38 -37.40 29.83
N ASN E 213 -11.51 -36.96 29.26
CA ASN E 213 -12.61 -37.84 28.90
C ASN E 213 -12.22 -38.74 27.74
N LEU E 214 -11.56 -38.15 26.73
CA LEU E 214 -11.09 -38.86 25.54
C LEU E 214 -10.11 -39.95 25.92
N ARG E 215 -9.18 -39.67 26.87
CA ARG E 215 -8.19 -40.64 27.35
C ARG E 215 -8.90 -41.83 27.99
N ALA E 216 -9.88 -41.57 28.87
CA ALA E 216 -10.63 -42.62 29.55
C ALA E 216 -11.28 -43.57 28.54
N ARG E 217 -11.80 -43.01 27.44
CA ARG E 217 -12.43 -43.78 26.38
C ARG E 217 -11.41 -44.64 25.64
N VAL E 218 -10.27 -44.05 25.24
CA VAL E 218 -9.19 -44.76 24.54
C VAL E 218 -8.67 -45.95 25.39
N LEU E 219 -8.46 -45.74 26.69
CA LEU E 219 -7.98 -46.77 27.59
C LEU E 219 -8.98 -47.88 27.85
N SER E 220 -10.28 -47.61 27.67
CA SER E 220 -11.29 -48.65 27.85
C SER E 220 -11.22 -49.68 26.71
N GLY E 221 -10.88 -49.22 25.51
CA GLY E 221 -10.82 -50.07 24.31
C GLY E 221 -12.20 -50.51 23.81
N LYS E 222 -13.27 -49.92 24.36
CA LYS E 222 -14.64 -50.24 23.99
C LYS E 222 -15.15 -49.17 23.03
N PHE E 223 -15.78 -49.60 21.95
CA PHE E 223 -16.29 -48.69 20.93
C PHE E 223 -17.50 -49.32 20.21
N ARG E 224 -18.41 -48.46 19.73
CA ARG E 224 -19.61 -48.95 19.07
C ARG E 224 -19.42 -49.24 17.59
N ILE E 225 -19.87 -50.41 17.15
CA ILE E 225 -19.85 -50.75 15.74
C ILE E 225 -21.27 -50.52 15.20
N PRO E 226 -21.42 -49.55 14.29
CA PRO E 226 -22.76 -49.23 13.78
C PRO E 226 -23.33 -50.29 12.85
N PHE E 227 -24.65 -50.27 12.71
CA PHE E 227 -25.40 -51.24 11.92
C PHE E 227 -24.92 -51.36 10.47
N PHE E 228 -24.58 -50.24 9.84
CA PHE E 228 -24.15 -50.20 8.44
C PHE E 228 -22.82 -50.88 8.17
N MET E 229 -21.98 -51.05 9.21
CA MET E 229 -20.68 -51.68 9.03
C MET E 229 -20.77 -53.19 8.81
N SER E 230 -20.07 -53.70 7.78
CA SER E 230 -20.06 -55.13 7.45
C SER E 230 -19.30 -55.95 8.49
N THR E 231 -19.63 -57.25 8.61
CA THR E 231 -18.98 -58.13 9.57
C THR E 231 -17.47 -58.28 9.31
N GLU E 232 -17.04 -58.19 8.05
CA GLU E 232 -15.63 -58.29 7.68
C GLU E 232 -14.89 -57.01 8.11
N CYS E 233 -15.51 -55.83 7.92
CA CYS E 233 -14.92 -54.56 8.32
C CYS E 233 -14.82 -54.48 9.83
N GLU E 234 -15.87 -54.93 10.53
CA GLU E 234 -15.88 -54.96 11.99
C GLU E 234 -14.75 -55.82 12.51
N HIS E 235 -14.53 -56.98 11.89
CA HIS E 235 -13.47 -57.90 12.25
C HIS E 235 -12.11 -57.23 12.13
N LEU E 236 -11.89 -56.51 11.04
CA LEU E 236 -10.64 -55.84 10.75
C LEU E 236 -10.35 -54.74 11.77
N ILE E 237 -11.33 -53.90 12.08
CA ILE E 237 -11.16 -52.83 13.06
C ILE E 237 -10.95 -53.41 14.46
N ARG E 238 -11.77 -54.41 14.84
CA ARG E 238 -11.64 -55.04 16.16
C ARG E 238 -10.29 -55.71 16.38
N HIS E 239 -9.62 -56.14 15.29
CA HIS E 239 -8.30 -56.77 15.39
C HIS E 239 -7.13 -55.79 15.24
N MET E 240 -7.42 -54.50 15.04
CA MET E 240 -6.41 -53.43 14.99
C MET E 240 -6.50 -52.63 16.30
N LEU E 241 -7.71 -52.31 16.74
CA LEU E 241 -7.94 -51.61 17.99
C LEU E 241 -7.97 -52.59 19.16
N VAL E 242 -6.82 -53.20 19.43
CA VAL E 242 -6.64 -54.16 20.52
C VAL E 242 -5.77 -53.50 21.58
N LEU E 243 -6.17 -53.53 22.85
CA LEU E 243 -5.38 -52.91 23.92
C LEU E 243 -3.94 -53.46 24.01
N ASP E 244 -3.77 -54.79 24.01
CA ASP E 244 -2.44 -55.42 24.03
C ASP E 244 -1.81 -55.24 22.65
N PRO E 245 -0.69 -54.52 22.56
CA PRO E 245 -0.07 -54.27 21.23
C PRO E 245 0.34 -55.54 20.49
N ASN E 246 0.71 -56.59 21.23
CA ASN E 246 1.13 -57.84 20.65
C ASN E 246 -0.02 -58.58 19.96
N LYS E 247 -1.27 -58.36 20.40
CA LYS E 247 -2.43 -58.99 19.80
C LYS E 247 -3.04 -58.19 18.63
N ARG E 248 -2.34 -57.16 18.14
CA ARG E 248 -2.79 -56.40 17.00
C ARG E 248 -2.31 -57.06 15.72
N LEU E 249 -3.05 -56.87 14.63
CA LEU E 249 -2.66 -57.40 13.33
C LEU E 249 -1.37 -56.75 12.84
N SER E 250 -0.55 -57.49 12.08
CA SER E 250 0.65 -56.91 11.49
C SER E 250 0.26 -56.22 10.17
N MET E 251 1.14 -55.38 9.61
CA MET E 251 0.86 -54.70 8.35
C MET E 251 0.57 -55.70 7.20
N GLU E 252 1.20 -56.88 7.24
CA GLU E 252 0.99 -57.92 6.23
C GLU E 252 -0.37 -58.56 6.41
N GLN E 253 -0.76 -58.83 7.66
CA GLN E 253 -2.08 -59.40 8.00
C GLN E 253 -3.20 -58.43 7.63
N ILE E 254 -2.96 -57.12 7.76
CA ILE E 254 -3.94 -56.10 7.40
C ILE E 254 -4.17 -56.12 5.89
N CYS E 255 -3.09 -56.22 5.11
CA CYS E 255 -3.14 -56.25 3.65
C CYS E 255 -3.87 -57.45 3.10
N LYS E 256 -3.76 -58.59 3.77
CA LYS E 256 -4.41 -59.81 3.32
C LYS E 256 -5.70 -60.12 4.06
N HIS E 257 -6.35 -59.11 4.66
CA HIS E 257 -7.60 -59.34 5.38
C HIS E 257 -8.76 -59.60 4.41
N LYS E 258 -9.78 -60.36 4.87
CA LYS E 258 -10.96 -60.70 4.08
C LYS E 258 -11.66 -59.46 3.51
N TRP E 259 -11.65 -58.35 4.28
CA TRP E 259 -12.25 -57.08 3.89
C TRP E 259 -11.42 -56.41 2.81
N MET E 260 -10.11 -56.47 2.91
CA MET E 260 -9.21 -55.87 1.93
C MET E 260 -9.28 -56.63 0.61
N LYS E 261 -9.32 -57.97 0.67
CA LYS E 261 -9.44 -58.84 -0.50
C LYS E 261 -10.86 -58.80 -1.14
N LEU E 262 -11.82 -58.19 -0.43
CA LEU E 262 -13.20 -58.06 -0.86
C LEU E 262 -13.33 -57.17 -2.07
N GLY E 263 -14.35 -57.47 -2.86
CA GLY E 263 -14.65 -56.75 -4.08
C GLY E 263 -13.82 -57.24 -5.25
N ASP E 264 -13.45 -56.30 -6.11
CA ASP E 264 -12.67 -56.59 -7.30
C ASP E 264 -11.24 -56.97 -6.94
N ALA E 265 -10.61 -57.79 -7.79
CA ALA E 265 -9.21 -58.17 -7.56
C ALA E 265 -8.34 -56.93 -7.79
N ASP E 266 -7.47 -56.60 -6.84
CA ASP E 266 -6.63 -55.42 -6.96
C ASP E 266 -5.16 -55.79 -7.04
N PRO E 267 -4.66 -56.12 -8.24
CA PRO E 267 -3.23 -56.45 -8.37
C PRO E 267 -2.31 -55.23 -8.20
N ASN E 268 -2.83 -54.01 -8.40
CA ASN E 268 -2.01 -52.81 -8.21
C ASN E 268 -1.66 -52.60 -6.74
N PHE E 269 -2.57 -52.98 -5.83
CA PHE E 269 -2.33 -52.87 -4.40
C PHE E 269 -1.26 -53.88 -3.99
N ASP E 270 -1.36 -55.12 -4.50
CA ASP E 270 -0.40 -56.18 -4.23
C ASP E 270 0.98 -55.84 -4.78
N ARG E 271 1.04 -55.12 -5.90
CA ARG E 271 2.30 -54.70 -6.52
C ARG E 271 2.98 -53.65 -5.65
N LEU E 272 2.22 -52.69 -5.13
CA LEU E 272 2.78 -51.64 -4.26
C LEU E 272 3.24 -52.16 -2.91
N ILE E 273 2.60 -53.23 -2.41
CA ILE E 273 2.98 -53.82 -1.14
C ILE E 273 4.23 -54.69 -1.29
N ALA E 274 4.34 -55.42 -2.42
CA ALA E 274 5.51 -56.26 -2.70
C ALA E 274 6.76 -55.41 -2.96
N GLU E 275 6.60 -54.22 -3.53
CA GLU E 275 7.71 -53.30 -3.78
C GLU E 275 8.31 -52.79 -2.45
N SER E 276 7.46 -52.62 -1.42
CA SER E 276 7.90 -52.20 -0.10
C SER E 276 8.69 -53.32 0.62
N GLN E 277 8.44 -54.60 0.28
CA GLN E 277 9.12 -55.75 0.87
C GLN E 277 10.42 -56.11 0.11
N GLN E 278 11.19 -55.11 -0.35
CA GLN E 278 12.44 -55.35 -1.09
C GLN E 278 13.57 -55.96 -0.23
N PRO E 287 18.05 -42.61 -11.87
CA PRO E 287 16.76 -41.94 -12.09
C PRO E 287 16.91 -40.43 -12.28
N LEU E 288 17.47 -39.99 -13.41
CA LEU E 288 17.62 -38.56 -13.68
C LEU E 288 16.93 -38.12 -14.98
N ASN E 289 16.18 -37.02 -14.92
CA ASN E 289 15.43 -36.48 -16.05
C ASN E 289 16.29 -35.55 -16.90
N GLU E 290 16.77 -36.04 -18.04
CA GLU E 290 17.62 -35.27 -18.95
C GLU E 290 16.85 -34.18 -19.73
N ASP E 291 15.53 -34.36 -19.90
CA ASP E 291 14.69 -33.41 -20.63
C ASP E 291 14.47 -32.15 -19.81
N VAL E 292 14.19 -32.32 -18.49
CA VAL E 292 14.00 -31.21 -17.56
C VAL E 292 15.31 -30.45 -17.41
N LEU E 293 16.43 -31.16 -17.29
CA LEU E 293 17.75 -30.53 -17.15
C LEU E 293 18.08 -29.66 -18.38
N LEU E 294 17.58 -30.04 -19.57
CA LEU E 294 17.81 -29.25 -20.77
C LEU E 294 16.97 -27.99 -20.73
N ALA E 295 15.72 -28.09 -20.24
CA ALA E 295 14.84 -26.94 -20.12
C ALA E 295 15.39 -25.94 -19.08
N MET E 296 16.00 -26.46 -18.00
CA MET E 296 16.62 -25.63 -16.96
C MET E 296 17.85 -24.91 -17.49
N GLU E 297 18.59 -25.51 -18.42
CA GLU E 297 19.74 -24.88 -19.05
C GLU E 297 19.27 -23.67 -19.91
N ASP E 298 18.10 -23.79 -20.56
CA ASP E 298 17.51 -22.74 -21.40
C ASP E 298 17.08 -21.48 -20.64
N MET E 299 16.68 -21.63 -19.37
CA MET E 299 16.26 -20.52 -18.51
C MET E 299 17.43 -19.58 -18.15
N GLY E 300 18.64 -20.13 -18.11
CA GLY E 300 19.85 -19.42 -17.70
C GLY E 300 20.42 -19.96 -16.38
N LEU E 301 19.87 -21.07 -15.88
CA LEU E 301 20.28 -21.71 -14.64
C LEU E 301 21.50 -22.56 -14.92
N ASP E 302 22.56 -22.39 -14.12
CA ASP E 302 23.84 -23.09 -14.28
C ASP E 302 23.74 -24.62 -14.29
N LYS E 303 24.23 -25.26 -15.37
CA LYS E 303 24.16 -26.71 -15.58
C LYS E 303 24.85 -27.50 -14.49
N GLU E 304 26.08 -27.12 -14.13
CA GLU E 304 26.82 -27.81 -13.09
C GLU E 304 26.19 -27.58 -11.72
N GLN E 305 25.81 -26.32 -11.42
CA GLN E 305 25.21 -25.94 -10.13
C GLN E 305 23.84 -26.56 -9.89
N THR E 306 23.12 -26.91 -10.97
CA THR E 306 21.84 -27.61 -10.88
C THR E 306 22.12 -29.03 -10.39
N LEU E 307 23.13 -29.70 -10.97
CA LEU E 307 23.54 -31.07 -10.63
C LEU E 307 24.17 -31.15 -9.24
N GLN E 308 24.87 -30.09 -8.83
CA GLN E 308 25.55 -30.04 -7.53
C GLN E 308 24.53 -30.10 -6.41
N SER E 309 23.48 -29.30 -6.51
CA SER E 309 22.44 -29.27 -5.50
C SER E 309 21.50 -30.48 -5.56
N LEU E 310 21.37 -31.13 -6.74
CA LEU E 310 20.56 -32.34 -6.89
C LEU E 310 21.28 -33.52 -6.24
N ARG E 311 22.58 -33.69 -6.53
CA ARG E 311 23.35 -34.78 -5.97
C ARG E 311 23.51 -34.66 -4.45
N SER E 312 23.66 -33.43 -3.94
CA SER E 312 23.92 -33.20 -2.53
C SER E 312 22.70 -33.14 -1.61
N ASP E 313 21.48 -33.30 -2.16
CA ASP E 313 20.22 -33.20 -1.41
C ASP E 313 20.15 -31.89 -0.61
N ALA E 314 20.48 -30.79 -1.29
CA ALA E 314 20.50 -29.47 -0.69
C ALA E 314 19.09 -28.95 -0.44
N TYR E 315 18.15 -29.26 -1.37
CA TYR E 315 16.77 -28.81 -1.33
C TYR E 315 16.74 -27.29 -1.28
N ASP E 316 17.41 -26.70 -2.26
CA ASP E 316 17.56 -25.27 -2.44
C ASP E 316 16.77 -24.80 -3.69
N HIS E 317 16.95 -23.55 -4.14
CA HIS E 317 16.22 -22.99 -5.28
C HIS E 317 16.35 -23.84 -6.55
N TYR E 318 17.43 -24.61 -6.69
CA TYR E 318 17.63 -25.48 -7.85
C TYR E 318 16.92 -26.82 -7.70
N SER E 319 16.95 -27.38 -6.47
CA SER E 319 16.26 -28.65 -6.15
C SER E 319 14.76 -28.50 -6.33
N ALA E 320 14.21 -27.33 -6.03
CA ALA E 320 12.80 -27.04 -6.16
C ALA E 320 12.35 -26.92 -7.60
N ILE E 321 13.13 -26.24 -8.47
CA ILE E 321 12.76 -26.09 -9.87
C ILE E 321 12.75 -27.41 -10.63
N TYR E 322 13.74 -28.28 -10.35
CA TYR E 322 13.79 -29.60 -11.00
C TYR E 322 12.57 -30.42 -10.57
N SER E 323 12.29 -30.43 -9.27
CA SER E 323 11.17 -31.18 -8.70
C SER E 323 9.80 -30.68 -9.20
N LEU E 324 9.63 -29.36 -9.31
CA LEU E 324 8.38 -28.78 -9.81
C LEU E 324 8.19 -29.07 -11.29
N LEU E 325 9.28 -28.97 -12.07
CA LEU E 325 9.25 -29.24 -13.50
C LEU E 325 8.94 -30.70 -13.84
N CYS E 326 9.19 -31.63 -12.90
CA CYS E 326 8.92 -33.04 -13.10
C CYS E 326 7.47 -33.37 -12.73
N ASP E 327 6.48 -32.70 -13.38
CA ASP E 327 5.05 -32.91 -13.12
C ASP E 327 4.21 -32.90 -14.39
N GLU F 1 -28.56 -9.73 14.21
CA GLU F 1 -28.34 -9.82 12.76
C GLU F 1 -27.83 -11.21 12.31
N VAL F 2 -27.32 -12.05 13.25
CA VAL F 2 -26.92 -13.41 12.86
C VAL F 2 -28.12 -14.31 13.02
N GLN F 3 -28.48 -15.07 11.97
CA GLN F 3 -29.64 -15.93 12.06
C GLN F 3 -29.48 -17.24 11.30
N LEU F 4 -30.08 -18.32 11.80
CA LEU F 4 -30.02 -19.63 11.14
C LEU F 4 -31.32 -19.84 10.33
N VAL F 5 -31.19 -19.90 9.01
CA VAL F 5 -32.34 -20.07 8.13
C VAL F 5 -32.50 -21.50 7.67
N GLN F 6 -33.59 -22.14 8.11
CA GLN F 6 -33.82 -23.53 7.79
C GLN F 6 -34.65 -23.76 6.55
N SER F 7 -34.58 -24.98 5.98
CA SER F 7 -35.38 -25.33 4.81
C SER F 7 -36.87 -25.45 5.22
N GLY F 8 -37.76 -25.50 4.22
CA GLY F 8 -39.19 -25.58 4.48
C GLY F 8 -39.69 -26.93 4.96
N ALA F 9 -40.94 -26.96 5.39
CA ALA F 9 -41.62 -28.16 5.87
C ALA F 9 -41.90 -29.16 4.73
N GLY F 10 -42.03 -30.44 5.07
CA GLY F 10 -42.25 -31.47 4.07
C GLY F 10 -42.90 -32.75 4.57
N VAL F 11 -43.50 -33.50 3.64
CA VAL F 11 -44.13 -34.79 3.96
C VAL F 11 -43.30 -35.86 3.32
N LYS F 12 -42.87 -36.85 4.11
CA LYS F 12 -42.10 -37.95 3.59
C LYS F 12 -42.84 -39.27 3.84
N LYS F 13 -42.73 -40.23 2.91
CA LYS F 13 -43.37 -41.54 3.08
C LYS F 13 -42.48 -42.40 3.99
N PRO F 14 -43.05 -43.35 4.76
CA PRO F 14 -42.19 -44.20 5.61
C PRO F 14 -41.16 -45.00 4.79
N GLY F 15 -39.93 -45.00 5.26
CA GLY F 15 -38.84 -45.70 4.58
C GLY F 15 -37.89 -44.73 3.92
N SER F 16 -38.43 -43.63 3.40
CA SER F 16 -37.64 -42.60 2.72
C SER F 16 -36.66 -41.85 3.66
N SER F 17 -35.79 -41.00 3.07
CA SER F 17 -34.83 -40.22 3.85
C SER F 17 -35.14 -38.73 3.66
N VAL F 18 -34.84 -37.90 4.67
CA VAL F 18 -35.10 -36.46 4.56
C VAL F 18 -33.83 -35.64 4.79
N LYS F 19 -33.62 -34.58 4.00
CA LYS F 19 -32.47 -33.71 4.20
C LYS F 19 -32.94 -32.31 4.59
N VAL F 20 -32.38 -31.73 5.66
CA VAL F 20 -32.77 -30.40 6.13
C VAL F 20 -31.57 -29.48 6.12
N SER F 21 -31.71 -28.24 5.58
CA SER F 21 -30.60 -27.29 5.50
C SER F 21 -30.67 -26.21 6.59
N CYS F 22 -29.54 -25.58 6.89
CA CYS F 22 -29.48 -24.56 7.92
C CYS F 22 -28.41 -23.55 7.54
N LYS F 23 -28.80 -22.50 6.82
CA LYS F 23 -27.86 -21.47 6.34
C LYS F 23 -27.61 -20.39 7.36
N SER F 24 -26.34 -20.10 7.64
CA SER F 24 -25.99 -19.06 8.61
C SER F 24 -25.84 -17.72 7.91
N SER F 25 -26.85 -16.85 8.04
CA SER F 25 -26.83 -15.54 7.39
C SER F 25 -26.68 -14.49 8.49
N GLY F 26 -25.47 -13.98 8.70
CA GLY F 26 -25.25 -13.06 9.81
C GLY F 26 -24.01 -12.21 9.78
N GLY F 27 -22.90 -12.81 9.37
CA GLY F 27 -21.65 -12.05 9.25
C GLY F 27 -20.35 -12.77 9.52
N THR F 28 -19.78 -12.52 10.70
CA THR F 28 -18.48 -13.01 11.17
C THR F 28 -18.36 -14.53 11.40
N SER F 29 -19.50 -15.29 11.32
CA SER F 29 -19.63 -16.74 11.58
C SER F 29 -18.85 -17.71 10.61
N GLY F 30 -17.64 -17.33 10.21
CA GLY F 30 -16.74 -18.11 9.37
C GLY F 30 -16.36 -19.48 9.95
N SER F 31 -16.80 -19.78 11.19
CA SER F 31 -16.65 -21.06 11.90
C SER F 31 -17.61 -21.15 13.10
N SER F 32 -18.47 -22.17 13.12
CA SER F 32 -19.46 -22.40 14.17
C SER F 32 -19.50 -23.90 14.56
N ALA F 33 -20.38 -24.31 15.48
CA ALA F 33 -20.50 -25.71 15.85
C ALA F 33 -21.98 -26.01 15.97
N VAL F 34 -22.65 -26.22 14.84
CA VAL F 34 -24.09 -26.48 14.83
C VAL F 34 -24.45 -27.88 15.30
N SER F 35 -25.55 -28.00 16.04
CA SER F 35 -26.14 -29.24 16.55
C SER F 35 -27.58 -29.38 16.01
N TRP F 36 -28.08 -30.61 15.80
CA TRP F 36 -29.45 -30.80 15.34
C TRP F 36 -30.27 -31.34 16.49
N ILE F 37 -31.37 -30.67 16.82
CA ILE F 37 -32.24 -31.00 17.94
C ILE F 37 -33.65 -31.13 17.42
N ARG F 38 -34.35 -32.23 17.76
CA ARG F 38 -35.72 -32.41 17.27
C ARG F 38 -36.76 -32.40 18.40
N GLN F 39 -38.02 -32.16 18.05
CA GLN F 39 -39.08 -32.11 19.04
C GLN F 39 -40.38 -32.61 18.42
N ALA F 40 -40.82 -33.82 18.80
CA ALA F 40 -42.05 -34.37 18.27
C ALA F 40 -43.28 -33.59 18.76
N PRO F 41 -44.40 -33.57 18.01
CA PRO F 41 -45.57 -32.79 18.46
C PRO F 41 -46.00 -33.04 19.90
N GLY F 42 -45.94 -32.00 20.72
CA GLY F 42 -46.32 -32.06 22.13
C GLY F 42 -45.37 -32.82 23.03
N GLN F 43 -44.16 -33.09 22.52
CA GLN F 43 -43.12 -33.83 23.25
C GLN F 43 -41.93 -32.91 23.59
N GLY F 44 -40.98 -33.43 24.36
CA GLY F 44 -39.78 -32.70 24.74
C GLY F 44 -38.75 -32.65 23.64
N VAL F 45 -37.74 -31.79 23.83
CA VAL F 45 -36.64 -31.67 22.86
C VAL F 45 -35.65 -32.82 23.04
N GLU F 46 -34.96 -33.16 21.96
CA GLU F 46 -34.04 -34.27 21.95
C GLU F 46 -32.84 -33.99 21.03
N TRP F 47 -31.61 -34.10 21.55
CA TRP F 47 -30.41 -33.83 20.77
C TRP F 47 -30.07 -35.00 19.88
N MET F 48 -29.91 -34.77 18.60
CA MET F 48 -29.62 -35.84 17.65
C MET F 48 -28.15 -36.00 17.34
N GLY F 49 -27.44 -34.89 17.28
CA GLY F 49 -26.03 -34.90 16.96
C GLY F 49 -25.53 -33.52 16.61
N GLY F 50 -24.30 -33.45 16.11
CA GLY F 50 -23.68 -32.20 15.73
C GLY F 50 -22.23 -32.14 16.12
N ILE F 51 -21.58 -31.00 15.88
CA ILE F 51 -20.15 -30.85 16.23
C ILE F 51 -19.99 -30.50 17.73
N THR F 52 -19.43 -31.43 18.53
CA THR F 52 -19.33 -31.21 19.98
C THR F 52 -17.94 -31.46 20.60
N SER F 53 -16.89 -31.46 19.79
CA SER F 53 -15.52 -31.63 20.27
C SER F 53 -14.56 -31.19 19.20
N ILE F 54 -13.34 -30.83 19.60
CA ILE F 54 -12.31 -30.46 18.62
C ILE F 54 -11.72 -31.69 17.89
N PHE F 55 -12.03 -32.92 18.41
CA PHE F 55 -11.44 -34.19 18.01
C PHE F 55 -11.92 -34.82 16.69
N GLY F 56 -13.22 -34.83 16.44
CA GLY F 56 -13.74 -35.50 15.26
C GLY F 56 -14.59 -34.66 14.34
N PRO F 57 -14.92 -35.21 13.16
CA PRO F 57 -15.75 -34.46 12.20
C PRO F 57 -17.16 -34.13 12.71
N ALA F 58 -17.82 -35.10 13.34
CA ALA F 58 -19.15 -34.95 13.89
C ALA F 58 -19.36 -35.92 15.04
N ASN F 59 -20.30 -35.61 15.95
CA ASN F 59 -20.63 -36.52 17.04
C ASN F 59 -22.13 -36.79 17.01
N TYR F 60 -22.54 -38.05 16.98
CA TYR F 60 -23.96 -38.39 16.91
C TYR F 60 -24.43 -39.01 18.21
N ALA F 61 -25.69 -38.80 18.57
CA ALA F 61 -26.29 -39.44 19.74
C ALA F 61 -26.49 -40.93 19.36
N GLN F 62 -26.19 -41.87 20.27
CA GLN F 62 -26.29 -43.30 19.99
C GLN F 62 -27.57 -43.76 19.27
N LYS F 63 -28.70 -43.19 19.65
CA LYS F 63 -30.02 -43.46 19.09
C LYS F 63 -30.08 -43.14 17.58
N PHE F 64 -29.42 -42.07 17.18
CA PHE F 64 -29.44 -41.61 15.79
C PHE F 64 -28.24 -42.02 14.93
N GLN F 65 -27.14 -42.51 15.52
CA GLN F 65 -25.93 -42.87 14.79
C GLN F 65 -26.17 -43.68 13.49
N ASP F 66 -27.01 -44.69 13.56
CA ASP F 66 -27.30 -45.58 12.44
C ASP F 66 -28.04 -44.93 11.27
N ARG F 67 -28.84 -43.87 11.50
CA ARG F 67 -29.62 -43.27 10.43
C ARG F 67 -29.27 -41.82 10.09
N LEU F 68 -28.54 -41.13 10.97
CA LEU F 68 -28.17 -39.73 10.76
C LEU F 68 -26.83 -39.57 10.07
N LYS F 69 -26.75 -38.52 9.25
CA LYS F 69 -25.58 -38.06 8.52
C LYS F 69 -25.64 -36.56 8.69
N ILE F 70 -24.60 -35.98 9.30
CA ILE F 70 -24.54 -34.52 9.50
C ILE F 70 -23.39 -33.96 8.69
N THR F 71 -23.70 -33.10 7.72
CA THR F 71 -22.66 -32.54 6.85
C THR F 71 -22.65 -31.01 6.85
N ALA F 72 -21.61 -30.39 6.26
CA ALA F 72 -21.52 -28.94 6.22
C ALA F 72 -20.79 -28.45 4.99
N ASP F 73 -21.36 -27.45 4.31
CA ASP F 73 -20.74 -26.80 3.16
C ASP F 73 -20.16 -25.48 3.67
N LYS F 74 -18.87 -25.49 4.00
CA LYS F 74 -18.19 -24.31 4.54
C LYS F 74 -18.21 -23.13 3.56
N ALA F 75 -18.19 -23.44 2.25
CA ALA F 75 -18.23 -22.43 1.19
C ALA F 75 -19.50 -21.57 1.27
N THR F 76 -20.66 -22.19 1.51
CA THR F 76 -21.93 -21.46 1.56
C THR F 76 -22.47 -21.24 2.99
N ASN F 77 -21.71 -21.64 4.02
CA ASN F 77 -22.16 -21.53 5.41
C ASN F 77 -23.44 -22.29 5.71
N THR F 78 -23.73 -23.34 4.92
CA THR F 78 -24.93 -24.13 5.14
C THR F 78 -24.55 -25.42 5.84
N VAL F 79 -25.39 -25.85 6.80
CA VAL F 79 -25.19 -27.12 7.52
C VAL F 79 -26.38 -28.02 7.22
N TYR F 80 -26.11 -29.27 6.84
CA TYR F 80 -27.15 -30.21 6.49
C TYR F 80 -27.31 -31.36 7.51
N MET F 81 -28.47 -32.03 7.45
CA MET F 81 -28.85 -33.14 8.31
C MET F 81 -29.65 -34.10 7.45
N GLU F 82 -29.23 -35.36 7.36
CA GLU F 82 -29.96 -36.35 6.56
C GLU F 82 -30.36 -37.53 7.40
N LEU F 83 -31.67 -37.71 7.60
CA LEU F 83 -32.18 -38.81 8.41
C LEU F 83 -32.88 -39.82 7.53
N SER F 84 -32.32 -41.03 7.45
CA SER F 84 -32.86 -42.08 6.59
C SER F 84 -33.76 -43.08 7.34
N GLY F 85 -34.49 -43.91 6.59
CA GLY F 85 -35.39 -44.91 7.16
C GLY F 85 -36.44 -44.30 8.06
N LEU F 86 -37.20 -43.35 7.54
CA LEU F 86 -38.21 -42.63 8.30
C LEU F 86 -39.38 -43.48 8.72
N THR F 87 -39.82 -43.29 9.96
CA THR F 87 -40.98 -43.96 10.55
C THR F 87 -41.92 -42.88 11.11
N PHE F 88 -43.14 -43.24 11.48
CA PHE F 88 -44.08 -42.28 12.06
C PHE F 88 -43.54 -41.61 13.31
N GLU F 89 -42.59 -42.25 14.02
CA GLU F 89 -41.95 -41.69 15.20
C GLU F 89 -40.98 -40.53 14.88
N ASP F 90 -40.59 -40.39 13.61
CA ASP F 90 -39.69 -39.33 13.16
C ASP F 90 -40.42 -38.03 12.79
N THR F 91 -41.77 -37.97 12.88
CA THR F 91 -42.54 -36.76 12.62
C THR F 91 -42.24 -35.83 13.79
N ALA F 92 -41.57 -34.71 13.52
CA ALA F 92 -41.11 -33.77 14.55
C ALA F 92 -40.68 -32.43 13.92
N VAL F 93 -40.40 -31.40 14.75
CA VAL F 93 -39.83 -30.15 14.28
C VAL F 93 -38.34 -30.28 14.49
N TYR F 94 -37.54 -30.09 13.43
CA TYR F 94 -36.10 -30.23 13.48
C TYR F 94 -35.47 -28.88 13.55
N TYR F 95 -34.69 -28.64 14.60
CA TYR F 95 -34.03 -27.36 14.82
C TYR F 95 -32.53 -27.50 14.67
N CYS F 96 -31.86 -26.44 14.23
CA CYS F 96 -30.40 -26.39 14.22
C CYS F 96 -30.05 -25.28 15.22
N ALA F 97 -29.06 -25.52 16.04
CA ALA F 97 -28.68 -24.59 17.09
C ALA F 97 -27.18 -24.49 17.15
N ARG F 98 -26.66 -23.29 17.36
CA ARG F 98 -25.21 -23.06 17.44
C ARG F 98 -24.74 -23.19 18.91
N VAL F 99 -23.56 -23.80 19.16
CA VAL F 99 -22.99 -23.89 20.52
C VAL F 99 -22.26 -22.57 20.78
N GLY F 100 -22.64 -21.87 21.84
CA GLY F 100 -22.17 -20.53 22.15
C GLY F 100 -20.73 -20.28 22.48
N ASP F 101 -20.01 -21.29 22.98
CA ASP F 101 -18.61 -21.09 23.36
C ASP F 101 -17.61 -21.75 22.45
N TYR F 102 -18.00 -22.04 21.20
CA TYR F 102 -17.13 -22.68 20.22
C TYR F 102 -15.73 -22.07 20.12
N ASN F 103 -15.65 -20.74 20.16
CA ASN F 103 -14.40 -20.00 20.08
C ASN F 103 -13.42 -20.27 21.25
N PHE F 104 -13.87 -20.92 22.34
CA PHE F 104 -13.01 -21.24 23.47
C PHE F 104 -12.47 -22.67 23.47
N TRP F 105 -13.05 -23.55 22.64
CA TRP F 105 -12.66 -24.96 22.57
C TRP F 105 -11.18 -25.17 22.27
N ASN F 106 -10.50 -25.97 23.10
CA ASN F 106 -9.10 -26.28 22.89
C ASN F 106 -8.68 -27.69 23.33
N GLY F 107 -9.65 -28.53 23.69
CA GLY F 107 -9.36 -29.89 24.15
C GLY F 107 -9.25 -29.99 25.66
N HIS F 108 -8.93 -28.88 26.34
CA HIS F 108 -8.80 -28.80 27.79
C HIS F 108 -9.98 -28.05 28.39
N TYR F 109 -10.46 -27.01 27.68
CA TYR F 109 -11.62 -26.23 28.09
C TYR F 109 -12.83 -27.15 27.99
N ARG F 110 -13.65 -27.20 29.05
CA ARG F 110 -14.85 -28.02 29.04
C ARG F 110 -16.03 -27.15 28.59
N SER F 111 -16.55 -27.38 27.37
CA SER F 111 -17.66 -26.59 26.87
C SER F 111 -18.92 -26.78 27.68
N GLY F 112 -19.75 -25.75 27.70
CA GLY F 112 -21.02 -25.76 28.40
C GLY F 112 -22.14 -26.34 27.57
N TYR F 113 -21.99 -26.32 26.22
CA TYR F 113 -22.93 -26.78 25.20
C TYR F 113 -24.25 -26.06 25.26
N TYR F 114 -24.17 -24.75 25.50
CA TYR F 114 -25.37 -23.93 25.53
C TYR F 114 -25.66 -23.49 24.12
N PHE F 115 -26.92 -23.55 23.70
CA PHE F 115 -27.29 -23.18 22.34
C PHE F 115 -27.78 -21.76 22.27
N ASP F 116 -26.87 -20.82 22.01
CA ASP F 116 -27.26 -19.41 21.95
C ASP F 116 -28.23 -19.16 20.76
N LEU F 117 -27.78 -19.29 19.51
CA LEU F 117 -28.65 -19.09 18.34
C LEU F 117 -29.43 -20.38 18.01
N TRP F 118 -30.72 -20.25 17.66
CA TRP F 118 -31.54 -21.39 17.22
C TRP F 118 -32.18 -21.05 15.85
N GLY F 119 -32.58 -22.07 15.12
CA GLY F 119 -33.29 -21.89 13.86
C GLY F 119 -34.79 -21.88 14.11
N ARG F 120 -35.59 -21.31 13.19
CA ARG F 120 -37.05 -21.27 13.40
C ARG F 120 -37.70 -22.68 13.50
N GLY F 121 -37.02 -23.69 12.93
CA GLY F 121 -37.47 -25.08 12.94
C GLY F 121 -38.00 -25.52 11.59
N THR F 122 -37.91 -26.83 11.28
CA THR F 122 -38.42 -27.39 10.03
C THR F 122 -39.38 -28.50 10.39
N LEU F 123 -40.64 -28.42 9.93
CA LEU F 123 -41.60 -29.47 10.25
C LEU F 123 -41.53 -30.61 9.26
N VAL F 124 -41.05 -31.78 9.74
CA VAL F 124 -40.99 -32.96 8.89
C VAL F 124 -42.03 -33.94 9.38
N THR F 125 -42.94 -34.37 8.50
CA THR F 125 -44.01 -35.28 8.88
C THR F 125 -44.00 -36.53 8.03
N VAL F 126 -44.15 -37.68 8.67
CA VAL F 126 -44.14 -38.97 8.00
C VAL F 126 -45.58 -39.48 7.83
N SER F 127 -46.01 -39.70 6.58
CA SER F 127 -47.37 -40.15 6.32
C SER F 127 -47.44 -41.01 5.06
N SER F 128 -48.51 -41.82 4.91
CA SER F 128 -48.68 -42.64 3.70
C SER F 128 -50.13 -42.81 3.30
N SER F 146 -36.29 -39.01 28.24
CA SER F 146 -35.68 -37.96 29.05
C SER F 146 -34.71 -38.52 30.11
N VAL F 147 -33.42 -38.17 29.99
CA VAL F 147 -32.39 -38.63 30.92
C VAL F 147 -32.40 -37.81 32.21
N LEU F 148 -32.57 -36.49 32.05
CA LEU F 148 -32.65 -35.55 33.17
C LEU F 148 -34.09 -35.51 33.66
N THR F 149 -34.28 -35.62 34.98
CA THR F 149 -35.61 -35.64 35.59
C THR F 149 -36.13 -34.28 36.00
N GLN F 150 -37.24 -33.87 35.38
CA GLN F 150 -37.91 -32.60 35.62
C GLN F 150 -39.38 -32.85 35.92
N PRO F 151 -40.01 -32.11 36.87
CA PRO F 151 -41.46 -32.26 37.07
C PRO F 151 -42.22 -31.85 35.81
N PRO F 152 -43.27 -32.60 35.45
CA PRO F 152 -43.99 -32.29 34.22
C PRO F 152 -44.67 -30.93 34.20
N SER F 153 -45.07 -30.46 35.37
CA SER F 153 -45.72 -29.18 35.49
C SER F 153 -45.44 -28.51 36.82
N ALA F 154 -45.48 -27.18 36.79
CA ALA F 154 -45.32 -26.31 37.94
C ALA F 154 -46.34 -25.16 37.83
N SER F 155 -46.73 -24.57 38.96
CA SER F 155 -47.70 -23.48 38.92
C SER F 155 -47.50 -22.47 40.05
N GLY F 156 -48.06 -21.28 39.89
CA GLY F 156 -47.97 -20.24 40.89
C GLY F 156 -48.83 -19.04 40.57
N THR F 157 -49.21 -18.27 41.61
CA THR F 157 -49.97 -17.05 41.43
C THR F 157 -48.98 -15.91 41.09
N PRO F 158 -49.42 -14.83 40.40
CA PRO F 158 -48.49 -13.74 40.07
C PRO F 158 -47.78 -13.13 41.27
N GLY F 159 -46.47 -12.95 41.14
CA GLY F 159 -45.64 -12.40 42.19
C GLY F 159 -44.88 -13.45 42.99
N GLN F 160 -45.37 -14.70 42.96
CA GLN F 160 -44.75 -15.82 43.68
C GLN F 160 -43.41 -16.25 43.05
N ARG F 161 -42.63 -17.03 43.79
CA ARG F 161 -41.36 -17.54 43.30
C ARG F 161 -41.53 -19.04 43.06
N VAL F 162 -41.59 -19.44 41.78
CA VAL F 162 -41.74 -20.86 41.45
C VAL F 162 -40.37 -21.48 41.19
N THR F 163 -40.17 -22.73 41.64
CA THR F 163 -38.89 -23.40 41.44
C THR F 163 -39.04 -24.73 40.70
N ILE F 164 -38.21 -24.92 39.67
CA ILE F 164 -38.20 -26.14 38.87
C ILE F 164 -36.93 -26.90 39.17
N SER F 165 -37.07 -28.15 39.59
CA SER F 165 -35.92 -28.99 39.88
C SER F 165 -35.50 -29.79 38.64
N CYS F 166 -34.23 -30.15 38.57
CA CYS F 166 -33.71 -30.92 37.46
C CYS F 166 -32.67 -31.88 38.03
N SER F 167 -33.05 -33.13 38.24
CA SER F 167 -32.16 -34.14 38.79
C SER F 167 -31.42 -34.89 37.68
N GLY F 168 -30.16 -35.20 37.94
CA GLY F 168 -29.32 -35.93 37.00
C GLY F 168 -28.41 -36.92 37.69
N SER F 169 -27.38 -37.37 36.97
CA SER F 169 -26.38 -38.32 37.45
C SER F 169 -25.00 -37.64 37.54
N SER F 170 -23.99 -38.39 38.00
CA SER F 170 -22.64 -37.87 38.12
C SER F 170 -22.04 -37.59 36.75
N SER F 171 -22.34 -38.44 35.75
CA SER F 171 -21.78 -38.27 34.41
C SER F 171 -22.30 -37.02 33.66
N ASN F 172 -23.48 -36.49 34.05
CA ASN F 172 -23.99 -35.30 33.41
C ASN F 172 -23.92 -34.06 34.34
N ILE F 173 -24.91 -33.81 35.24
CA ILE F 173 -24.92 -32.64 36.12
C ILE F 173 -23.77 -32.60 37.11
N GLY F 174 -23.35 -33.76 37.57
CA GLY F 174 -22.24 -33.85 38.51
C GLY F 174 -20.90 -33.45 37.91
N SER F 175 -20.77 -33.53 36.58
CA SER F 175 -19.50 -33.23 35.92
C SER F 175 -19.54 -31.99 35.01
N ASN F 176 -20.72 -31.62 34.51
CA ASN F 176 -20.85 -30.52 33.57
C ASN F 176 -21.77 -29.41 34.05
N THR F 177 -21.74 -28.23 33.39
CA THR F 177 -22.62 -27.13 33.76
C THR F 177 -24.01 -27.37 33.21
N VAL F 178 -25.01 -26.75 33.86
CA VAL F 178 -26.41 -26.86 33.47
C VAL F 178 -26.87 -25.59 32.76
N ASN F 179 -27.69 -25.77 31.73
CA ASN F 179 -28.30 -24.69 30.96
C ASN F 179 -29.82 -24.85 31.00
N TRP F 180 -30.53 -23.73 30.95
CA TRP F 180 -31.99 -23.73 30.95
C TRP F 180 -32.48 -23.01 29.71
N TYR F 181 -33.58 -23.50 29.12
CA TYR F 181 -34.19 -22.91 27.94
C TYR F 181 -35.67 -22.66 28.18
N GLN F 182 -36.17 -21.54 27.71
CA GLN F 182 -37.60 -21.22 27.82
C GLN F 182 -38.21 -21.37 26.45
N GLN F 183 -39.31 -22.11 26.34
CA GLN F 183 -39.97 -22.30 25.06
C GLN F 183 -41.41 -21.82 25.06
N LEU F 184 -41.66 -20.75 24.33
CA LEU F 184 -43.01 -20.22 24.21
C LEU F 184 -43.73 -20.93 23.07
N PRO F 185 -45.08 -20.94 23.07
CA PRO F 185 -45.81 -21.65 22.01
C PRO F 185 -45.45 -21.21 20.60
N GLY F 186 -45.19 -22.19 19.75
CA GLY F 186 -44.86 -22.00 18.34
C GLY F 186 -43.50 -21.39 18.07
N THR F 187 -42.61 -21.43 19.04
CA THR F 187 -41.27 -20.87 18.88
C THR F 187 -40.21 -21.91 19.29
N ALA F 188 -38.97 -21.69 18.85
CA ALA F 188 -37.87 -22.55 19.23
C ALA F 188 -37.49 -22.24 20.68
N PRO F 189 -36.87 -23.19 21.41
CA PRO F 189 -36.40 -22.88 22.76
C PRO F 189 -35.37 -21.73 22.75
N LYS F 190 -35.32 -20.95 23.83
CA LYS F 190 -34.42 -19.81 23.91
C LYS F 190 -33.53 -19.96 25.13
N LEU F 191 -32.23 -19.61 25.04
CA LEU F 191 -31.35 -19.68 26.20
C LEU F 191 -31.84 -18.79 27.34
N LEU F 192 -32.12 -19.39 28.49
CA LEU F 192 -32.58 -18.66 29.66
C LEU F 192 -31.42 -18.50 30.64
N ILE F 193 -30.75 -19.60 30.98
CA ILE F 193 -29.60 -19.63 31.90
C ILE F 193 -28.51 -20.47 31.28
N TYR F 194 -27.26 -20.01 31.29
CA TYR F 194 -26.14 -20.82 30.81
C TYR F 194 -25.08 -20.92 31.89
N SER F 195 -24.24 -21.97 31.85
CA SER F 195 -23.16 -22.17 32.83
C SER F 195 -23.62 -22.05 34.30
N ASN F 196 -24.70 -22.77 34.64
CA ASN F 196 -25.33 -22.87 35.96
C ASN F 196 -26.10 -21.63 36.42
N THR F 197 -25.48 -20.44 36.40
CA THR F 197 -26.13 -19.23 36.93
C THR F 197 -26.23 -18.03 35.99
N GLN F 198 -25.41 -17.99 34.93
CA GLN F 198 -25.35 -16.86 34.02
C GLN F 198 -26.61 -16.61 33.21
N ARG F 199 -26.93 -15.33 32.94
CA ARG F 199 -28.10 -14.98 32.14
C ARG F 199 -27.66 -14.21 30.90
N PRO F 200 -28.02 -14.71 29.70
CA PRO F 200 -27.69 -13.95 28.47
C PRO F 200 -28.43 -12.61 28.43
N SER F 201 -27.93 -11.66 27.63
CA SER F 201 -28.55 -10.33 27.51
C SER F 201 -30.01 -10.40 27.12
N GLY F 202 -30.86 -9.79 27.95
CA GLY F 202 -32.29 -9.81 27.71
C GLY F 202 -33.06 -10.53 28.80
N VAL F 203 -32.44 -11.57 29.39
CA VAL F 203 -33.07 -12.33 30.47
C VAL F 203 -33.07 -11.51 31.76
N PRO F 204 -34.26 -11.25 32.32
CA PRO F 204 -34.33 -10.43 33.55
C PRO F 204 -33.78 -11.10 34.80
N ASP F 205 -33.46 -10.28 35.80
CA ASP F 205 -32.92 -10.70 37.10
C ASP F 205 -33.84 -11.67 37.87
N ARG F 206 -35.11 -11.79 37.46
CA ARG F 206 -36.11 -12.66 38.06
C ARG F 206 -35.77 -14.15 37.89
N PHE F 207 -35.11 -14.49 36.78
CA PHE F 207 -34.71 -15.87 36.54
C PHE F 207 -33.33 -16.08 37.15
N SER F 208 -33.15 -17.19 37.85
CA SER F 208 -31.86 -17.49 38.49
C SER F 208 -31.63 -18.99 38.55
N GLY F 209 -30.40 -19.41 38.23
CA GLY F 209 -30.05 -20.81 38.25
C GLY F 209 -29.17 -21.18 39.42
N SER F 210 -29.08 -22.46 39.71
CA SER F 210 -28.25 -22.97 40.81
C SER F 210 -27.96 -24.45 40.62
N LYS F 211 -26.73 -24.87 40.91
CA LYS F 211 -26.35 -26.27 40.78
C LYS F 211 -25.79 -26.77 42.09
N SER F 212 -26.24 -27.95 42.51
CA SER F 212 -25.74 -28.58 43.72
C SER F 212 -25.58 -30.06 43.47
N ALA F 213 -24.33 -30.56 43.60
CA ALA F 213 -23.96 -31.96 43.38
C ALA F 213 -24.57 -32.51 42.00
N THR F 214 -25.54 -33.48 41.94
CA THR F 214 -26.09 -33.94 40.67
C THR F 214 -27.49 -33.38 40.42
N SER F 215 -27.75 -32.17 40.91
CA SER F 215 -29.06 -31.54 40.76
C SER F 215 -28.94 -30.05 40.39
N ALA F 216 -30.00 -29.53 39.75
CA ALA F 216 -30.13 -28.14 39.29
C ALA F 216 -31.46 -27.53 39.76
N SER F 217 -31.59 -26.20 39.73
CA SER F 217 -32.82 -25.53 40.14
C SER F 217 -32.98 -24.19 39.43
N LEU F 218 -34.10 -24.03 38.72
CA LEU F 218 -34.42 -22.75 38.10
C LEU F 218 -35.42 -22.07 39.02
N ALA F 219 -35.21 -20.78 39.34
CA ALA F 219 -36.13 -20.06 40.21
C ALA F 219 -36.68 -18.82 39.50
N ILE F 220 -38.00 -18.78 39.29
CA ILE F 220 -38.65 -17.64 38.65
C ILE F 220 -39.31 -16.80 39.74
N SER F 221 -38.57 -15.82 40.27
CA SER F 221 -39.06 -14.92 41.32
C SER F 221 -39.95 -13.83 40.71
N GLY F 222 -40.96 -13.39 41.44
CA GLY F 222 -41.89 -12.37 40.95
C GLY F 222 -42.58 -12.75 39.67
N LEU F 223 -43.13 -13.97 39.64
CA LEU F 223 -43.84 -14.59 38.51
C LEU F 223 -44.78 -13.63 37.77
N GLN F 224 -44.70 -13.64 36.44
CA GLN F 224 -45.54 -12.82 35.58
C GLN F 224 -46.30 -13.69 34.60
N SER F 225 -47.45 -13.21 34.10
CA SER F 225 -48.24 -13.98 33.16
C SER F 225 -47.46 -14.34 31.88
N GLU F 226 -46.51 -13.47 31.48
CA GLU F 226 -45.65 -13.67 30.31
C GLU F 226 -44.70 -14.88 30.46
N ASP F 227 -44.54 -15.41 31.69
CA ASP F 227 -43.66 -16.56 31.96
C ASP F 227 -44.31 -17.93 31.73
N GLU F 228 -45.60 -17.96 31.36
CA GLU F 228 -46.32 -19.20 31.08
C GLU F 228 -45.72 -19.78 29.81
N ALA F 229 -44.83 -20.76 29.98
CA ALA F 229 -44.07 -21.40 28.90
C ALA F 229 -43.50 -22.77 29.37
N ASP F 230 -42.86 -23.54 28.47
CA ASP F 230 -42.22 -24.80 28.81
C ASP F 230 -40.76 -24.50 29.16
N TYR F 231 -40.22 -25.13 30.19
CA TYR F 231 -38.85 -24.88 30.60
C TYR F 231 -38.05 -26.14 30.54
N TYR F 232 -36.97 -26.15 29.78
CA TYR F 232 -36.14 -27.34 29.64
C TYR F 232 -34.81 -27.14 30.30
N CYS F 233 -34.32 -28.17 30.95
CA CYS F 233 -33.00 -28.15 31.57
C CYS F 233 -32.08 -29.03 30.70
N ALA F 234 -30.80 -28.69 30.62
CA ALA F 234 -29.87 -29.41 29.77
C ALA F 234 -28.47 -29.44 30.32
N ALA F 235 -27.74 -30.49 29.99
CA ALA F 235 -26.35 -30.66 30.43
C ALA F 235 -25.62 -31.64 29.51
N TRP F 236 -24.28 -31.55 29.47
CA TRP F 236 -23.48 -32.48 28.68
C TRP F 236 -23.33 -33.77 29.49
N ASP F 237 -23.43 -34.93 28.84
CA ASP F 237 -23.28 -36.21 29.52
C ASP F 237 -22.03 -36.88 28.99
N ASP F 238 -21.07 -37.21 29.87
CA ASP F 238 -19.81 -37.81 29.46
C ASP F 238 -19.86 -39.32 29.21
N SER F 239 -21.03 -39.97 29.40
CA SER F 239 -21.16 -41.40 29.12
C SER F 239 -21.09 -41.64 27.60
N LEU F 240 -20.51 -42.80 27.21
CA LEU F 240 -20.30 -43.16 25.81
C LEU F 240 -19.33 -42.10 25.18
N ASN F 241 -19.49 -41.72 23.89
CA ASN F 241 -18.64 -40.69 23.28
C ASN F 241 -19.14 -39.27 23.59
N GLY F 242 -20.08 -39.13 24.53
CA GLY F 242 -20.63 -37.82 24.85
C GLY F 242 -21.84 -37.48 24.01
N HIS F 243 -22.77 -36.75 24.63
CA HIS F 243 -24.06 -36.31 24.06
C HIS F 243 -24.70 -35.30 24.99
N VAL F 244 -25.56 -34.41 24.45
CA VAL F 244 -26.22 -33.45 25.33
C VAL F 244 -27.56 -34.03 25.75
N VAL F 245 -27.82 -34.06 27.06
CA VAL F 245 -29.09 -34.61 27.56
C VAL F 245 -30.03 -33.49 27.96
N PHE F 246 -31.32 -33.73 27.78
CA PHE F 246 -32.35 -32.75 28.10
C PHE F 246 -33.31 -33.29 29.15
N GLY F 247 -33.98 -32.38 29.83
CA GLY F 247 -35.02 -32.72 30.78
C GLY F 247 -36.34 -32.89 30.04
N GLY F 248 -37.30 -33.52 30.70
CA GLY F 248 -38.61 -33.76 30.10
C GLY F 248 -39.37 -32.50 29.78
N GLY F 249 -39.08 -31.42 30.52
CA GLY F 249 -39.75 -30.15 30.36
C GLY F 249 -40.72 -29.88 31.50
N THR F 250 -41.00 -28.60 31.74
CA THR F 250 -41.91 -28.21 32.81
C THR F 250 -42.85 -27.13 32.31
N LYS F 251 -44.14 -27.45 32.25
CA LYS F 251 -45.13 -26.50 31.80
C LYS F 251 -45.48 -25.60 32.99
N VAL F 252 -44.88 -24.40 33.04
CA VAL F 252 -45.18 -23.48 34.12
C VAL F 252 -46.48 -22.76 33.81
N THR F 253 -47.46 -22.89 34.69
CA THR F 253 -48.76 -22.27 34.50
C THR F 253 -48.97 -21.16 35.52
N VAL F 254 -49.23 -19.94 35.04
CA VAL F 254 -49.48 -18.82 35.91
C VAL F 254 -50.95 -18.77 36.27
N LEU F 255 -51.25 -19.08 37.52
CA LEU F 255 -52.58 -19.13 38.08
C LEU F 255 -53.13 -17.72 38.34
N GLY F 256 -54.44 -17.63 38.57
CA GLY F 256 -55.11 -16.37 38.83
C GLY F 256 -54.63 -15.78 40.13
N ALA F 257 -54.29 -14.47 40.06
CA ALA F 257 -53.74 -13.59 41.09
C ALA F 257 -54.66 -13.43 42.33
N ALA F 258 -54.14 -12.85 43.44
CA ALA F 258 -54.98 -12.58 44.60
C ALA F 258 -55.72 -11.25 44.37
N ALA F 259 -56.22 -11.03 43.13
CA ALA F 259 -56.91 -9.83 42.65
C ALA F 259 -58.31 -9.65 43.19
N GLU F 260 -58.69 -10.39 44.27
CA GLU F 260 -60.01 -10.32 44.92
C GLU F 260 -60.09 -11.15 46.22
N ASN F 261 -58.95 -11.37 46.89
CA ASN F 261 -58.93 -12.23 48.08
C ASN F 261 -59.52 -11.65 49.38
N LEU F 262 -59.63 -10.32 49.54
CA LEU F 262 -60.19 -9.76 50.77
C LEU F 262 -60.63 -8.29 50.64
N ARG G 5 60.94 22.65 38.56
CA ARG G 5 61.50 21.79 37.52
C ARG G 5 60.96 22.17 36.12
N ILE G 6 59.69 21.83 35.81
CA ILE G 6 59.06 22.17 34.53
C ILE G 6 57.93 23.13 34.84
N GLY G 7 58.17 24.41 34.61
CA GLY G 7 57.16 25.42 34.89
C GLY G 7 56.93 25.54 36.38
N TYR G 8 55.67 25.47 36.83
CA TYR G 8 55.36 25.58 38.25
C TYR G 8 55.25 24.23 38.93
N TYR G 9 55.93 23.19 38.40
CA TYR G 9 55.88 21.86 38.98
C TYR G 9 57.25 21.28 39.30
N GLU G 10 57.28 20.38 40.28
CA GLU G 10 58.48 19.68 40.69
C GLU G 10 58.21 18.22 40.38
N ILE G 11 59.02 17.57 39.53
CA ILE G 11 58.78 16.17 39.17
C ILE G 11 59.22 15.24 40.32
N ASP G 12 58.33 14.31 40.70
CA ASP G 12 58.59 13.35 41.76
C ASP G 12 59.20 12.04 41.26
N ARG G 13 58.49 11.28 40.42
CA ARG G 13 58.98 9.98 39.92
C ARG G 13 58.17 9.54 38.70
N THR G 14 58.67 8.54 37.95
CA THR G 14 57.95 8.02 36.80
C THR G 14 56.91 7.05 37.32
N ILE G 15 55.64 7.30 37.04
CA ILE G 15 54.57 6.44 37.53
C ILE G 15 54.05 5.48 36.44
N GLY G 16 54.22 5.83 35.17
CA GLY G 16 53.77 5.00 34.08
C GLY G 16 54.44 5.32 32.75
N LYS G 17 53.98 4.65 31.71
CA LYS G 17 54.52 4.77 30.37
C LYS G 17 53.38 5.08 29.36
N GLY G 18 53.74 5.42 28.13
CA GLY G 18 52.73 5.66 27.10
C GLY G 18 53.32 5.70 25.72
N ASN G 19 52.48 5.68 24.69
CA ASN G 19 52.92 5.77 23.29
C ASN G 19 53.80 7.03 23.05
N PHE G 20 55.13 6.83 22.88
CA PHE G 20 56.11 7.91 22.69
C PHE G 20 56.15 8.89 23.87
N ALA G 21 55.73 8.44 25.07
CA ALA G 21 55.59 9.27 26.25
C ALA G 21 55.91 8.56 27.57
N VAL G 22 56.19 9.33 28.63
CA VAL G 22 56.46 8.82 29.96
C VAL G 22 55.55 9.59 30.91
N VAL G 23 54.78 8.89 31.74
CA VAL G 23 53.91 9.54 32.71
C VAL G 23 54.67 9.69 34.03
N LYS G 24 54.63 10.89 34.62
CA LYS G 24 55.34 11.18 35.87
C LYS G 24 54.46 11.86 36.88
N ARG G 25 54.68 11.64 38.18
CA ARG G 25 53.94 12.36 39.22
C ARG G 25 54.67 13.67 39.47
N ALA G 26 53.93 14.75 39.75
CA ALA G 26 54.53 16.05 40.01
C ALA G 26 53.77 16.82 41.10
N THR G 27 54.39 17.85 41.69
CA THR G 27 53.75 18.66 42.72
C THR G 27 53.68 20.08 42.24
N HIS G 28 52.51 20.74 42.37
CA HIS G 28 52.38 22.13 41.97
C HIS G 28 53.10 22.96 43.03
N LEU G 29 54.12 23.70 42.64
CA LEU G 29 54.91 24.50 43.58
C LEU G 29 54.11 25.56 44.35
N VAL G 30 53.02 26.07 43.78
CA VAL G 30 52.23 27.10 44.43
C VAL G 30 51.09 26.56 45.30
N THR G 31 50.48 25.42 44.92
CA THR G 31 49.35 24.87 45.68
C THR G 31 49.73 23.65 46.56
N LYS G 32 50.87 23.01 46.24
CA LYS G 32 51.39 21.80 46.88
C LYS G 32 50.57 20.54 46.57
N ALA G 33 49.69 20.60 45.53
CA ALA G 33 48.86 19.47 45.13
C ALA G 33 49.60 18.52 44.19
N LYS G 34 49.18 17.24 44.12
CA LYS G 34 49.81 16.28 43.22
C LYS G 34 49.06 16.23 41.90
N VAL G 35 49.79 16.13 40.80
CA VAL G 35 49.22 16.05 39.44
C VAL G 35 49.96 14.95 38.64
N ALA G 36 49.43 14.54 37.48
CA ALA G 36 50.11 13.58 36.61
C ALA G 36 50.54 14.32 35.36
N ILE G 37 51.74 14.06 34.85
CA ILE G 37 52.24 14.73 33.66
C ILE G 37 52.70 13.76 32.58
N LYS G 38 52.07 13.79 31.41
CA LYS G 38 52.51 12.95 30.30
C LYS G 38 53.58 13.78 29.58
N ILE G 39 54.79 13.26 29.47
CA ILE G 39 55.87 13.97 28.76
C ILE G 39 56.08 13.32 27.41
N ILE G 40 55.66 13.98 26.35
CA ILE G 40 55.74 13.44 25.00
C ILE G 40 56.92 13.94 24.22
N ASP G 41 57.59 12.98 23.55
CA ASP G 41 58.75 13.07 22.66
C ASP G 41 58.41 13.73 21.29
N LYS G 42 58.79 15.00 21.08
CA LYS G 42 58.49 15.69 19.82
C LYS G 42 59.57 15.47 18.74
N THR G 43 60.39 14.42 18.88
CA THR G 43 61.44 14.15 17.88
C THR G 43 61.08 12.94 16.98
N GLN G 44 60.42 11.91 17.55
CA GLN G 44 59.96 10.75 16.77
C GLN G 44 58.43 10.93 16.52
N LEU G 45 57.99 12.16 16.22
CA LEU G 45 56.58 12.49 16.01
C LEU G 45 56.37 13.24 14.70
N ASP G 46 55.54 12.69 13.80
CA ASP G 46 55.25 13.36 12.51
C ASP G 46 54.03 14.30 12.64
N GLU G 47 53.74 15.13 11.60
CA GLU G 47 52.59 16.05 11.64
C GLU G 47 51.25 15.33 11.87
N GLU G 48 51.13 14.05 11.41
CA GLU G 48 49.92 13.24 11.60
C GLU G 48 49.77 12.68 13.04
N ASN G 49 50.88 12.64 13.78
CA ASN G 49 50.93 12.22 15.17
C ASN G 49 50.71 13.41 16.08
N LEU G 50 51.31 14.58 15.75
CA LEU G 50 51.15 15.82 16.51
C LEU G 50 49.70 16.30 16.51
N LYS G 51 49.00 16.11 15.39
CA LYS G 51 47.59 16.47 15.24
C LYS G 51 46.71 15.57 16.12
N LYS G 52 47.08 14.28 16.26
CA LYS G 52 46.38 13.32 17.10
C LYS G 52 46.52 13.68 18.60
N ILE G 53 47.67 14.27 18.98
CA ILE G 53 47.91 14.70 20.36
C ILE G 53 47.04 15.92 20.66
N PHE G 54 46.98 16.89 19.74
CA PHE G 54 46.16 18.09 19.94
C PHE G 54 44.65 17.79 19.79
N ARG G 55 44.30 16.65 19.16
CA ARG G 55 42.92 16.17 19.05
C ARG G 55 42.50 15.64 20.43
N GLU G 56 43.40 14.86 21.08
CA GLU G 56 43.19 14.31 22.42
C GLU G 56 42.99 15.45 23.40
N VAL G 57 43.83 16.51 23.31
CA VAL G 57 43.72 17.68 24.17
C VAL G 57 42.38 18.36 23.96
N GLN G 58 41.96 18.52 22.69
CA GLN G 58 40.69 19.12 22.31
C GLN G 58 39.49 18.40 22.93
N ILE G 59 39.58 17.07 23.03
CA ILE G 59 38.52 16.22 23.58
C ILE G 59 38.49 16.30 25.10
N MET G 60 39.66 16.29 25.73
CA MET G 60 39.77 16.41 27.18
C MET G 60 39.24 17.75 27.70
N LYS G 61 39.30 18.80 26.89
CA LYS G 61 38.80 20.13 27.24
C LYS G 61 37.25 20.14 27.30
N MET G 62 36.59 19.25 26.54
CA MET G 62 35.12 19.16 26.49
C MET G 62 34.53 18.32 27.63
N LEU G 63 35.34 17.45 28.27
CA LEU G 63 34.82 16.51 29.27
C LEU G 63 35.08 16.87 30.73
N SER G 64 34.02 17.26 31.43
CA SER G 64 34.08 17.58 32.85
C SER G 64 33.04 16.69 33.51
N HIS G 65 33.50 15.62 34.14
CA HIS G 65 32.62 14.63 34.76
C HIS G 65 33.32 14.04 36.01
N PRO G 66 32.54 13.67 37.06
CA PRO G 66 33.17 13.12 38.26
C PRO G 66 33.97 11.83 38.06
N HIS G 67 33.71 11.08 36.98
CA HIS G 67 34.43 9.84 36.71
C HIS G 67 35.31 9.89 35.49
N ILE G 68 35.79 11.08 35.14
CA ILE G 68 36.73 11.28 34.03
C ILE G 68 37.91 12.12 34.56
N ILE G 69 39.14 11.76 34.15
CA ILE G 69 40.34 12.46 34.58
C ILE G 69 40.34 13.89 34.01
N ARG G 70 40.54 14.88 34.89
CA ARG G 70 40.47 16.28 34.52
C ARG G 70 41.80 16.86 34.04
N LEU G 71 41.82 17.43 32.83
CA LEU G 71 43.02 18.08 32.28
C LEU G 71 43.13 19.46 32.91
N TYR G 72 44.31 19.79 33.46
CA TYR G 72 44.54 21.07 34.13
C TYR G 72 45.33 22.04 33.28
N GLN G 73 46.45 21.59 32.68
CA GLN G 73 47.31 22.49 31.92
C GLN G 73 48.04 21.79 30.78
N VAL G 74 48.37 22.52 29.72
CA VAL G 74 49.13 22.01 28.59
C VAL G 74 50.31 22.94 28.35
N MET G 75 51.53 22.41 28.36
CA MET G 75 52.73 23.22 28.13
C MET G 75 53.51 22.65 26.95
N GLU G 76 54.06 23.51 26.09
CA GLU G 76 54.83 23.03 24.96
C GLU G 76 56.15 23.79 24.80
N THR G 77 57.25 23.03 24.70
CA THR G 77 58.60 23.56 24.50
C THR G 77 59.10 23.19 23.08
N GLU G 78 60.31 23.67 22.69
CA GLU G 78 60.88 23.37 21.38
C GLU G 78 61.09 21.87 21.11
N ARG G 79 61.23 21.03 22.16
CA ARG G 79 61.43 19.60 21.97
C ARG G 79 60.43 18.72 22.69
N MET G 80 59.58 19.30 23.57
CA MET G 80 58.64 18.48 24.36
C MET G 80 57.22 19.05 24.45
N ILE G 81 56.26 18.20 24.81
CA ILE G 81 54.86 18.59 25.03
C ILE G 81 54.43 17.91 26.35
N TYR G 82 53.97 18.70 27.32
CA TYR G 82 53.58 18.23 28.64
C TYR G 82 52.10 18.40 28.87
N LEU G 83 51.41 17.33 29.32
CA LEU G 83 49.98 17.38 29.63
C LEU G 83 49.81 17.15 31.10
N VAL G 84 49.31 18.14 31.84
CA VAL G 84 49.10 18.02 33.28
C VAL G 84 47.63 17.72 33.61
N THR G 85 47.35 16.59 34.28
CA THR G 85 45.99 16.21 34.66
C THR G 85 45.90 15.93 36.19
N GLU G 86 44.67 15.74 36.74
CA GLU G 86 44.56 15.38 38.15
C GLU G 86 45.24 14.03 38.44
N TYR G 87 45.68 13.85 39.69
CA TYR G 87 46.38 12.62 40.06
C TYR G 87 45.42 11.58 40.63
N ALA G 88 45.39 10.40 40.01
CA ALA G 88 44.59 9.27 40.45
C ALA G 88 45.43 8.49 41.45
N SER G 89 45.37 8.90 42.72
CA SER G 89 46.12 8.37 43.84
C SER G 89 46.17 6.83 43.95
N GLY G 90 45.05 6.18 43.66
CA GLY G 90 44.92 4.73 43.75
C GLY G 90 45.45 3.92 42.56
N GLY G 91 45.90 4.60 41.52
CA GLY G 91 46.48 3.96 40.34
C GLY G 91 45.50 3.21 39.49
N GLU G 92 45.99 2.26 38.66
CA GLU G 92 45.14 1.47 37.78
C GLU G 92 44.30 0.40 38.47
N ILE G 93 43.15 0.04 37.86
CA ILE G 93 42.31 -1.07 38.29
C ILE G 93 43.09 -2.38 38.06
N PHE G 94 43.84 -2.47 36.94
CA PHE G 94 44.66 -3.62 36.58
C PHE G 94 45.60 -4.03 37.72
N ASP G 95 46.29 -3.06 38.32
CA ASP G 95 47.21 -3.34 39.42
C ASP G 95 46.47 -3.78 40.68
N HIS G 96 45.25 -3.28 40.88
CA HIS G 96 44.42 -3.68 42.00
C HIS G 96 43.95 -5.12 41.85
N LEU G 97 43.69 -5.55 40.60
CA LEU G 97 43.32 -6.94 40.27
C LEU G 97 44.52 -7.88 40.44
N VAL G 98 45.72 -7.41 40.11
CA VAL G 98 46.93 -8.21 40.28
C VAL G 98 47.18 -8.42 41.79
N ALA G 99 46.88 -7.44 42.63
CA ALA G 99 47.10 -7.52 44.05
C ALA G 99 46.06 -8.31 44.82
N HIS G 100 44.77 -8.24 44.40
CA HIS G 100 43.71 -8.88 45.18
C HIS G 100 42.83 -9.87 44.44
N GLY G 101 43.06 -10.04 43.15
CA GLY G 101 42.28 -10.99 42.36
C GLY G 101 40.91 -10.48 41.99
N ARG G 102 40.02 -11.38 41.58
CA ARG G 102 38.67 -11.03 41.16
C ARG G 102 37.90 -10.25 42.21
N MET G 103 37.08 -9.31 41.75
CA MET G 103 36.24 -8.50 42.62
C MET G 103 34.94 -9.22 42.87
N ALA G 104 34.38 -9.06 44.08
CA ALA G 104 33.07 -9.61 44.41
C ALA G 104 32.03 -8.87 43.56
N GLU G 105 31.01 -9.56 43.01
CA GLU G 105 30.02 -8.90 42.15
C GLU G 105 29.41 -7.62 42.73
N LYS G 106 29.35 -7.51 44.07
CA LYS G 106 28.83 -6.31 44.73
C LYS G 106 29.81 -5.14 44.50
N GLU G 107 31.11 -5.37 44.76
CA GLU G 107 32.16 -4.39 44.58
C GLU G 107 32.33 -4.05 43.08
N ALA G 108 32.26 -5.07 42.23
CA ALA G 108 32.39 -4.94 40.78
C ALA G 108 31.26 -4.13 40.20
N ARG G 109 30.03 -4.31 40.71
CA ARG G 109 28.87 -3.56 40.23
C ARG G 109 29.05 -2.10 40.51
N ARG G 110 29.60 -1.74 41.69
CA ARG G 110 29.85 -0.35 42.03
C ARG G 110 30.79 0.30 41.02
N LYS G 111 31.94 -0.34 40.71
CA LYS G 111 32.92 0.19 39.77
C LYS G 111 32.35 0.23 38.35
N PHE G 112 31.68 -0.84 37.92
CA PHE G 112 31.11 -0.90 36.58
C PHE G 112 30.07 0.19 36.36
N LYS G 113 29.27 0.50 37.39
CA LYS G 113 28.29 1.59 37.29
C LYS G 113 29.01 2.91 37.03
N GLN G 114 30.08 3.18 37.81
CA GLN G 114 30.90 4.38 37.68
C GLN G 114 31.50 4.44 36.29
N ILE G 115 31.98 3.32 35.77
CA ILE G 115 32.56 3.27 34.44
C ILE G 115 31.52 3.62 33.37
N VAL G 116 30.35 2.94 33.35
CA VAL G 116 29.33 3.23 32.34
C VAL G 116 28.77 4.66 32.48
N THR G 117 28.89 5.28 33.67
CA THR G 117 28.46 6.65 33.94
C THR G 117 29.33 7.62 33.11
N ALA G 118 30.64 7.35 33.06
CA ALA G 118 31.62 8.15 32.34
C ALA G 118 31.54 7.91 30.83
N VAL G 119 31.35 6.63 30.41
CA VAL G 119 31.26 6.24 29.01
C VAL G 119 29.96 6.74 28.38
N TYR G 120 28.86 6.72 29.16
CA TYR G 120 27.57 7.25 28.69
C TYR G 120 27.71 8.78 28.50
N PHE G 121 28.36 9.46 29.46
CA PHE G 121 28.60 10.88 29.36
C PHE G 121 29.44 11.23 28.12
N CYS G 122 30.38 10.36 27.76
CA CYS G 122 31.23 10.57 26.59
C CYS G 122 30.41 10.50 25.34
N HIS G 123 29.51 9.51 25.24
CA HIS G 123 28.68 9.37 24.06
C HIS G 123 27.64 10.52 23.94
N SER G 124 27.25 11.13 25.09
CA SER G 124 26.34 12.28 25.11
C SER G 124 27.01 13.44 24.41
N ARG G 125 28.29 13.69 24.73
CA ARG G 125 29.07 14.75 24.10
C ARG G 125 29.58 14.35 22.71
N ASN G 126 29.08 13.25 22.13
CA ASN G 126 29.44 12.74 20.82
C ASN G 126 30.92 12.38 20.73
N ILE G 127 31.43 11.67 21.74
CA ILE G 127 32.83 11.24 21.82
C ILE G 127 32.89 9.74 22.16
N VAL G 128 33.78 8.96 21.51
CA VAL G 128 33.96 7.55 21.83
C VAL G 128 35.38 7.35 22.31
N HIS G 129 35.59 6.59 23.41
CA HIS G 129 36.91 6.39 23.99
C HIS G 129 37.85 5.56 23.13
N ARG G 130 37.37 4.39 22.68
CA ARG G 130 38.07 3.44 21.81
C ARG G 130 39.35 2.83 22.41
N ASP G 131 39.58 3.02 23.70
CA ASP G 131 40.79 2.49 24.34
C ASP G 131 40.54 2.07 25.81
N LEU G 132 39.33 1.56 26.09
CA LEU G 132 38.96 1.14 27.44
C LEU G 132 39.71 -0.12 27.80
N LYS G 133 40.43 -0.11 28.91
CA LYS G 133 41.20 -1.26 29.39
C LYS G 133 41.40 -1.13 30.88
N ALA G 134 41.74 -2.22 31.59
CA ALA G 134 41.91 -2.17 33.04
C ALA G 134 43.03 -1.22 33.46
N GLU G 135 44.05 -1.06 32.63
CA GLU G 135 45.17 -0.17 32.93
C GLU G 135 44.84 1.34 32.67
N ASN G 136 43.65 1.63 32.14
CA ASN G 136 43.14 2.99 31.85
C ASN G 136 42.07 3.44 32.83
N LEU G 137 41.47 2.51 33.55
CA LEU G 137 40.41 2.78 34.50
C LEU G 137 41.12 3.00 35.82
N LEU G 138 41.38 4.26 36.14
CA LEU G 138 42.13 4.60 37.34
C LEU G 138 41.23 4.79 38.56
N LEU G 139 41.83 4.81 39.75
CA LEU G 139 41.10 4.98 40.99
C LEU G 139 41.61 6.19 41.73
N ASP G 140 40.71 7.00 42.29
CA ASP G 140 41.11 8.17 43.08
C ASP G 140 41.51 7.74 44.53
N ALA G 141 41.70 8.70 45.45
CA ALA G 141 42.06 8.39 46.83
C ALA G 141 40.96 7.60 47.55
N ASN G 142 39.69 7.79 47.15
CA ASN G 142 38.54 7.11 47.75
C ASN G 142 38.12 5.85 46.96
N LEU G 143 39.01 5.35 46.08
CA LEU G 143 38.85 4.19 45.21
C LEU G 143 37.67 4.31 44.26
N ASN G 144 37.50 5.49 43.67
CA ASN G 144 36.43 5.72 42.71
C ASN G 144 37.00 5.85 41.31
N ILE G 145 36.32 5.28 40.32
CA ILE G 145 36.76 5.26 38.94
C ILE G 145 36.96 6.66 38.33
N LYS G 146 38.02 6.81 37.54
CA LYS G 146 38.39 7.99 36.78
C LYS G 146 38.92 7.48 35.45
N ILE G 147 38.13 7.62 34.39
CA ILE G 147 38.48 7.19 33.03
C ILE G 147 39.60 8.08 32.48
N ALA G 148 40.63 7.47 31.89
CA ALA G 148 41.78 8.25 31.43
C ALA G 148 42.28 7.82 30.04
N ASP G 149 43.21 8.58 29.43
CA ASP G 149 43.83 8.31 28.13
C ASP G 149 42.86 8.40 26.97
N PHE G 150 42.67 9.63 26.50
CA PHE G 150 41.83 9.89 25.35
C PHE G 150 42.68 10.05 24.08
N GLY G 151 43.79 9.33 23.99
CA GLY G 151 44.69 9.38 22.84
C GLY G 151 44.06 8.79 21.60
N PHE G 152 43.28 7.71 21.77
CA PHE G 152 42.57 7.06 20.69
C PHE G 152 41.10 7.52 20.57
N SER G 153 40.61 8.34 21.52
CA SER G 153 39.24 8.84 21.50
C SER G 153 38.93 9.74 20.31
N ASN G 154 37.66 9.82 19.88
CA ASN G 154 37.29 10.66 18.73
C ASN G 154 35.85 11.17 18.75
N LEU G 155 35.57 12.24 17.99
CA LEU G 155 34.22 12.78 17.87
C LEU G 155 33.43 11.98 16.83
N PHE G 156 32.17 11.68 17.12
CA PHE G 156 31.32 10.93 16.20
C PHE G 156 29.93 11.54 16.07
N THR G 157 29.21 11.19 14.99
CA THR G 157 27.82 11.57 14.81
C THR G 157 27.04 10.26 14.81
N PRO G 158 25.96 10.15 15.62
CA PRO G 158 25.20 8.88 15.65
C PRO G 158 24.78 8.41 14.25
N GLY G 159 25.11 7.16 13.92
CA GLY G 159 24.82 6.59 12.62
C GLY G 159 25.94 6.69 11.61
N GLN G 160 27.15 7.10 12.05
CA GLN G 160 28.30 7.23 11.15
C GLN G 160 29.30 6.07 11.37
N LEU G 161 30.14 5.82 10.36
CA LEU G 161 31.13 4.76 10.46
C LEU G 161 32.56 5.28 10.54
N LEU G 162 33.28 4.85 11.58
CA LEU G 162 34.67 5.24 11.80
C LEU G 162 35.65 4.31 11.11
N LYS G 163 36.82 4.83 10.75
CA LYS G 163 37.83 4.05 10.03
C LYS G 163 39.18 3.97 10.73
N TPO G 164 39.24 4.28 12.04
CA TPO G 164 40.51 4.23 12.76
CB TPO G 164 40.80 5.46 13.65
CG2 TPO G 164 42.14 5.27 14.34
OG1 TPO G 164 40.94 6.61 12.76
P TPO G 164 40.19 7.88 13.19
O1P TPO G 164 40.46 8.91 12.12
O2P TPO G 164 40.71 8.33 14.55
O3P TPO G 164 38.70 7.62 13.32
C TPO G 164 40.57 2.97 13.54
O TPO G 164 39.81 2.83 14.50
N TRP G 165 41.45 2.04 13.16
CA TRP G 165 41.55 0.76 13.88
C TRP G 165 42.53 0.86 15.02
N CYS G 166 42.02 1.31 16.17
CA CYS G 166 42.83 1.54 17.35
C CYS G 166 42.18 0.92 18.59
N GLY G 167 42.99 0.69 19.62
CA GLY G 167 42.50 0.14 20.88
C GLY G 167 43.44 -0.87 21.52
N SER G 168 43.15 -1.29 22.74
CA SER G 168 43.96 -2.30 23.44
C SER G 168 43.53 -3.66 22.93
N PRO G 169 44.43 -4.42 22.30
CA PRO G 169 44.05 -5.71 21.70
C PRO G 169 43.13 -6.63 22.55
N PRO G 170 43.40 -6.97 23.82
CA PRO G 170 42.47 -7.84 24.55
C PRO G 170 41.04 -7.29 24.73
N TYR G 171 40.89 -5.96 24.72
CA TYR G 171 39.57 -5.33 24.89
C TYR G 171 38.95 -4.88 23.57
N ALA G 172 39.70 -4.97 22.45
CA ALA G 172 39.24 -4.52 21.14
C ALA G 172 38.15 -5.41 20.56
N ALA G 173 37.11 -4.77 20.00
CA ALA G 173 35.98 -5.43 19.37
C ALA G 173 36.43 -6.21 18.13
N PRO G 174 35.76 -7.31 17.75
CA PRO G 174 36.23 -8.10 16.60
C PRO G 174 36.40 -7.33 15.31
N GLU G 175 35.48 -6.43 15.00
CA GLU G 175 35.53 -5.67 13.74
C GLU G 175 36.74 -4.74 13.65
N LEU G 176 37.35 -4.37 14.79
CA LEU G 176 38.56 -3.56 14.79
C LEU G 176 39.71 -4.40 14.22
N PHE G 177 39.79 -5.70 14.62
CA PHE G 177 40.79 -6.65 14.12
C PHE G 177 40.55 -6.96 12.64
N GLU G 178 39.27 -7.04 12.25
CA GLU G 178 38.86 -7.31 10.87
C GLU G 178 39.04 -6.11 9.94
N GLY G 179 39.25 -4.91 10.47
CA GLY G 179 39.42 -3.70 9.67
C GLY G 179 38.14 -3.26 9.00
N LYS G 180 37.01 -3.39 9.71
CA LYS G 180 35.69 -3.00 9.20
C LYS G 180 35.33 -1.58 9.64
N GLU G 181 34.62 -0.79 8.80
CA GLU G 181 34.14 0.54 9.22
C GLU G 181 33.06 0.28 10.27
N TYR G 182 33.20 0.82 11.47
CA TYR G 182 32.36 0.47 12.60
C TYR G 182 31.55 1.62 13.22
N ASP G 183 30.61 1.26 14.12
CA ASP G 183 29.86 2.22 14.91
C ASP G 183 30.64 2.40 16.21
N GLY G 184 30.98 3.64 16.52
CA GLY G 184 31.73 4.03 17.70
C GLY G 184 31.25 3.44 19.01
N PRO G 185 30.05 3.80 19.46
CA PRO G 185 29.56 3.29 20.75
C PRO G 185 29.53 1.78 20.88
N LYS G 186 29.21 1.04 19.80
CA LYS G 186 29.15 -0.43 19.84
C LYS G 186 30.50 -1.06 20.14
N VAL G 187 31.58 -0.44 19.69
CA VAL G 187 32.93 -0.92 19.98
C VAL G 187 33.27 -0.69 21.46
N ASP G 188 32.83 0.44 22.03
CA ASP G 188 33.00 0.78 23.43
C ASP G 188 32.19 -0.19 24.31
N ILE G 189 31.01 -0.65 23.84
CA ILE G 189 30.19 -1.63 24.56
C ILE G 189 30.91 -2.95 24.64
N TRP G 190 31.57 -3.37 23.54
CA TRP G 190 32.36 -4.61 23.54
C TRP G 190 33.46 -4.51 24.60
N SER G 191 34.23 -3.41 24.59
CA SER G 191 35.28 -3.15 25.57
C SER G 191 34.73 -3.18 26.98
N LEU G 192 33.52 -2.64 27.19
CA LEU G 192 32.87 -2.67 28.51
C LEU G 192 32.54 -4.08 28.94
N GLY G 193 32.15 -4.93 28.00
CA GLY G 193 31.88 -6.34 28.28
C GLY G 193 33.13 -7.05 28.78
N VAL G 194 34.27 -6.79 28.12
CA VAL G 194 35.58 -7.35 28.47
C VAL G 194 35.99 -6.84 29.85
N VAL G 195 35.79 -5.54 30.09
CA VAL G 195 36.09 -4.90 31.37
C VAL G 195 35.28 -5.56 32.50
N LEU G 196 33.98 -5.75 32.30
CA LEU G 196 33.13 -6.38 33.30
C LEU G 196 33.58 -7.81 33.59
N TYR G 197 33.98 -8.54 32.54
CA TYR G 197 34.46 -9.90 32.71
C TYR G 197 35.74 -9.91 33.54
N VAL G 198 36.74 -9.08 33.17
CA VAL G 198 38.01 -9.04 33.89
C VAL G 198 37.84 -8.57 35.35
N LEU G 199 36.80 -7.78 35.65
CA LEU G 199 36.57 -7.31 37.01
C LEU G 199 36.05 -8.45 37.89
N VAL G 200 35.06 -9.21 37.41
CA VAL G 200 34.47 -10.28 38.19
C VAL G 200 35.24 -11.62 38.13
N CYS G 201 36.14 -11.78 37.15
CA CYS G 201 36.91 -13.03 36.98
C CYS G 201 38.37 -12.91 37.33
N GLY G 202 38.92 -11.70 37.26
CA GLY G 202 40.34 -11.48 37.52
C GLY G 202 41.23 -12.06 36.43
N ALA G 203 40.68 -12.23 35.23
CA ALA G 203 41.34 -12.78 34.05
C ALA G 203 40.57 -12.33 32.80
N LEU G 204 41.20 -12.35 31.63
CA LEU G 204 40.55 -11.92 30.38
C LEU G 204 39.68 -13.02 29.78
N PRO G 205 38.58 -12.68 29.06
CA PRO G 205 37.79 -13.74 28.40
C PRO G 205 38.53 -14.33 27.21
N PHE G 206 39.31 -13.49 26.51
CA PHE G 206 40.12 -13.88 25.35
C PHE G 206 41.55 -13.53 25.67
N ASP G 207 42.47 -14.50 25.56
CA ASP G 207 43.88 -14.37 25.88
C ASP G 207 44.73 -15.36 25.04
N GLY G 208 46.02 -15.10 24.93
CA GLY G 208 46.93 -15.94 24.17
C GLY G 208 48.39 -15.58 24.42
N SER G 209 49.31 -16.37 23.84
CA SER G 209 50.74 -16.09 24.02
C SER G 209 51.18 -14.88 23.20
N THR G 210 50.60 -14.71 22.00
CA THR G 210 50.91 -13.58 21.13
C THR G 210 49.63 -12.87 20.66
N LEU G 211 49.78 -11.69 20.04
CA LEU G 211 48.69 -10.92 19.45
C LEU G 211 47.97 -11.73 18.37
N GLN G 212 48.70 -12.58 17.62
CA GLN G 212 48.10 -13.43 16.58
C GLN G 212 47.13 -14.41 17.22
N ASN G 213 47.51 -15.02 18.36
CA ASN G 213 46.67 -15.97 19.10
C ASN G 213 45.52 -15.28 19.78
N LEU G 214 45.76 -14.09 20.32
CA LEU G 214 44.75 -13.28 21.00
C LEU G 214 43.68 -12.88 19.99
N ARG G 215 44.07 -12.50 18.74
CA ARG G 215 43.13 -12.11 17.69
C ARG G 215 42.22 -13.29 17.35
N ALA G 216 42.82 -14.48 17.21
CA ALA G 216 42.11 -15.72 16.89
C ALA G 216 40.99 -15.98 17.89
N ARG G 217 41.29 -15.73 19.18
CA ARG G 217 40.39 -15.84 20.32
C ARG G 217 39.21 -14.86 20.25
N VAL G 218 39.49 -13.54 20.15
CA VAL G 218 38.46 -12.49 20.08
C VAL G 218 37.50 -12.74 18.95
N LEU G 219 38.04 -13.14 17.79
CA LEU G 219 37.22 -13.42 16.61
C LEU G 219 36.32 -14.65 16.75
N SER G 220 36.68 -15.58 17.64
CA SER G 220 35.84 -16.75 17.91
C SER G 220 34.55 -16.36 18.65
N GLY G 221 34.65 -15.38 19.54
CA GLY G 221 33.53 -14.94 20.36
C GLY G 221 33.13 -15.93 21.45
N LYS G 222 33.96 -16.98 21.65
CA LYS G 222 33.70 -18.02 22.62
C LYS G 222 34.55 -17.73 23.86
N PHE G 223 33.96 -17.82 25.04
CA PHE G 223 34.68 -17.55 26.29
C PHE G 223 34.05 -18.32 27.44
N ARG G 224 34.86 -18.68 28.44
CA ARG G 224 34.37 -19.47 29.57
C ARG G 224 33.73 -18.63 30.66
N ILE G 225 32.53 -19.03 31.10
CA ILE G 225 31.90 -18.38 32.24
C ILE G 225 32.16 -19.27 33.46
N PRO G 226 32.91 -18.75 34.44
CA PRO G 226 33.25 -19.57 35.62
C PRO G 226 32.08 -19.79 36.55
N PHE G 227 32.20 -20.82 37.38
CA PHE G 227 31.17 -21.24 38.32
C PHE G 227 30.70 -20.17 39.28
N PHE G 228 31.63 -19.34 39.77
CA PHE G 228 31.30 -18.29 40.73
C PHE G 228 30.45 -17.14 40.15
N MET G 229 30.41 -17.01 38.82
CA MET G 229 29.64 -15.95 38.20
C MET G 229 28.14 -16.23 38.23
N SER G 230 27.37 -15.21 38.67
CA SER G 230 25.93 -15.30 38.75
C SER G 230 25.29 -15.41 37.36
N THR G 231 24.06 -15.96 37.30
CA THR G 231 23.36 -16.10 36.03
C THR G 231 22.99 -14.74 35.42
N GLU G 232 22.75 -13.72 36.25
CA GLU G 232 22.42 -12.37 35.78
C GLU G 232 23.66 -11.70 35.17
N CYS G 233 24.82 -11.88 35.81
CA CYS G 233 26.08 -11.31 35.32
C CYS G 233 26.48 -11.98 34.03
N GLU G 234 26.30 -13.33 33.94
CA GLU G 234 26.61 -14.09 32.73
C GLU G 234 25.74 -13.58 31.58
N HIS G 235 24.45 -13.32 31.84
CA HIS G 235 23.52 -12.81 30.85
C HIS G 235 23.98 -11.46 30.32
N LEU G 236 24.40 -10.57 31.21
CA LEU G 236 24.85 -9.24 30.82
C LEU G 236 26.09 -9.30 29.93
N ILE G 237 27.11 -10.06 30.36
CA ILE G 237 28.34 -10.20 29.58
C ILE G 237 28.06 -10.85 28.23
N ARG G 238 27.28 -11.93 28.22
CA ARG G 238 26.95 -12.63 26.97
C ARG G 238 26.19 -11.74 25.99
N HIS G 239 25.45 -10.73 26.49
CA HIS G 239 24.71 -9.79 25.64
C HIS G 239 25.51 -8.54 25.24
N MET G 240 26.75 -8.40 25.73
CA MET G 240 27.66 -7.31 25.38
C MET G 240 28.72 -7.87 24.43
N LEU G 241 29.27 -9.06 24.75
CA LEU G 241 30.27 -9.71 23.93
C LEU G 241 29.59 -10.53 22.84
N VAL G 242 28.93 -9.83 21.91
CA VAL G 242 28.24 -10.42 20.78
C VAL G 242 29.03 -10.05 19.53
N LEU G 243 29.33 -11.03 18.66
CA LEU G 243 30.09 -10.74 17.45
C LEU G 243 29.40 -9.70 16.55
N ASP G 244 28.09 -9.85 16.29
CA ASP G 244 27.32 -8.89 15.49
C ASP G 244 27.11 -7.62 16.31
N PRO G 245 27.63 -6.48 15.87
CA PRO G 245 27.50 -5.24 16.65
C PRO G 245 26.06 -4.81 16.89
N ASN G 246 25.17 -5.10 15.95
CA ASN G 246 23.76 -4.74 16.06
C ASN G 246 23.04 -5.51 17.17
N LYS G 247 23.51 -6.72 17.50
CA LYS G 247 22.90 -7.54 18.53
C LYS G 247 23.49 -7.30 19.93
N ARG G 248 24.32 -6.25 20.10
CA ARG G 248 24.90 -5.93 21.40
C ARG G 248 23.99 -4.94 22.09
N LEU G 249 23.86 -5.05 23.42
CA LEU G 249 23.01 -4.16 24.21
C LEU G 249 23.35 -2.70 24.01
N SER G 250 22.36 -1.81 24.10
CA SER G 250 22.64 -0.37 24.01
C SER G 250 23.06 0.11 25.41
N MET G 251 23.65 1.31 25.52
CA MET G 251 24.05 1.85 26.82
C MET G 251 22.86 1.97 27.79
N GLU G 252 21.66 2.22 27.27
CA GLU G 252 20.45 2.33 28.08
C GLU G 252 20.03 0.96 28.59
N GLN G 253 20.10 -0.06 27.72
CA GLN G 253 19.78 -1.45 28.06
C GLN G 253 20.75 -1.98 29.10
N ILE G 254 22.03 -1.57 29.04
CA ILE G 254 23.05 -2.00 29.99
C ILE G 254 22.71 -1.43 31.37
N CYS G 255 22.32 -0.15 31.43
CA CYS G 255 21.98 0.54 32.68
C CYS G 255 20.78 -0.07 33.39
N LYS G 256 19.81 -0.55 32.61
CA LYS G 256 18.60 -1.12 33.18
C LYS G 256 18.61 -2.65 33.20
N HIS G 257 19.79 -3.27 33.15
CA HIS G 257 19.88 -4.73 33.18
C HIS G 257 19.51 -5.28 34.57
N LYS G 258 19.02 -6.53 34.65
CA LYS G 258 18.67 -7.13 35.94
C LYS G 258 19.86 -7.14 36.91
N TRP G 259 21.09 -7.37 36.40
CA TRP G 259 22.31 -7.38 37.21
C TRP G 259 22.63 -5.99 37.74
N MET G 260 22.43 -4.99 36.90
CA MET G 260 22.69 -3.60 37.26
C MET G 260 21.70 -3.11 38.33
N LYS G 261 20.45 -3.55 38.24
CA LYS G 261 19.41 -3.16 39.21
C LYS G 261 19.50 -3.93 40.54
N LEU G 262 20.33 -4.99 40.59
CA LEU G 262 20.51 -5.85 41.75
C LEU G 262 21.11 -5.11 42.95
N GLY G 263 20.82 -5.64 44.12
CA GLY G 263 21.27 -5.06 45.38
C GLY G 263 20.37 -3.93 45.82
N ASP G 264 20.94 -2.98 46.55
CA ASP G 264 20.19 -1.82 47.05
C ASP G 264 19.81 -0.89 45.90
N ALA G 265 18.71 -0.13 46.07
CA ALA G 265 18.27 0.84 45.09
C ALA G 265 19.35 1.94 44.98
N ASP G 266 19.80 2.24 43.75
CA ASP G 266 20.83 3.25 43.55
C ASP G 266 20.29 4.46 42.80
N PRO G 267 19.69 5.43 43.50
CA PRO G 267 19.18 6.62 42.82
C PRO G 267 20.30 7.53 42.31
N ASN G 268 21.51 7.45 42.89
CA ASN G 268 22.62 8.27 42.44
C ASN G 268 23.09 7.85 41.04
N PHE G 269 23.00 6.55 40.73
CA PHE G 269 23.37 6.04 39.41
C PHE G 269 22.35 6.53 38.38
N ASP G 270 21.06 6.46 38.72
CA ASP G 270 19.97 6.92 37.85
C ASP G 270 20.06 8.43 37.61
N ARG G 271 20.54 9.19 38.60
CA ARG G 271 20.68 10.64 38.49
C ARG G 271 21.78 10.98 37.50
N LEU G 272 22.92 10.28 37.58
CA LEU G 272 24.04 10.51 36.69
C LEU G 272 23.76 10.09 35.26
N ILE G 273 22.92 9.07 35.08
CA ILE G 273 22.58 8.59 33.75
C ILE G 273 21.57 9.52 33.09
N ALA G 274 20.60 10.03 33.87
CA ALA G 274 19.58 10.96 33.37
C ALA G 274 20.19 12.30 32.98
N GLU G 275 21.23 12.74 33.71
CA GLU G 275 21.93 13.99 33.40
C GLU G 275 22.64 13.92 32.05
N SER G 276 23.17 12.74 31.71
CA SER G 276 23.83 12.52 30.44
C SER G 276 22.83 12.55 29.27
N GLN G 277 21.55 12.19 29.52
CA GLN G 277 20.50 12.17 28.50
C GLN G 277 19.81 13.51 28.29
N GLN G 278 20.18 14.57 29.03
CA GLN G 278 19.53 15.86 28.85
C GLN G 278 19.96 16.47 27.52
N LEU G 279 19.03 17.17 26.85
CA LEU G 279 19.26 17.80 25.54
C LEU G 279 20.38 18.83 25.62
N LYS G 280 21.07 19.09 24.51
CA LYS G 280 22.18 20.06 24.50
C LYS G 280 21.76 21.53 24.76
N GLU G 281 20.44 21.84 24.80
CA GLU G 281 19.98 23.21 25.07
C GLU G 281 20.27 23.64 26.53
N GLU G 282 20.23 22.67 27.47
CA GLU G 282 20.49 22.94 28.88
C GLU G 282 21.96 22.66 29.28
N ARG G 283 22.88 22.80 28.32
CA ARG G 283 24.31 22.57 28.53
C ARG G 283 25.13 23.34 27.48
N PRO G 287 29.04 27.75 34.67
CA PRO G 287 29.36 27.84 36.11
C PRO G 287 30.58 28.73 36.38
N LEU G 288 30.60 29.48 37.51
CA LEU G 288 31.77 30.33 37.84
C LEU G 288 32.05 30.51 39.36
N ASN G 289 33.33 30.33 39.79
CA ASN G 289 33.70 30.41 41.21
C ASN G 289 34.31 31.75 41.62
N GLU G 290 33.53 32.66 42.21
CA GLU G 290 34.05 33.96 42.63
C GLU G 290 34.88 33.90 43.93
N ASP G 291 34.79 32.80 44.69
CA ASP G 291 35.56 32.67 45.92
C ASP G 291 36.99 32.32 45.59
N VAL G 292 37.21 31.43 44.60
CA VAL G 292 38.54 31.04 44.13
C VAL G 292 39.23 32.20 43.44
N LEU G 293 38.49 32.96 42.63
CA LEU G 293 39.02 34.14 41.95
C LEU G 293 39.51 35.21 42.95
N LEU G 294 38.92 35.23 44.15
CA LEU G 294 39.32 36.18 45.19
C LEU G 294 40.57 35.70 45.91
N ALA G 295 40.65 34.40 46.17
CA ALA G 295 41.80 33.79 46.83
C ALA G 295 43.04 33.96 45.98
N MET G 296 42.93 33.87 44.64
CA MET G 296 44.09 34.05 43.78
C MET G 296 44.46 35.53 43.71
N GLU G 297 43.48 36.42 43.69
CA GLU G 297 43.75 37.86 43.65
C GLU G 297 44.46 38.29 44.93
N ASP G 298 44.02 37.76 46.09
CA ASP G 298 44.64 38.08 47.38
C ASP G 298 45.88 37.21 47.69
N MET G 299 46.06 36.12 46.96
CA MET G 299 47.21 35.22 46.98
C MET G 299 48.43 35.88 46.30
N GLY G 300 48.18 36.83 45.38
CA GLY G 300 49.22 37.55 44.68
C GLY G 300 49.08 37.61 43.17
N LEU G 301 48.22 36.79 42.58
CA LEU G 301 48.06 36.76 41.12
C LEU G 301 47.20 37.92 40.60
N ASP G 302 47.46 38.39 39.36
CA ASP G 302 46.64 39.49 38.81
C ASP G 302 45.29 38.97 38.32
N LYS G 303 44.25 39.72 38.67
CA LYS G 303 42.85 39.44 38.46
C LYS G 303 42.42 39.44 37.00
N GLU G 304 42.82 40.47 36.24
CA GLU G 304 42.44 40.57 34.83
C GLU G 304 43.07 39.48 33.97
N GLN G 305 44.31 39.12 34.28
CA GLN G 305 45.02 38.07 33.54
C GLN G 305 44.46 36.69 33.83
N THR G 306 43.98 36.48 35.07
CA THR G 306 43.37 35.22 35.50
C THR G 306 42.06 35.04 34.72
N LEU G 307 41.25 36.11 34.62
CA LEU G 307 39.98 36.11 33.93
C LEU G 307 40.16 35.83 32.45
N GLN G 308 41.14 36.48 31.82
CA GLN G 308 41.45 36.29 30.41
C GLN G 308 41.83 34.84 30.06
N SER G 309 42.61 34.18 30.94
CA SER G 309 43.02 32.79 30.73
C SER G 309 41.86 31.80 30.87
N LEU G 310 40.92 32.15 31.75
CA LEU G 310 39.75 31.34 32.05
C LEU G 310 38.71 31.43 30.93
N ARG G 311 38.46 32.66 30.43
CA ARG G 311 37.49 32.92 29.36
C ARG G 311 37.94 32.45 27.96
N SER G 312 39.20 32.05 27.81
CA SER G 312 39.70 31.60 26.52
C SER G 312 40.07 30.13 26.48
N ASP G 313 39.91 29.36 27.60
CA ASP G 313 40.28 27.94 27.70
C ASP G 313 41.72 27.72 27.24
N ALA G 314 42.62 28.57 27.77
CA ALA G 314 44.03 28.52 27.42
C ALA G 314 44.71 27.32 28.03
N TYR G 315 44.28 26.93 29.26
CA TYR G 315 44.86 25.83 30.02
C TYR G 315 46.34 26.12 30.24
N ASP G 316 46.60 27.31 30.77
CA ASP G 316 47.92 27.85 31.06
C ASP G 316 48.15 27.90 32.59
N HIS G 317 49.19 28.61 33.06
CA HIS G 317 49.54 28.69 34.47
C HIS G 317 48.35 29.20 35.32
N TYR G 318 47.56 30.16 34.82
CA TYR G 318 46.41 30.69 35.55
C TYR G 318 45.20 29.75 35.56
N SER G 319 44.98 29.01 34.46
CA SER G 319 43.88 28.05 34.37
C SER G 319 44.14 26.91 35.34
N ALA G 320 45.37 26.41 35.42
CA ALA G 320 45.74 25.32 36.30
C ALA G 320 45.56 25.68 37.77
N ILE G 321 45.89 26.92 38.17
CA ILE G 321 45.76 27.33 39.58
C ILE G 321 44.30 27.44 39.99
N TYR G 322 43.43 27.93 39.10
CA TYR G 322 41.99 28.03 39.39
C TYR G 322 41.43 26.61 39.50
N SER G 323 41.78 25.72 38.56
CA SER G 323 41.33 24.32 38.56
C SER G 323 41.82 23.53 39.77
N LEU G 324 43.07 23.71 40.19
CA LEU G 324 43.61 23.03 41.37
C LEU G 324 42.96 23.55 42.64
N LEU G 325 42.73 24.87 42.73
CA LEU G 325 42.10 25.50 43.88
C LEU G 325 40.63 25.12 44.05
N CYS G 326 39.97 24.67 42.97
CA CYS G 326 38.58 24.23 43.04
C CYS G 326 38.51 22.72 43.44
N ASP G 327 39.07 22.36 44.62
CA ASP G 327 39.11 20.98 45.12
C ASP G 327 38.98 20.94 46.65
N GLU H 1 71.91 -17.84 43.88
CA GLU H 1 71.77 -16.40 44.12
C GLU H 1 70.27 -15.96 44.27
N VAL H 2 69.48 -16.00 43.18
CA VAL H 2 68.06 -15.65 43.26
C VAL H 2 67.31 -16.92 43.63
N GLN H 3 66.38 -16.84 44.60
CA GLN H 3 65.64 -18.04 44.99
C GLN H 3 64.22 -17.73 45.40
N LEU H 4 63.30 -18.65 45.10
CA LEU H 4 61.91 -18.47 45.47
C LEU H 4 61.67 -19.20 46.78
N VAL H 5 61.25 -18.49 47.81
CA VAL H 5 61.01 -19.09 49.11
C VAL H 5 59.54 -19.26 49.35
N GLN H 6 59.09 -20.51 49.50
CA GLN H 6 57.68 -20.76 49.73
C GLN H 6 57.29 -20.89 51.21
N SER H 7 55.98 -20.81 51.48
CA SER H 7 55.47 -20.98 52.82
C SER H 7 55.55 -22.47 53.25
N GLY H 8 55.38 -22.74 54.54
CA GLY H 8 55.47 -24.09 55.07
C GLY H 8 54.31 -25.00 54.74
N ALA H 9 54.49 -26.30 55.01
CA ALA H 9 53.48 -27.34 54.80
C ALA H 9 52.31 -27.19 55.78
N GLY H 10 51.14 -27.70 55.38
CA GLY H 10 49.96 -27.61 56.22
C GLY H 10 48.90 -28.67 55.97
N VAL H 11 48.03 -28.88 56.97
CA VAL H 11 46.90 -29.81 56.86
C VAL H 11 45.66 -28.98 56.80
N LYS H 12 44.84 -29.20 55.78
CA LYS H 12 43.58 -28.48 55.66
C LYS H 12 42.42 -29.48 55.67
N LYS H 13 41.29 -29.09 56.25
CA LYS H 13 40.11 -29.97 56.28
C LYS H 13 39.37 -29.81 54.94
N PRO H 14 38.66 -30.85 54.46
CA PRO H 14 37.94 -30.70 53.18
C PRO H 14 36.90 -29.58 53.22
N GLY H 15 36.87 -28.77 52.17
CA GLY H 15 35.96 -27.64 52.09
C GLY H 15 36.67 -26.32 52.28
N SER H 16 37.71 -26.31 53.13
CA SER H 16 38.49 -25.13 53.43
C SER H 16 39.32 -24.62 52.23
N SER H 17 39.96 -23.45 52.38
CA SER H 17 40.79 -22.87 51.34
C SER H 17 42.23 -22.75 51.86
N VAL H 18 43.22 -22.86 50.97
CA VAL H 18 44.63 -22.76 51.37
C VAL H 18 45.36 -21.63 50.61
N LYS H 19 46.22 -20.88 51.30
CA LYS H 19 46.99 -19.82 50.66
C LYS H 19 48.48 -20.15 50.78
N VAL H 20 49.22 -20.08 49.66
CA VAL H 20 50.64 -20.40 49.63
C VAL H 20 51.41 -19.18 49.14
N SER H 21 52.51 -18.82 49.81
CA SER H 21 53.31 -17.65 49.42
C SER H 21 54.58 -18.07 48.67
N CYS H 22 55.16 -17.14 47.90
CA CYS H 22 56.36 -17.40 47.13
C CYS H 22 57.17 -16.12 47.00
N LYS H 23 58.16 -15.91 47.90
CA LYS H 23 58.98 -14.70 47.96
C LYS H 23 60.26 -14.79 47.15
N SER H 24 60.53 -13.80 46.30
CA SER H 24 61.74 -13.79 45.48
C SER H 24 62.91 -13.08 46.21
N SER H 25 63.77 -13.84 46.85
CA SER H 25 64.91 -13.31 47.61
C SER H 25 66.27 -13.51 46.92
N GLY H 26 67.07 -12.45 46.88
CA GLY H 26 68.42 -12.50 46.32
C GLY H 26 68.61 -12.01 44.91
N GLY H 27 67.56 -11.42 44.34
CA GLY H 27 67.60 -10.90 42.97
C GLY H 27 67.06 -9.51 42.85
N THR H 28 67.90 -8.56 42.37
CA THR H 28 67.56 -7.13 42.18
C THR H 28 66.54 -6.90 41.01
N SER H 29 65.88 -8.00 40.56
CA SER H 29 64.89 -8.03 39.48
C SER H 29 63.75 -7.00 39.69
N GLY H 30 62.74 -7.34 40.49
CA GLY H 30 61.61 -6.45 40.71
C GLY H 30 60.38 -6.85 39.89
N SER H 31 60.60 -7.58 38.76
CA SER H 31 59.51 -8.06 37.89
C SER H 31 59.76 -9.48 37.36
N SER H 32 58.80 -10.37 37.62
CA SER H 32 58.88 -11.77 37.22
C SER H 32 57.53 -12.26 36.64
N ALA H 33 57.48 -13.52 36.18
CA ALA H 33 56.23 -14.09 35.66
C ALA H 33 56.03 -15.44 36.31
N VAL H 34 55.72 -15.43 37.61
CA VAL H 34 55.55 -16.65 38.37
C VAL H 34 54.29 -17.41 37.98
N SER H 35 54.40 -18.76 37.90
CA SER H 35 53.34 -19.72 37.62
C SER H 35 53.26 -20.70 38.80
N TRP H 36 52.09 -21.31 39.01
CA TRP H 36 51.91 -22.29 40.08
C TRP H 36 51.68 -23.64 39.47
N ILE H 37 52.55 -24.60 39.78
CA ILE H 37 52.46 -25.96 39.27
C ILE H 37 52.36 -26.90 40.47
N ARG H 38 51.43 -27.87 40.43
CA ARG H 38 51.28 -28.81 41.53
C ARG H 38 51.62 -30.24 41.14
N GLN H 39 51.88 -31.10 42.12
CA GLN H 39 52.24 -32.49 41.87
C GLN H 39 51.75 -33.38 42.99
N ALA H 40 50.68 -34.14 42.73
CA ALA H 40 50.13 -35.04 43.76
C ALA H 40 51.10 -36.18 44.07
N PRO H 41 51.03 -36.79 45.26
CA PRO H 41 51.99 -37.86 45.60
C PRO H 41 52.08 -38.97 44.55
N GLY H 42 53.28 -39.13 43.99
CA GLY H 42 53.57 -40.13 42.97
C GLY H 42 52.95 -39.87 41.62
N GLN H 43 52.45 -38.66 41.39
CA GLN H 43 51.81 -38.25 40.15
C GLN H 43 52.66 -37.25 39.36
N GLY H 44 52.24 -36.93 38.16
CA GLY H 44 52.93 -35.98 37.30
C GLY H 44 52.69 -34.55 37.72
N VAL H 45 53.45 -33.66 37.12
CA VAL H 45 53.39 -32.24 37.41
C VAL H 45 52.28 -31.58 36.54
N GLU H 46 51.53 -30.64 37.09
CA GLU H 46 50.37 -30.05 36.44
C GLU H 46 50.33 -28.54 36.62
N TRP H 47 50.24 -27.78 35.52
CA TRP H 47 50.21 -26.32 35.59
C TRP H 47 48.83 -25.83 35.97
N MET H 48 48.75 -25.02 37.01
CA MET H 48 47.48 -24.52 37.53
C MET H 48 47.13 -23.13 36.98
N GLY H 49 48.14 -22.29 36.84
CA GLY H 49 47.96 -20.92 36.39
C GLY H 49 49.18 -20.06 36.63
N GLY H 50 49.03 -18.77 36.42
CA GLY H 50 50.11 -17.82 36.58
C GLY H 50 50.08 -16.75 35.51
N ILE H 51 51.07 -15.86 35.52
CA ILE H 51 51.13 -14.79 34.52
C ILE H 51 51.78 -15.31 33.23
N THR H 52 51.00 -15.42 32.11
CA THR H 52 51.54 -16.00 30.87
C THR H 52 51.34 -15.15 29.60
N SER H 53 51.07 -13.85 29.75
CA SER H 53 50.91 -12.94 28.62
C SER H 53 51.00 -11.51 29.12
N ILE H 54 51.33 -10.58 28.21
CA ILE H 54 51.38 -9.17 28.57
C ILE H 54 49.94 -8.55 28.67
N PHE H 55 48.91 -9.29 28.20
CA PHE H 55 47.53 -8.85 28.04
C PHE H 55 46.66 -8.75 29.32
N GLY H 56 46.68 -9.77 30.18
CA GLY H 56 45.81 -9.77 31.34
C GLY H 56 46.48 -9.88 32.68
N PRO H 57 45.70 -9.69 33.77
CA PRO H 57 46.28 -9.75 35.13
C PRO H 57 46.83 -11.11 35.51
N ALA H 58 46.12 -12.17 35.16
CA ALA H 58 46.54 -13.54 35.44
C ALA H 58 45.86 -14.47 34.48
N ASN H 59 46.46 -15.63 34.25
CA ASN H 59 45.85 -16.63 33.43
C ASN H 59 45.71 -17.89 34.25
N TYR H 60 44.56 -18.55 34.17
CA TYR H 60 44.35 -19.80 34.93
C TYR H 60 44.10 -20.93 33.97
N ALA H 61 44.50 -22.14 34.36
CA ALA H 61 44.18 -23.33 33.58
C ALA H 61 42.69 -23.60 33.78
N GLN H 62 41.97 -23.95 32.73
CA GLN H 62 40.52 -24.19 32.76
C GLN H 62 40.01 -25.00 33.96
N LYS H 63 40.75 -26.07 34.33
CA LYS H 63 40.45 -26.97 35.44
C LYS H 63 40.44 -26.22 36.79
N PHE H 64 41.36 -25.26 36.95
CA PHE H 64 41.50 -24.53 38.20
C PHE H 64 40.81 -23.17 38.28
N GLN H 65 40.36 -22.61 37.15
CA GLN H 65 39.73 -21.27 37.11
C GLN H 65 38.70 -21.01 38.21
N ASP H 66 37.81 -21.98 38.44
CA ASP H 66 36.75 -21.86 39.44
C ASP H 66 37.21 -21.75 40.89
N ARG H 67 38.35 -22.35 41.26
CA ARG H 67 38.79 -22.35 42.66
C ARG H 67 40.09 -21.61 42.95
N LEU H 68 40.87 -21.31 41.92
CA LEU H 68 42.15 -20.62 42.10
C LEU H 68 42.02 -19.10 42.01
N LYS H 69 42.85 -18.42 42.81
CA LYS H 69 43.02 -16.99 42.86
C LYS H 69 44.51 -16.80 42.95
N ILE H 70 45.12 -16.12 41.98
CA ILE H 70 46.56 -15.87 41.97
C ILE H 70 46.78 -14.38 42.12
N THR H 71 47.45 -13.97 43.19
CA THR H 71 47.71 -12.55 43.46
C THR H 71 49.22 -12.27 43.63
N ALA H 72 49.61 -11.00 43.67
CA ALA H 72 51.01 -10.64 43.83
C ALA H 72 51.19 -9.31 44.55
N ASP H 73 52.10 -9.26 45.54
CA ASP H 73 52.41 -8.02 46.23
C ASP H 73 53.72 -7.52 45.67
N LYS H 74 53.66 -6.61 44.68
CA LYS H 74 54.85 -6.06 44.03
C LYS H 74 55.78 -5.33 45.00
N ALA H 75 55.20 -4.71 46.04
CA ALA H 75 55.95 -4.01 47.07
C ALA H 75 56.94 -4.94 47.80
N THR H 76 56.52 -6.17 48.15
CA THR H 76 57.34 -7.13 48.88
C THR H 76 57.91 -8.27 48.04
N ASN H 77 57.60 -8.30 46.73
CA ASN H 77 58.08 -9.37 45.85
C ASN H 77 57.58 -10.72 46.32
N THR H 78 56.27 -10.79 46.65
CA THR H 78 55.69 -12.05 47.11
C THR H 78 54.49 -12.42 46.30
N VAL H 79 54.49 -13.62 45.71
CA VAL H 79 53.39 -14.06 44.88
C VAL H 79 52.56 -15.07 45.65
N TYR H 80 51.24 -14.90 45.67
CA TYR H 80 50.36 -15.78 46.39
C TYR H 80 49.47 -16.63 45.50
N MET H 81 48.99 -17.74 46.06
CA MET H 81 48.12 -18.74 45.45
C MET H 81 47.05 -19.10 46.45
N GLU H 82 45.76 -18.96 46.11
CA GLU H 82 44.69 -19.35 47.02
C GLU H 82 43.76 -20.34 46.36
N LEU H 83 43.76 -21.59 46.88
CA LEU H 83 42.92 -22.64 46.31
C LEU H 83 41.80 -22.97 47.29
N SER H 84 40.56 -22.68 46.90
CA SER H 84 39.40 -22.90 47.75
C SER H 84 38.66 -24.23 47.46
N GLY H 85 37.73 -24.61 48.35
CA GLY H 85 36.95 -25.84 48.22
C GLY H 85 37.82 -27.07 48.09
N LEU H 86 38.71 -27.27 49.06
CA LEU H 86 39.66 -28.37 49.04
C LEU H 86 39.02 -29.75 49.18
N THR H 87 39.50 -30.71 48.40
CA THR H 87 39.07 -32.11 48.42
C THR H 87 40.32 -32.97 48.58
N PHE H 88 40.15 -34.26 48.87
CA PHE H 88 41.29 -35.18 48.99
C PHE H 88 42.17 -35.21 47.73
N GLU H 89 41.59 -34.87 46.56
CA GLU H 89 42.34 -34.82 45.31
C GLU H 89 43.31 -33.63 45.23
N ASP H 90 43.15 -32.63 46.11
CA ASP H 90 44.02 -31.46 46.15
C ASP H 90 45.27 -31.65 47.02
N THR H 91 45.46 -32.84 47.65
CA THR H 91 46.66 -33.15 48.43
C THR H 91 47.77 -33.28 47.42
N ALA H 92 48.75 -32.35 47.44
CA ALA H 92 49.84 -32.30 46.48
C ALA H 92 50.96 -31.37 46.97
N VAL H 93 52.12 -31.34 46.26
CA VAL H 93 53.19 -30.40 46.53
C VAL H 93 52.97 -29.25 45.55
N TYR H 94 52.85 -28.03 46.05
CA TYR H 94 52.60 -26.86 45.25
C TYR H 94 53.88 -26.10 45.04
N TYR H 95 54.29 -25.94 43.79
CA TYR H 95 55.52 -25.26 43.44
C TYR H 95 55.20 -23.96 42.73
N CYS H 96 56.08 -22.96 42.91
CA CYS H 96 56.00 -21.73 42.15
C CYS H 96 57.23 -21.72 41.28
N ALA H 97 57.06 -21.37 40.00
CA ALA H 97 58.19 -21.37 39.08
C ALA H 97 58.15 -20.13 38.21
N ARG H 98 59.32 -19.54 37.95
CA ARG H 98 59.41 -18.33 37.16
C ARG H 98 59.65 -18.63 35.70
N VAL H 99 58.91 -17.96 34.79
CA VAL H 99 59.13 -18.12 33.35
C VAL H 99 60.41 -17.37 32.99
N GLY H 100 61.36 -18.09 32.43
CA GLY H 100 62.69 -17.58 32.13
C GLY H 100 62.87 -16.40 31.20
N ASP H 101 62.04 -16.29 30.18
CA ASP H 101 62.21 -15.21 29.19
C ASP H 101 61.26 -14.04 29.37
N TYR H 102 60.70 -13.84 30.56
CA TYR H 102 59.77 -12.75 30.87
C TYR H 102 60.24 -11.37 30.35
N ASN H 103 61.52 -11.08 30.51
CA ASN H 103 62.10 -9.82 30.08
C ASN H 103 62.02 -9.56 28.56
N PHE H 104 61.69 -10.58 27.76
CA PHE H 104 61.55 -10.42 26.30
C PHE H 104 60.09 -10.24 25.83
N TRP H 105 59.11 -10.49 26.69
CA TRP H 105 57.70 -10.40 26.35
C TRP H 105 57.29 -9.04 25.83
N ASN H 106 56.65 -8.99 24.64
CA ASN H 106 56.20 -7.72 24.08
C ASN H 106 54.90 -7.81 23.26
N GLY H 107 54.21 -8.95 23.31
CA GLY H 107 52.99 -9.15 22.55
C GLY H 107 53.21 -9.79 21.20
N HIS H 108 54.42 -9.66 20.64
CA HIS H 108 54.80 -10.24 19.36
C HIS H 108 55.73 -11.44 19.58
N TYR H 109 56.63 -11.33 20.57
CA TYR H 109 57.58 -12.37 20.94
C TYR H 109 56.79 -13.52 21.50
N ARG H 110 57.07 -14.73 20.99
CA ARG H 110 56.41 -15.95 21.47
C ARG H 110 57.28 -16.58 22.53
N SER H 111 56.84 -16.53 23.80
CA SER H 111 57.60 -17.11 24.90
C SER H 111 57.72 -18.62 24.79
N GLY H 112 58.78 -19.15 25.38
CA GLY H 112 59.04 -20.60 25.44
C GLY H 112 58.37 -21.27 26.62
N TYR H 113 58.08 -20.49 27.67
CA TYR H 113 57.45 -20.90 28.91
C TYR H 113 58.28 -21.94 29.66
N TYR H 114 59.60 -21.72 29.66
CA TYR H 114 60.50 -22.60 30.37
C TYR H 114 60.65 -22.08 31.79
N PHE H 115 60.65 -22.98 32.77
CA PHE H 115 60.72 -22.57 34.17
C PHE H 115 62.15 -22.59 34.69
N ASP H 116 62.71 -21.39 34.66
CA ASP H 116 64.03 -20.90 35.04
C ASP H 116 64.40 -21.33 36.47
N LEU H 117 63.61 -20.87 37.44
CA LEU H 117 63.77 -21.02 38.86
C LEU H 117 62.53 -21.69 39.41
N TRP H 118 62.68 -22.53 40.44
CA TRP H 118 61.54 -23.16 41.10
C TRP H 118 61.65 -22.99 42.62
N GLY H 119 60.52 -23.04 43.31
CA GLY H 119 60.51 -23.04 44.76
C GLY H 119 60.74 -24.47 45.25
N ARG H 120 61.18 -24.65 46.51
CA ARG H 120 61.40 -25.99 47.06
C ARG H 120 60.11 -26.84 47.12
N GLY H 121 58.94 -26.19 47.12
CA GLY H 121 57.63 -26.83 47.16
C GLY H 121 56.96 -26.68 48.51
N THR H 122 55.61 -26.67 48.52
CA THR H 122 54.84 -26.58 49.76
C THR H 122 53.91 -27.77 49.80
N LEU H 123 54.01 -28.59 50.85
CA LEU H 123 53.15 -29.76 50.94
C LEU H 123 51.81 -29.45 51.58
N VAL H 124 50.74 -29.49 50.78
CA VAL H 124 49.41 -29.24 51.30
C VAL H 124 48.65 -30.55 51.29
N THR H 125 48.16 -30.99 52.45
CA THR H 125 47.46 -32.26 52.56
C THR H 125 46.05 -32.06 53.11
N VAL H 126 45.07 -32.70 52.48
CA VAL H 126 43.67 -32.59 52.87
C VAL H 126 43.28 -33.81 53.69
N SER H 127 42.85 -33.61 54.93
CA SER H 127 42.49 -34.71 55.80
C SER H 127 41.39 -34.33 56.79
N SER H 128 40.70 -35.33 57.34
CA SER H 128 39.67 -35.11 58.34
C SER H 128 39.58 -36.36 59.27
N VAL H 147 48.35 -34.30 28.81
CA VAL H 147 48.00 -33.89 27.44
C VAL H 147 49.07 -34.36 26.46
N LEU H 148 50.34 -34.20 26.85
CA LEU H 148 51.49 -34.62 26.05
C LEU H 148 51.76 -36.08 26.36
N THR H 149 51.95 -36.90 25.33
CA THR H 149 52.15 -38.34 25.50
C THR H 149 53.61 -38.74 25.63
N GLN H 150 53.96 -39.31 26.80
CA GLN H 150 55.28 -39.77 27.14
C GLN H 150 55.21 -41.20 27.65
N PRO H 151 56.19 -42.07 27.30
CA PRO H 151 56.19 -43.44 27.86
C PRO H 151 56.36 -43.40 29.37
N PRO H 152 55.61 -44.23 30.11
CA PRO H 152 55.70 -44.19 31.58
C PRO H 152 57.08 -44.52 32.13
N SER H 153 57.81 -45.39 31.43
CA SER H 153 59.12 -45.80 31.86
C SER H 153 60.02 -46.12 30.68
N ALA H 154 61.32 -45.90 30.89
CA ALA H 154 62.39 -46.19 29.96
C ALA H 154 63.54 -46.81 30.76
N SER H 155 64.40 -47.61 30.11
CA SER H 155 65.52 -48.26 30.80
C SER H 155 66.71 -48.51 29.89
N GLY H 156 67.86 -48.73 30.50
CA GLY H 156 69.08 -49.02 29.75
C GLY H 156 70.24 -49.38 30.64
N THR H 157 71.23 -50.09 30.09
CA THR H 157 72.44 -50.42 30.84
C THR H 157 73.40 -49.23 30.77
N PRO H 158 74.35 -49.08 31.72
CA PRO H 158 75.25 -47.92 31.68
C PRO H 158 76.04 -47.79 30.40
N GLY H 159 76.05 -46.56 29.88
CA GLY H 159 76.75 -46.18 28.67
C GLY H 159 76.00 -46.67 27.45
N GLN H 160 74.74 -46.32 27.35
CA GLN H 160 73.90 -46.77 26.26
C GLN H 160 72.83 -45.72 26.06
N ARG H 161 72.73 -45.21 24.84
CA ARG H 161 71.78 -44.14 24.49
C ARG H 161 70.29 -44.48 24.71
N VAL H 162 69.63 -43.79 25.68
CA VAL H 162 68.20 -43.98 25.89
C VAL H 162 67.44 -42.74 25.36
N THR H 163 66.31 -42.98 24.67
CA THR H 163 65.54 -41.88 24.10
C THR H 163 64.10 -41.86 24.62
N ILE H 164 63.64 -40.67 25.02
CA ILE H 164 62.28 -40.49 25.50
C ILE H 164 61.50 -39.70 24.47
N SER H 165 60.38 -40.24 24.00
CA SER H 165 59.54 -39.54 23.03
C SER H 165 58.48 -38.72 23.73
N CYS H 166 58.03 -37.66 23.07
CA CYS H 166 57.00 -36.80 23.62
C CYS H 166 56.11 -36.34 22.47
N SER H 167 54.97 -36.99 22.31
CA SER H 167 54.03 -36.68 21.25
C SER H 167 53.00 -35.65 21.67
N GLY H 168 52.65 -34.76 20.74
CA GLY H 168 51.67 -33.73 21.01
C GLY H 168 50.77 -33.45 19.81
N SER H 169 50.12 -32.29 19.85
CA SER H 169 49.20 -31.81 18.83
C SER H 169 49.78 -30.56 18.11
N SER H 170 49.08 -30.05 17.10
CA SER H 170 49.49 -28.83 16.40
C SER H 170 49.43 -27.63 17.34
N SER H 171 48.44 -27.63 18.27
CA SER H 171 48.19 -26.61 19.28
C SER H 171 49.40 -26.38 20.16
N ASN H 172 50.04 -27.46 20.63
CA ASN H 172 51.18 -27.32 21.52
C ASN H 172 52.55 -27.47 20.80
N ILE H 173 53.06 -28.71 20.60
CA ILE H 173 54.38 -28.94 20.01
C ILE H 173 54.51 -28.42 18.58
N GLY H 174 53.44 -28.49 17.81
CA GLY H 174 53.46 -28.01 16.44
C GLY H 174 53.62 -26.50 16.31
N SER H 175 53.25 -25.75 17.38
CA SER H 175 53.31 -24.30 17.34
C SER H 175 54.31 -23.64 18.31
N ASN H 176 54.66 -24.30 19.41
CA ASN H 176 55.56 -23.73 20.41
C ASN H 176 56.75 -24.63 20.71
N THR H 177 57.82 -24.08 21.30
CA THR H 177 59.01 -24.84 21.64
C THR H 177 58.77 -25.83 22.77
N VAL H 178 59.58 -26.88 22.81
CA VAL H 178 59.50 -27.91 23.83
C VAL H 178 60.61 -27.74 24.86
N ASN H 179 60.28 -27.97 26.13
CA ASN H 179 61.21 -27.91 27.24
C ASN H 179 61.19 -29.25 27.98
N TRP H 180 62.32 -29.66 28.54
CA TRP H 180 62.44 -30.89 29.31
C TRP H 180 62.93 -30.58 30.72
N TYR H 181 62.39 -31.30 31.72
CA TYR H 181 62.75 -31.12 33.12
C TYR H 181 63.14 -32.45 33.73
N GLN H 182 64.19 -32.46 34.54
CA GLN H 182 64.64 -33.66 35.23
C GLN H 182 64.24 -33.53 36.68
N GLN H 183 63.58 -34.55 37.24
CA GLN H 183 63.17 -34.50 38.63
C GLN H 183 63.75 -35.64 39.44
N LEU H 184 64.67 -35.31 40.34
CA LEU H 184 65.27 -36.30 41.21
C LEU H 184 64.38 -36.48 42.43
N PRO H 185 64.49 -37.63 43.13
CA PRO H 185 63.61 -37.87 44.29
C PRO H 185 63.67 -36.78 45.36
N GLY H 186 62.49 -36.33 45.78
CA GLY H 186 62.32 -35.33 46.82
C GLY H 186 62.75 -33.92 46.46
N THR H 187 62.89 -33.64 45.16
CA THR H 187 63.30 -32.32 44.70
C THR H 187 62.31 -31.78 43.66
N ALA H 188 62.32 -30.48 43.43
CA ALA H 188 61.50 -29.85 42.41
C ALA H 188 62.08 -30.17 41.05
N PRO H 189 61.26 -30.18 39.98
CA PRO H 189 61.82 -30.42 38.63
C PRO H 189 62.85 -29.35 38.27
N LYS H 190 63.84 -29.70 37.46
CA LYS H 190 64.92 -28.77 37.08
C LYS H 190 64.95 -28.65 35.59
N LEU H 191 65.12 -27.43 35.04
CA LEU H 191 65.22 -27.27 33.58
C LEU H 191 66.41 -28.07 33.01
N LEU H 192 66.14 -28.93 32.05
CA LEU H 192 67.16 -29.77 31.43
C LEU H 192 67.40 -29.28 30.00
N ILE H 193 66.34 -29.11 29.22
CA ILE H 193 66.43 -28.62 27.85
C ILE H 193 65.39 -27.53 27.67
N TYR H 194 65.75 -26.37 27.11
CA TYR H 194 64.78 -25.32 26.83
C TYR H 194 64.85 -24.96 25.34
N SER H 195 63.76 -24.40 24.80
CA SER H 195 63.70 -24.00 23.39
C SER H 195 64.17 -25.08 22.41
N ASN H 196 63.62 -26.30 22.57
CA ASN H 196 63.85 -27.50 21.76
C ASN H 196 65.21 -28.18 21.94
N THR H 197 66.32 -27.44 21.83
CA THR H 197 67.66 -28.04 21.89
C THR H 197 68.62 -27.46 22.91
N GLN H 198 68.37 -26.23 23.38
CA GLN H 198 69.28 -25.54 24.29
C GLN H 198 69.43 -26.18 25.65
N ARG H 199 70.64 -26.11 26.22
CA ARG H 199 70.90 -26.66 27.56
C ARG H 199 71.34 -25.56 28.49
N PRO H 200 70.63 -25.35 29.60
CA PRO H 200 71.09 -24.37 30.59
C PRO H 200 72.43 -24.75 31.19
N SER H 201 73.20 -23.77 31.71
CA SER H 201 74.52 -24.04 32.29
C SER H 201 74.48 -25.10 33.39
N GLY H 202 75.30 -26.12 33.24
CA GLY H 202 75.32 -27.22 34.18
C GLY H 202 74.93 -28.53 33.53
N VAL H 203 74.00 -28.48 32.56
CA VAL H 203 73.55 -29.67 31.85
C VAL H 203 74.62 -30.13 30.87
N PRO H 204 75.11 -31.38 31.03
CA PRO H 204 76.18 -31.89 30.15
C PRO H 204 75.73 -32.13 28.72
N ASP H 205 76.70 -32.21 27.81
CA ASP H 205 76.51 -32.45 26.37
C ASP H 205 75.80 -33.80 26.07
N ARG H 206 75.71 -34.72 27.07
CA ARG H 206 75.07 -36.02 26.96
C ARG H 206 73.57 -35.89 26.71
N PHE H 207 72.93 -34.85 27.27
CA PHE H 207 71.51 -34.60 27.09
C PHE H 207 71.31 -33.77 25.84
N SER H 208 70.37 -34.15 24.98
CA SER H 208 70.12 -33.43 23.75
C SER H 208 68.66 -33.51 23.35
N GLY H 209 68.10 -32.37 22.95
CA GLY H 209 66.71 -32.33 22.54
C GLY H 209 66.54 -32.20 21.05
N SER H 210 65.33 -32.48 20.57
CA SER H 210 65.01 -32.39 19.14
C SER H 210 63.52 -32.26 18.95
N LYS H 211 63.10 -31.42 18.00
CA LYS H 211 61.67 -31.28 17.71
C LYS H 211 61.43 -31.51 16.24
N SER H 212 60.40 -32.29 15.93
CA SER H 212 60.04 -32.58 14.57
C SER H 212 58.52 -32.56 14.46
N ALA H 213 57.99 -31.59 13.71
CA ALA H 213 56.56 -31.38 13.52
C ALA H 213 55.76 -31.43 14.92
N THR H 214 54.82 -32.37 15.23
CA THR H 214 54.14 -32.36 16.53
C THR H 214 54.74 -33.34 17.52
N SER H 215 56.05 -33.57 17.43
CA SER H 215 56.72 -34.49 18.32
C SER H 215 58.07 -33.97 18.77
N ALA H 216 58.50 -34.39 19.95
CA ALA H 216 59.79 -34.01 20.53
C ALA H 216 60.49 -35.25 21.09
N SER H 217 61.82 -35.15 21.32
CA SER H 217 62.57 -36.28 21.84
C SER H 217 63.74 -35.84 22.69
N LEU H 218 63.99 -36.56 23.78
CA LEU H 218 65.13 -36.31 24.66
C LEU H 218 66.05 -37.50 24.51
N ALA H 219 67.35 -37.25 24.29
CA ALA H 219 68.31 -38.34 24.16
C ALA H 219 69.39 -38.25 25.22
N ILE H 220 69.42 -39.25 26.13
CA ILE H 220 70.43 -39.36 27.16
C ILE H 220 71.42 -40.40 26.63
N SER H 221 72.37 -39.97 25.81
CA SER H 221 73.37 -40.88 25.27
C SER H 221 74.49 -41.09 26.30
N GLY H 222 74.96 -42.32 26.44
CA GLY H 222 76.02 -42.64 27.39
C GLY H 222 75.58 -42.62 28.84
N LEU H 223 74.41 -43.20 29.07
CA LEU H 223 73.71 -43.33 30.34
C LEU H 223 74.58 -43.57 31.57
N GLN H 224 74.30 -42.84 32.65
CA GLN H 224 75.00 -42.99 33.92
C GLN H 224 74.00 -43.27 35.03
N SER H 225 74.44 -43.90 36.13
CA SER H 225 73.54 -44.20 37.24
C SER H 225 72.89 -42.95 37.83
N GLU H 226 73.61 -41.82 37.79
CA GLU H 226 73.11 -40.53 38.28
C GLU H 226 71.88 -40.00 37.48
N ASP H 227 71.59 -40.59 36.32
CA ASP H 227 70.47 -40.22 35.46
C ASP H 227 69.16 -40.92 35.79
N GLU H 228 69.12 -41.74 36.84
CA GLU H 228 67.91 -42.42 37.27
C GLU H 228 67.05 -41.35 37.95
N ALA H 229 66.06 -40.84 37.21
CA ALA H 229 65.17 -39.75 37.64
C ALA H 229 63.90 -39.74 36.75
N ASP H 230 62.90 -38.88 37.06
CA ASP H 230 61.70 -38.72 36.25
C ASP H 230 61.98 -37.60 35.26
N TYR H 231 61.54 -37.77 34.01
CA TYR H 231 61.77 -36.75 32.99
C TYR H 231 60.45 -36.28 32.43
N TYR H 232 60.20 -34.97 32.52
CA TYR H 232 58.96 -34.42 32.03
C TYR H 232 59.21 -33.56 30.82
N CYS H 233 58.31 -33.66 29.86
CA CYS H 233 58.36 -32.83 28.66
C CYS H 233 57.25 -31.78 28.78
N ALA H 234 57.45 -30.59 28.25
CA ALA H 234 56.49 -29.50 28.39
C ALA H 234 56.47 -28.59 27.18
N ALA H 235 55.32 -27.99 26.92
CA ALA H 235 55.16 -27.06 25.82
C ALA H 235 53.98 -26.16 26.09
N TRP H 236 54.04 -24.95 25.55
CA TRP H 236 52.93 -24.02 25.65
C TRP H 236 51.86 -24.53 24.70
N ASP H 237 50.62 -24.55 25.16
CA ASP H 237 49.50 -24.95 24.35
C ASP H 237 48.70 -23.70 24.01
N ASP H 238 48.40 -23.54 22.73
CA ASP H 238 47.66 -22.39 22.22
C ASP H 238 46.15 -22.56 22.24
N SER H 239 45.63 -23.76 22.62
CA SER H 239 44.19 -23.97 22.69
C SER H 239 43.62 -23.25 23.90
N LEU H 240 42.36 -22.78 23.76
CA LEU H 240 41.67 -22.02 24.80
C LEU H 240 42.45 -20.67 24.99
N ASN H 241 42.51 -20.11 26.21
CA ASN H 241 43.28 -18.89 26.46
C ASN H 241 44.78 -19.17 26.68
N GLY H 242 45.24 -20.35 26.31
CA GLY H 242 46.63 -20.74 26.49
C GLY H 242 46.90 -21.35 27.85
N HIS H 243 47.77 -22.34 27.87
CA HIS H 243 48.16 -23.07 29.08
C HIS H 243 49.44 -23.84 28.81
N VAL H 244 50.21 -24.17 29.86
CA VAL H 244 51.45 -24.94 29.66
C VAL H 244 51.11 -26.40 29.95
N VAL H 245 51.24 -27.26 28.94
CA VAL H 245 50.92 -28.67 29.10
C VAL H 245 52.17 -29.47 29.41
N PHE H 246 52.00 -30.53 30.20
CA PHE H 246 53.11 -31.38 30.59
C PHE H 246 52.89 -32.82 30.11
N GLY H 247 53.98 -33.56 30.01
CA GLY H 247 53.92 -34.97 29.70
C GLY H 247 53.67 -35.76 30.99
N GLY H 248 53.29 -37.01 30.84
CA GLY H 248 53.01 -37.85 32.00
C GLY H 248 54.23 -38.11 32.88
N GLY H 249 55.42 -38.05 32.28
CA GLY H 249 56.67 -38.32 32.95
C GLY H 249 57.23 -39.67 32.53
N THR H 250 58.55 -39.80 32.60
CA THR H 250 59.24 -41.04 32.25
C THR H 250 60.22 -41.38 33.34
N LYS H 251 60.02 -42.51 33.98
CA LYS H 251 60.92 -42.96 35.02
C LYS H 251 62.06 -43.70 34.33
N VAL H 252 63.20 -43.03 34.14
CA VAL H 252 64.34 -43.68 33.51
C VAL H 252 65.07 -44.51 34.54
N THR H 253 65.17 -45.82 34.30
CA THR H 253 65.81 -46.73 35.24
C THR H 253 67.12 -47.25 34.66
N VAL H 254 68.22 -47.03 35.38
CA VAL H 254 69.51 -47.50 34.94
C VAL H 254 69.73 -48.93 35.43
N LEU H 255 69.71 -49.86 34.50
CA LEU H 255 69.86 -51.27 34.73
C LEU H 255 71.32 -51.64 35.01
N GLY H 256 71.55 -52.85 35.54
CA GLY H 256 72.90 -53.30 35.81
C GLY H 256 73.62 -53.58 34.50
N ALA H 257 74.93 -53.27 34.43
CA ALA H 257 75.72 -53.50 33.23
C ALA H 257 75.74 -54.96 32.84
N ALA H 258 75.79 -55.22 31.53
CA ALA H 258 75.80 -56.57 30.96
C ALA H 258 77.04 -57.38 31.35
N ALA H 259 76.93 -58.71 31.31
CA ALA H 259 78.05 -59.59 31.63
C ALA H 259 79.15 -59.46 30.62
N GLU H 260 80.38 -59.71 31.06
CA GLU H 260 81.54 -59.63 30.18
C GLU H 260 82.05 -61.01 29.88
N ASN H 261 82.38 -61.26 28.62
CA ASN H 261 83.02 -62.50 28.27
C ASN H 261 84.50 -62.32 28.53
N LEU H 262 85.11 -63.28 29.21
CA LEU H 262 86.51 -63.17 29.63
C LEU H 262 87.54 -63.54 28.55
N TYR H 263 87.09 -63.97 27.36
CA TYR H 263 87.99 -64.29 26.25
C TYR H 263 87.88 -63.15 25.23
N PHE H 264 89.00 -62.46 24.92
CA PHE H 264 89.02 -61.34 23.97
C PHE H 264 90.43 -60.97 23.50
N ARG I 5 -41.97 -47.88 -7.33
CA ARG I 5 -42.40 -47.26 -8.58
C ARG I 5 -42.32 -48.25 -9.77
N ILE I 6 -41.11 -48.52 -10.35
CA ILE I 6 -40.98 -49.48 -11.46
C ILE I 6 -40.16 -50.71 -11.02
N GLY I 7 -40.87 -51.80 -10.78
CA GLY I 7 -40.25 -53.04 -10.32
C GLY I 7 -39.74 -52.85 -8.90
N TYR I 8 -38.45 -53.15 -8.70
CA TYR I 8 -37.75 -53.02 -7.42
C TYR I 8 -37.03 -51.67 -7.32
N TYR I 9 -37.55 -50.63 -8.00
CA TYR I 9 -36.89 -49.33 -8.01
C TYR I 9 -37.79 -48.17 -7.67
N GLU I 10 -37.29 -47.25 -6.83
CA GLU I 10 -37.98 -46.03 -6.45
C GLU I 10 -37.28 -44.92 -7.23
N ILE I 11 -38.00 -44.20 -8.09
CA ILE I 11 -37.38 -43.14 -8.87
C ILE I 11 -37.12 -41.89 -8.02
N ASP I 12 -35.89 -41.36 -8.09
CA ASP I 12 -35.49 -40.18 -7.34
C ASP I 12 -35.70 -38.88 -8.09
N ARG I 13 -35.05 -38.71 -9.25
CA ARG I 13 -35.15 -37.47 -10.05
C ARG I 13 -34.60 -37.68 -11.44
N THR I 14 -34.86 -36.74 -12.37
CA THR I 14 -34.31 -36.83 -13.72
C THR I 14 -32.89 -36.31 -13.66
N ILE I 15 -31.91 -37.13 -14.03
CA ILE I 15 -30.51 -36.70 -14.02
C ILE I 15 -30.10 -36.19 -15.40
N GLY I 16 -30.57 -36.85 -16.45
CA GLY I 16 -30.20 -36.46 -17.80
C GLY I 16 -31.20 -36.84 -18.86
N LYS I 17 -30.78 -36.78 -20.13
CA LYS I 17 -31.63 -37.15 -21.26
C LYS I 17 -30.89 -38.05 -22.29
N GLY I 18 -31.63 -38.58 -23.25
CA GLY I 18 -31.09 -39.44 -24.31
C GLY I 18 -32.01 -39.48 -25.51
N ASN I 19 -31.57 -40.05 -26.65
CA ASN I 19 -32.43 -40.10 -27.86
C ASN I 19 -33.78 -40.79 -27.56
N PHE I 20 -34.91 -40.02 -27.58
CA PHE I 20 -36.28 -40.47 -27.24
C PHE I 20 -36.38 -41.08 -25.84
N ALA I 21 -35.47 -40.68 -24.94
CA ALA I 21 -35.37 -41.24 -23.61
C ALA I 21 -35.04 -40.19 -22.54
N VAL I 22 -35.29 -40.53 -21.27
CA VAL I 22 -35.01 -39.69 -20.13
C VAL I 22 -34.22 -40.54 -19.13
N VAL I 23 -33.06 -40.08 -18.69
CA VAL I 23 -32.27 -40.79 -17.70
C VAL I 23 -32.67 -40.28 -16.30
N LYS I 24 -32.88 -41.21 -15.37
CA LYS I 24 -33.26 -40.85 -14.00
C LYS I 24 -32.45 -41.63 -13.00
N ARG I 25 -32.28 -41.08 -11.81
CA ARG I 25 -31.62 -41.81 -10.74
C ARG I 25 -32.69 -42.59 -9.99
N ALA I 26 -32.37 -43.80 -9.54
CA ALA I 26 -33.31 -44.65 -8.82
C ALA I 26 -32.61 -45.42 -7.68
N THR I 27 -33.39 -45.91 -6.71
CA THR I 27 -32.83 -46.67 -5.60
C THR I 27 -33.41 -48.07 -5.65
N HIS I 28 -32.56 -49.11 -5.52
CA HIS I 28 -33.06 -50.47 -5.47
C HIS I 28 -33.72 -50.67 -4.12
N LEU I 29 -35.03 -51.00 -4.08
CA LEU I 29 -35.76 -51.12 -2.84
C LEU I 29 -35.23 -52.21 -1.91
N VAL I 30 -34.59 -53.25 -2.46
CA VAL I 30 -34.08 -54.37 -1.68
C VAL I 30 -32.64 -54.15 -1.17
N THR I 31 -31.81 -53.46 -1.94
CA THR I 31 -30.39 -53.27 -1.58
C THR I 31 -30.05 -51.86 -1.09
N LYS I 32 -30.92 -50.89 -1.39
CA LYS I 32 -30.80 -49.45 -1.09
C LYS I 32 -29.67 -48.78 -1.90
N ALA I 33 -29.17 -49.42 -2.97
CA ALA I 33 -28.12 -48.88 -3.82
C ALA I 33 -28.69 -47.94 -4.88
N LYS I 34 -27.87 -47.02 -5.38
CA LYS I 34 -28.31 -46.09 -6.43
C LYS I 34 -27.98 -46.65 -7.80
N VAL I 35 -28.90 -46.48 -8.74
CA VAL I 35 -28.77 -46.95 -10.11
C VAL I 35 -29.27 -45.88 -11.10
N ALA I 36 -28.80 -45.94 -12.33
CA ALA I 36 -29.26 -45.03 -13.36
C ALA I 36 -30.25 -45.79 -14.25
N ILE I 37 -31.38 -45.19 -14.62
CA ILE I 37 -32.35 -45.86 -15.49
C ILE I 37 -32.70 -45.04 -16.71
N LYS I 38 -32.44 -45.57 -17.91
CA LYS I 38 -32.84 -44.88 -19.14
C LYS I 38 -34.24 -45.34 -19.47
N ILE I 39 -35.21 -44.43 -19.51
CA ILE I 39 -36.58 -44.78 -19.83
C ILE I 39 -36.90 -44.39 -21.27
N ILE I 40 -36.98 -45.38 -22.15
CA ILE I 40 -37.21 -45.13 -23.58
C ILE I 40 -38.67 -45.32 -23.96
N ASP I 41 -39.26 -44.29 -24.59
CA ASP I 41 -40.66 -44.40 -25.01
C ASP I 41 -40.76 -45.06 -26.37
N LYS I 42 -41.34 -46.28 -26.42
CA LYS I 42 -41.46 -47.03 -27.66
C LYS I 42 -42.46 -46.49 -28.67
N THR I 43 -43.31 -45.53 -28.27
CA THR I 43 -44.31 -44.98 -29.17
C THR I 43 -43.69 -44.18 -30.31
N GLN I 44 -42.59 -43.44 -30.06
CA GLN I 44 -41.97 -42.65 -31.12
C GLN I 44 -40.95 -43.43 -31.98
N LEU I 45 -40.45 -44.57 -31.45
CA LEU I 45 -39.46 -45.37 -32.18
C LEU I 45 -40.03 -46.18 -33.32
N ASP I 46 -39.24 -46.27 -34.39
CA ASP I 46 -39.53 -47.10 -35.57
C ASP I 46 -38.71 -48.42 -35.51
N GLU I 47 -38.90 -49.34 -36.48
CA GLU I 47 -38.21 -50.62 -36.50
C GLU I 47 -36.68 -50.49 -36.47
N GLU I 48 -36.14 -49.53 -37.22
CA GLU I 48 -34.70 -49.30 -37.24
C GLU I 48 -34.18 -48.80 -35.90
N ASN I 49 -34.99 -48.00 -35.18
CA ASN I 49 -34.63 -47.47 -33.87
C ASN I 49 -34.66 -48.55 -32.81
N LEU I 50 -35.69 -49.41 -32.83
CA LEU I 50 -35.83 -50.52 -31.88
C LEU I 50 -34.69 -51.52 -32.01
N LYS I 51 -34.24 -51.76 -33.25
CA LYS I 51 -33.13 -52.67 -33.52
C LYS I 51 -31.82 -52.10 -32.97
N LYS I 52 -31.64 -50.77 -33.04
CA LYS I 52 -30.46 -50.08 -32.53
C LYS I 52 -30.40 -50.16 -31.00
N ILE I 53 -31.57 -50.16 -30.32
CA ILE I 53 -31.65 -50.29 -28.87
C ILE I 53 -31.22 -51.68 -28.45
N PHE I 54 -31.67 -52.69 -29.20
CA PHE I 54 -31.34 -54.05 -28.83
C PHE I 54 -29.87 -54.37 -29.19
N ARG I 55 -29.25 -53.67 -30.15
CA ARG I 55 -27.83 -53.83 -30.44
C ARG I 55 -27.02 -53.21 -29.29
N GLU I 56 -27.46 -52.04 -28.80
CA GLU I 56 -26.87 -51.32 -27.67
C GLU I 56 -26.82 -52.23 -26.44
N VAL I 57 -27.93 -52.94 -26.17
CA VAL I 57 -28.00 -53.86 -25.04
C VAL I 57 -27.07 -55.06 -25.23
N GLN I 58 -27.09 -55.68 -26.42
CA GLN I 58 -26.24 -56.83 -26.71
C GLN I 58 -24.74 -56.49 -26.66
N ILE I 59 -24.36 -55.23 -26.89
CA ILE I 59 -22.97 -54.81 -26.82
C ILE I 59 -22.57 -54.58 -25.35
N MET I 60 -23.45 -53.95 -24.58
CA MET I 60 -23.20 -53.72 -23.15
C MET I 60 -23.06 -55.01 -22.35
N LYS I 61 -23.70 -56.09 -22.81
CA LYS I 61 -23.62 -57.39 -22.17
C LYS I 61 -22.23 -58.04 -22.36
N MET I 62 -21.50 -57.67 -23.45
CA MET I 62 -20.18 -58.19 -23.75
C MET I 62 -19.06 -57.46 -23.00
N LEU I 63 -19.32 -56.24 -22.47
CA LEU I 63 -18.28 -55.43 -21.88
C LEU I 63 -18.28 -55.35 -20.35
N SER I 64 -17.30 -56.01 -19.73
CA SER I 64 -17.10 -55.94 -18.29
C SER I 64 -15.66 -55.45 -18.07
N HIS I 65 -15.53 -54.16 -17.71
CA HIS I 65 -14.23 -53.52 -17.55
C HIS I 65 -14.31 -52.48 -16.43
N PRO I 66 -13.21 -52.24 -15.69
CA PRO I 66 -13.25 -51.24 -14.60
C PRO I 66 -13.60 -49.81 -15.02
N HIS I 67 -13.40 -49.46 -16.30
CA HIS I 67 -13.71 -48.11 -16.78
C HIS I 67 -14.85 -48.07 -17.76
N ILE I 68 -15.80 -49.01 -17.66
CA ILE I 68 -16.99 -49.04 -18.50
C ILE I 68 -18.21 -49.19 -17.57
N ILE I 69 -19.31 -48.46 -17.86
CA ILE I 69 -20.51 -48.49 -17.05
C ILE I 69 -21.15 -49.87 -17.16
N ARG I 70 -21.47 -50.47 -15.99
CA ARG I 70 -22.00 -51.83 -15.92
C ARG I 70 -23.52 -51.86 -15.99
N LEU I 71 -24.05 -52.57 -17.00
CA LEU I 71 -25.48 -52.77 -17.20
C LEU I 71 -25.93 -53.84 -16.19
N TYR I 72 -26.96 -53.55 -15.39
CA TYR I 72 -27.44 -54.50 -14.39
C TYR I 72 -28.69 -55.25 -14.83
N GLN I 73 -29.68 -54.52 -15.36
CA GLN I 73 -30.94 -55.13 -15.74
C GLN I 73 -31.58 -54.44 -16.94
N VAL I 74 -32.44 -55.17 -17.65
CA VAL I 74 -33.22 -54.65 -18.77
C VAL I 74 -34.67 -55.07 -18.54
N MET I 75 -35.59 -54.11 -18.48
CA MET I 75 -37.01 -54.41 -18.30
C MET I 75 -37.79 -53.86 -19.49
N GLU I 76 -38.78 -54.60 -19.98
CA GLU I 76 -39.57 -54.12 -21.11
C GLU I 76 -41.06 -54.35 -20.89
N THR I 77 -41.84 -53.30 -21.08
CA THR I 77 -43.29 -53.32 -20.97
C THR I 77 -43.90 -53.11 -22.40
N GLU I 78 -45.24 -53.19 -22.54
CA GLU I 78 -45.89 -52.99 -23.83
C GLU I 78 -45.64 -51.58 -24.44
N ARG I 79 -45.33 -50.56 -23.61
CA ARG I 79 -45.11 -49.21 -24.12
C ARG I 79 -43.74 -48.63 -23.77
N MET I 80 -42.96 -49.29 -22.88
CA MET I 80 -41.67 -48.75 -22.44
C MET I 80 -40.53 -49.78 -22.39
N ILE I 81 -39.30 -49.30 -22.39
CA ILE I 81 -38.09 -50.12 -22.27
C ILE I 81 -37.18 -49.39 -21.26
N TYR I 82 -36.79 -50.08 -20.19
CA TYR I 82 -35.98 -49.51 -19.12
C TYR I 82 -34.63 -50.18 -19.07
N LEU I 83 -33.54 -49.41 -19.05
CA LEU I 83 -32.20 -49.97 -18.96
C LEU I 83 -31.61 -49.53 -17.65
N VAL I 84 -31.29 -50.47 -16.77
CA VAL I 84 -30.69 -50.14 -15.47
C VAL I 84 -29.18 -50.33 -15.52
N THR I 85 -28.40 -49.31 -15.09
CA THR I 85 -26.94 -49.39 -15.06
C THR I 85 -26.40 -48.87 -13.71
N GLU I 86 -25.09 -49.08 -13.42
CA GLU I 86 -24.51 -48.53 -12.20
C GLU I 86 -24.51 -47.02 -12.27
N TYR I 87 -24.68 -46.37 -11.14
CA TYR I 87 -24.80 -44.93 -11.09
C TYR I 87 -23.44 -44.26 -10.95
N ALA I 88 -23.08 -43.40 -11.91
CA ALA I 88 -21.82 -42.66 -11.84
C ALA I 88 -22.02 -41.42 -10.96
N SER I 89 -21.72 -41.55 -9.65
CA SER I 89 -21.91 -40.51 -8.62
C SER I 89 -21.42 -39.14 -9.01
N GLY I 90 -20.27 -39.07 -9.67
CA GLY I 90 -19.63 -37.82 -10.07
C GLY I 90 -20.15 -37.16 -11.32
N GLY I 91 -21.06 -37.81 -12.03
CA GLY I 91 -21.66 -37.25 -13.24
C GLY I 91 -20.77 -37.17 -14.46
N GLU I 92 -21.16 -36.36 -15.45
CA GLU I 92 -20.42 -36.19 -16.70
C GLU I 92 -19.08 -35.49 -16.50
N ILE I 93 -18.13 -35.71 -17.44
CA ILE I 93 -16.87 -34.99 -17.48
C ILE I 93 -17.23 -33.56 -17.96
N PHE I 94 -18.16 -33.41 -18.93
CA PHE I 94 -18.62 -32.14 -19.47
C PHE I 94 -19.06 -31.19 -18.35
N ASP I 95 -19.84 -31.67 -17.39
CA ASP I 95 -20.31 -30.85 -16.28
C ASP I 95 -19.18 -30.49 -15.32
N HIS I 96 -18.20 -31.37 -15.18
CA HIS I 96 -17.04 -31.12 -14.35
C HIS I 96 -16.17 -30.01 -14.97
N LEU I 97 -16.10 -29.96 -16.33
CA LEU I 97 -15.39 -28.92 -17.07
C LEU I 97 -16.14 -27.60 -16.98
N VAL I 98 -17.48 -27.63 -16.98
CA VAL I 98 -18.28 -26.42 -16.84
C VAL I 98 -18.08 -25.84 -15.43
N ALA I 99 -17.93 -26.70 -14.42
CA ALA I 99 -17.76 -26.24 -13.05
C ALA I 99 -16.37 -25.76 -12.70
N HIS I 100 -15.30 -26.38 -13.27
CA HIS I 100 -13.95 -26.03 -12.87
C HIS I 100 -12.98 -25.65 -13.97
N GLY I 101 -13.45 -25.64 -15.21
CA GLY I 101 -12.61 -25.27 -16.34
C GLY I 101 -11.63 -26.35 -16.76
N ARG I 102 -10.64 -25.97 -17.59
CA ARG I 102 -9.63 -26.89 -18.10
C ARG I 102 -8.91 -27.64 -17.01
N MET I 103 -8.57 -28.90 -17.30
CA MET I 103 -7.84 -29.74 -16.37
C MET I 103 -6.34 -29.54 -16.56
N ALA I 104 -5.58 -29.63 -15.44
CA ALA I 104 -4.12 -29.57 -15.50
C ALA I 104 -3.63 -30.81 -16.25
N GLU I 105 -2.59 -30.71 -17.10
CA GLU I 105 -2.13 -31.87 -17.88
C GLU I 105 -1.87 -33.11 -17.05
N LYS I 106 -1.52 -32.96 -15.77
CA LYS I 106 -1.27 -34.09 -14.89
C LYS I 106 -2.58 -34.81 -14.59
N GLU I 107 -3.64 -34.05 -14.22
CA GLU I 107 -4.97 -34.56 -13.95
C GLU I 107 -5.60 -35.12 -15.24
N ALA I 108 -5.41 -34.42 -16.36
CA ALA I 108 -5.94 -34.79 -17.66
C ALA I 108 -5.32 -36.08 -18.16
N ARG I 109 -4.02 -36.27 -17.92
CA ARG I 109 -3.31 -37.48 -18.33
C ARG I 109 -3.88 -38.69 -17.61
N ARG I 110 -4.20 -38.54 -16.32
CA ARG I 110 -4.80 -39.63 -15.55
C ARG I 110 -6.14 -40.07 -16.15
N LYS I 111 -7.03 -39.13 -16.47
CA LYS I 111 -8.33 -39.45 -17.04
C LYS I 111 -8.19 -40.01 -18.43
N PHE I 112 -7.31 -39.46 -19.25
CA PHE I 112 -7.12 -39.94 -20.62
C PHE I 112 -6.54 -41.35 -20.68
N LYS I 113 -5.70 -41.74 -19.69
CA LYS I 113 -5.18 -43.11 -19.63
C LYS I 113 -6.34 -44.06 -19.39
N GLN I 114 -7.19 -43.76 -18.40
CA GLN I 114 -8.39 -44.55 -18.11
C GLN I 114 -9.32 -44.63 -19.31
N ILE I 115 -9.55 -43.49 -20.01
CA ILE I 115 -10.38 -43.46 -21.21
C ILE I 115 -9.84 -44.39 -22.30
N VAL I 116 -8.55 -44.23 -22.69
CA VAL I 116 -7.99 -45.11 -23.72
C VAL I 116 -7.96 -46.58 -23.27
N THR I 117 -8.01 -46.85 -21.96
CA THR I 117 -8.03 -48.22 -21.44
C THR I 117 -9.37 -48.86 -21.78
N ALA I 118 -10.47 -48.14 -21.61
CA ALA I 118 -11.80 -48.63 -21.93
C ALA I 118 -11.98 -48.75 -23.43
N VAL I 119 -11.46 -47.79 -24.22
CA VAL I 119 -11.60 -47.80 -25.68
C VAL I 119 -10.74 -48.90 -26.31
N TYR I 120 -9.54 -49.14 -25.76
CA TYR I 120 -8.65 -50.20 -26.22
C TYR I 120 -9.31 -51.55 -25.97
N PHE I 121 -9.91 -51.73 -24.80
CA PHE I 121 -10.62 -52.93 -24.43
C PHE I 121 -11.76 -53.20 -25.43
N CYS I 122 -12.58 -52.18 -25.76
CA CYS I 122 -13.66 -52.31 -26.75
C CYS I 122 -13.12 -52.77 -28.09
N HIS I 123 -11.97 -52.25 -28.50
CA HIS I 123 -11.35 -52.61 -29.76
C HIS I 123 -10.80 -54.06 -29.73
N SER I 124 -10.47 -54.59 -28.52
CA SER I 124 -10.06 -55.99 -28.36
C SER I 124 -11.28 -56.91 -28.54
N ARG I 125 -12.46 -56.44 -28.12
CA ARG I 125 -13.70 -57.20 -28.25
C ARG I 125 -14.38 -56.96 -29.62
N ASN I 126 -13.69 -56.35 -30.59
CA ASN I 126 -14.19 -56.03 -31.92
C ASN I 126 -15.43 -55.13 -31.90
N ILE I 127 -15.43 -54.05 -31.08
CA ILE I 127 -16.54 -53.10 -30.98
C ILE I 127 -16.04 -51.67 -31.01
N VAL I 128 -16.60 -50.81 -31.88
CA VAL I 128 -16.22 -49.40 -31.88
C VAL I 128 -17.34 -48.57 -31.29
N HIS I 129 -17.00 -47.59 -30.43
CA HIS I 129 -17.98 -46.74 -29.74
C HIS I 129 -18.80 -45.82 -30.67
N ARG I 130 -18.12 -45.03 -31.51
CA ARG I 130 -18.71 -44.09 -32.48
C ARG I 130 -19.55 -42.94 -31.84
N ASP I 131 -19.41 -42.69 -30.53
CA ASP I 131 -20.14 -41.60 -29.87
C ASP I 131 -19.41 -41.09 -28.62
N LEU I 132 -18.09 -41.07 -28.68
CA LEU I 132 -17.29 -40.58 -27.57
C LEU I 132 -17.47 -39.08 -27.50
N LYS I 133 -17.85 -38.57 -26.34
CA LYS I 133 -18.03 -37.15 -26.09
C LYS I 133 -17.90 -36.87 -24.60
N ALA I 134 -17.65 -35.61 -24.21
CA ALA I 134 -17.49 -35.26 -22.81
C ALA I 134 -18.72 -35.55 -21.97
N GLU I 135 -19.92 -35.47 -22.58
CA GLU I 135 -21.18 -35.72 -21.88
C GLU I 135 -21.48 -37.21 -21.65
N ASN I 136 -20.61 -38.13 -22.10
CA ASN I 136 -20.81 -39.54 -21.75
C ASN I 136 -19.46 -40.23 -21.52
N LEU I 137 -18.71 -39.61 -20.63
CA LEU I 137 -17.43 -40.07 -20.09
C LEU I 137 -17.70 -39.67 -18.68
N LEU I 138 -18.30 -40.56 -17.93
CA LEU I 138 -18.75 -40.27 -16.58
C LEU I 138 -17.69 -40.50 -15.52
N LEU I 139 -17.93 -40.00 -14.31
CA LEU I 139 -17.00 -40.15 -13.21
C LEU I 139 -17.67 -40.86 -12.04
N ASP I 140 -16.97 -41.81 -11.41
CA ASP I 140 -17.50 -42.51 -10.25
C ASP I 140 -17.34 -41.67 -8.96
N ALA I 141 -17.57 -42.26 -7.77
CA ALA I 141 -17.42 -41.54 -6.50
C ALA I 141 -15.97 -41.08 -6.26
N ASN I 142 -14.99 -41.83 -6.78
CA ASN I 142 -13.57 -41.51 -6.63
C ASN I 142 -13.01 -40.72 -7.83
N LEU I 143 -13.90 -40.14 -8.66
CA LEU I 143 -13.59 -39.37 -9.86
C LEU I 143 -12.79 -40.15 -10.92
N ASN I 144 -13.18 -41.41 -11.12
CA ASN I 144 -12.54 -42.27 -12.12
C ASN I 144 -13.49 -42.48 -13.29
N ILE I 145 -12.95 -42.47 -14.50
CA ILE I 145 -13.70 -42.61 -15.72
C ILE I 145 -14.50 -43.92 -15.81
N LYS I 146 -15.72 -43.80 -16.36
CA LYS I 146 -16.65 -44.88 -16.65
C LYS I 146 -17.28 -44.49 -17.99
N ILE I 147 -16.89 -45.14 -19.09
CA ILE I 147 -17.42 -44.88 -20.42
C ILE I 147 -18.87 -45.34 -20.47
N ALA I 148 -19.75 -44.55 -21.08
CA ALA I 148 -21.18 -44.88 -21.12
C ALA I 148 -21.85 -44.55 -22.49
N ASP I 149 -23.11 -44.97 -22.69
CA ASP I 149 -23.91 -44.74 -23.89
C ASP I 149 -23.34 -45.41 -25.13
N PHE I 150 -23.69 -46.69 -25.29
CA PHE I 150 -23.27 -47.47 -26.44
C PHE I 150 -24.36 -47.51 -27.50
N GLY I 151 -25.11 -46.41 -27.65
CA GLY I 151 -26.20 -46.33 -28.59
C GLY I 151 -25.74 -46.37 -30.03
N PHE I 152 -24.60 -45.71 -30.31
CA PHE I 152 -24.06 -45.71 -31.68
C PHE I 152 -23.00 -46.78 -31.93
N SER I 153 -22.58 -47.51 -30.89
CA SER I 153 -21.56 -48.55 -31.00
C SER I 153 -21.98 -49.70 -31.90
N ASN I 154 -21.00 -50.37 -32.54
CA ASN I 154 -21.25 -51.49 -33.44
C ASN I 154 -20.06 -52.46 -33.45
N LEU I 155 -20.32 -53.72 -33.83
CA LEU I 155 -19.30 -54.75 -33.95
C LEU I 155 -18.59 -54.57 -35.29
N PHE I 156 -17.26 -54.77 -35.30
CA PHE I 156 -16.48 -54.64 -36.52
C PHE I 156 -15.47 -55.78 -36.67
N THR I 157 -15.00 -56.00 -37.89
CA THR I 157 -13.94 -56.95 -38.17
C THR I 157 -12.77 -56.12 -38.69
N PRO I 158 -11.55 -56.29 -38.15
CA PRO I 158 -10.42 -55.48 -38.64
C PRO I 158 -10.24 -55.55 -40.16
N GLY I 159 -10.19 -54.38 -40.79
CA GLY I 159 -10.09 -54.26 -42.24
C GLY I 159 -11.42 -54.08 -42.95
N GLN I 160 -12.49 -53.81 -42.20
CA GLN I 160 -13.82 -53.61 -42.78
C GLN I 160 -14.21 -52.14 -42.76
N LEU I 161 -15.08 -51.75 -43.70
CA LEU I 161 -15.55 -50.38 -43.77
C LEU I 161 -17.02 -50.25 -43.37
N LEU I 162 -17.29 -49.38 -42.40
CA LEU I 162 -18.64 -49.15 -41.91
C LEU I 162 -19.35 -48.06 -42.70
N LYS I 163 -20.69 -48.15 -42.74
CA LYS I 163 -21.50 -47.20 -43.52
C LYS I 163 -22.55 -46.46 -42.70
N TPO I 164 -22.40 -46.42 -41.36
CA TPO I 164 -23.36 -45.71 -40.52
CB TPO I 164 -23.82 -46.47 -39.27
CG2 TPO I 164 -24.82 -45.59 -38.50
OG1 TPO I 164 -24.55 -47.63 -39.71
P TPO I 164 -24.19 -48.88 -38.94
O1P TPO I 164 -24.54 -48.78 -37.48
O2P TPO I 164 -25.04 -50.01 -39.50
O3P TPO I 164 -22.73 -49.27 -39.17
C TPO I 164 -22.76 -44.38 -40.14
O TPO I 164 -21.79 -44.35 -39.39
N TRP I 165 -23.32 -43.29 -40.66
CA TRP I 165 -22.79 -41.97 -40.33
C TRP I 165 -23.44 -41.41 -39.06
N CYS I 166 -22.85 -41.79 -37.92
CA CYS I 166 -23.34 -41.42 -36.60
C CYS I 166 -22.23 -40.86 -35.72
N GLY I 167 -22.62 -40.11 -34.70
CA GLY I 167 -21.67 -39.53 -33.75
C GLY I 167 -22.08 -38.16 -33.28
N SER I 168 -21.40 -37.66 -32.24
CA SER I 168 -21.66 -36.33 -31.69
C SER I 168 -20.93 -35.35 -32.60
N PRO I 169 -21.64 -34.44 -33.28
CA PRO I 169 -21.00 -33.57 -34.28
C PRO I 169 -19.66 -32.94 -33.88
N PRO I 170 -19.47 -32.29 -32.70
CA PRO I 170 -18.13 -31.73 -32.39
C PRO I 170 -17.00 -32.75 -32.28
N TYR I 171 -17.32 -34.01 -31.95
CA TYR I 171 -16.30 -35.05 -31.82
C TYR I 171 -16.20 -35.96 -33.05
N ALA I 172 -17.12 -35.80 -34.04
CA ALA I 172 -17.17 -36.63 -35.24
C ALA I 172 -16.02 -36.41 -36.19
N ALA I 173 -15.46 -37.50 -36.70
CA ALA I 173 -14.36 -37.49 -37.66
C ALA I 173 -14.80 -36.90 -39.01
N PRO I 174 -13.88 -36.29 -39.79
CA PRO I 174 -14.29 -35.68 -41.06
C PRO I 174 -14.97 -36.60 -42.08
N GLU I 175 -14.54 -37.86 -42.21
CA GLU I 175 -15.17 -38.81 -43.15
C GLU I 175 -16.63 -39.07 -42.85
N LEU I 176 -17.05 -38.90 -41.57
CA LEU I 176 -18.44 -39.09 -41.18
C LEU I 176 -19.36 -38.03 -41.80
N PHE I 177 -18.96 -36.75 -41.75
CA PHE I 177 -19.77 -35.68 -42.33
C PHE I 177 -19.88 -35.84 -43.84
N GLU I 178 -18.76 -36.20 -44.48
CA GLU I 178 -18.67 -36.38 -45.93
C GLU I 178 -19.48 -37.58 -46.42
N GLY I 179 -19.65 -38.58 -45.58
CA GLY I 179 -20.38 -39.78 -45.95
C GLY I 179 -19.48 -40.81 -46.62
N LYS I 180 -18.26 -40.97 -46.09
CA LYS I 180 -17.28 -41.93 -46.61
C LYS I 180 -17.32 -43.23 -45.81
N GLU I 181 -17.12 -44.39 -46.45
CA GLU I 181 -17.06 -45.67 -45.73
C GLU I 181 -15.74 -45.65 -44.96
N TYR I 182 -15.81 -45.85 -43.65
CA TYR I 182 -14.65 -45.64 -42.78
C TYR I 182 -14.17 -46.85 -41.99
N ASP I 183 -12.98 -46.74 -41.37
CA ASP I 183 -12.45 -47.74 -40.46
C ASP I 183 -12.92 -47.32 -39.08
N GLY I 184 -13.58 -48.23 -38.38
CA GLY I 184 -14.12 -48.02 -37.04
C GLY I 184 -13.16 -47.41 -36.03
N PRO I 185 -12.07 -48.11 -35.67
CA PRO I 185 -11.14 -47.55 -34.67
C PRO I 185 -10.59 -46.16 -34.99
N LYS I 186 -10.30 -45.88 -36.27
CA LYS I 186 -9.78 -44.56 -36.65
C LYS I 186 -10.77 -43.42 -36.36
N VAL I 187 -12.07 -43.71 -36.40
CA VAL I 187 -13.12 -42.75 -36.09
C VAL I 187 -13.10 -42.42 -34.57
N ASP I 188 -12.84 -43.46 -33.73
CA ASP I 188 -12.73 -43.33 -32.28
C ASP I 188 -11.45 -42.58 -31.90
N ILE I 189 -10.36 -42.74 -32.67
CA ILE I 189 -9.10 -42.05 -32.43
C ILE I 189 -9.24 -40.55 -32.72
N TRP I 190 -10.08 -40.16 -33.71
CA TRP I 190 -10.35 -38.74 -33.95
C TRP I 190 -11.11 -38.20 -32.73
N SER I 191 -12.18 -38.91 -32.31
CA SER I 191 -12.98 -38.55 -31.14
C SER I 191 -12.12 -38.42 -29.89
N LEU I 192 -11.16 -39.34 -29.69
CA LEU I 192 -10.25 -39.29 -28.55
C LEU I 192 -9.36 -38.05 -28.59
N GLY I 193 -8.95 -37.63 -29.79
CA GLY I 193 -8.17 -36.42 -29.98
C GLY I 193 -8.95 -35.19 -29.52
N VAL I 194 -10.23 -35.12 -29.91
CA VAL I 194 -11.14 -34.03 -29.53
C VAL I 194 -11.36 -34.05 -28.01
N VAL I 195 -11.54 -35.25 -27.44
CA VAL I 195 -11.73 -35.43 -25.99
C VAL I 195 -10.49 -34.92 -25.25
N LEU I 196 -9.28 -35.29 -25.68
CA LEU I 196 -8.06 -34.84 -25.03
C LEU I 196 -7.92 -33.33 -25.11
N TYR I 197 -8.29 -32.74 -26.26
CA TYR I 197 -8.26 -31.29 -26.42
C TYR I 197 -9.21 -30.62 -25.44
N VAL I 198 -10.48 -31.05 -25.40
CA VAL I 198 -11.48 -30.46 -24.51
C VAL I 198 -11.11 -30.64 -23.03
N LEU I 199 -10.35 -31.69 -22.67
CA LEU I 199 -9.96 -31.90 -21.28
C LEU I 199 -8.89 -30.88 -20.84
N VAL I 200 -7.86 -30.69 -21.69
CA VAL I 200 -6.77 -29.77 -21.35
C VAL I 200 -7.06 -28.31 -21.68
N CYS I 201 -8.08 -28.02 -22.51
CA CYS I 201 -8.42 -26.65 -22.90
C CYS I 201 -9.69 -26.12 -22.30
N GLY I 202 -10.62 -27.00 -21.94
CA GLY I 202 -11.91 -26.60 -21.41
C GLY I 202 -12.81 -25.96 -22.47
N ALA I 203 -12.53 -26.26 -23.75
CA ALA I 203 -13.24 -25.76 -24.92
C ALA I 203 -12.99 -26.74 -26.09
N LEU I 204 -13.83 -26.72 -27.12
CA LEU I 204 -13.69 -27.60 -28.27
C LEU I 204 -12.69 -27.07 -29.30
N PRO I 205 -11.99 -27.97 -30.04
CA PRO I 205 -11.09 -27.47 -31.09
C PRO I 205 -11.86 -26.90 -32.29
N PHE I 206 -13.03 -27.48 -32.60
CA PHE I 206 -13.92 -27.07 -33.68
C PHE I 206 -15.30 -26.84 -33.07
N ASP I 207 -15.77 -25.59 -33.20
CA ASP I 207 -17.02 -25.10 -32.64
C ASP I 207 -17.62 -24.07 -33.59
N GLY I 208 -18.91 -23.86 -33.45
CA GLY I 208 -19.63 -22.90 -34.26
C GLY I 208 -21.02 -22.61 -33.75
N SER I 209 -21.69 -21.62 -34.37
CA SER I 209 -23.04 -21.25 -33.98
C SER I 209 -24.05 -22.31 -34.42
N THR I 210 -23.84 -22.92 -35.60
CA THR I 210 -24.71 -23.96 -36.14
C THR I 210 -23.88 -25.19 -36.57
N LEU I 211 -24.58 -26.31 -36.82
CA LEU I 211 -23.99 -27.55 -37.28
C LEU I 211 -23.31 -27.37 -38.62
N GLN I 212 -23.85 -26.48 -39.49
CA GLN I 212 -23.23 -26.21 -40.77
C GLN I 212 -21.85 -25.60 -40.58
N ASN I 213 -21.71 -24.70 -39.58
CA ASN I 213 -20.46 -24.05 -39.25
C ASN I 213 -19.50 -25.03 -38.58
N LEU I 214 -20.01 -25.86 -37.67
CA LEU I 214 -19.21 -26.87 -36.98
C LEU I 214 -18.62 -27.85 -38.01
N ARG I 215 -19.42 -28.25 -39.02
CA ARG I 215 -18.96 -29.17 -40.05
C ARG I 215 -17.79 -28.56 -40.81
N ALA I 216 -17.94 -27.29 -41.24
CA ALA I 216 -16.92 -26.57 -41.98
C ALA I 216 -15.60 -26.53 -41.21
N ARG I 217 -15.69 -26.33 -39.89
CA ARG I 217 -14.54 -26.29 -39.00
C ARG I 217 -13.84 -27.64 -38.92
N VAL I 218 -14.58 -28.74 -38.66
CA VAL I 218 -13.97 -30.06 -38.59
C VAL I 218 -13.29 -30.44 -39.91
N LEU I 219 -13.98 -30.18 -41.03
CA LEU I 219 -13.43 -30.51 -42.34
C LEU I 219 -12.17 -29.74 -42.68
N SER I 220 -11.96 -28.57 -42.07
CA SER I 220 -10.75 -27.80 -42.29
C SER I 220 -9.54 -28.47 -41.63
N GLY I 221 -9.77 -29.12 -40.48
CA GLY I 221 -8.71 -29.77 -39.71
C GLY I 221 -7.77 -28.79 -39.02
N LYS I 222 -8.13 -27.50 -39.03
CA LYS I 222 -7.33 -26.43 -38.43
C LYS I 222 -7.93 -26.09 -37.06
N PHE I 223 -7.09 -26.01 -36.04
CA PHE I 223 -7.53 -25.71 -34.67
C PHE I 223 -6.42 -25.01 -33.90
N ARG I 224 -6.78 -24.17 -32.92
CA ARG I 224 -5.79 -23.41 -32.17
C ARG I 224 -5.22 -24.16 -30.99
N ILE I 225 -3.90 -24.19 -30.86
CA ILE I 225 -3.24 -24.78 -29.71
C ILE I 225 -2.89 -23.62 -28.75
N PRO I 226 -3.50 -23.60 -27.57
CA PRO I 226 -3.25 -22.50 -26.64
C PRO I 226 -1.88 -22.55 -25.99
N PHE I 227 -1.44 -21.40 -25.48
CA PHE I 227 -0.13 -21.23 -24.88
C PHE I 227 0.19 -22.18 -23.75
N PHE I 228 -0.79 -22.46 -22.89
CA PHE I 228 -0.63 -23.33 -21.74
C PHE I 228 -0.38 -24.80 -22.09
N MET I 229 -0.71 -25.23 -23.31
CA MET I 229 -0.51 -26.61 -23.71
C MET I 229 0.96 -26.91 -24.01
N SER I 230 1.46 -28.01 -23.43
CA SER I 230 2.84 -28.45 -23.61
C SER I 230 3.11 -28.89 -25.06
N THR I 231 4.40 -28.88 -25.46
CA THR I 231 4.75 -29.30 -26.82
C THR I 231 4.48 -30.80 -27.05
N GLU I 232 4.55 -31.62 -25.98
CA GLU I 232 4.29 -33.06 -26.09
C GLU I 232 2.80 -33.31 -26.28
N CYS I 233 1.96 -32.57 -25.55
CA CYS I 233 0.51 -32.70 -25.66
C CYS I 233 0.04 -32.22 -27.02
N GLU I 234 0.63 -31.11 -27.52
CA GLU I 234 0.31 -30.57 -28.84
C GLU I 234 0.62 -31.60 -29.91
N HIS I 235 1.78 -32.26 -29.79
CA HIS I 235 2.21 -33.29 -30.71
C HIS I 235 1.21 -34.44 -30.75
N LEU I 236 0.75 -34.89 -29.58
CA LEU I 236 -0.19 -35.99 -29.50
C LEU I 236 -1.51 -35.64 -30.17
N ILE I 237 -2.08 -34.49 -29.84
CA ILE I 237 -3.36 -34.06 -30.42
C ILE I 237 -3.23 -33.86 -31.93
N ARG I 238 -2.15 -33.20 -32.37
CA ARG I 238 -1.93 -32.97 -33.80
C ARG I 238 -1.77 -34.26 -34.60
N HIS I 239 -1.33 -35.36 -33.95
CA HIS I 239 -1.17 -36.65 -34.60
C HIS I 239 -2.40 -37.56 -34.48
N MET I 240 -3.45 -37.11 -33.78
CA MET I 240 -4.72 -37.82 -33.67
C MET I 240 -5.75 -37.11 -34.56
N LEU I 241 -5.78 -35.77 -34.51
CA LEU I 241 -6.67 -34.97 -35.33
C LEU I 241 -6.04 -34.73 -36.71
N VAL I 242 -5.91 -35.81 -37.47
CA VAL I 242 -5.36 -35.84 -38.82
C VAL I 242 -6.51 -36.13 -39.77
N LEU I 243 -6.69 -35.30 -40.82
CA LEU I 243 -7.77 -35.50 -41.78
C LEU I 243 -7.76 -36.89 -42.43
N ASP I 244 -6.59 -37.32 -42.97
CA ASP I 244 -6.42 -38.64 -43.58
C ASP I 244 -6.45 -39.69 -42.45
N PRO I 245 -7.43 -40.60 -42.43
CA PRO I 245 -7.51 -41.57 -41.31
C PRO I 245 -6.29 -42.45 -41.16
N ASN I 246 -5.65 -42.81 -42.28
CA ASN I 246 -4.47 -43.68 -42.31
C ASN I 246 -3.24 -43.04 -41.66
N LYS I 247 -3.18 -41.69 -41.60
CA LYS I 247 -2.07 -40.99 -40.97
C LYS I 247 -2.29 -40.68 -39.47
N ARG I 248 -3.33 -41.28 -38.85
CA ARG I 248 -3.56 -41.09 -37.42
C ARG I 248 -2.75 -42.12 -36.64
N LEU I 249 -2.46 -41.83 -35.36
CA LEU I 249 -1.73 -42.79 -34.53
C LEU I 249 -2.66 -43.95 -34.20
N SER I 250 -2.12 -45.14 -34.04
CA SER I 250 -2.88 -46.31 -33.64
C SER I 250 -3.06 -46.27 -32.11
N MET I 251 -3.97 -47.10 -31.56
CA MET I 251 -4.18 -47.14 -30.13
C MET I 251 -2.89 -47.49 -29.36
N GLU I 252 -2.01 -48.30 -29.97
CA GLU I 252 -0.73 -48.69 -29.36
C GLU I 252 0.23 -47.52 -29.36
N GLN I 253 0.27 -46.77 -30.47
CA GLN I 253 1.12 -45.59 -30.60
C GLN I 253 0.68 -44.49 -29.63
N ILE I 254 -0.64 -44.39 -29.37
CA ILE I 254 -1.17 -43.41 -28.44
C ILE I 254 -0.69 -43.74 -27.02
N CYS I 255 -0.72 -45.03 -26.65
CA CYS I 255 -0.30 -45.50 -25.33
C CYS I 255 1.16 -45.29 -25.04
N LYS I 256 2.00 -45.37 -26.06
CA LYS I 256 3.43 -45.21 -25.90
C LYS I 256 3.91 -43.80 -26.31
N HIS I 257 3.01 -42.81 -26.32
CA HIS I 257 3.40 -41.45 -26.70
C HIS I 257 4.25 -40.80 -25.60
N LYS I 258 5.15 -39.87 -25.97
CA LYS I 258 6.00 -39.18 -24.98
C LYS I 258 5.15 -38.48 -23.89
N TRP I 259 3.99 -37.92 -24.26
CA TRP I 259 3.10 -37.27 -23.30
C TRP I 259 2.49 -38.28 -22.35
N MET I 260 2.13 -39.46 -22.84
CA MET I 260 1.54 -40.53 -22.06
C MET I 260 2.55 -41.10 -21.06
N LYS I 261 3.82 -41.23 -21.49
CA LYS I 261 4.91 -41.74 -20.65
C LYS I 261 5.43 -40.71 -19.62
N LEU I 262 5.01 -39.44 -19.74
CA LEU I 262 5.42 -38.34 -18.87
C LEU I 262 4.99 -38.54 -17.42
N GLY I 263 5.76 -37.94 -16.52
CA GLY I 263 5.51 -38.05 -15.09
C GLY I 263 6.08 -39.33 -14.52
N ASP I 264 5.45 -39.85 -13.47
CA ASP I 264 5.90 -41.09 -12.85
C ASP I 264 5.63 -42.29 -13.74
N ALA I 265 6.43 -43.35 -13.59
CA ALA I 265 6.23 -44.58 -14.35
C ALA I 265 4.91 -45.21 -13.91
N ASP I 266 4.05 -45.55 -14.87
CA ASP I 266 2.74 -46.12 -14.56
C ASP I 266 2.63 -47.55 -15.03
N PRO I 267 3.08 -48.53 -14.20
CA PRO I 267 2.96 -49.94 -14.60
C PRO I 267 1.51 -50.44 -14.59
N ASN I 268 0.61 -49.77 -13.85
CA ASN I 268 -0.80 -50.17 -13.83
C ASN I 268 -1.47 -49.90 -15.18
N PHE I 269 -1.05 -48.84 -15.87
CA PHE I 269 -1.58 -48.51 -17.19
C PHE I 269 -1.10 -49.56 -18.20
N ASP I 270 0.18 -49.93 -18.12
CA ASP I 270 0.77 -50.93 -19.00
C ASP I 270 0.15 -52.31 -18.77
N ARG I 271 -0.25 -52.61 -17.53
CA ARG I 271 -0.87 -53.88 -17.17
C ARG I 271 -2.27 -53.96 -17.79
N LEU I 272 -3.04 -52.86 -17.73
CA LEU I 272 -4.38 -52.82 -18.30
C LEU I 272 -4.37 -52.88 -19.83
N ILE I 273 -3.30 -52.41 -20.48
CA ILE I 273 -3.22 -52.48 -21.95
C ILE I 273 -2.83 -53.87 -22.36
N ALA I 274 -1.85 -54.48 -21.66
CA ALA I 274 -1.40 -55.83 -21.97
C ALA I 274 -2.51 -56.84 -21.81
N GLU I 275 -3.41 -56.64 -20.83
CA GLU I 275 -4.57 -57.51 -20.61
C GLU I 275 -5.54 -57.50 -21.81
N SER I 276 -5.59 -56.39 -22.55
CA SER I 276 -6.41 -56.25 -23.75
C SER I 276 -5.66 -56.80 -24.99
N GLN I 277 -4.36 -56.48 -25.14
CA GLN I 277 -3.58 -56.88 -26.32
C GLN I 277 -2.94 -58.29 -26.23
N GLN I 278 -3.43 -59.12 -25.29
CA GLN I 278 -2.98 -60.49 -25.12
C GLN I 278 -4.12 -61.24 -24.47
N LEU I 279 -4.85 -62.06 -25.24
CA LEU I 279 -6.00 -62.81 -24.74
C LEU I 279 -6.21 -64.11 -25.55
N PRO I 287 -16.75 -67.97 -11.55
CA PRO I 287 -16.73 -67.06 -10.39
C PRO I 287 -18.11 -66.90 -9.74
N LEU I 288 -18.62 -67.95 -9.06
CA LEU I 288 -19.94 -67.87 -8.42
C LEU I 288 -19.89 -67.64 -6.90
N ASN I 289 -20.68 -66.65 -6.44
CA ASN I 289 -20.76 -66.23 -5.03
C ASN I 289 -21.85 -67.00 -4.27
N GLU I 290 -21.46 -68.00 -3.47
CA GLU I 290 -22.41 -68.79 -2.69
C GLU I 290 -22.95 -68.07 -1.43
N ASP I 291 -22.28 -66.98 -1.01
CA ASP I 291 -22.73 -66.22 0.16
C ASP I 291 -23.90 -65.31 -0.24
N VAL I 292 -23.80 -64.67 -1.42
CA VAL I 292 -24.83 -63.81 -1.97
C VAL I 292 -26.08 -64.65 -2.29
N LEU I 293 -25.89 -65.85 -2.88
CA LEU I 293 -26.99 -66.75 -3.19
C LEU I 293 -27.76 -67.18 -1.94
N LEU I 294 -27.08 -67.27 -0.79
CA LEU I 294 -27.74 -67.63 0.47
C LEU I 294 -28.57 -66.46 0.97
N ALA I 295 -28.03 -65.23 0.84
CA ALA I 295 -28.75 -64.02 1.23
C ALA I 295 -29.99 -63.82 0.38
N MET I 296 -29.91 -64.14 -0.93
CA MET I 296 -31.03 -64.04 -1.85
C MET I 296 -32.12 -65.06 -1.52
N GLU I 297 -31.73 -66.24 -1.05
CA GLU I 297 -32.71 -67.26 -0.64
C GLU I 297 -33.50 -66.75 0.57
N ASP I 298 -32.79 -66.08 1.52
CA ASP I 298 -33.27 -65.47 2.76
C ASP I 298 -34.06 -64.16 2.58
N MET I 299 -34.44 -63.85 1.34
CA MET I 299 -35.28 -62.68 1.02
C MET I 299 -36.66 -63.12 0.49
N GLY I 300 -36.72 -64.33 -0.09
CA GLY I 300 -37.92 -64.89 -0.71
C GLY I 300 -37.73 -65.16 -2.20
N LEU I 301 -36.52 -64.97 -2.74
CA LEU I 301 -36.23 -65.19 -4.16
C LEU I 301 -35.88 -66.66 -4.35
N ASP I 302 -36.60 -67.38 -5.25
CA ASP I 302 -36.41 -68.81 -5.52
C ASP I 302 -34.98 -69.15 -5.92
N LYS I 303 -34.37 -70.13 -5.23
CA LYS I 303 -33.00 -70.56 -5.48
C LYS I 303 -32.81 -71.07 -6.90
N GLU I 304 -33.73 -71.93 -7.38
CA GLU I 304 -33.63 -72.50 -8.72
C GLU I 304 -33.85 -71.44 -9.81
N GLN I 305 -34.76 -70.49 -9.55
CA GLN I 305 -35.04 -69.44 -10.52
C GLN I 305 -33.89 -68.43 -10.59
N THR I 306 -33.21 -68.20 -9.47
CA THR I 306 -32.06 -67.31 -9.39
C THR I 306 -30.93 -67.90 -10.21
N LEU I 307 -30.69 -69.23 -10.06
CA LEU I 307 -29.64 -69.94 -10.78
C LEU I 307 -29.89 -69.93 -12.27
N GLN I 308 -31.14 -70.14 -12.72
CA GLN I 308 -31.46 -70.14 -14.15
C GLN I 308 -31.29 -68.77 -14.79
N SER I 309 -31.63 -67.72 -14.06
CA SER I 309 -31.48 -66.34 -14.53
C SER I 309 -30.00 -65.91 -14.64
N LEU I 310 -29.12 -66.57 -13.88
CA LEU I 310 -27.70 -66.31 -13.85
C LEU I 310 -26.97 -67.08 -14.96
N ARG I 311 -27.24 -68.41 -15.09
CA ARG I 311 -26.63 -69.25 -16.15
C ARG I 311 -26.99 -68.68 -17.52
N SER I 312 -28.26 -68.30 -17.69
CA SER I 312 -28.70 -67.59 -18.88
C SER I 312 -28.37 -66.09 -18.62
N ASP I 313 -27.83 -65.36 -19.61
CA ASP I 313 -27.54 -63.92 -19.40
C ASP I 313 -28.84 -63.15 -19.59
N ALA I 314 -29.77 -63.34 -18.65
CA ALA I 314 -31.12 -62.79 -18.70
C ALA I 314 -31.18 -61.34 -18.38
N TYR I 315 -30.37 -60.88 -17.39
CA TYR I 315 -30.35 -59.50 -16.91
C TYR I 315 -31.77 -59.14 -16.43
N ASP I 316 -32.35 -60.00 -15.59
CA ASP I 316 -33.70 -59.79 -15.03
C ASP I 316 -33.56 -59.27 -13.59
N HIS I 317 -34.63 -59.28 -12.77
CA HIS I 317 -34.51 -58.80 -11.39
C HIS I 317 -33.60 -59.72 -10.57
N TYR I 318 -33.59 -61.03 -10.90
CA TYR I 318 -32.73 -61.98 -10.21
C TYR I 318 -31.27 -61.68 -10.50
N SER I 319 -30.93 -61.26 -11.74
CA SER I 319 -29.55 -60.94 -12.10
C SER I 319 -29.13 -59.62 -11.47
N ALA I 320 -30.01 -58.61 -11.48
CA ALA I 320 -29.74 -57.29 -10.89
C ALA I 320 -29.52 -57.35 -9.37
N ILE I 321 -30.41 -58.05 -8.61
CA ILE I 321 -30.27 -58.25 -7.16
C ILE I 321 -28.94 -58.96 -6.89
N TYR I 322 -28.54 -59.91 -7.75
CA TYR I 322 -27.25 -60.59 -7.61
C TYR I 322 -26.09 -59.62 -7.84
N SER I 323 -26.05 -58.96 -9.02
CA SER I 323 -25.01 -58.01 -9.38
C SER I 323 -24.75 -56.97 -8.27
N LEU I 324 -25.80 -56.17 -7.93
CA LEU I 324 -25.78 -55.15 -6.88
C LEU I 324 -25.26 -55.69 -5.55
N LEU I 325 -25.68 -56.92 -5.16
CA LEU I 325 -25.27 -57.55 -3.91
C LEU I 325 -23.77 -57.87 -3.86
N CYS I 326 -23.14 -58.02 -5.02
CA CYS I 326 -21.72 -58.33 -5.09
C CYS I 326 -20.88 -57.04 -5.08
N ASP I 327 -20.99 -56.25 -3.98
CA ASP I 327 -20.26 -55.00 -3.83
C ASP I 327 -19.76 -54.79 -2.38
N GLU J 1 -37.47 -8.03 -13.06
CA GLU J 1 -37.46 -8.74 -11.78
C GLU J 1 -36.30 -9.77 -11.65
N VAL J 2 -35.83 -10.36 -12.78
CA VAL J 2 -34.66 -11.23 -12.81
C VAL J 2 -33.45 -10.30 -12.94
N GLN J 3 -32.39 -10.53 -12.15
CA GLN J 3 -31.23 -9.64 -12.22
C GLN J 3 -29.91 -10.34 -11.98
N LEU J 4 -28.84 -9.84 -12.61
CA LEU J 4 -27.52 -10.41 -12.44
C LEU J 4 -26.72 -9.60 -11.42
N VAL J 5 -26.37 -10.22 -10.30
CA VAL J 5 -25.64 -9.53 -9.24
C VAL J 5 -24.16 -9.87 -9.26
N GLN J 6 -23.34 -8.88 -9.56
CA GLN J 6 -21.90 -9.08 -9.69
C GLN J 6 -21.13 -8.82 -8.42
N SER J 7 -19.91 -9.36 -8.32
CA SER J 7 -19.05 -9.12 -7.17
C SER J 7 -18.55 -7.64 -7.18
N GLY J 8 -18.00 -7.20 -6.05
CA GLY J 8 -17.52 -5.83 -5.93
C GLY J 8 -16.22 -5.53 -6.65
N ALA J 9 -15.89 -4.23 -6.70
CA ALA J 9 -14.69 -3.70 -7.33
C ALA J 9 -13.42 -4.10 -6.55
N GLY J 10 -12.27 -4.09 -7.24
CA GLY J 10 -11.01 -4.42 -6.60
C GLY J 10 -9.76 -3.95 -7.32
N VAL J 11 -8.65 -3.88 -6.58
CA VAL J 11 -7.35 -3.52 -7.16
C VAL J 11 -6.50 -4.76 -7.16
N LYS J 12 -5.92 -5.07 -8.32
CA LYS J 12 -5.03 -6.20 -8.43
C LYS J 12 -3.64 -5.74 -8.89
N LYS J 13 -2.58 -6.39 -8.41
CA LYS J 13 -1.23 -6.04 -8.82
C LYS J 13 -0.94 -6.72 -10.17
N PRO J 14 -0.09 -6.14 -11.04
CA PRO J 14 0.20 -6.80 -12.32
C PRO J 14 0.81 -8.20 -12.14
N GLY J 15 0.31 -9.16 -12.90
CA GLY J 15 0.76 -10.54 -12.81
C GLY J 15 -0.27 -11.43 -12.13
N SER J 16 -0.99 -10.88 -11.16
CA SER J 16 -2.02 -11.60 -10.41
C SER J 16 -3.24 -11.98 -11.25
N SER J 17 -4.16 -12.79 -10.69
CA SER J 17 -5.37 -13.22 -11.37
C SER J 17 -6.60 -12.69 -10.62
N VAL J 18 -7.70 -12.40 -11.33
CA VAL J 18 -8.91 -11.89 -10.69
C VAL J 18 -10.12 -12.78 -10.98
N LYS J 19 -10.99 -13.01 -9.97
CA LYS J 19 -12.20 -13.80 -10.18
C LYS J 19 -13.42 -12.94 -9.93
N VAL J 20 -14.38 -12.96 -10.86
CA VAL J 20 -15.59 -12.14 -10.75
C VAL J 20 -16.81 -13.05 -10.77
N SER J 21 -17.77 -12.84 -9.83
CA SER J 21 -18.96 -13.67 -9.76
C SER J 21 -20.18 -12.97 -10.38
N CYS J 22 -21.20 -13.75 -10.75
CA CYS J 22 -22.40 -13.20 -11.37
C CYS J 22 -23.58 -14.08 -10.98
N LYS J 23 -24.23 -13.76 -9.86
CA LYS J 23 -25.35 -14.55 -9.36
C LYS J 23 -26.68 -14.16 -9.99
N SER J 24 -27.42 -15.14 -10.50
CA SER J 24 -28.70 -14.88 -11.13
C SER J 24 -29.82 -14.97 -10.10
N SER J 25 -30.33 -13.82 -9.66
CA SER J 25 -31.39 -13.78 -8.65
C SER J 25 -32.69 -13.30 -9.31
N GLY J 26 -33.65 -14.20 -9.49
CA GLY J 26 -34.91 -13.84 -10.12
C GLY J 26 -35.74 -14.98 -10.70
N GLY J 27 -35.18 -16.20 -10.70
CA GLY J 27 -35.88 -17.38 -11.22
C GLY J 27 -34.95 -18.49 -11.72
N SER J 31 -31.45 -22.50 -16.07
CA SER J 31 -30.43 -22.59 -17.11
C SER J 31 -30.37 -21.34 -17.98
N SER J 32 -29.18 -20.73 -18.10
CA SER J 32 -28.98 -19.51 -18.89
C SER J 32 -27.69 -19.62 -19.74
N ALA J 33 -27.36 -18.58 -20.53
CA ALA J 33 -26.15 -18.61 -21.33
C ALA J 33 -25.40 -17.31 -21.13
N VAL J 34 -24.82 -17.15 -19.95
CA VAL J 34 -24.10 -15.93 -19.62
C VAL J 34 -22.77 -15.79 -20.37
N SER J 35 -22.49 -14.57 -20.86
CA SER J 35 -21.27 -14.19 -21.53
C SER J 35 -20.58 -13.09 -20.71
N TRP J 36 -19.25 -12.95 -20.83
CA TRP J 36 -18.52 -11.91 -20.11
C TRP J 36 -18.02 -10.89 -21.10
N ILE J 37 -18.39 -9.62 -20.90
CA ILE J 37 -18.04 -8.51 -21.78
C ILE J 37 -17.37 -7.44 -20.97
N ARG J 38 -16.21 -6.92 -21.41
CA ARG J 38 -15.51 -5.89 -20.66
C ARG J 38 -15.46 -4.54 -21.38
N GLN J 39 -15.20 -3.46 -20.64
CA GLN J 39 -15.15 -2.14 -21.22
C GLN J 39 -14.14 -1.29 -20.47
N ALA J 40 -12.98 -1.02 -21.09
CA ALA J 40 -11.95 -0.20 -20.47
C ALA J 40 -12.41 1.26 -20.31
N PRO J 41 -11.87 2.02 -19.33
CA PRO J 41 -12.32 3.40 -19.15
C PRO J 41 -12.33 4.25 -20.41
N GLY J 42 -13.52 4.72 -20.78
CA GLY J 42 -13.72 5.56 -21.97
C GLY J 42 -13.57 4.83 -23.30
N GLN J 43 -13.55 3.50 -23.27
CA GLN J 43 -13.37 2.67 -24.45
C GLN J 43 -14.67 1.89 -24.78
N GLY J 44 -14.67 1.19 -25.91
CA GLY J 44 -15.82 0.41 -26.33
C GLY J 44 -15.93 -0.91 -25.62
N VAL J 45 -17.06 -1.58 -25.81
CA VAL J 45 -17.31 -2.86 -25.19
C VAL J 45 -16.66 -4.00 -26.02
N GLU J 46 -16.20 -5.05 -25.34
CA GLU J 46 -15.47 -6.16 -25.95
C GLU J 46 -15.90 -7.50 -25.35
N TRP J 47 -16.32 -8.45 -26.20
CA TRP J 47 -16.73 -9.77 -25.75
C TRP J 47 -15.54 -10.65 -25.44
N MET J 48 -15.49 -11.21 -24.23
CA MET J 48 -14.36 -12.04 -23.80
C MET J 48 -14.60 -13.52 -23.98
N GLY J 49 -15.82 -13.94 -23.76
CA GLY J 49 -16.20 -15.34 -23.85
C GLY J 49 -17.54 -15.62 -23.22
N GLY J 50 -17.85 -16.88 -23.07
CA GLY J 50 -19.11 -17.31 -22.49
C GLY J 50 -19.68 -18.51 -23.20
N ILE J 51 -20.88 -18.94 -22.79
CA ILE J 51 -21.53 -20.09 -23.42
C ILE J 51 -22.25 -19.61 -24.70
N THR J 52 -21.76 -20.01 -25.90
CA THR J 52 -22.34 -19.55 -27.18
C THR J 52 -22.69 -20.67 -28.20
N SER J 53 -22.79 -21.91 -27.73
CA SER J 53 -23.15 -23.04 -28.58
C SER J 53 -23.59 -24.19 -27.71
N ILE J 54 -24.41 -25.07 -28.27
CA ILE J 54 -24.84 -26.27 -27.55
C ILE J 54 -23.73 -27.35 -27.50
N PHE J 55 -22.63 -27.16 -28.28
CA PHE J 55 -21.55 -28.12 -28.50
C PHE J 55 -20.52 -28.29 -27.36
N GLY J 56 -20.00 -27.20 -26.82
CA GLY J 56 -18.96 -27.29 -25.82
C GLY J 56 -19.24 -26.62 -24.50
N PRO J 57 -18.37 -26.86 -23.51
CA PRO J 57 -18.57 -26.29 -22.18
C PRO J 57 -18.56 -24.77 -22.12
N ALA J 58 -17.63 -24.15 -22.86
CA ALA J 58 -17.49 -22.70 -22.94
C ALA J 58 -16.80 -22.30 -24.23
N ASN J 59 -17.04 -21.08 -24.70
CA ASN J 59 -16.37 -20.57 -25.88
C ASN J 59 -15.68 -19.28 -25.53
N TYR J 60 -14.38 -19.19 -25.81
CA TYR J 60 -13.60 -18.00 -25.50
C TYR J 60 -13.20 -17.26 -26.76
N ALA J 61 -13.09 -15.94 -26.66
CA ALA J 61 -12.61 -15.13 -27.77
C ALA J 61 -11.10 -15.40 -27.88
N GLN J 62 -10.57 -15.50 -29.09
CA GLN J 62 -9.17 -15.84 -29.31
C GLN J 62 -8.15 -15.08 -28.46
N LYS J 63 -8.38 -13.78 -28.31
CA LYS J 63 -7.56 -12.86 -27.52
C LYS J 63 -7.48 -13.27 -26.04
N PHE J 64 -8.58 -13.77 -25.49
CA PHE J 64 -8.66 -14.13 -24.10
C PHE J 64 -8.46 -15.61 -23.77
N GLN J 65 -8.50 -16.51 -24.77
CA GLN J 65 -8.39 -17.96 -24.55
C GLN J 65 -7.27 -18.39 -23.58
N ASP J 66 -6.07 -17.82 -23.74
CA ASP J 66 -4.91 -18.15 -22.94
C ASP J 66 -5.00 -17.76 -21.47
N ARG J 67 -5.76 -16.71 -21.13
CA ARG J 67 -5.82 -16.22 -19.74
C ARG J 67 -7.17 -16.34 -19.05
N LEU J 68 -8.25 -16.55 -19.83
CA LEU J 68 -9.59 -16.64 -19.27
C LEU J 68 -9.99 -18.08 -18.95
N LYS J 69 -10.78 -18.21 -17.89
CA LYS J 69 -11.38 -19.45 -17.42
C LYS J 69 -12.80 -19.02 -17.06
N ILE J 70 -13.79 -19.62 -17.71
CA ILE J 70 -15.20 -19.29 -17.43
C ILE J 70 -15.87 -20.53 -16.83
N THR J 71 -16.33 -20.43 -15.58
CA THR J 71 -16.95 -21.56 -14.90
C THR J 71 -18.37 -21.23 -14.42
N ALA J 72 -19.13 -22.24 -13.97
CA ALA J 72 -20.48 -22.02 -13.49
C ALA J 72 -20.87 -23.00 -12.42
N ASP J 73 -21.49 -22.50 -11.33
CA ASP J 73 -21.99 -23.36 -10.25
C ASP J 73 -23.49 -23.42 -10.38
N LYS J 74 -23.96 -24.42 -11.15
CA LYS J 74 -25.38 -24.62 -11.42
C LYS J 74 -26.21 -24.70 -10.14
N ALA J 75 -25.61 -25.25 -9.06
CA ALA J 75 -26.20 -25.38 -7.75
C ALA J 75 -26.63 -24.02 -7.19
N THR J 76 -25.75 -22.99 -7.29
CA THR J 76 -26.05 -21.66 -6.75
C THR J 76 -26.43 -20.61 -7.80
N ASN J 77 -26.56 -21.00 -9.07
CA ASN J 77 -26.87 -20.07 -10.16
C ASN J 77 -25.84 -18.97 -10.33
N THR J 78 -24.59 -19.21 -9.90
CA THR J 78 -23.55 -18.20 -10.02
C THR J 78 -22.62 -18.57 -11.15
N VAL J 79 -22.25 -17.60 -11.97
CA VAL J 79 -21.32 -17.82 -13.06
C VAL J 79 -20.05 -17.05 -12.75
N TYR J 80 -18.90 -17.69 -12.90
CA TYR J 80 -17.62 -17.07 -12.60
C TYR J 80 -16.76 -16.82 -13.84
N MET J 81 -15.78 -15.92 -13.68
CA MET J 81 -14.85 -15.50 -14.70
C MET J 81 -13.51 -15.27 -14.02
N GLU J 82 -12.47 -15.97 -14.47
CA GLU J 82 -11.13 -15.82 -13.87
C GLU J 82 -10.11 -15.40 -14.92
N LEU J 83 -9.59 -14.18 -14.79
CA LEU J 83 -8.62 -13.66 -15.74
C LEU J 83 -7.26 -13.57 -15.08
N SER J 84 -6.32 -14.37 -15.57
CA SER J 84 -4.97 -14.42 -14.99
C SER J 84 -3.96 -13.54 -15.76
N GLY J 85 -2.77 -13.35 -15.18
CA GLY J 85 -1.70 -12.56 -15.78
C GLY J 85 -2.14 -11.15 -16.11
N LEU J 86 -2.65 -10.45 -15.10
CA LEU J 86 -3.16 -9.10 -15.28
C LEU J 86 -2.11 -8.07 -15.64
N THR J 87 -2.45 -7.18 -16.56
CA THR J 87 -1.61 -6.08 -17.01
C THR J 87 -2.42 -4.79 -16.90
N PHE J 88 -1.79 -3.62 -17.02
CA PHE J 88 -2.49 -2.35 -16.98
C PHE J 88 -3.60 -2.25 -18.04
N GLU J 89 -3.48 -3.00 -19.15
CA GLU J 89 -4.50 -3.03 -20.21
C GLU J 89 -5.79 -3.76 -19.78
N ASP J 90 -5.74 -4.53 -18.70
CA ASP J 90 -6.88 -5.26 -18.18
C ASP J 90 -7.75 -4.44 -17.22
N THR J 91 -7.39 -3.18 -16.93
CA THR J 91 -8.20 -2.29 -16.09
C THR J 91 -9.44 -1.95 -16.89
N ALA J 92 -10.60 -2.44 -16.45
CA ALA J 92 -11.86 -2.26 -17.19
C ALA J 92 -13.08 -2.59 -16.27
N VAL J 93 -14.32 -2.32 -16.74
CA VAL J 93 -15.54 -2.72 -16.05
C VAL J 93 -15.95 -4.02 -16.71
N TYR J 94 -16.08 -5.09 -15.92
CA TYR J 94 -16.44 -6.42 -16.41
C TYR J 94 -17.90 -6.66 -16.18
N TYR J 95 -18.63 -6.92 -17.26
CA TYR J 95 -20.06 -7.17 -17.22
C TYR J 95 -20.36 -8.60 -17.55
N CYS J 96 -21.44 -9.14 -17.00
CA CYS J 96 -21.95 -10.45 -17.37
C CYS J 96 -23.30 -10.19 -18.02
N ALA J 97 -23.56 -10.83 -19.15
CA ALA J 97 -24.80 -10.61 -19.87
C ALA J 97 -25.38 -11.91 -20.37
N ARG J 98 -26.69 -12.06 -20.28
CA ARG J 98 -27.36 -13.29 -20.70
C ARG J 98 -27.81 -13.23 -22.16
N VAL J 99 -27.48 -14.27 -22.96
CA VAL J 99 -27.93 -14.39 -24.35
C VAL J 99 -29.44 -14.67 -24.27
N GLY J 100 -30.21 -13.75 -24.84
CA GLY J 100 -31.67 -13.74 -24.78
C GLY J 100 -32.49 -14.84 -25.41
N ASP J 101 -31.88 -15.69 -26.26
CA ASP J 101 -32.65 -16.77 -26.91
C ASP J 101 -32.10 -18.15 -26.62
N TYR J 102 -31.43 -18.33 -25.47
CA TYR J 102 -30.83 -19.60 -25.05
C TYR J 102 -31.81 -20.75 -25.12
N ASN J 103 -33.05 -20.52 -24.70
CA ASN J 103 -34.09 -21.55 -24.67
C ASN J 103 -34.46 -22.13 -26.07
N PHE J 104 -34.01 -21.49 -27.16
CA PHE J 104 -34.29 -21.97 -28.51
C PHE J 104 -33.14 -22.76 -29.15
N TRP J 105 -31.95 -22.75 -28.54
CA TRP J 105 -30.77 -23.41 -29.09
C TRP J 105 -30.96 -24.91 -29.33
N ASN J 106 -30.62 -25.37 -30.57
CA ASN J 106 -30.76 -26.75 -31.05
C ASN J 106 -29.53 -27.32 -31.73
N GLY J 107 -28.63 -26.46 -32.16
CA GLY J 107 -27.56 -26.83 -33.07
C GLY J 107 -27.90 -26.43 -34.51
N HIS J 108 -29.21 -26.27 -34.82
CA HIS J 108 -29.73 -25.86 -36.11
C HIS J 108 -30.21 -24.43 -36.07
N TYR J 109 -30.82 -24.02 -34.95
CA TYR J 109 -31.29 -22.65 -34.75
C TYR J 109 -30.06 -21.77 -34.64
N ARG J 110 -30.02 -20.68 -35.41
CA ARG J 110 -28.90 -19.75 -35.36
C ARG J 110 -29.26 -18.63 -34.39
N SER J 111 -28.58 -18.59 -33.25
CA SER J 111 -28.85 -17.57 -32.23
C SER J 111 -28.52 -16.17 -32.73
N GLY J 112 -29.21 -15.19 -32.17
CA GLY J 112 -28.97 -13.79 -32.50
C GLY J 112 -27.88 -13.17 -31.65
N TYR J 113 -27.60 -13.79 -30.47
CA TYR J 113 -26.61 -13.39 -29.47
C TYR J 113 -26.88 -12.00 -28.95
N TYR J 114 -28.17 -11.70 -28.72
CA TYR J 114 -28.55 -10.42 -28.16
C TYR J 114 -28.53 -10.55 -26.65
N PHE J 115 -28.00 -9.54 -25.96
CA PHE J 115 -27.87 -9.58 -24.51
C PHE J 115 -29.06 -8.93 -23.81
N ASP J 116 -29.98 -9.81 -23.43
CA ASP J 116 -31.24 -9.65 -22.73
C ASP J 116 -31.09 -8.83 -21.43
N LEU J 117 -30.30 -9.38 -20.49
CA LEU J 117 -30.04 -8.89 -19.16
C LEU J 117 -28.56 -8.65 -19.00
N TRP J 118 -28.18 -7.63 -18.23
CA TRP J 118 -26.78 -7.32 -17.95
C TRP J 118 -26.60 -7.10 -16.45
N GLY J 119 -25.40 -7.36 -15.96
CA GLY J 119 -25.04 -7.07 -14.58
C GLY J 119 -24.67 -5.61 -14.47
N ARG J 120 -24.68 -5.06 -13.24
CA ARG J 120 -24.32 -3.65 -13.03
C ARG J 120 -22.86 -3.32 -13.43
N GLY J 121 -21.99 -4.34 -13.42
CA GLY J 121 -20.58 -4.21 -13.77
C GLY J 121 -19.69 -4.32 -12.55
N THR J 122 -18.45 -4.80 -12.74
CA THR J 122 -17.47 -4.90 -11.66
C THR J 122 -16.25 -4.14 -12.12
N LEU J 123 -15.76 -3.19 -11.33
CA LEU J 123 -14.58 -2.43 -11.71
C LEU J 123 -13.29 -3.10 -11.24
N VAL J 124 -12.50 -3.62 -12.18
CA VAL J 124 -11.24 -4.24 -11.83
C VAL J 124 -10.14 -3.34 -12.34
N THR J 125 -9.24 -2.92 -11.45
CA THR J 125 -8.16 -2.01 -11.80
C THR J 125 -6.81 -2.60 -11.45
N VAL J 126 -5.86 -2.48 -12.38
CA VAL J 126 -4.52 -3.00 -12.19
C VAL J 126 -3.54 -1.87 -11.86
N SER J 127 -2.82 -1.97 -10.73
CA SER J 127 -1.84 -0.96 -10.35
C SER J 127 -0.78 -1.52 -9.39
N SER J 128 0.34 -0.79 -9.22
CA SER J 128 1.44 -1.22 -8.36
C SER J 128 2.21 -0.05 -7.75
N VAL J 147 -14.09 -4.48 -34.63
CA VAL J 147 -14.19 -5.24 -35.90
C VAL J 147 -15.27 -4.61 -36.80
N LEU J 148 -16.40 -4.24 -36.20
CA LEU J 148 -17.51 -3.60 -36.89
C LEU J 148 -17.23 -2.11 -36.96
N THR J 149 -17.43 -1.50 -38.13
CA THR J 149 -17.15 -0.08 -38.31
C THR J 149 -18.36 0.82 -38.08
N GLN J 150 -18.28 1.64 -37.04
CA GLN J 150 -19.29 2.60 -36.65
C GLN J 150 -18.68 4.00 -36.60
N PRO J 151 -19.36 5.09 -37.07
CA PRO J 151 -18.79 6.43 -36.92
C PRO J 151 -18.63 6.79 -35.45
N PRO J 152 -17.52 7.45 -35.09
CA PRO J 152 -17.29 7.76 -33.67
C PRO J 152 -18.34 8.67 -33.05
N SER J 153 -18.91 9.57 -33.87
CA SER J 153 -19.90 10.51 -33.39
C SER J 153 -20.93 10.85 -34.46
N ALA J 154 -22.11 11.20 -34.00
CA ALA J 154 -23.25 11.65 -34.80
C ALA J 154 -23.96 12.78 -34.02
N SER J 155 -24.72 13.63 -34.73
CA SER J 155 -25.39 14.77 -34.08
C SER J 155 -26.67 15.20 -34.80
N GLY J 156 -27.52 15.95 -34.11
CA GLY J 156 -28.74 16.45 -34.70
C GLY J 156 -29.48 17.43 -33.80
N THR J 157 -30.32 18.29 -34.38
CA THR J 157 -31.15 19.19 -33.59
C THR J 157 -32.40 18.43 -33.13
N PRO J 158 -33.06 18.84 -32.03
CA PRO J 158 -34.25 18.10 -31.57
C PRO J 158 -35.35 17.96 -32.62
N GLY J 159 -35.89 16.76 -32.75
CA GLY J 159 -36.94 16.46 -33.72
C GLY J 159 -36.42 15.81 -35.00
N GLN J 160 -35.11 15.95 -35.27
CA GLN J 160 -34.48 15.38 -36.46
C GLN J 160 -34.33 13.85 -36.38
N ARG J 161 -33.97 13.22 -37.52
CA ARG J 161 -33.69 11.81 -37.66
C ARG J 161 -32.18 11.67 -37.73
N VAL J 162 -31.60 10.89 -36.81
CA VAL J 162 -30.16 10.67 -36.78
C VAL J 162 -29.90 9.24 -37.17
N THR J 163 -29.06 8.99 -38.19
CA THR J 163 -28.77 7.62 -38.60
C THR J 163 -27.32 7.21 -38.34
N ILE J 164 -27.15 6.05 -37.71
CA ILE J 164 -25.83 5.52 -37.42
C ILE J 164 -25.60 4.29 -38.29
N SER J 165 -24.52 4.29 -39.06
CA SER J 165 -24.20 3.15 -39.92
C SER J 165 -23.30 2.16 -39.18
N CYS J 166 -23.37 0.89 -39.57
CA CYS J 166 -22.55 -0.15 -38.97
C CYS J 166 -22.14 -1.09 -40.07
N SER J 167 -20.91 -0.95 -40.56
CA SER J 167 -20.41 -1.79 -41.64
C SER J 167 -19.68 -3.02 -41.09
N GLY J 168 -19.85 -4.13 -41.76
CA GLY J 168 -19.19 -5.38 -41.38
C GLY J 168 -18.75 -6.18 -42.59
N SER J 169 -18.46 -7.47 -42.37
CA SER J 169 -18.03 -8.41 -43.39
C SER J 169 -19.08 -9.51 -43.64
N SER J 170 -18.80 -10.41 -44.58
CA SER J 170 -19.70 -11.51 -44.90
C SER J 170 -19.80 -12.48 -43.72
N SER J 171 -18.68 -12.72 -43.03
CA SER J 171 -18.64 -13.66 -41.90
C SER J 171 -19.51 -13.21 -40.73
N ASN J 172 -19.59 -11.89 -40.48
CA ASN J 172 -20.41 -11.39 -39.38
C ASN J 172 -21.81 -10.89 -39.89
N ILE J 173 -22.04 -9.57 -40.06
CA ILE J 173 -23.33 -8.99 -40.48
C ILE J 173 -23.95 -9.66 -41.70
N GLY J 174 -23.12 -10.05 -42.65
CA GLY J 174 -23.58 -10.68 -43.87
C GLY J 174 -24.45 -11.91 -43.68
N SER J 175 -24.15 -12.75 -42.67
CA SER J 175 -24.92 -13.98 -42.45
C SER J 175 -25.53 -14.12 -41.05
N ASN J 176 -25.42 -13.08 -40.22
CA ASN J 176 -25.94 -13.07 -38.85
C ASN J 176 -26.77 -11.81 -38.57
N THR J 177 -27.73 -11.87 -37.63
CA THR J 177 -28.54 -10.70 -37.31
C THR J 177 -27.73 -9.67 -36.54
N VAL J 178 -28.14 -8.40 -36.65
CA VAL J 178 -27.49 -7.30 -35.97
C VAL J 178 -28.32 -6.84 -34.79
N ASN J 179 -27.65 -6.52 -33.67
CA ASN J 179 -28.26 -6.01 -32.46
C ASN J 179 -27.67 -4.62 -32.14
N TRP J 180 -28.44 -3.73 -31.53
CA TRP J 180 -27.98 -2.41 -31.14
C TRP J 180 -28.19 -2.23 -29.63
N TYR J 181 -27.24 -1.56 -28.97
CA TYR J 181 -27.29 -1.30 -27.53
C TYR J 181 -27.10 0.18 -27.26
N GLN J 182 -27.86 0.72 -26.31
CA GLN J 182 -27.74 2.11 -25.92
C GLN J 182 -27.05 2.14 -24.57
N GLN J 183 -25.98 2.93 -24.44
CA GLN J 183 -25.29 3.06 -23.17
C GLN J 183 -25.26 4.51 -22.66
N LEU J 184 -25.96 4.72 -21.55
CA LEU J 184 -26.00 6.02 -20.91
C LEU J 184 -24.86 6.12 -19.89
N PRO J 185 -24.47 7.35 -19.50
CA PRO J 185 -23.36 7.48 -18.53
C PRO J 185 -23.57 6.73 -17.23
N GLY J 186 -22.53 6.00 -16.82
CA GLY J 186 -22.53 5.24 -15.57
C GLY J 186 -23.43 4.02 -15.55
N THR J 187 -23.85 3.54 -16.72
CA THR J 187 -24.72 2.37 -16.78
C THR J 187 -24.17 1.31 -17.75
N ALA J 188 -24.66 0.07 -17.61
CA ALA J 188 -24.32 -1.02 -18.53
C ALA J 188 -25.07 -0.79 -19.84
N PRO J 189 -24.56 -1.29 -20.97
CA PRO J 189 -25.32 -1.17 -22.23
C PRO J 189 -26.69 -1.85 -22.14
N LYS J 190 -27.68 -1.34 -22.85
CA LYS J 190 -29.05 -1.87 -22.79
C LYS J 190 -29.49 -2.27 -24.17
N LEU J 191 -30.17 -3.42 -24.33
CA LEU J 191 -30.66 -3.82 -25.65
C LEU J 191 -31.63 -2.78 -26.22
N LEU J 192 -31.35 -2.29 -27.41
CA LEU J 192 -32.17 -1.29 -28.07
C LEU J 192 -32.89 -1.93 -29.25
N ILE J 193 -32.15 -2.63 -30.11
CA ILE J 193 -32.71 -3.33 -31.27
C ILE J 193 -32.14 -4.73 -31.30
N TYR J 194 -32.96 -5.76 -31.47
CA TYR J 194 -32.46 -7.13 -31.60
C TYR J 194 -32.98 -7.74 -32.91
N SER J 195 -32.28 -8.75 -33.44
CA SER J 195 -32.68 -9.42 -34.68
C SER J 195 -33.00 -8.46 -35.83
N ASN J 196 -32.08 -7.50 -36.08
CA ASN J 196 -32.12 -6.49 -37.14
C ASN J 196 -33.12 -5.36 -36.94
N THR J 197 -34.41 -5.66 -36.68
CA THR J 197 -35.45 -4.63 -36.60
C THR J 197 -36.28 -4.60 -35.30
N GLN J 198 -36.31 -5.71 -34.56
CA GLN J 198 -37.14 -5.83 -33.37
C GLN J 198 -36.76 -4.91 -32.22
N ARG J 199 -37.76 -4.42 -31.47
CA ARG J 199 -37.51 -3.56 -30.31
C ARG J 199 -38.04 -4.21 -29.05
N PRO J 200 -37.17 -4.42 -28.05
CA PRO J 200 -37.66 -4.96 -26.77
C PRO J 200 -38.65 -4.00 -26.09
N SER J 201 -39.47 -4.51 -25.16
CA SER J 201 -40.45 -3.67 -24.46
C SER J 201 -39.80 -2.52 -23.72
N GLY J 202 -40.27 -1.32 -23.99
CA GLY J 202 -39.70 -0.12 -23.40
C GLY J 202 -39.13 0.80 -24.46
N VAL J 203 -38.55 0.22 -25.53
CA VAL J 203 -37.96 0.99 -26.62
C VAL J 203 -39.05 1.61 -27.50
N PRO J 204 -39.07 2.94 -27.60
CA PRO J 204 -40.12 3.59 -28.41
C PRO J 204 -39.99 3.37 -29.91
N ASP J 205 -41.09 3.61 -30.64
CA ASP J 205 -41.18 3.47 -32.10
C ASP J 205 -40.20 4.36 -32.87
N ARG J 206 -39.58 5.37 -32.21
CA ARG J 206 -38.60 6.28 -32.81
C ARG J 206 -37.30 5.57 -33.17
N PHE J 207 -36.97 4.47 -32.49
CA PHE J 207 -35.77 3.69 -32.76
C PHE J 207 -36.11 2.60 -33.74
N SER J 208 -35.36 2.51 -34.83
CA SER J 208 -35.63 1.50 -35.86
C SER J 208 -34.36 0.98 -36.47
N GLY J 209 -34.29 -0.32 -36.67
CA GLY J 209 -33.13 -0.93 -37.27
C GLY J 209 -33.37 -1.39 -38.69
N SER J 210 -32.30 -1.67 -39.43
CA SER J 210 -32.38 -2.16 -40.80
C SER J 210 -31.08 -2.84 -41.20
N LYS J 211 -31.16 -3.96 -41.94
CA LYS J 211 -29.96 -4.65 -42.38
C LYS J 211 -30.00 -4.83 -43.88
N SER J 212 -28.87 -4.58 -44.56
CA SER J 212 -28.77 -4.79 -45.98
C SER J 212 -27.37 -5.33 -46.30
N ALA J 213 -27.32 -6.53 -46.89
CA ALA J 213 -26.09 -7.23 -47.27
C ALA J 213 -25.06 -7.28 -46.03
N THR J 214 -23.87 -6.61 -46.03
CA THR J 214 -22.96 -6.67 -44.88
C THR J 214 -22.98 -5.35 -44.11
N SER J 215 -24.14 -4.66 -44.09
CA SER J 215 -24.26 -3.39 -43.40
C SER J 215 -25.56 -3.30 -42.63
N ALA J 216 -25.55 -2.52 -41.56
CA ALA J 216 -26.71 -2.29 -40.72
C ALA J 216 -26.86 -0.80 -40.42
N SER J 217 -28.05 -0.36 -39.97
CA SER J 217 -28.28 1.04 -39.67
C SER J 217 -29.29 1.24 -38.55
N LEU J 218 -29.02 2.20 -37.65
CA LEU J 218 -29.92 2.55 -36.57
C LEU J 218 -30.47 3.94 -36.87
N ALA J 219 -31.78 4.13 -36.78
CA ALA J 219 -32.37 5.44 -37.05
C ALA J 219 -33.16 5.95 -35.85
N ILE J 220 -32.73 7.09 -35.28
CA ILE J 220 -33.41 7.69 -34.14
C ILE J 220 -34.26 8.86 -34.67
N SER J 221 -35.55 8.59 -34.96
CA SER J 221 -36.47 9.60 -35.50
C SER J 221 -37.09 10.42 -34.38
N GLY J 222 -37.29 11.71 -34.61
CA GLY J 222 -37.85 12.59 -33.59
C GLY J 222 -36.94 12.70 -32.37
N LEU J 223 -35.65 12.96 -32.63
CA LEU J 223 -34.56 13.09 -31.67
C LEU J 223 -34.90 13.91 -30.42
N GLN J 224 -34.59 13.35 -29.26
CA GLN J 224 -34.84 14.01 -27.97
C GLN J 224 -33.53 14.18 -27.20
N SER J 225 -33.49 15.15 -26.28
CA SER J 225 -32.28 15.36 -25.48
C SER J 225 -31.89 14.13 -24.67
N GLU J 226 -32.88 13.31 -24.26
CA GLU J 226 -32.66 12.07 -23.52
C GLU J 226 -31.91 11.00 -24.31
N ASP J 227 -31.79 11.16 -25.64
CA ASP J 227 -31.09 10.21 -26.50
C ASP J 227 -29.58 10.45 -26.60
N GLU J 228 -29.04 11.47 -25.92
CA GLU J 228 -27.62 11.75 -25.92
C GLU J 228 -26.96 10.64 -25.12
N ALA J 229 -26.36 9.67 -25.84
CA ALA J 229 -25.74 8.50 -25.24
C ALA J 229 -24.79 7.81 -26.29
N ASP J 230 -24.10 6.69 -25.92
CA ASP J 230 -23.25 5.91 -26.81
C ASP J 230 -24.08 4.77 -27.40
N TYR J 231 -23.94 4.51 -28.70
CA TYR J 231 -24.70 3.45 -29.34
C TYR J 231 -23.75 2.44 -29.93
N TYR J 232 -23.90 1.18 -29.53
CA TYR J 232 -23.04 0.12 -30.03
C TYR J 232 -23.83 -0.82 -30.91
N CYS J 233 -23.20 -1.27 -31.96
CA CYS J 233 -23.77 -2.22 -32.89
C CYS J 233 -23.05 -3.57 -32.65
N ALA J 234 -23.74 -4.70 -32.82
CA ALA J 234 -23.15 -6.00 -32.54
C ALA J 234 -23.69 -7.08 -33.45
N ALA J 235 -22.89 -8.11 -33.71
CA ALA J 235 -23.27 -9.25 -34.54
C ALA J 235 -22.38 -10.45 -34.24
N TRP J 236 -22.89 -11.66 -34.47
CA TRP J 236 -22.08 -12.86 -34.31
C TRP J 236 -21.15 -12.97 -35.52
N ASP J 237 -19.89 -13.34 -35.29
CA ASP J 237 -18.92 -13.52 -36.36
C ASP J 237 -18.56 -15.00 -36.42
N ASP J 238 -18.82 -15.64 -37.56
CA ASP J 238 -18.54 -17.06 -37.73
C ASP J 238 -17.05 -17.38 -38.00
N SER J 239 -16.16 -16.36 -37.98
CA SER J 239 -14.71 -16.57 -38.15
C SER J 239 -14.18 -17.36 -36.94
N LEU J 240 -13.21 -18.28 -37.18
CA LEU J 240 -12.64 -19.14 -36.12
C LEU J 240 -13.77 -20.00 -35.47
N ASN J 241 -13.75 -20.26 -34.15
CA ASN J 241 -14.83 -20.98 -33.48
C ASN J 241 -16.03 -20.09 -33.13
N GLY J 242 -16.10 -18.90 -33.71
CA GLY J 242 -17.19 -17.99 -33.45
C GLY J 242 -16.95 -17.06 -32.28
N HIS J 243 -17.41 -15.82 -32.41
CA HIS J 243 -17.31 -14.77 -31.39
C HIS J 243 -18.30 -13.67 -31.68
N VAL J 244 -18.69 -12.89 -30.67
CA VAL J 244 -19.57 -11.75 -30.89
C VAL J 244 -18.71 -10.51 -31.06
N VAL J 245 -18.85 -9.84 -32.21
CA VAL J 245 -18.09 -8.62 -32.48
C VAL J 245 -18.92 -7.38 -32.21
N PHE J 246 -18.26 -6.32 -31.76
CA PHE J 246 -18.92 -5.06 -31.46
C PHE J 246 -18.38 -3.92 -32.32
N GLY J 247 -19.18 -2.88 -32.46
CA GLY J 247 -18.77 -1.66 -33.15
C GLY J 247 -18.00 -0.77 -32.18
N GLY J 248 -17.28 0.20 -32.73
CA GLY J 248 -16.47 1.11 -31.92
C GLY J 248 -17.27 1.96 -30.97
N GLY J 249 -18.47 2.31 -31.39
CA GLY J 249 -19.35 3.18 -30.61
C GLY J 249 -19.67 4.45 -31.36
N THR J 250 -20.79 5.07 -31.02
CA THR J 250 -21.24 6.28 -31.65
C THR J 250 -21.88 7.18 -30.61
N LYS J 251 -21.22 8.31 -30.33
CA LYS J 251 -21.67 9.27 -29.34
C LYS J 251 -22.67 10.18 -30.02
N VAL J 252 -23.96 9.94 -29.82
CA VAL J 252 -24.99 10.80 -30.40
C VAL J 252 -25.15 12.06 -29.55
N THR J 253 -24.89 13.24 -30.14
CA THR J 253 -24.97 14.51 -29.44
C THR J 253 -26.17 15.32 -29.89
N VAL J 254 -27.05 15.68 -28.97
CA VAL J 254 -28.23 16.49 -29.31
C VAL J 254 -27.90 17.96 -29.26
N LEU J 255 -27.85 18.57 -30.43
CA LEU J 255 -27.53 19.97 -30.64
C LEU J 255 -28.71 20.90 -30.25
N GLY J 256 -28.44 22.19 -30.10
CA GLY J 256 -29.49 23.15 -29.77
C GLY J 256 -30.40 23.37 -30.95
N ALA J 257 -31.70 23.53 -30.71
CA ALA J 257 -32.67 23.72 -31.78
C ALA J 257 -32.38 24.98 -32.59
N ALA J 258 -32.74 24.95 -33.87
CA ALA J 258 -32.54 26.01 -34.85
C ALA J 258 -33.19 27.34 -34.48
N ALA J 259 -32.64 28.44 -35.01
CA ALA J 259 -33.14 29.81 -34.79
C ALA J 259 -34.55 30.00 -35.35
N GLU J 260 -35.29 30.98 -34.80
CA GLU J 260 -36.68 31.22 -35.20
C GLU J 260 -36.99 32.58 -35.76
N ASN J 261 -37.49 32.63 -37.01
CA ASN J 261 -37.92 33.89 -37.63
C ASN J 261 -39.22 34.26 -36.94
N LEU J 262 -39.26 35.43 -36.34
CA LEU J 262 -40.41 35.89 -35.57
C LEU J 262 -41.58 36.43 -36.41
N TYR J 263 -41.44 36.44 -37.74
CA TYR J 263 -42.48 36.91 -38.66
C TYR J 263 -43.11 35.66 -39.31
N PHE J 264 -44.43 35.45 -39.15
CA PHE J 264 -45.09 34.26 -39.71
C PHE J 264 -46.62 34.37 -39.79
N ARG K 5 -7.40 16.59 -25.34
CA ARG K 5 -8.66 16.77 -26.08
C ARG K 5 -8.49 17.87 -27.19
N ILE K 6 -9.54 18.63 -27.59
CA ILE K 6 -9.46 19.63 -28.68
C ILE K 6 -8.48 20.79 -28.37
N GLY K 7 -7.48 20.93 -29.23
CA GLY K 7 -6.44 21.95 -29.11
C GLY K 7 -5.74 21.87 -27.77
N TYR K 8 -5.67 23.00 -27.06
CA TYR K 8 -5.09 23.02 -25.74
C TYR K 8 -6.19 22.99 -24.67
N TYR K 9 -7.32 22.30 -24.94
CA TYR K 9 -8.42 22.24 -23.99
C TYR K 9 -8.89 20.82 -23.72
N GLU K 10 -9.13 20.48 -22.45
CA GLU K 10 -9.64 19.19 -22.02
C GLU K 10 -11.10 19.39 -21.71
N ILE K 11 -12.00 18.69 -22.41
CA ILE K 11 -13.43 18.89 -22.18
C ILE K 11 -13.89 18.22 -20.87
N ASP K 12 -14.64 18.98 -20.06
CA ASP K 12 -15.17 18.50 -18.79
C ASP K 12 -16.59 17.95 -18.89
N ARG K 13 -17.57 18.78 -19.25
CA ARG K 13 -19.00 18.46 -19.28
C ARG K 13 -19.76 19.28 -20.33
N THR K 14 -20.97 18.85 -20.72
CA THR K 14 -21.84 19.69 -21.55
C THR K 14 -22.57 20.56 -20.54
N ILE K 15 -22.40 21.88 -20.62
CA ILE K 15 -23.04 22.79 -19.69
C ILE K 15 -24.32 23.44 -20.26
N GLY K 16 -24.43 23.50 -21.59
CA GLY K 16 -25.60 24.06 -22.26
C GLY K 16 -25.65 23.76 -23.74
N LYS K 17 -26.53 24.47 -24.45
CA LYS K 17 -26.68 24.31 -25.89
C LYS K 17 -26.75 25.69 -26.62
N GLY K 18 -26.74 25.65 -27.95
CA GLY K 18 -26.81 26.83 -28.80
C GLY K 18 -27.29 26.46 -30.20
N ASN K 19 -27.63 27.44 -31.04
CA ASN K 19 -28.13 27.16 -32.41
C ASN K 19 -27.13 26.31 -33.21
N PHE K 20 -27.48 25.03 -33.46
CA PHE K 20 -26.62 24.05 -34.16
C PHE K 20 -25.27 23.89 -33.44
N ALA K 21 -25.29 23.96 -32.11
CA ALA K 21 -24.09 23.94 -31.30
C ALA K 21 -24.31 23.36 -29.90
N VAL K 22 -23.23 22.94 -29.23
CA VAL K 22 -23.29 22.42 -27.88
C VAL K 22 -22.24 23.16 -27.07
N VAL K 23 -22.65 23.73 -25.94
CA VAL K 23 -21.73 24.46 -25.08
C VAL K 23 -21.15 23.46 -24.08
N LYS K 24 -19.83 23.50 -23.89
CA LYS K 24 -19.15 22.62 -22.96
C LYS K 24 -18.17 23.37 -22.08
N ARG K 25 -17.96 22.89 -20.83
CA ARG K 25 -16.93 23.47 -19.97
C ARG K 25 -15.62 22.78 -20.31
N ALA K 26 -14.52 23.52 -20.29
CA ALA K 26 -13.22 22.95 -20.62
C ALA K 26 -12.12 23.55 -19.73
N THR K 27 -10.97 22.90 -19.66
CA THR K 27 -9.83 23.39 -18.89
C THR K 27 -8.67 23.64 -19.86
N HIS K 28 -8.01 24.81 -19.79
CA HIS K 28 -6.85 25.07 -20.64
C HIS K 28 -5.71 24.21 -20.07
N LEU K 29 -5.13 23.35 -20.89
CA LEU K 29 -4.09 22.43 -20.46
C LEU K 29 -2.81 23.10 -19.95
N VAL K 30 -2.46 24.29 -20.45
CA VAL K 30 -1.24 24.97 -20.05
C VAL K 30 -1.40 25.86 -18.82
N THR K 31 -2.59 26.47 -18.64
CA THR K 31 -2.82 27.37 -17.51
C THR K 31 -3.52 26.66 -16.35
N LYS K 32 -4.48 25.80 -16.69
CA LYS K 32 -5.38 25.08 -15.78
C LYS K 32 -6.66 25.87 -15.44
N ALA K 33 -6.96 26.93 -16.21
CA ALA K 33 -8.15 27.76 -16.01
C ALA K 33 -9.39 27.16 -16.67
N LYS K 34 -10.60 27.52 -16.20
CA LYS K 34 -11.83 27.00 -16.81
C LYS K 34 -12.32 27.96 -17.86
N VAL K 35 -12.73 27.42 -19.00
CA VAL K 35 -13.24 28.21 -20.12
C VAL K 35 -14.60 27.65 -20.59
N ALA K 36 -15.30 28.38 -21.46
CA ALA K 36 -16.56 27.93 -22.04
C ALA K 36 -16.30 27.70 -23.53
N ILE K 37 -16.69 26.55 -24.10
CA ILE K 37 -16.46 26.30 -25.53
C ILE K 37 -17.74 25.95 -26.27
N LYS K 38 -18.10 26.77 -27.27
CA LYS K 38 -19.28 26.48 -28.08
C LYS K 38 -18.81 25.70 -29.31
N ILE K 39 -19.20 24.42 -29.42
CA ILE K 39 -18.83 23.63 -30.58
C ILE K 39 -19.98 23.67 -31.57
N ILE K 40 -19.79 24.28 -32.75
CA ILE K 40 -20.82 24.38 -33.80
C ILE K 40 -20.56 23.35 -34.89
N ASP K 41 -21.61 22.69 -35.39
CA ASP K 41 -21.49 21.71 -36.47
C ASP K 41 -21.72 22.35 -37.83
N LYS K 42 -20.66 22.45 -38.64
CA LYS K 42 -20.74 23.09 -39.94
C LYS K 42 -21.48 22.27 -41.00
N THR K 43 -21.79 21.00 -40.73
CA THR K 43 -22.47 20.16 -41.72
C THR K 43 -23.89 20.65 -41.99
N GLN K 44 -24.59 21.14 -40.95
CA GLN K 44 -25.94 21.66 -41.08
C GLN K 44 -25.95 23.20 -41.16
N LEU K 45 -24.91 23.78 -41.76
CA LEU K 45 -24.79 25.23 -41.90
C LEU K 45 -24.62 25.63 -43.38
N ASP K 46 -25.33 26.69 -43.79
CA ASP K 46 -25.22 27.19 -45.16
C ASP K 46 -24.36 28.48 -45.20
N GLU K 47 -24.04 29.00 -46.42
CA GLU K 47 -23.24 30.22 -46.60
C GLU K 47 -23.74 31.40 -45.74
N GLU K 48 -25.06 31.64 -45.72
CA GLU K 48 -25.65 32.74 -44.94
C GLU K 48 -25.47 32.54 -43.44
N ASN K 49 -25.50 31.28 -42.98
CA ASN K 49 -25.33 30.95 -41.56
C ASN K 49 -23.88 31.12 -41.13
N LEU K 50 -22.93 30.69 -41.98
CA LEU K 50 -21.49 30.82 -41.71
C LEU K 50 -21.07 32.29 -41.62
N LYS K 51 -21.69 33.15 -42.45
CA LYS K 51 -21.42 34.59 -42.45
C LYS K 51 -21.93 35.23 -41.15
N LYS K 52 -23.06 34.74 -40.61
CA LYS K 52 -23.65 35.21 -39.35
C LYS K 52 -22.75 34.85 -38.15
N ILE K 53 -22.04 33.70 -38.24
CA ILE K 53 -21.11 33.25 -37.20
C ILE K 53 -19.89 34.19 -37.20
N PHE K 54 -19.40 34.55 -38.39
CA PHE K 54 -18.28 35.46 -38.57
C PHE K 54 -18.63 36.86 -37.98
N ARG K 55 -19.86 37.34 -38.21
CA ARG K 55 -20.33 38.64 -37.71
C ARG K 55 -20.34 38.62 -36.19
N GLU K 56 -20.86 37.52 -35.62
CA GLU K 56 -20.95 37.27 -34.18
C GLU K 56 -19.55 37.35 -33.54
N VAL K 57 -18.51 36.79 -34.20
CA VAL K 57 -17.12 36.83 -33.73
C VAL K 57 -16.55 38.24 -33.87
N GLN K 58 -16.76 38.90 -35.03
CA GLN K 58 -16.25 40.25 -35.23
C GLN K 58 -16.85 41.29 -34.29
N ILE K 59 -18.04 41.03 -33.74
CA ILE K 59 -18.67 41.94 -32.79
C ILE K 59 -18.07 41.70 -31.39
N MET K 60 -17.88 40.43 -31.02
CA MET K 60 -17.27 40.08 -29.72
C MET K 60 -15.84 40.59 -29.59
N LYS K 61 -15.14 40.76 -30.71
CA LYS K 61 -13.78 41.27 -30.71
C LYS K 61 -13.73 42.78 -30.39
N MET K 62 -14.82 43.51 -30.68
CA MET K 62 -14.93 44.95 -30.42
C MET K 62 -15.32 45.27 -28.97
N LEU K 63 -15.90 44.30 -28.25
CA LEU K 63 -16.41 44.57 -26.93
C LEU K 63 -15.57 44.04 -25.76
N SER K 64 -15.00 44.97 -24.99
CA SER K 64 -14.26 44.69 -23.76
C SER K 64 -14.88 45.52 -22.64
N HIS K 65 -15.59 44.87 -21.71
CA HIS K 65 -16.31 45.53 -20.63
C HIS K 65 -16.43 44.57 -19.46
N PRO K 66 -16.39 45.08 -18.21
CA PRO K 66 -16.54 44.20 -17.03
C PRO K 66 -17.79 43.32 -17.00
N HIS K 67 -18.87 43.73 -17.66
CA HIS K 67 -20.11 42.97 -17.70
C HIS K 67 -20.38 42.34 -19.05
N ILE K 68 -19.34 42.03 -19.82
CA ILE K 68 -19.50 41.33 -21.09
C ILE K 68 -18.53 40.14 -21.08
N ILE K 69 -19.03 38.96 -21.49
CA ILE K 69 -18.25 37.73 -21.57
C ILE K 69 -17.13 37.95 -22.60
N ARG K 70 -15.87 37.70 -22.18
CA ARG K 70 -14.72 37.97 -23.04
C ARG K 70 -14.44 36.80 -23.96
N LEU K 71 -14.30 37.05 -25.26
CA LEU K 71 -13.94 36.01 -26.20
C LEU K 71 -12.42 35.84 -26.09
N TYR K 72 -11.94 34.61 -25.93
CA TYR K 72 -10.51 34.35 -25.80
C TYR K 72 -9.88 33.81 -27.07
N GLN K 73 -10.50 32.81 -27.71
CA GLN K 73 -9.92 32.19 -28.90
C GLN K 73 -10.98 31.64 -29.85
N VAL K 74 -10.66 31.59 -31.14
CA VAL K 74 -11.54 31.01 -32.15
C VAL K 74 -10.75 29.97 -32.94
N MET K 75 -11.25 28.73 -32.98
CA MET K 75 -10.59 27.64 -33.70
C MET K 75 -11.54 27.06 -34.73
N GLU K 76 -11.02 26.71 -35.91
CA GLU K 76 -11.86 26.14 -36.96
C GLU K 76 -11.22 24.95 -37.63
N THR K 77 -11.96 23.84 -37.69
CA THR K 77 -11.56 22.59 -38.33
C THR K 77 -12.41 22.37 -39.60
N GLU K 78 -12.11 21.33 -40.40
CA GLU K 78 -12.85 21.05 -41.63
C GLU K 78 -14.36 20.77 -41.39
N ARG K 79 -14.74 20.31 -40.18
CA ARG K 79 -16.15 20.02 -39.89
C ARG K 79 -16.73 20.79 -38.72
N MET K 80 -15.88 21.49 -37.92
CA MET K 80 -16.36 22.21 -36.73
C MET K 80 -15.80 23.63 -36.57
N ILE K 81 -16.48 24.46 -35.77
CA ILE K 81 -16.02 25.80 -35.47
C ILE K 81 -16.26 26.03 -33.97
N TYR K 82 -15.17 26.13 -33.20
CA TYR K 82 -15.20 26.29 -31.74
C TYR K 82 -14.92 27.72 -31.31
N LEU K 83 -15.77 28.26 -30.42
CA LEU K 83 -15.58 29.60 -29.86
C LEU K 83 -15.24 29.43 -28.37
N VAL K 84 -14.08 29.94 -27.94
CA VAL K 84 -13.66 29.85 -26.54
C VAL K 84 -13.84 31.19 -25.82
N THR K 85 -14.72 31.26 -24.83
CA THR K 85 -14.92 32.47 -24.03
C THR K 85 -14.61 32.17 -22.55
N GLU K 86 -14.63 33.19 -21.67
CA GLU K 86 -14.42 32.98 -20.25
C GLU K 86 -15.56 32.13 -19.66
N TYR K 87 -15.32 31.57 -18.49
CA TYR K 87 -16.31 30.74 -17.84
C TYR K 87 -17.06 31.52 -16.77
N ALA K 88 -18.38 31.61 -16.93
CA ALA K 88 -19.26 32.31 -16.00
C ALA K 88 -19.68 31.28 -14.97
N SER K 89 -18.85 31.10 -13.93
CA SER K 89 -18.98 30.14 -12.85
C SER K 89 -20.41 29.98 -12.29
N GLY K 90 -21.11 31.09 -12.14
CA GLY K 90 -22.45 31.09 -11.57
C GLY K 90 -23.58 30.71 -12.51
N GLY K 91 -23.29 30.48 -13.78
CA GLY K 91 -24.29 30.08 -14.75
C GLY K 91 -25.30 31.14 -15.15
N GLU K 92 -26.44 30.74 -15.72
CA GLU K 92 -27.47 31.70 -16.15
C GLU K 92 -28.24 32.31 -14.99
N ILE K 93 -28.73 33.53 -15.23
CA ILE K 93 -29.60 34.21 -14.29
C ILE K 93 -30.94 33.42 -14.19
N PHE K 94 -31.38 32.82 -15.32
CA PHE K 94 -32.55 31.99 -15.46
C PHE K 94 -32.46 30.83 -14.47
N ASP K 95 -31.34 30.08 -14.48
CA ASP K 95 -31.18 28.95 -13.58
C ASP K 95 -31.22 29.36 -12.11
N HIS K 96 -30.80 30.58 -11.79
CA HIS K 96 -30.83 31.11 -10.44
C HIS K 96 -32.25 31.41 -10.00
N LEU K 97 -33.08 31.91 -10.93
CA LEU K 97 -34.50 32.20 -10.71
C LEU K 97 -35.29 30.90 -10.48
N VAL K 98 -34.88 29.81 -11.12
CA VAL K 98 -35.52 28.52 -10.95
C VAL K 98 -35.21 28.00 -9.55
N ALA K 99 -33.98 28.15 -9.08
CA ALA K 99 -33.58 27.69 -7.76
C ALA K 99 -34.15 28.53 -6.62
N HIS K 100 -34.26 29.86 -6.80
CA HIS K 100 -34.66 30.73 -5.68
C HIS K 100 -35.86 31.64 -5.91
N GLY K 101 -36.40 31.64 -7.11
CA GLY K 101 -37.56 32.43 -7.43
C GLY K 101 -37.23 33.88 -7.62
N ARG K 102 -38.28 34.73 -7.61
CA ARG K 102 -38.15 36.16 -7.82
C ARG K 102 -37.12 36.82 -6.92
N MET K 103 -36.46 37.81 -7.48
CA MET K 103 -35.43 38.52 -6.77
C MET K 103 -36.02 39.62 -5.93
N ALA K 104 -35.37 39.93 -4.79
CA ALA K 104 -35.79 41.09 -3.99
C ALA K 104 -35.43 42.32 -4.81
N GLU K 105 -36.33 43.34 -4.90
CA GLU K 105 -36.06 44.52 -5.73
C GLU K 105 -34.68 45.16 -5.51
N LYS K 106 -34.09 45.02 -4.31
CA LYS K 106 -32.77 45.55 -4.03
C LYS K 106 -31.70 44.74 -4.77
N GLU K 107 -31.77 43.42 -4.68
CA GLU K 107 -30.84 42.51 -5.33
C GLU K 107 -31.00 42.60 -6.87
N ALA K 108 -32.26 42.69 -7.33
CA ALA K 108 -32.63 42.82 -8.73
C ALA K 108 -32.10 44.11 -9.34
N ARG K 109 -32.17 45.23 -8.59
CA ARG K 109 -31.68 46.54 -9.05
C ARG K 109 -30.19 46.49 -9.29
N ARG K 110 -29.43 45.88 -8.37
CA ARG K 110 -27.99 45.73 -8.53
C ARG K 110 -27.64 45.02 -9.85
N LYS K 111 -28.32 43.90 -10.14
CA LYS K 111 -28.10 43.14 -11.38
C LYS K 111 -28.53 43.94 -12.60
N PHE K 112 -29.74 44.53 -12.58
CA PHE K 112 -30.26 45.31 -13.70
C PHE K 112 -29.33 46.48 -14.03
N LYS K 113 -28.72 47.09 -13.01
CA LYS K 113 -27.77 48.18 -13.20
C LYS K 113 -26.59 47.67 -14.02
N GLN K 114 -26.00 46.53 -13.61
CA GLN K 114 -24.89 45.89 -14.30
C GLN K 114 -25.26 45.56 -15.75
N ILE K 115 -26.47 45.02 -15.96
CA ILE K 115 -26.96 44.70 -17.30
C ILE K 115 -27.04 45.95 -18.19
N VAL K 116 -27.71 47.02 -17.72
CA VAL K 116 -27.84 48.23 -18.55
C VAL K 116 -26.50 48.88 -18.82
N THR K 117 -25.46 48.66 -17.99
CA THR K 117 -24.13 49.25 -18.28
C THR K 117 -23.52 48.53 -19.47
N ALA K 118 -23.65 47.20 -19.49
CA ALA K 118 -23.10 46.39 -20.58
C ALA K 118 -23.83 46.70 -21.87
N VAL K 119 -25.18 46.80 -21.84
CA VAL K 119 -25.98 47.12 -23.03
C VAL K 119 -25.74 48.56 -23.52
N TYR K 120 -25.62 49.52 -22.59
CA TYR K 120 -25.33 50.92 -22.89
C TYR K 120 -23.92 51.06 -23.51
N PHE K 121 -22.99 50.18 -23.13
CA PHE K 121 -21.66 50.16 -23.69
C PHE K 121 -21.73 49.65 -25.14
N CYS K 122 -22.58 48.64 -25.41
CA CYS K 122 -22.80 48.09 -26.74
C CYS K 122 -23.36 49.16 -27.63
N HIS K 123 -24.38 49.90 -27.14
CA HIS K 123 -25.00 50.97 -27.92
C HIS K 123 -24.03 52.13 -28.18
N SER K 124 -22.99 52.30 -27.34
CA SER K 124 -21.94 53.31 -27.56
C SER K 124 -21.10 52.85 -28.75
N ARG K 125 -20.72 51.57 -28.76
CA ARG K 125 -19.94 50.97 -29.83
C ARG K 125 -20.78 50.63 -31.08
N ASN K 126 -22.02 51.17 -31.17
CA ASN K 126 -22.97 51.00 -32.28
C ASN K 126 -23.33 49.54 -32.52
N ILE K 127 -23.62 48.80 -31.45
CA ILE K 127 -23.97 47.38 -31.52
C ILE K 127 -25.28 47.13 -30.77
N VAL K 128 -26.22 46.38 -31.39
CA VAL K 128 -27.47 45.99 -30.74
C VAL K 128 -27.44 44.49 -30.49
N HIS K 129 -27.70 44.06 -29.25
CA HIS K 129 -27.65 42.65 -28.88
C HIS K 129 -28.68 41.80 -29.64
N ARG K 130 -29.97 42.19 -29.55
CA ARG K 130 -31.13 41.59 -30.21
C ARG K 130 -31.44 40.15 -29.79
N ASP K 131 -30.88 39.67 -28.68
CA ASP K 131 -31.17 38.34 -28.14
C ASP K 131 -30.99 38.37 -26.62
N LEU K 132 -31.46 39.43 -25.96
CA LEU K 132 -31.35 39.53 -24.50
C LEU K 132 -32.41 38.63 -23.89
N LYS K 133 -32.01 37.73 -23.00
CA LYS K 133 -32.93 36.82 -22.31
C LYS K 133 -32.33 36.35 -20.98
N ALA K 134 -33.14 35.77 -20.08
CA ALA K 134 -32.62 35.29 -18.78
C ALA K 134 -31.53 34.24 -18.92
N GLU K 135 -31.68 33.40 -19.93
CA GLU K 135 -30.71 32.35 -20.18
C GLU K 135 -29.39 32.87 -20.83
N ASN K 136 -29.31 34.20 -21.11
CA ASN K 136 -28.14 34.85 -21.70
C ASN K 136 -27.33 35.69 -20.73
N LEU K 137 -27.97 36.19 -19.69
CA LEU K 137 -27.29 37.00 -18.68
C LEU K 137 -26.63 36.04 -17.75
N LEU K 138 -25.31 35.93 -17.79
CA LEU K 138 -24.62 34.97 -16.92
C LEU K 138 -24.03 35.63 -15.69
N LEU K 139 -23.70 34.85 -14.66
CA LEU K 139 -23.14 35.41 -13.42
C LEU K 139 -21.75 34.86 -13.18
N ASP K 140 -20.78 35.69 -12.75
CA ASP K 140 -19.42 35.21 -12.47
C ASP K 140 -19.36 34.49 -11.08
N ALA K 141 -18.15 34.21 -10.57
CA ALA K 141 -18.00 33.58 -9.26
C ALA K 141 -18.50 34.45 -8.12
N ASN K 142 -18.43 35.80 -8.28
CA ASN K 142 -18.91 36.76 -7.28
C ASN K 142 -20.35 37.23 -7.54
N LEU K 143 -21.11 36.51 -8.37
CA LEU K 143 -22.47 36.76 -8.79
C LEU K 143 -22.66 38.13 -9.46
N ASN K 144 -21.73 38.51 -10.35
CA ASN K 144 -21.82 39.75 -11.09
C ASN K 144 -22.14 39.45 -12.54
N ILE K 145 -23.05 40.20 -13.15
CA ILE K 145 -23.49 39.93 -14.51
C ILE K 145 -22.35 40.01 -15.54
N LYS K 146 -22.51 39.21 -16.61
CA LYS K 146 -21.64 39.10 -17.76
C LYS K 146 -22.62 38.76 -18.88
N ILE K 147 -22.85 39.67 -19.82
CA ILE K 147 -23.75 39.48 -20.95
C ILE K 147 -23.07 38.54 -21.96
N ALA K 148 -23.81 37.55 -22.49
CA ALA K 148 -23.25 36.55 -23.40
C ALA K 148 -24.08 36.35 -24.69
N ASP K 149 -23.55 35.60 -25.70
CA ASP K 149 -24.24 35.26 -26.95
C ASP K 149 -24.59 36.46 -27.82
N PHE K 150 -23.72 36.77 -28.75
CA PHE K 150 -23.96 37.84 -29.69
C PHE K 150 -24.24 37.27 -31.08
N GLY K 151 -24.99 36.17 -31.14
CA GLY K 151 -25.34 35.51 -32.40
C GLY K 151 -26.29 36.34 -33.23
N PHE K 152 -27.24 37.00 -32.56
CA PHE K 152 -28.21 37.85 -33.27
C PHE K 152 -27.82 39.33 -33.28
N SER K 153 -26.66 39.68 -32.71
CA SER K 153 -26.18 41.05 -32.67
C SER K 153 -25.81 41.59 -34.05
N ASN K 154 -25.86 42.91 -34.19
CA ASN K 154 -25.52 43.58 -35.44
C ASN K 154 -25.07 45.02 -35.18
N LEU K 155 -24.29 45.57 -36.11
CA LEU K 155 -23.83 46.95 -36.06
C LEU K 155 -24.93 47.88 -36.59
N PHE K 156 -25.05 49.07 -36.01
CA PHE K 156 -26.08 50.01 -36.44
C PHE K 156 -25.61 51.47 -36.43
N THR K 157 -26.20 52.29 -37.28
CA THR K 157 -25.94 53.71 -37.27
C THR K 157 -27.19 54.34 -36.66
N PRO K 158 -27.05 55.22 -35.64
CA PRO K 158 -28.25 55.84 -35.06
C PRO K 158 -29.13 56.53 -36.10
N GLY K 159 -30.42 56.20 -36.10
CA GLY K 159 -31.35 56.74 -37.08
C GLY K 159 -31.59 55.82 -38.26
N GLN K 160 -31.08 54.57 -38.20
CA GLN K 160 -31.25 53.61 -39.27
C GLN K 160 -32.15 52.45 -38.86
N LEU K 161 -32.84 51.87 -39.84
CA LEU K 161 -33.79 50.81 -39.58
C LEU K 161 -33.33 49.44 -40.03
N LEU K 162 -33.24 48.51 -39.07
CA LEU K 162 -32.82 47.14 -39.28
C LEU K 162 -34.02 46.29 -39.75
N LYS K 163 -33.76 45.13 -40.36
CA LYS K 163 -34.86 44.32 -40.88
C LYS K 163 -34.70 42.80 -40.66
N TPO K 164 -33.88 42.40 -39.70
CA TPO K 164 -33.71 40.98 -39.37
CB TPO K 164 -32.24 40.68 -38.94
CG2 TPO K 164 -32.17 39.21 -38.53
OG1 TPO K 164 -31.42 40.82 -40.11
P TPO K 164 -30.10 41.55 -39.87
O1P TPO K 164 -30.34 42.99 -39.45
O2P TPO K 164 -29.35 41.59 -41.21
O3P TPO K 164 -29.21 40.77 -38.91
C TPO K 164 -34.66 40.68 -38.22
O TPO K 164 -34.51 41.27 -37.16
N TRP K 165 -35.65 39.79 -38.42
CA TRP K 165 -36.63 39.44 -37.37
C TRP K 165 -36.12 38.31 -36.49
N CYS K 166 -35.23 38.66 -35.57
CA CYS K 166 -34.58 37.72 -34.68
C CYS K 166 -34.73 38.14 -33.23
N GLY K 167 -34.56 37.17 -32.35
CA GLY K 167 -34.63 37.36 -30.91
C GLY K 167 -35.30 36.21 -30.20
N SER K 168 -35.24 36.19 -28.87
CA SER K 168 -35.88 35.15 -28.09
C SER K 168 -37.35 35.54 -28.01
N PRO K 169 -38.26 34.70 -28.54
CA PRO K 169 -39.68 35.08 -28.60
C PRO K 169 -40.28 35.76 -27.35
N PRO K 170 -40.16 35.22 -26.11
CA PRO K 170 -40.75 35.94 -24.96
C PRO K 170 -40.18 37.34 -24.68
N TYR K 171 -38.95 37.60 -25.10
CA TYR K 171 -38.32 38.91 -24.90
C TYR K 171 -38.34 39.82 -26.13
N ALA K 172 -38.80 39.30 -27.27
CA ALA K 172 -38.85 40.02 -28.54
C ALA K 172 -39.88 41.13 -28.55
N ALA K 173 -39.49 42.29 -29.11
CA ALA K 173 -40.34 43.46 -29.25
C ALA K 173 -41.47 43.20 -30.27
N PRO K 174 -42.64 43.85 -30.13
CA PRO K 174 -43.74 43.59 -31.07
C PRO K 174 -43.43 43.81 -32.55
N GLU K 175 -42.56 44.78 -32.88
CA GLU K 175 -42.15 45.13 -34.25
C GLU K 175 -41.50 43.99 -34.99
N LEU K 176 -40.82 43.08 -34.25
CA LEU K 176 -40.13 41.92 -34.81
C LEU K 176 -41.16 40.89 -35.27
N PHE K 177 -42.22 40.68 -34.46
CA PHE K 177 -43.35 39.79 -34.74
C PHE K 177 -44.14 40.28 -35.97
N GLU K 178 -44.29 41.60 -36.10
CA GLU K 178 -45.02 42.26 -37.18
C GLU K 178 -44.23 42.44 -38.47
N GLY K 179 -42.91 42.25 -38.42
CA GLY K 179 -42.05 42.40 -39.58
C GLY K 179 -41.91 43.85 -40.03
N LYS K 180 -41.79 44.77 -39.07
CA LYS K 180 -41.64 46.20 -39.37
C LYS K 180 -40.17 46.60 -39.31
N GLU K 181 -39.68 47.48 -40.23
CA GLU K 181 -38.30 47.98 -40.15
C GLU K 181 -38.16 48.75 -38.82
N TYR K 182 -37.31 48.24 -37.94
CA TYR K 182 -37.19 48.72 -36.57
C TYR K 182 -35.90 49.42 -36.22
N ASP K 183 -35.92 50.20 -35.12
CA ASP K 183 -34.77 50.88 -34.55
C ASP K 183 -34.14 49.87 -33.57
N GLY K 184 -32.83 49.68 -33.71
CA GLY K 184 -32.05 48.74 -32.91
C GLY K 184 -32.15 48.90 -31.41
N PRO K 185 -31.69 50.02 -30.84
CA PRO K 185 -31.74 50.19 -29.39
C PRO K 185 -33.13 50.03 -28.77
N LYS K 186 -34.19 50.51 -29.45
CA LYS K 186 -35.55 50.39 -28.93
C LYS K 186 -35.99 48.92 -28.75
N VAL K 187 -35.46 48.03 -29.58
CA VAL K 187 -35.73 46.61 -29.52
C VAL K 187 -35.08 46.01 -28.25
N ASP K 188 -33.86 46.49 -27.91
CA ASP K 188 -33.13 46.07 -26.71
C ASP K 188 -33.79 46.61 -25.46
N ILE K 189 -34.38 47.81 -25.52
CA ILE K 189 -35.11 48.44 -24.41
C ILE K 189 -36.40 47.66 -24.09
N TRP K 190 -37.06 47.08 -25.10
CA TRP K 190 -38.24 46.23 -24.86
C TRP K 190 -37.74 44.98 -24.13
N SER K 191 -36.68 44.34 -24.66
CA SER K 191 -36.08 43.14 -24.07
C SER K 191 -35.65 43.40 -22.63
N LEU K 192 -35.06 44.57 -22.35
CA LEU K 192 -34.66 44.93 -20.99
C LEU K 192 -35.86 45.06 -20.06
N GLY K 193 -36.99 45.52 -20.57
CA GLY K 193 -38.24 45.65 -19.83
C GLY K 193 -38.80 44.31 -19.43
N VAL K 194 -38.64 43.29 -20.32
CA VAL K 194 -39.04 41.90 -20.08
C VAL K 194 -38.06 41.26 -19.08
N VAL K 195 -36.75 41.52 -19.24
CA VAL K 195 -35.70 41.03 -18.32
C VAL K 195 -35.97 41.55 -16.90
N LEU K 196 -36.25 42.85 -16.74
CA LEU K 196 -36.52 43.44 -15.43
C LEU K 196 -37.76 42.81 -14.82
N TYR K 197 -38.79 42.56 -15.64
CA TYR K 197 -40.02 41.92 -15.14
C TYR K 197 -39.71 40.51 -14.65
N VAL K 198 -39.04 39.68 -15.46
CA VAL K 198 -38.72 38.31 -15.06
C VAL K 198 -37.79 38.24 -13.84
N LEU K 199 -36.96 39.27 -13.61
CA LEU K 199 -36.07 39.30 -12.44
C LEU K 199 -36.88 39.54 -11.15
N VAL K 200 -37.78 40.53 -11.16
CA VAL K 200 -38.56 40.86 -9.97
C VAL K 200 -39.81 40.00 -9.77
N CYS K 201 -40.27 39.26 -10.80
CA CYS K 201 -41.46 38.43 -10.72
C CYS K 201 -41.18 36.95 -10.72
N GLY K 202 -40.06 36.53 -11.30
CA GLY K 202 -39.73 35.12 -11.43
C GLY K 202 -40.64 34.40 -12.42
N ALA K 203 -41.22 35.15 -13.36
CA ALA K 203 -42.14 34.69 -14.39
C ALA K 203 -42.15 35.72 -15.54
N LEU K 204 -42.58 35.32 -16.74
CA LEU K 204 -42.61 36.21 -17.89
C LEU K 204 -43.85 37.08 -17.93
N PRO K 205 -43.78 38.31 -18.48
CA PRO K 205 -45.01 39.12 -18.57
C PRO K 205 -45.99 38.59 -19.62
N PHE K 206 -45.41 38.03 -20.70
CA PHE K 206 -46.09 37.47 -21.85
C PHE K 206 -45.63 36.03 -21.94
N ASP K 207 -46.58 35.09 -21.93
CA ASP K 207 -46.34 33.66 -21.96
C ASP K 207 -47.56 32.93 -22.59
N GLY K 208 -47.34 31.72 -23.09
CA GLY K 208 -48.38 30.92 -23.71
C GLY K 208 -47.94 29.48 -23.92
N SER K 209 -48.85 28.61 -24.40
CA SER K 209 -48.48 27.21 -24.63
C SER K 209 -47.60 27.09 -25.87
N THR K 210 -47.90 27.88 -26.91
CA THR K 210 -47.14 27.86 -28.15
C THR K 210 -46.66 29.26 -28.55
N LEU K 211 -45.78 29.35 -29.55
CA LEU K 211 -45.27 30.60 -30.11
C LEU K 211 -46.41 31.45 -30.66
N GLN K 212 -47.45 30.83 -31.22
CA GLN K 212 -48.61 31.55 -31.74
C GLN K 212 -49.33 32.27 -30.61
N ASN K 213 -49.51 31.60 -29.45
CA ASN K 213 -50.17 32.18 -28.27
C ASN K 213 -49.31 33.23 -27.60
N LEU K 214 -47.99 33.02 -27.58
CA LEU K 214 -47.02 33.94 -27.01
C LEU K 214 -46.99 35.22 -27.84
N ARG K 215 -47.05 35.11 -29.19
CA ARG K 215 -47.08 36.25 -30.08
C ARG K 215 -48.29 37.13 -29.82
N ALA K 216 -49.47 36.52 -29.70
CA ALA K 216 -50.73 37.22 -29.43
C ALA K 216 -50.63 38.06 -28.16
N ARG K 217 -49.99 37.50 -27.12
CA ARG K 217 -49.77 38.16 -25.85
C ARG K 217 -48.82 39.35 -25.99
N VAL K 218 -47.65 39.15 -26.66
CA VAL K 218 -46.68 40.24 -26.87
C VAL K 218 -47.32 41.41 -27.62
N LEU K 219 -48.06 41.12 -28.69
CA LEU K 219 -48.72 42.14 -29.51
C LEU K 219 -49.84 42.89 -28.80
N SER K 220 -50.42 42.30 -27.76
CA SER K 220 -51.44 42.96 -26.96
C SER K 220 -50.82 44.08 -26.10
N GLY K 221 -49.60 43.85 -25.62
CA GLY K 221 -48.91 44.79 -24.75
C GLY K 221 -49.49 44.88 -23.34
N LYS K 222 -50.40 43.94 -23.01
CA LYS K 222 -51.07 43.90 -21.72
C LYS K 222 -50.38 42.84 -20.85
N PHE K 223 -50.05 43.18 -19.62
CA PHE K 223 -49.37 42.28 -18.70
C PHE K 223 -49.73 42.61 -17.24
N ARG K 224 -49.70 41.61 -16.37
CA ARG K 224 -50.07 41.80 -14.98
C ARG K 224 -48.94 42.29 -14.10
N ILE K 225 -49.20 43.32 -13.30
CA ILE K 225 -48.23 43.78 -12.32
C ILE K 225 -48.64 43.18 -10.97
N PRO K 226 -47.80 42.31 -10.40
CA PRO K 226 -48.17 41.67 -9.13
C PRO K 226 -48.11 42.61 -7.94
N PHE K 227 -48.80 42.25 -6.88
CA PHE K 227 -48.92 43.05 -5.67
C PHE K 227 -47.59 43.43 -5.03
N PHE K 228 -46.62 42.51 -5.04
CA PHE K 228 -45.31 42.74 -4.44
C PHE K 228 -44.45 43.79 -5.17
N MET K 229 -44.78 44.08 -6.44
CA MET K 229 -44.01 45.06 -7.19
C MET K 229 -44.30 46.49 -6.76
N SER K 230 -43.23 47.26 -6.51
CA SER K 230 -43.31 48.65 -6.09
C SER K 230 -43.87 49.54 -7.18
N THR K 231 -44.41 50.70 -6.80
CA THR K 231 -44.98 51.63 -7.76
C THR K 231 -43.90 52.23 -8.69
N GLU K 232 -42.66 52.38 -8.20
CA GLU K 232 -41.56 52.89 -8.99
C GLU K 232 -41.12 51.88 -10.04
N CYS K 233 -41.05 50.59 -9.65
CA CYS K 233 -40.66 49.51 -10.54
C CYS K 233 -41.71 49.31 -11.60
N GLU K 234 -43.00 49.39 -11.22
CA GLU K 234 -44.11 49.26 -12.16
C GLU K 234 -44.04 50.35 -13.21
N HIS K 235 -43.75 51.59 -12.77
CA HIS K 235 -43.63 52.74 -13.65
C HIS K 235 -42.52 52.52 -14.67
N LEU K 236 -41.36 52.02 -14.22
CA LEU K 236 -40.23 51.78 -15.11
C LEU K 236 -40.57 50.73 -16.15
N ILE K 237 -41.11 49.59 -15.74
CA ILE K 237 -41.47 48.52 -16.68
C ILE K 237 -42.55 48.98 -17.67
N ARG K 238 -43.59 49.65 -17.16
CA ARG K 238 -44.67 50.15 -18.01
C ARG K 238 -44.18 51.17 -19.05
N HIS K 239 -43.07 51.89 -18.76
CA HIS K 239 -42.50 52.86 -19.69
C HIS K 239 -41.41 52.27 -20.63
N MET K 240 -41.09 50.97 -20.49
CA MET K 240 -40.17 50.25 -21.35
C MET K 240 -40.99 49.33 -22.27
N LEU K 241 -41.99 48.63 -21.70
CA LEU K 241 -42.87 47.75 -22.45
C LEU K 241 -44.02 48.54 -23.06
N VAL K 242 -43.68 49.44 -24.00
CA VAL K 242 -44.62 50.30 -24.71
C VAL K 242 -44.68 49.82 -26.16
N LEU K 243 -45.89 49.60 -26.70
CA LEU K 243 -46.03 49.12 -28.06
C LEU K 243 -45.36 50.04 -29.11
N ASP K 244 -45.62 51.35 -29.04
CA ASP K 244 -45.00 52.33 -29.94
C ASP K 244 -43.54 52.50 -29.52
N PRO K 245 -42.58 52.14 -30.39
CA PRO K 245 -41.17 52.23 -30.00
C PRO K 245 -40.70 53.63 -29.62
N ASN K 246 -41.30 54.65 -30.22
CA ASN K 246 -40.97 56.05 -29.96
C ASN K 246 -41.37 56.50 -28.55
N LYS K 247 -42.39 55.85 -27.96
CA LYS K 247 -42.82 56.20 -26.61
C LYS K 247 -42.09 55.39 -25.52
N ARG K 248 -41.03 54.65 -25.88
CA ARG K 248 -40.25 53.89 -24.91
C ARG K 248 -39.17 54.79 -24.35
N LEU K 249 -38.76 54.54 -23.10
CA LEU K 249 -37.68 55.29 -22.48
C LEU K 249 -36.35 55.08 -23.21
N SER K 250 -35.49 56.09 -23.22
CA SER K 250 -34.16 55.96 -23.81
C SER K 250 -33.24 55.33 -22.76
N MET K 251 -32.06 54.84 -23.17
CA MET K 251 -31.11 54.26 -22.22
C MET K 251 -30.70 55.26 -21.12
N GLU K 252 -30.64 56.56 -21.44
CA GLU K 252 -30.30 57.60 -20.47
C GLU K 252 -31.44 57.81 -19.49
N GLN K 253 -32.69 57.80 -19.99
CA GLN K 253 -33.88 57.94 -19.16
C GLN K 253 -34.03 56.75 -18.22
N ILE K 254 -33.64 55.56 -18.66
CA ILE K 254 -33.69 54.35 -17.84
C ILE K 254 -32.70 54.50 -16.66
N CYS K 255 -31.49 54.99 -16.93
CA CYS K 255 -30.45 55.19 -15.94
C CYS K 255 -30.79 56.21 -14.87
N LYS K 256 -31.57 57.22 -15.24
CA LYS K 256 -31.98 58.25 -14.29
C LYS K 256 -33.40 58.06 -13.79
N HIS K 257 -33.96 56.85 -13.87
CA HIS K 257 -35.32 56.60 -13.40
C HIS K 257 -35.38 56.68 -11.86
N LYS K 258 -36.54 57.05 -11.27
CA LYS K 258 -36.68 57.11 -9.81
C LYS K 258 -36.35 55.76 -9.16
N TRP K 259 -36.71 54.66 -9.82
CA TRP K 259 -36.42 53.31 -9.31
C TRP K 259 -34.92 53.01 -9.34
N MET K 260 -34.24 53.50 -10.37
CA MET K 260 -32.82 53.32 -10.59
C MET K 260 -32.00 54.10 -9.57
N LYS K 261 -32.48 55.30 -9.21
CA LYS K 261 -31.83 56.18 -8.24
C LYS K 261 -32.08 55.75 -6.78
N LEU K 262 -33.08 54.89 -6.55
CA LEU K 262 -33.50 54.38 -5.24
C LEU K 262 -32.40 53.70 -4.46
N GLY K 263 -32.52 53.74 -3.15
CA GLY K 263 -31.56 53.13 -2.25
C GLY K 263 -30.35 54.02 -2.02
N ASP K 264 -29.21 53.38 -1.75
CA ASP K 264 -27.98 54.11 -1.51
C ASP K 264 -27.45 54.74 -2.79
N ALA K 265 -26.68 55.84 -2.65
CA ALA K 265 -26.08 56.52 -3.79
C ALA K 265 -25.04 55.58 -4.41
N ASP K 266 -25.13 55.39 -5.73
CA ASP K 266 -24.23 54.48 -6.43
C ASP K 266 -23.36 55.26 -7.42
N PRO K 267 -22.23 55.80 -6.97
CA PRO K 267 -21.35 56.53 -7.89
C PRO K 267 -20.64 55.60 -8.89
N ASN K 268 -20.50 54.30 -8.56
CA ASN K 268 -19.87 53.38 -9.49
C ASN K 268 -20.74 53.14 -10.74
N PHE K 269 -22.07 53.17 -10.59
CA PHE K 269 -22.99 53.01 -11.70
C PHE K 269 -22.90 54.24 -12.60
N ASP K 270 -22.87 55.44 -11.99
CA ASP K 270 -22.75 56.71 -12.72
C ASP K 270 -21.43 56.81 -13.45
N ARG K 271 -20.35 56.24 -12.89
CA ARG K 271 -19.02 56.24 -13.48
C ARG K 271 -19.00 55.38 -14.73
N LEU K 272 -19.58 54.17 -14.65
CA LEU K 272 -19.63 53.27 -15.79
C LEU K 272 -20.54 53.77 -16.91
N ILE K 273 -21.57 54.56 -16.58
CA ILE K 273 -22.46 55.10 -17.60
C ILE K 273 -21.82 56.30 -18.30
N ALA K 274 -21.10 57.13 -17.54
CA ALA K 274 -20.40 58.30 -18.09
C ALA K 274 -19.24 57.89 -18.98
N GLU K 275 -18.57 56.76 -18.68
CA GLU K 275 -17.48 56.24 -19.50
C GLU K 275 -17.98 55.81 -20.88
N SER K 276 -19.21 55.28 -20.95
CA SER K 276 -19.82 54.88 -22.21
C SER K 276 -20.16 56.11 -23.10
N GLN K 277 -20.38 57.29 -22.47
CA GLN K 277 -20.72 58.53 -23.16
C GLN K 277 -19.52 59.40 -23.53
N GLN K 278 -18.29 59.07 -23.09
CA GLN K 278 -17.14 59.89 -23.42
C GLN K 278 -16.64 59.62 -24.85
N LEU K 279 -15.94 60.59 -25.46
CA LEU K 279 -15.49 60.44 -26.84
C LEU K 279 -14.08 59.78 -26.98
N LYS K 280 -12.97 60.55 -26.80
CA LYS K 280 -11.58 60.05 -26.95
C LYS K 280 -11.17 59.04 -25.88
N ASP K 286 -5.11 52.42 -23.53
CA ASP K 286 -5.13 50.96 -23.51
C ASP K 286 -3.93 50.39 -22.74
N PRO K 287 -4.14 49.34 -21.94
CA PRO K 287 -3.03 48.80 -21.13
C PRO K 287 -2.02 47.91 -21.90
N LEU K 288 -0.99 47.38 -21.19
CA LEU K 288 0.06 46.50 -21.73
C LEU K 288 0.74 45.77 -20.56
N ASN K 289 0.70 44.43 -20.54
CA ASN K 289 1.33 43.65 -19.48
C ASN K 289 2.78 43.29 -19.82
N GLU K 290 3.68 43.32 -18.82
CA GLU K 290 5.10 43.00 -18.99
C GLU K 290 5.50 41.71 -18.25
N ASP K 291 4.81 41.43 -17.13
CA ASP K 291 5.08 40.27 -16.29
C ASP K 291 4.54 39.00 -16.96
N VAL K 292 3.33 39.09 -17.54
CA VAL K 292 2.68 37.98 -18.24
C VAL K 292 3.51 37.62 -19.47
N LEU K 293 3.96 38.63 -20.23
CA LEU K 293 4.77 38.39 -21.42
C LEU K 293 6.09 37.69 -21.10
N LEU K 294 6.65 37.95 -19.90
CA LEU K 294 7.88 37.29 -19.47
C LEU K 294 7.61 35.83 -19.14
N ALA K 295 6.48 35.54 -18.48
CA ALA K 295 6.08 34.18 -18.13
C ALA K 295 5.75 33.35 -19.38
N MET K 296 5.21 33.99 -20.42
CA MET K 296 4.89 33.32 -21.68
C MET K 296 6.13 33.00 -22.52
N GLU K 297 7.21 33.79 -22.37
CA GLU K 297 8.45 33.62 -23.11
C GLU K 297 9.12 32.29 -22.76
N ASP K 298 9.16 31.93 -21.46
CA ASP K 298 9.76 30.68 -21.00
C ASP K 298 8.76 29.51 -21.05
N MET K 299 8.05 29.37 -22.17
CA MET K 299 7.06 28.32 -22.41
C MET K 299 7.15 27.74 -23.85
N GLY K 300 7.91 28.39 -24.73
CA GLY K 300 8.04 27.99 -26.12
C GLY K 300 7.42 28.98 -27.09
N LEU K 301 6.61 29.92 -26.58
CA LEU K 301 5.92 30.95 -27.36
C LEU K 301 6.88 32.08 -27.71
N ASP K 302 7.15 32.28 -29.01
CA ASP K 302 8.01 33.36 -29.50
C ASP K 302 7.49 34.73 -29.04
N LYS K 303 8.39 35.58 -28.50
CA LYS K 303 8.03 36.91 -28.01
C LYS K 303 7.45 37.80 -29.12
N GLU K 304 8.09 37.82 -30.29
CA GLU K 304 7.63 38.63 -31.41
C GLU K 304 6.30 38.12 -31.98
N GLN K 305 6.11 36.80 -32.01
CA GLN K 305 4.87 36.20 -32.50
C GLN K 305 3.71 36.43 -31.53
N THR K 306 4.00 36.47 -30.23
CA THR K 306 3.03 36.74 -29.19
C THR K 306 2.53 38.18 -29.34
N LEU K 307 3.46 39.13 -29.56
CA LEU K 307 3.14 40.54 -29.72
C LEU K 307 2.32 40.77 -30.98
N GLN K 308 2.71 40.10 -32.09
CA GLN K 308 2.03 40.22 -33.37
C GLN K 308 0.61 39.66 -33.31
N SER K 309 0.38 38.59 -32.54
CA SER K 309 -0.95 37.99 -32.38
C SER K 309 -1.88 38.86 -31.52
N LEU K 310 -1.30 39.59 -30.58
CA LEU K 310 -2.01 40.48 -29.70
C LEU K 310 -2.42 41.75 -30.44
N ARG K 311 -1.47 42.38 -31.16
CA ARG K 311 -1.78 43.63 -31.88
C ARG K 311 -2.52 43.42 -33.23
N SER K 312 -2.69 42.16 -33.67
CA SER K 312 -3.44 41.87 -34.89
C SER K 312 -4.84 41.29 -34.64
N ASP K 313 -5.24 41.10 -33.37
CA ASP K 313 -6.53 40.51 -32.98
C ASP K 313 -6.75 39.17 -33.67
N ALA K 314 -5.73 38.30 -33.61
CA ALA K 314 -5.78 36.99 -34.23
C ALA K 314 -6.69 36.04 -33.47
N TYR K 315 -6.69 36.13 -32.13
CA TYR K 315 -7.46 35.26 -31.23
C TYR K 315 -7.10 33.81 -31.48
N ASP K 316 -5.80 33.56 -31.41
CA ASP K 316 -5.19 32.26 -31.63
C ASP K 316 -4.61 31.73 -30.28
N HIS K 317 -3.75 30.69 -30.33
CA HIS K 317 -3.14 30.13 -29.12
C HIS K 317 -2.39 31.18 -28.29
N TYR K 318 -1.68 32.11 -28.94
CA TYR K 318 -0.91 33.15 -28.26
C TYR K 318 -1.84 34.20 -27.64
N SER K 319 -2.89 34.57 -28.36
CA SER K 319 -3.86 35.57 -27.89
C SER K 319 -4.72 35.06 -26.73
N ALA K 320 -4.96 33.74 -26.66
CA ALA K 320 -5.79 33.15 -25.61
C ALA K 320 -5.03 32.98 -24.29
N ILE K 321 -3.74 32.61 -24.35
CA ILE K 321 -2.88 32.39 -23.17
C ILE K 321 -2.58 33.70 -22.45
N TYR K 322 -2.40 34.81 -23.19
CA TYR K 322 -2.17 36.11 -22.58
C TYR K 322 -3.42 36.54 -21.80
N SER K 323 -4.59 36.41 -22.44
CA SER K 323 -5.89 36.75 -21.86
C SER K 323 -6.23 35.91 -20.60
N LEU K 324 -5.94 34.60 -20.64
CA LEU K 324 -6.18 33.74 -19.50
C LEU K 324 -5.23 34.04 -18.34
N LEU K 325 -3.95 34.30 -18.66
CA LEU K 325 -2.92 34.63 -17.67
C LEU K 325 -3.17 35.96 -16.96
N CYS K 326 -3.95 36.85 -17.58
CA CYS K 326 -4.26 38.15 -16.99
C CYS K 326 -5.46 38.11 -16.04
N ASP K 327 -5.30 37.54 -14.81
CA ASP K 327 -6.31 37.53 -13.72
C ASP K 327 -5.83 36.77 -12.47
N GLU L 1 -41.99 2.60 -10.85
CA GLU L 1 -41.20 2.84 -9.64
C GLU L 1 -40.96 4.33 -9.38
N VAL L 2 -40.95 5.19 -10.44
CA VAL L 2 -40.73 6.64 -10.24
C VAL L 2 -41.85 7.19 -9.37
N GLN L 3 -41.50 7.92 -8.29
CA GLN L 3 -42.53 8.45 -7.40
C GLN L 3 -42.17 9.81 -6.82
N LEU L 4 -43.21 10.60 -6.52
CA LEU L 4 -43.02 11.92 -5.96
C LEU L 4 -43.27 11.88 -4.46
N VAL L 5 -42.22 12.13 -3.67
CA VAL L 5 -42.32 12.10 -2.22
C VAL L 5 -42.46 13.49 -1.62
N GLN L 6 -43.63 13.77 -1.04
CA GLN L 6 -43.91 15.08 -0.48
C GLN L 6 -43.59 15.21 1.00
N SER L 7 -43.42 16.46 1.48
CA SER L 7 -43.19 16.74 2.89
C SER L 7 -44.46 16.42 3.72
N GLY L 8 -44.32 16.36 5.04
CA GLY L 8 -45.44 16.05 5.94
C GLY L 8 -46.44 17.16 6.13
N ALA L 9 -47.58 16.82 6.74
CA ALA L 9 -48.66 17.74 7.06
C ALA L 9 -48.26 18.75 8.15
N GLY L 10 -48.92 19.89 8.19
CA GLY L 10 -48.63 20.91 9.17
C GLY L 10 -49.72 21.91 9.43
N VAL L 11 -49.64 22.60 10.60
CA VAL L 11 -50.58 23.65 10.97
C VAL L 11 -49.85 24.94 10.92
N LYS L 12 -50.41 25.91 10.20
CA LYS L 12 -49.80 27.23 10.12
C LYS L 12 -50.78 28.29 10.65
N LYS L 13 -50.27 29.35 11.29
CA LYS L 13 -51.13 30.42 11.79
C LYS L 13 -51.44 31.40 10.64
N PRO L 14 -52.60 32.07 10.64
CA PRO L 14 -52.91 33.00 9.55
C PRO L 14 -51.87 34.13 9.44
N GLY L 15 -51.42 34.42 8.24
CA GLY L 15 -50.42 35.43 7.98
C GLY L 15 -49.07 34.82 7.64
N SER L 16 -48.75 33.66 8.24
CA SER L 16 -47.50 32.95 8.01
C SER L 16 -47.36 32.38 6.59
N SER L 17 -46.18 31.84 6.24
CA SER L 17 -45.93 31.24 4.94
C SER L 17 -45.62 29.75 5.11
N VAL L 18 -45.95 28.92 4.12
CA VAL L 18 -45.69 27.48 4.21
C VAL L 18 -44.86 26.98 3.02
N LYS L 19 -43.89 26.08 3.27
CA LYS L 19 -43.07 25.53 2.19
C LYS L 19 -43.31 24.03 2.10
N VAL L 20 -43.57 23.52 0.90
CA VAL L 20 -43.82 22.09 0.69
C VAL L 20 -42.80 21.53 -0.29
N SER L 21 -42.18 20.38 0.03
CA SER L 21 -41.17 19.78 -0.85
C SER L 21 -41.74 18.61 -1.65
N CYS L 22 -41.09 18.27 -2.77
CA CYS L 22 -41.55 17.19 -3.63
C CYS L 22 -40.35 16.55 -4.27
N LYS L 23 -39.78 15.51 -3.64
CA LYS L 23 -38.58 14.83 -4.14
C LYS L 23 -38.93 13.75 -5.15
N SER L 24 -38.26 13.78 -6.31
CA SER L 24 -38.49 12.78 -7.34
C SER L 24 -37.54 11.59 -7.18
N SER L 25 -38.07 10.44 -6.78
CA SER L 25 -37.26 9.23 -6.65
C SER L 25 -37.70 8.20 -7.68
N GLY L 26 -36.94 8.10 -8.76
CA GLY L 26 -37.24 7.17 -9.84
C GLY L 26 -36.13 6.19 -10.13
N SER L 31 -34.97 15.21 -15.79
CA SER L 31 -35.62 16.52 -15.93
C SER L 31 -37.14 16.32 -16.06
N SER L 32 -37.90 17.12 -15.30
CA SER L 32 -39.36 16.99 -15.24
C SER L 32 -40.08 18.36 -15.38
N ALA L 33 -41.43 18.35 -15.35
CA ALA L 33 -42.24 19.55 -15.49
C ALA L 33 -43.28 19.65 -14.35
N VAL L 34 -42.84 19.37 -13.11
CA VAL L 34 -43.66 19.37 -11.90
C VAL L 34 -44.43 20.68 -11.69
N SER L 35 -45.74 20.53 -11.46
CA SER L 35 -46.71 21.60 -11.19
C SER L 35 -47.31 21.40 -9.78
N TRP L 36 -47.98 22.42 -9.24
CA TRP L 36 -48.57 22.30 -7.90
C TRP L 36 -50.06 22.50 -8.02
N ILE L 37 -50.83 21.54 -7.55
CA ILE L 37 -52.29 21.57 -7.63
C ILE L 37 -52.83 21.37 -6.23
N ARG L 38 -53.78 22.20 -5.78
CA ARG L 38 -54.33 22.05 -4.44
C ARG L 38 -55.78 21.61 -4.44
N GLN L 39 -56.27 21.10 -3.31
CA GLN L 39 -57.65 20.67 -3.20
C GLN L 39 -58.15 20.88 -1.79
N ALA L 40 -59.01 21.87 -1.56
CA ALA L 40 -59.53 22.12 -0.22
C ALA L 40 -60.45 20.95 0.26
N PRO L 41 -60.59 20.72 1.57
CA PRO L 41 -61.41 19.59 2.03
C PRO L 41 -62.82 19.54 1.41
N GLY L 42 -63.10 18.45 0.69
CA GLY L 42 -64.37 18.24 0.02
C GLY L 42 -64.64 19.13 -1.19
N GLN L 43 -63.61 19.82 -1.68
CA GLN L 43 -63.68 20.71 -2.82
C GLN L 43 -62.95 20.13 -4.04
N GLY L 44 -63.07 20.81 -5.18
CA GLY L 44 -62.43 20.37 -6.41
C GLY L 44 -60.96 20.69 -6.45
N VAL L 45 -60.27 20.14 -7.44
CA VAL L 45 -58.84 20.36 -7.61
C VAL L 45 -58.60 21.68 -8.38
N GLU L 46 -57.50 22.37 -8.04
CA GLU L 46 -57.18 23.69 -8.60
C GLU L 46 -55.70 23.82 -8.89
N TRP L 47 -55.34 24.21 -10.13
CA TRP L 47 -53.93 24.37 -10.51
C TRP L 47 -53.37 25.68 -10.00
N MET L 48 -52.26 25.64 -9.26
CA MET L 48 -51.67 26.86 -8.69
C MET L 48 -50.55 27.45 -9.54
N GLY L 49 -49.77 26.58 -10.15
CA GLY L 49 -48.63 26.99 -10.95
C GLY L 49 -47.70 25.84 -11.26
N GLY L 50 -46.55 26.16 -11.81
CA GLY L 50 -45.55 25.16 -12.18
C GLY L 50 -44.91 25.47 -13.52
N ILE L 51 -44.04 24.57 -14.00
CA ILE L 51 -43.37 24.78 -15.29
C ILE L 51 -44.29 24.33 -16.45
N THR L 52 -44.81 25.28 -17.26
CA THR L 52 -45.76 24.96 -18.34
C THR L 52 -45.41 25.50 -19.75
N SER L 53 -44.16 25.88 -19.96
CA SER L 53 -43.70 26.38 -21.24
C SER L 53 -42.18 26.32 -21.29
N ILE L 54 -41.64 26.26 -22.50
CA ILE L 54 -40.18 26.29 -22.69
C ILE L 54 -39.66 27.75 -22.76
N PHE L 55 -40.47 28.74 -22.32
CA PHE L 55 -40.11 30.15 -22.38
C PHE L 55 -39.61 30.77 -21.06
N GLY L 56 -40.30 30.50 -19.95
CA GLY L 56 -39.95 31.13 -18.68
C GLY L 56 -39.59 30.19 -17.55
N PRO L 57 -39.04 30.76 -16.46
CA PRO L 57 -38.63 29.93 -15.31
C PRO L 57 -39.77 29.17 -14.64
N ALA L 58 -40.90 29.83 -14.46
CA ALA L 58 -42.10 29.24 -13.86
C ALA L 58 -43.33 29.98 -14.34
N ASN L 59 -44.49 29.32 -14.33
CA ASN L 59 -45.73 29.99 -14.70
C ASN L 59 -46.70 29.83 -13.56
N TYR L 60 -47.27 30.94 -13.08
CA TYR L 60 -48.20 30.90 -11.96
C TYR L 60 -49.60 31.22 -12.43
N ALA L 61 -50.60 30.64 -11.79
CA ALA L 61 -52.00 30.96 -12.09
C ALA L 61 -52.25 32.35 -11.50
N GLN L 62 -52.99 33.21 -12.21
CA GLN L 62 -53.24 34.59 -11.81
C GLN L 62 -53.61 34.79 -10.33
N LYS L 63 -54.45 33.90 -9.81
CA LYS L 63 -54.94 33.90 -8.43
C LYS L 63 -53.80 33.74 -7.42
N PHE L 64 -52.80 32.92 -7.76
CA PHE L 64 -51.69 32.63 -6.87
C PHE L 64 -50.42 33.44 -7.10
N GLN L 65 -50.28 34.13 -8.24
CA GLN L 65 -49.07 34.89 -8.58
C GLN L 65 -48.47 35.72 -7.43
N ASP L 66 -49.32 36.47 -6.73
CA ASP L 66 -48.89 37.34 -5.65
C ASP L 66 -48.31 36.65 -4.42
N ARG L 67 -48.72 35.41 -4.12
CA ARG L 67 -48.28 34.73 -2.91
C ARG L 67 -47.45 33.47 -3.12
N LEU L 68 -47.46 32.90 -4.32
CA LEU L 68 -46.72 31.69 -4.62
C LEU L 68 -45.31 31.98 -5.15
N LYS L 69 -44.38 31.10 -4.78
CA LYS L 69 -43.00 31.08 -5.20
C LYS L 69 -42.74 29.60 -5.46
N ILE L 70 -42.39 29.24 -6.69
CA ILE L 70 -42.13 27.86 -7.06
C ILE L 70 -40.67 27.73 -7.44
N THR L 71 -39.92 26.93 -6.67
CA THR L 71 -38.49 26.77 -6.90
C THR L 71 -38.11 25.29 -7.13
N ALA L 72 -36.87 25.03 -7.57
CA ALA L 72 -36.42 23.68 -7.79
C ALA L 72 -34.93 23.52 -7.56
N ASP L 73 -34.55 22.48 -6.80
CA ASP L 73 -33.15 22.15 -6.57
C ASP L 73 -32.81 20.99 -7.51
N LYS L 74 -32.23 21.32 -8.67
CA LYS L 74 -31.86 20.33 -9.68
C LYS L 74 -30.87 19.30 -9.16
N ALA L 75 -29.99 19.72 -8.24
CA ALA L 75 -29.00 18.84 -7.64
C ALA L 75 -29.65 17.66 -6.89
N THR L 76 -30.72 17.92 -6.12
CA THR L 76 -31.38 16.89 -5.34
C THR L 76 -32.71 16.40 -5.91
N ASN L 77 -33.10 16.88 -7.10
CA ASN L 77 -34.36 16.53 -7.74
C ASN L 77 -35.59 16.89 -6.89
N THR L 78 -35.47 17.90 -6.01
CA THR L 78 -36.59 18.29 -5.16
C THR L 78 -37.19 19.56 -5.69
N VAL L 79 -38.52 19.63 -5.74
CA VAL L 79 -39.22 20.81 -6.20
C VAL L 79 -39.96 21.40 -5.01
N TYR L 80 -39.84 22.71 -4.79
CA TYR L 80 -40.48 23.38 -3.68
C TYR L 80 -41.61 24.33 -4.11
N MET L 81 -42.47 24.66 -3.15
CA MET L 81 -43.63 25.51 -3.31
C MET L 81 -43.75 26.31 -2.01
N GLU L 82 -43.73 27.63 -2.09
CA GLU L 82 -43.85 28.47 -0.91
C GLU L 82 -45.04 29.40 -1.05
N LEU L 83 -46.06 29.20 -0.20
CA LEU L 83 -47.26 30.02 -0.24
C LEU L 83 -47.28 30.92 0.99
N SER L 84 -47.17 32.24 0.78
CA SER L 84 -47.14 33.20 1.88
C SER L 84 -48.51 33.85 2.14
N GLY L 85 -48.63 34.57 3.26
CA GLY L 85 -49.86 35.24 3.65
C GLY L 85 -51.05 34.30 3.75
N LEU L 86 -50.90 33.25 4.53
CA LEU L 86 -51.92 32.23 4.67
C LEU L 86 -53.21 32.70 5.34
N THR L 87 -54.34 32.25 4.80
CA THR L 87 -55.68 32.53 5.33
C THR L 87 -56.41 31.20 5.51
N PHE L 88 -57.55 31.21 6.21
CA PHE L 88 -58.34 29.98 6.38
C PHE L 88 -58.75 29.33 5.05
N GLU L 89 -58.81 30.13 3.97
CA GLU L 89 -59.13 29.64 2.63
C GLU L 89 -57.99 28.80 2.01
N ASP L 90 -56.78 28.89 2.56
CA ASP L 90 -55.62 28.14 2.08
C ASP L 90 -55.49 26.75 2.70
N THR L 91 -56.42 26.34 3.60
CA THR L 91 -56.41 25.00 4.20
C THR L 91 -56.81 24.06 3.07
N ALA L 92 -55.87 23.19 2.63
CA ALA L 92 -56.09 22.27 1.49
C ALA L 92 -55.00 21.17 1.44
N VAL L 93 -55.17 20.15 0.56
CA VAL L 93 -54.15 19.14 0.31
C VAL L 93 -53.39 19.64 -0.92
N TYR L 94 -52.08 19.80 -0.79
CA TYR L 94 -51.24 20.30 -1.87
C TYR L 94 -50.54 19.15 -2.53
N TYR L 95 -50.76 18.99 -3.82
CA TYR L 95 -50.18 17.90 -4.61
C TYR L 95 -49.16 18.44 -5.58
N CYS L 96 -48.15 17.64 -5.90
CA CYS L 96 -47.21 17.97 -6.97
C CYS L 96 -47.45 16.91 -8.04
N ALA L 97 -47.56 17.34 -9.30
CA ALA L 97 -47.83 16.43 -10.40
C ALA L 97 -46.96 16.73 -11.59
N ARG L 98 -46.46 15.70 -12.26
CA ARG L 98 -45.57 15.88 -13.41
C ARG L 98 -46.33 15.89 -14.72
N VAL L 99 -46.00 16.85 -15.63
CA VAL L 99 -46.61 16.89 -16.97
C VAL L 99 -45.96 15.79 -17.80
N GLY L 100 -46.78 14.91 -18.35
CA GLY L 100 -46.29 13.75 -19.08
C GLY L 100 -45.54 13.98 -20.38
N ASP L 101 -46.03 14.88 -21.25
CA ASP L 101 -45.41 15.09 -22.56
C ASP L 101 -44.31 16.13 -22.60
N TYR L 102 -43.67 16.42 -21.45
CA TYR L 102 -42.58 17.39 -21.33
C TYR L 102 -41.44 17.11 -22.32
N ASN L 103 -41.18 15.82 -22.62
CA ASN L 103 -40.13 15.43 -23.55
C ASN L 103 -40.40 15.87 -25.00
N PHE L 104 -41.64 16.28 -25.33
CA PHE L 104 -41.95 16.73 -26.69
C PHE L 104 -41.98 18.26 -26.88
N TRP L 105 -41.96 19.02 -25.79
CA TRP L 105 -42.03 20.48 -25.81
C TRP L 105 -40.95 21.12 -26.67
N ASN L 106 -41.35 22.00 -27.61
CA ASN L 106 -40.37 22.72 -28.43
C ASN L 106 -40.79 24.14 -28.83
N GLY L 107 -41.89 24.63 -28.27
CA GLY L 107 -42.41 25.95 -28.58
C GLY L 107 -43.48 25.96 -29.65
N HIS L 108 -43.50 24.91 -30.49
CA HIS L 108 -44.47 24.72 -31.58
C HIS L 108 -45.46 23.60 -31.21
N TYR L 109 -44.96 22.54 -30.53
CA TYR L 109 -45.78 21.45 -30.06
C TYR L 109 -46.68 22.00 -28.97
N ARG L 110 -47.98 21.74 -29.06
CA ARG L 110 -48.93 22.17 -28.05
C ARG L 110 -49.12 21.06 -27.04
N SER L 111 -48.61 21.25 -25.82
CA SER L 111 -48.72 20.22 -24.78
C SER L 111 -50.16 19.95 -24.38
N GLY L 112 -50.40 18.73 -23.92
CA GLY L 112 -51.71 18.31 -23.46
C GLY L 112 -51.95 18.65 -22.00
N TYR L 113 -50.84 18.84 -21.23
CA TYR L 113 -50.82 19.15 -19.79
C TYR L 113 -51.50 18.09 -18.96
N TYR L 114 -51.24 16.84 -19.32
CA TYR L 114 -51.79 15.72 -18.57
C TYR L 114 -50.81 15.36 -17.46
N PHE L 115 -51.32 15.07 -16.26
CA PHE L 115 -50.47 14.77 -15.13
C PHE L 115 -50.30 13.26 -14.92
N ASP L 116 -49.21 12.65 -15.45
CA ASP L 116 -49.04 11.20 -15.31
C ASP L 116 -48.69 10.78 -13.88
N LEU L 117 -47.74 11.44 -13.22
CA LEU L 117 -47.37 11.09 -11.86
C LEU L 117 -47.87 12.12 -10.89
N TRP L 118 -48.31 11.70 -9.69
CA TRP L 118 -48.76 12.60 -8.64
C TRP L 118 -48.11 12.21 -7.30
N GLY L 119 -47.95 13.19 -6.43
CA GLY L 119 -47.48 12.94 -5.07
C GLY L 119 -48.64 12.53 -4.20
N ARG L 120 -48.36 11.91 -3.04
CA ARG L 120 -49.45 11.46 -2.15
C ARG L 120 -50.30 12.63 -1.59
N GLY L 121 -49.73 13.84 -1.57
CA GLY L 121 -50.38 15.05 -1.09
C GLY L 121 -49.84 15.49 0.26
N THR L 122 -49.90 16.79 0.56
CA THR L 122 -49.46 17.34 1.84
C THR L 122 -50.62 18.14 2.42
N LEU L 123 -51.08 17.76 3.64
CA LEU L 123 -52.18 18.49 4.24
C LEU L 123 -51.72 19.74 5.02
N VAL L 124 -52.05 20.92 4.49
CA VAL L 124 -51.70 22.17 5.15
C VAL L 124 -52.96 22.78 5.67
N THR L 125 -53.02 23.05 6.97
CA THR L 125 -54.21 23.60 7.60
C THR L 125 -53.90 24.90 8.32
N VAL L 126 -54.75 25.91 8.13
CA VAL L 126 -54.57 27.22 8.73
C VAL L 126 -55.49 27.35 9.95
N SER L 127 -54.91 27.58 11.12
CA SER L 127 -55.69 27.70 12.35
C SER L 127 -55.04 28.65 13.36
N SER L 128 -55.84 29.14 14.33
CA SER L 128 -55.28 30.02 15.35
C SER L 128 -55.96 29.90 16.70
N SER L 146 -64.83 26.93 -10.51
CA SER L 146 -64.60 26.00 -11.61
C SER L 146 -64.86 26.67 -12.96
N VAL L 147 -63.86 26.68 -13.85
CA VAL L 147 -64.00 27.30 -15.18
C VAL L 147 -64.72 26.34 -16.14
N LEU L 148 -64.37 25.05 -16.05
CA LEU L 148 -64.99 24.01 -16.87
C LEU L 148 -66.26 23.54 -16.17
N THR L 149 -67.36 23.43 -16.91
CA THR L 149 -68.64 23.04 -16.33
C THR L 149 -68.92 21.54 -16.41
N GLN L 150 -69.05 20.92 -15.24
CA GLN L 150 -69.30 19.50 -15.07
C GLN L 150 -70.49 19.30 -14.15
N PRO L 151 -71.37 18.31 -14.40
CA PRO L 151 -72.47 18.05 -13.45
C PRO L 151 -71.91 17.61 -12.11
N PRO L 152 -72.50 18.09 -11.01
CA PRO L 152 -71.97 17.72 -9.68
C PRO L 152 -72.01 16.23 -9.36
N SER L 153 -73.01 15.54 -9.91
CA SER L 153 -73.17 14.13 -9.68
C SER L 153 -73.80 13.42 -10.88
N ALA L 154 -73.46 12.14 -11.03
CA ALA L 154 -73.99 11.22 -12.03
C ALA L 154 -74.24 9.87 -11.35
N SER L 155 -75.14 9.06 -11.93
CA SER L 155 -75.47 7.75 -11.34
C SER L 155 -75.89 6.71 -12.37
N GLY L 156 -75.81 5.45 -12.00
CA GLY L 156 -76.21 4.36 -12.88
C GLY L 156 -76.22 3.02 -12.19
N THR L 157 -76.96 2.06 -12.74
CA THR L 157 -76.98 0.72 -12.18
C THR L 157 -75.83 -0.10 -12.81
N PRO L 158 -75.37 -1.19 -12.14
CA PRO L 158 -74.24 -1.95 -12.69
C PRO L 158 -74.50 -2.48 -14.10
N GLY L 159 -73.53 -2.29 -14.98
CA GLY L 159 -73.64 -2.72 -16.37
C GLY L 159 -74.02 -1.59 -17.32
N GLN L 160 -74.63 -0.52 -16.78
CA GLN L 160 -75.05 0.63 -17.57
C GLN L 160 -73.87 1.47 -18.08
N ARG L 161 -74.14 2.36 -19.05
CA ARG L 161 -73.12 3.27 -19.58
C ARG L 161 -73.45 4.67 -19.09
N VAL L 162 -72.66 5.19 -18.15
CA VAL L 162 -72.87 6.53 -17.63
C VAL L 162 -72.01 7.54 -18.36
N THR L 163 -72.53 8.74 -18.63
CA THR L 163 -71.76 9.75 -19.35
C THR L 163 -71.65 11.07 -18.56
N ILE L 164 -70.44 11.60 -18.48
CA ILE L 164 -70.19 12.86 -17.80
C ILE L 164 -69.81 13.89 -18.82
N SER L 165 -70.54 15.01 -18.86
CA SER L 165 -70.23 16.09 -19.79
C SER L 165 -69.27 17.10 -19.18
N CYS L 166 -68.52 17.79 -20.02
CA CYS L 166 -67.58 18.80 -19.59
C CYS L 166 -67.59 19.93 -20.60
N SER L 167 -68.31 21.01 -20.29
CA SER L 167 -68.43 22.16 -21.19
C SER L 167 -67.36 23.19 -20.91
N GLY L 168 -66.88 23.83 -21.96
CA GLY L 168 -65.86 24.86 -21.85
C GLY L 168 -66.05 25.97 -22.85
N SER L 169 -65.00 26.77 -23.04
CA SER L 169 -64.98 27.90 -23.96
C SER L 169 -64.01 27.65 -25.13
N SER L 170 -63.92 28.59 -26.07
CA SER L 170 -63.03 28.48 -27.21
C SER L 170 -61.58 28.48 -26.77
N SER L 171 -61.23 29.29 -25.76
CA SER L 171 -59.85 29.42 -25.30
C SER L 171 -59.33 28.19 -24.58
N ASN L 172 -60.22 27.39 -23.96
CA ASN L 172 -59.76 26.19 -23.25
C ASN L 172 -60.08 24.90 -24.01
N ILE L 173 -61.35 24.51 -24.22
CA ILE L 173 -61.64 23.24 -24.89
C ILE L 173 -61.60 23.39 -26.41
N GLY L 174 -62.12 24.49 -26.93
CA GLY L 174 -62.12 24.72 -28.36
C GLY L 174 -60.73 24.81 -28.98
N SER L 175 -59.67 24.91 -28.15
CA SER L 175 -58.30 25.06 -28.64
C SER L 175 -57.31 23.98 -28.20
N ASN L 176 -57.58 23.30 -27.07
CA ASN L 176 -56.64 22.33 -26.53
C ASN L 176 -57.26 20.94 -26.31
N THR L 177 -56.43 19.92 -25.94
CA THR L 177 -56.95 18.58 -25.66
C THR L 177 -57.50 18.49 -24.24
N VAL L 178 -58.44 17.57 -24.03
CA VAL L 178 -59.05 17.36 -22.72
C VAL L 178 -58.49 16.09 -22.07
N ASN L 179 -58.28 16.16 -20.75
CA ASN L 179 -57.81 15.05 -19.93
C ASN L 179 -58.82 14.79 -18.81
N TRP L 180 -58.95 13.52 -18.40
CA TRP L 180 -59.85 13.11 -17.33
C TRP L 180 -59.08 12.41 -16.24
N TYR L 181 -59.44 12.65 -14.98
CA TYR L 181 -58.79 12.05 -13.81
C TYR L 181 -59.82 11.40 -12.92
N GLN L 182 -59.49 10.24 -12.37
CA GLN L 182 -60.37 9.55 -11.45
C GLN L 182 -59.78 9.68 -10.05
N GLN L 183 -60.59 10.10 -9.07
CA GLN L 183 -60.11 10.26 -7.71
C GLN L 183 -60.90 9.42 -6.72
N LEU L 184 -60.24 8.40 -6.18
CA LEU L 184 -60.86 7.56 -5.19
C LEU L 184 -60.70 8.19 -3.80
N PRO L 185 -61.54 7.81 -2.82
CA PRO L 185 -61.44 8.42 -1.48
C PRO L 185 -60.06 8.32 -0.83
N GLY L 186 -59.57 9.45 -0.35
CA GLY L 186 -58.29 9.54 0.33
C GLY L 186 -57.06 9.33 -0.54
N THR L 187 -57.20 9.47 -1.84
CA THR L 187 -56.08 9.30 -2.76
C THR L 187 -55.96 10.50 -3.70
N ALA L 188 -54.80 10.67 -4.33
CA ALA L 188 -54.59 11.73 -5.31
C ALA L 188 -55.31 11.35 -6.60
N PRO L 189 -55.72 12.34 -7.42
CA PRO L 189 -56.34 12.01 -8.71
C PRO L 189 -55.40 11.20 -9.61
N LYS L 190 -55.94 10.34 -10.45
CA LYS L 190 -55.15 9.48 -11.32
C LYS L 190 -55.53 9.72 -12.78
N LEU L 191 -54.55 9.79 -13.71
CA LEU L 191 -54.88 9.99 -15.12
C LEU L 191 -55.76 8.84 -15.64
N LEU L 192 -56.90 9.18 -16.21
CA LEU L 192 -57.84 8.21 -16.74
C LEU L 192 -57.85 8.30 -18.27
N ILE L 193 -58.01 9.52 -18.81
CA ILE L 193 -58.00 9.75 -20.26
C ILE L 193 -57.08 10.93 -20.54
N TYR L 194 -56.18 10.82 -21.51
CA TYR L 194 -55.34 11.96 -21.91
C TYR L 194 -55.51 12.22 -23.40
N SER L 195 -55.21 13.45 -23.85
CA SER L 195 -55.32 13.80 -25.28
C SER L 195 -56.66 13.40 -25.93
N ASN L 196 -57.77 13.76 -25.27
CA ASN L 196 -59.16 13.54 -25.68
C ASN L 196 -59.67 12.10 -25.57
N THR L 197 -58.96 11.11 -26.16
CA THR L 197 -59.45 9.74 -26.21
C THR L 197 -58.49 8.67 -25.66
N GLN L 198 -57.19 8.98 -25.57
CA GLN L 198 -56.18 8.02 -25.16
C GLN L 198 -56.30 7.54 -23.71
N ARG L 199 -55.96 6.26 -23.47
CA ARG L 199 -56.00 5.70 -22.12
C ARG L 199 -54.63 5.23 -21.71
N PRO L 200 -54.10 5.74 -20.59
CA PRO L 200 -52.81 5.25 -20.10
C PRO L 200 -52.86 3.76 -19.75
N SER L 201 -51.70 3.08 -19.71
CA SER L 201 -51.66 1.65 -19.39
C SER L 201 -52.29 1.35 -18.02
N GLY L 202 -53.24 0.44 -18.01
CA GLY L 202 -53.96 0.10 -16.78
C GLY L 202 -55.42 0.45 -16.86
N VAL L 203 -55.77 1.51 -17.59
CA VAL L 203 -57.16 1.93 -17.76
C VAL L 203 -57.88 0.99 -18.73
N PRO L 204 -58.96 0.36 -18.27
CA PRO L 204 -59.68 -0.57 -19.15
C PRO L 204 -60.44 0.10 -20.29
N ASP L 205 -60.77 -0.69 -21.31
CA ASP L 205 -61.49 -0.25 -22.49
C ASP L 205 -62.89 0.33 -22.19
N ARG L 206 -63.41 0.12 -20.96
CA ARG L 206 -64.72 0.61 -20.49
C ARG L 206 -64.76 2.14 -20.43
N PHE L 207 -63.63 2.78 -20.14
CA PHE L 207 -63.55 4.23 -20.09
C PHE L 207 -63.21 4.76 -21.46
N SER L 208 -63.92 5.79 -21.94
CA SER L 208 -63.66 6.35 -23.25
C SER L 208 -63.96 7.84 -23.29
N GLY L 209 -63.10 8.60 -23.92
CA GLY L 209 -63.28 10.05 -24.02
C GLY L 209 -63.69 10.48 -25.41
N SER L 210 -64.18 11.73 -25.52
CA SER L 210 -64.58 12.30 -26.80
C SER L 210 -64.62 13.83 -26.71
N LYS L 211 -64.19 14.51 -27.77
CA LYS L 211 -64.21 15.98 -27.77
C LYS L 211 -64.93 16.47 -29.01
N SER L 212 -65.79 17.47 -28.84
CA SER L 212 -66.51 18.07 -29.94
C SER L 212 -66.62 19.56 -29.70
N ALA L 213 -66.08 20.38 -30.62
CA ALA L 213 -66.10 21.84 -30.56
C ALA L 213 -65.62 22.36 -29.14
N THR L 214 -66.43 23.01 -28.25
CA THR L 214 -65.98 23.45 -26.94
C THR L 214 -66.53 22.56 -25.82
N SER L 215 -66.70 21.26 -26.11
CA SER L 215 -67.23 20.34 -25.13
C SER L 215 -66.50 19.00 -25.17
N ALA L 216 -66.50 18.30 -24.04
CA ALA L 216 -65.88 16.98 -23.89
C ALA L 216 -66.82 16.03 -23.14
N SER L 217 -66.58 14.71 -23.24
CA SER L 217 -67.43 13.74 -22.55
C SER L 217 -66.67 12.49 -22.14
N LEU L 218 -66.94 11.97 -20.95
CA LEU L 218 -66.36 10.73 -20.46
C LEU L 218 -67.47 9.70 -20.43
N ALA L 219 -67.24 8.49 -20.96
CA ALA L 219 -68.24 7.45 -20.95
C ALA L 219 -67.74 6.20 -20.23
N ILE L 220 -68.40 5.82 -19.14
CA ILE L 220 -68.03 4.63 -18.39
C ILE L 220 -69.03 3.52 -18.76
N SER L 221 -68.69 2.71 -19.76
CA SER L 221 -69.53 1.60 -20.23
C SER L 221 -69.34 0.39 -19.31
N GLY L 222 -70.39 -0.40 -19.14
CA GLY L 222 -70.35 -1.57 -18.28
C GLY L 222 -69.95 -1.26 -16.85
N LEU L 223 -70.60 -0.25 -16.27
CA LEU L 223 -70.39 0.29 -14.93
C LEU L 223 -70.18 -0.78 -13.87
N GLN L 224 -69.16 -0.60 -13.03
CA GLN L 224 -68.85 -1.51 -11.93
C GLN L 224 -68.87 -0.76 -10.62
N SER L 225 -69.11 -1.46 -9.51
CA SER L 225 -69.14 -0.82 -8.19
C SER L 225 -67.82 -0.13 -7.84
N GLU L 226 -66.69 -0.67 -8.36
CA GLU L 226 -65.35 -0.11 -8.16
C GLU L 226 -65.16 1.29 -8.80
N ASP L 227 -66.08 1.70 -9.70
CA ASP L 227 -66.01 2.99 -10.38
C ASP L 227 -66.62 4.15 -9.57
N GLU L 228 -67.19 3.88 -8.38
CA GLU L 228 -67.77 4.92 -7.54
C GLU L 228 -66.61 5.78 -7.04
N ALA L 229 -66.41 6.94 -7.69
CA ALA L 229 -65.30 7.85 -7.41
C ALA L 229 -65.64 9.27 -7.97
N ASP L 230 -64.77 10.28 -7.75
CA ASP L 230 -64.94 11.62 -8.29
C ASP L 230 -64.20 11.68 -9.61
N TYR L 231 -64.79 12.31 -10.62
CA TYR L 231 -64.16 12.41 -11.93
C TYR L 231 -63.97 13.85 -12.31
N TYR L 232 -62.72 14.23 -12.60
CA TYR L 232 -62.41 15.61 -12.96
C TYR L 232 -62.00 15.69 -14.40
N CYS L 233 -62.45 16.74 -15.06
CA CYS L 233 -62.10 17.01 -16.43
C CYS L 233 -61.12 18.20 -16.43
N ALA L 234 -60.15 18.22 -17.36
CA ALA L 234 -59.14 19.27 -17.38
C ALA L 234 -58.68 19.62 -18.78
N ALA L 235 -58.27 20.86 -18.99
CA ALA L 235 -57.76 21.33 -20.27
C ALA L 235 -56.89 22.57 -20.07
N TRP L 236 -56.01 22.85 -21.04
CA TRP L 236 -55.18 24.06 -20.96
C TRP L 236 -56.05 25.22 -21.46
N ASP L 237 -55.97 26.40 -20.81
CA ASP L 237 -56.71 27.60 -21.23
C ASP L 237 -55.68 28.61 -21.69
N ASP L 238 -55.76 29.03 -22.95
CA ASP L 238 -54.81 30.00 -23.51
C ASP L 238 -55.05 31.46 -23.08
N SER L 239 -56.09 31.71 -22.27
CA SER L 239 -56.36 33.06 -21.79
C SER L 239 -55.29 33.47 -20.78
N LEU L 240 -54.95 34.76 -20.77
CA LEU L 240 -53.90 35.31 -19.92
C LEU L 240 -52.53 34.65 -20.32
N ASN L 241 -51.60 34.41 -19.37
CA ASN L 241 -50.33 33.74 -19.69
C ASN L 241 -50.47 32.21 -19.77
N GLY L 242 -51.69 31.70 -19.84
CA GLY L 242 -51.96 30.28 -19.86
C GLY L 242 -52.04 29.68 -18.47
N HIS L 243 -52.94 28.72 -18.31
CA HIS L 243 -53.19 28.01 -17.06
C HIS L 243 -53.97 26.73 -17.36
N VAL L 244 -53.88 25.72 -16.50
CA VAL L 244 -54.68 24.52 -16.69
C VAL L 244 -55.96 24.69 -15.85
N VAL L 245 -57.11 24.61 -16.53
CA VAL L 245 -58.40 24.73 -15.86
C VAL L 245 -58.99 23.34 -15.56
N PHE L 246 -59.70 23.23 -14.45
CA PHE L 246 -60.32 21.98 -14.05
C PHE L 246 -61.84 22.13 -13.96
N GLY L 247 -62.52 21.01 -14.05
CA GLY L 247 -63.96 20.95 -13.88
C GLY L 247 -64.29 20.85 -12.41
N GLY L 248 -65.55 21.10 -12.09
CA GLY L 248 -66.01 21.05 -10.71
C GLY L 248 -65.90 19.67 -10.07
N GLY L 249 -65.99 18.63 -10.90
CA GLY L 249 -65.95 17.25 -10.45
C GLY L 249 -67.32 16.61 -10.55
N THR L 250 -67.36 15.28 -10.71
CA THR L 250 -68.62 14.56 -10.83
C THR L 250 -68.57 13.29 -10.01
N LYS L 251 -69.35 13.24 -8.93
CA LYS L 251 -69.41 12.11 -8.02
C LYS L 251 -70.27 11.03 -8.67
N VAL L 252 -69.62 10.03 -9.28
CA VAL L 252 -70.36 8.94 -9.91
C VAL L 252 -70.77 7.95 -8.84
N THR L 253 -72.08 7.70 -8.76
CA THR L 253 -72.67 6.85 -7.73
C THR L 253 -73.26 5.58 -8.34
N VAL L 254 -72.70 4.40 -8.02
CA VAL L 254 -73.22 3.14 -8.55
C VAL L 254 -74.42 2.64 -7.75
N LEU L 255 -75.59 2.74 -8.35
CA LEU L 255 -76.89 2.38 -7.79
C LEU L 255 -77.09 0.87 -7.80
N GLY L 256 -78.10 0.41 -7.05
CA GLY L 256 -78.42 -1.02 -7.01
C GLY L 256 -79.03 -1.45 -8.32
N ALA L 257 -78.71 -2.67 -8.74
CA ALA L 257 -79.19 -3.24 -10.00
C ALA L 257 -80.70 -3.32 -10.02
N ALA L 258 -81.30 -3.15 -11.21
CA ALA L 258 -82.76 -3.22 -11.38
C ALA L 258 -83.34 -4.59 -11.02
N ALA L 259 -84.59 -4.61 -10.55
CA ALA L 259 -85.25 -5.87 -10.19
C ALA L 259 -85.49 -6.69 -11.45
N GLU L 260 -85.27 -8.00 -11.37
CA GLU L 260 -85.43 -8.87 -12.52
C GLU L 260 -86.72 -9.68 -12.45
N ASN L 261 -87.48 -9.71 -13.56
CA ASN L 261 -88.71 -10.50 -13.60
C ASN L 261 -88.34 -11.98 -13.52
N LEU L 262 -89.13 -12.75 -12.77
CA LEU L 262 -88.82 -14.17 -12.58
C LEU L 262 -89.45 -15.10 -13.66
N TYR L 263 -90.15 -14.53 -14.64
CA TYR L 263 -90.73 -15.30 -15.73
C TYR L 263 -89.88 -14.99 -16.97
N PHE L 264 -89.27 -16.04 -17.59
CA PHE L 264 -88.41 -15.86 -18.77
C PHE L 264 -88.14 -17.20 -19.48
CAA DB8 M . -24.78 33.44 11.56
O02 DB8 M . -27.47 41.25 16.81
CAC DB8 M . -28.71 32.02 8.22
NAD DB8 M . -25.50 41.82 13.21
CL1 DB8 M . -24.90 42.23 18.01
CL2 DB8 M . -22.58 38.77 14.67
CAG DB8 M . -25.90 40.88 12.66
CAH DB8 M . -26.81 39.86 10.73
CAI DB8 M . -23.91 40.44 16.26
CAJ DB8 M . -26.40 39.69 15.29
CAK DB8 M . -27.20 36.50 9.58
CAL DB8 M . -26.05 36.02 12.05
CAM DB8 M . -28.42 33.19 7.31
CAN DB8 M . -28.19 34.40 8.17
CAO DB8 M . -30.41 27.02 6.80
CAP DB8 M . -28.46 30.16 6.79
CAQ DB8 M . -30.19 30.29 8.58
CAR DB8 M . -29.13 28.89 6.22
CAS DB8 M . -30.67 28.88 8.19
NAT DB8 M . -27.16 38.82 9.94
NAU DB8 M . -25.45 38.14 13.73
OAV DB8 M . -26.17 33.67 11.68
OAW DB8 M . -27.26 34.07 9.19
CAX DB8 M . -26.32 40.67 16.28
CAY DB8 M . -25.07 41.04 16.77
CAZ DB8 M . -24.01 39.48 15.25
CBA DB8 M . -26.26 39.71 11.98
CBB DB8 M . -25.26 39.11 14.74
CBC DB8 M . -26.38 34.95 11.23
CBD DB8 M . -26.96 35.18 9.98
CBE DB8 M . -25.99 38.43 12.47
CBF DB8 M . -26.87 37.58 10.37
CBG DB8 M . -26.27 37.34 11.63
NBH DB8 M . -29.45 30.99 7.51
NBI DB8 M . -30.43 28.47 6.79
C01 DB8 M . -28.37 41.62 15.78
S SO4 N . -34.25 29.03 6.80
O1 SO4 N . -33.21 30.02 6.48
O2 SO4 N . -33.69 27.89 7.53
O3 SO4 N . -35.33 29.59 7.63
O4 SO4 N . -34.84 28.55 5.53
CAA DB8 O . 31.03 3.08 -20.76
O02 DB8 O . 22.41 -0.32 -17.71
CAC DB8 O . 32.99 0.24 -24.82
NAD DB8 O . 22.47 2.51 -20.69
CL1 DB8 O . 21.34 1.85 -16.03
CL2 DB8 O . 25.31 4.77 -18.04
CAG DB8 O . 23.50 2.22 -21.17
CAH DB8 O . 24.81 1.76 -23.09
CAI DB8 O . 23.38 3.18 -17.15
CAJ DB8 O . 24.24 0.99 -18.64
CAK DB8 O . 28.32 1.51 -23.79
CAL DB8 O . 28.39 1.89 -21.05
CAM DB8 O . 31.97 0.84 -25.76
CAN DB8 O . 30.63 0.86 -25.08
CAO DB8 O . 38.11 -1.41 -25.97
CAP DB8 O . 35.06 0.72 -25.90
CAQ DB8 O . 34.64 -1.39 -24.65
CAR DB8 O . 36.43 0.18 -26.36
CAS DB8 O . 36.08 -1.83 -24.95
NAT DB8 O . 25.96 1.58 -23.78
NAU DB8 O . 26.04 2.18 -19.60
OAV DB8 O . 30.77 1.73 -21.09
OAW DB8 O . 30.78 1.40 -23.77
CAX DB8 O . 23.11 0.87 -17.83
CAY DB8 O . 22.69 1.96 -17.07
CAZ DB8 O . 24.49 3.27 -17.98
CBA DB8 O . 24.76 1.97 -21.74
CBB DB8 O . 24.94 2.19 -18.74
CBC DB8 O . 29.57 1.74 -21.76
CBD DB8 O . 29.56 1.54 -23.13
CBE DB8 O . 25.94 2.00 -21.00
CBF DB8 O . 27.11 1.66 -23.11
CBG DB8 O . 27.15 1.89 -21.71
NBH DB8 O . 34.11 -0.35 -25.57
NBI DB8 O . 36.67 -1.27 -26.17
C01 DB8 O . 22.23 -0.90 -18.99
S SO4 P . 36.21 -4.92 -27.40
O1 SO4 P . 37.51 -4.73 -26.74
O2 SO4 P . 35.13 -4.57 -26.46
O3 SO4 P . 36.09 -4.11 -28.64
O4 SO4 P . 36.00 -6.33 -27.77
S SO4 Q . 21.32 14.47 -38.17
O1 SO4 Q . 22.11 14.89 -39.34
O2 SO4 Q . 19.90 14.81 -38.37
O3 SO4 Q . 21.27 13.00 -38.05
O4 SO4 Q . 21.78 15.04 -36.88
CAA DB8 R . -5.44 -28.30 4.89
O02 DB8 R . 4.31 -27.82 5.12
CAC DB8 R . -7.40 -25.92 0.56
NAD DB8 R . 2.55 -31.05 3.27
CL1 DB8 R . 5.16 -29.74 7.13
CL2 DB8 R . 0.07 -31.41 6.94
CAG DB8 R . 1.57 -30.53 2.92
CAH DB8 R . -0.03 -30.07 1.20
CAI DB8 R . 2.56 -30.45 6.91
CAJ DB8 R . 1.99 -28.53 5.00
CAK DB8 R . -3.32 -28.64 1.10
CAL DB8 R . -2.74 -28.35 3.80
CAM DB8 R . -6.94 -27.06 -0.33
CAN DB8 R . -5.55 -27.45 0.10
CAO DB8 R . -11.82 -22.73 -0.19
CAP DB8 R . -9.71 -25.79 -0.04
CAQ DB8 R . -8.34 -23.82 0.63
CAR DB8 R . -10.84 -24.86 -0.52
CAS DB8 R . -9.62 -22.98 0.53
NAT DB8 R . -1.20 -29.63 0.71
NAU DB8 R . -0.29 -29.18 4.81
OAV DB8 R . -4.86 -27.28 4.13
OAW DB8 R . -5.52 -27.59 1.51
CAX DB8 R . 3.28 -28.65 5.51
CAY DB8 R . 3.56 -29.60 6.49
CAZ DB8 R . 1.27 -30.34 6.37
CBA DB8 R . 0.34 -29.97 2.52
CBB DB8 R . 0.97 -29.39 5.39
CBC DB8 R . -3.95 -27.91 3.29
CBD DB8 R . -4.26 -28.05 1.94
CBE DB8 R . -0.55 -29.38 3.43
CBF DB8 R . -2.09 -29.10 1.58
CBG DB8 R . -1.81 -28.98 2.95
NBH DB8 R . -8.40 -25.10 -0.10
NBI DB8 R . -10.57 -23.40 -0.51
C01 DB8 R . 4.29 -27.63 3.71
S SO4 S . -9.06 -20.54 -2.76
O1 SO4 S . -8.56 -20.39 -4.14
O2 SO4 S . -9.15 -19.22 -2.12
O3 SO4 S . -10.38 -21.20 -2.88
O4 SO4 S . -8.16 -21.36 -1.92
S SO4 T . -5.61 -46.53 -9.26
O1 SO4 T . -4.72 -46.11 -10.35
O2 SO4 T . -5.08 -46.06 -7.97
O3 SO4 T . -6.94 -46.01 -9.60
O4 SO4 T . -5.66 -48.01 -9.20
CAA DB8 U . 49.56 4.09 36.44
O02 DB8 U . 48.84 12.42 31.25
CAC DB8 U . 51.07 5.10 41.43
NAD DB8 U . 45.56 11.06 33.27
CL1 DB8 U . 47.30 11.67 28.83
CL2 DB8 U . 46.42 7.07 31.41
CAG DB8 U . 46.10 10.51 34.15
CAH DB8 U . 46.35 10.09 36.47
CAI DB8 U . 46.98 9.41 30.28
CAJ DB8 U . 48.46 10.33 32.43
CAK DB8 U . 48.10 7.68 38.45
CAL DB8 U . 48.95 6.92 35.93
CAM DB8 U . 49.72 5.64 41.77
CAN DB8 U . 49.28 6.55 40.64
CAO DB8 U . 54.47 2.32 44.78
CAP DB8 U . 51.32 3.31 42.96
CAQ DB8 U . 53.21 4.81 42.25
CAR DB8 U . 52.37 2.45 43.71
CAS DB8 U . 54.17 3.99 43.17
NAT DB8 U . 46.81 9.43 37.55
NAU DB8 U . 48.10 8.33 33.68
OAV DB8 U . 50.30 5.20 36.92
OAW DB8 U . 49.48 5.86 39.40
CAX DB8 U . 48.28 11.15 31.32
CAY DB8 U . 47.55 10.69 30.23
CAZ DB8 U . 47.14 8.62 31.41
CBA DB8 U . 46.72 9.78 35.18
CBB DB8 U . 47.88 9.07 32.50
CBC DB8 U . 49.40 6.23 37.06
CBD DB8 U . 48.99 6.60 38.33
CBE DB8 U . 47.60 8.73 34.95
CBF DB8 U . 47.63 8.39 37.35
CBG DB8 U . 48.03 7.98 36.07
NBH DB8 U . 51.78 4.68 42.63
NBI DB8 U . 53.50 3.24 44.23
C01 DB8 U . 48.66 13.12 32.46
S SO4 V . 55.49 6.28 46.10
O1 SO4 V . 55.09 6.26 47.52
O2 SO4 V . 54.33 6.57 45.26
O3 SO4 V . 56.49 7.35 45.90
O4 SO4 V . 56.05 4.99 45.69
CAA DB8 W . -25.51 -36.97 -16.41
O02 DB8 W . -29.09 -45.68 -18.95
CAC DB8 W . -25.85 -36.08 -11.23
NAD DB8 W . -25.09 -45.42 -17.93
CL1 DB8 W . -28.04 -46.18 -21.66
CL2 DB8 W . -24.94 -41.93 -20.72
CAG DB8 W . -25.18 -44.54 -17.19
CAH DB8 W . -24.64 -43.56 -15.07
CAI DB8 W . -26.57 -44.03 -21.02
CAJ DB8 W . -27.68 -43.75 -18.49
CAK DB8 W . -24.87 -40.28 -13.64
CAL DB8 W . -26.03 -39.83 -16.12
CAM DB8 W . -24.78 -37.09 -10.90
CAN DB8 W . -24.98 -38.31 -11.76
CAO DB8 W . -27.19 -31.57 -8.42
CAP DB8 W . -25.13 -34.11 -10.19
CAQ DB8 W . -27.52 -34.77 -10.30
CAR DB8 W . -25.50 -32.94 -9.25
CAS DB8 W . -27.88 -33.47 -9.57
NAT DB8 W . -24.52 -42.56 -14.16
NAU DB8 W . -26.33 -41.88 -17.94
OAV DB8 W . -26.43 -37.54 -15.50
OAW DB8 W . -25.24 -37.91 -13.10
CAX DB8 W . -28.10 -44.78 -19.33
CAY DB8 W . -27.55 -44.92 -20.60
CAZ DB8 W . -26.14 -43.01 -20.16
CBA DB8 W . -25.20 -43.42 -16.32
CBB DB8 W . -26.69 -42.86 -18.88
CBC DB8 W . -25.92 -38.79 -15.20
CBD DB8 W . -25.34 -39.01 -13.95
CBE DB8 W . -25.70 -42.16 -16.70
CBF DB8 W . -24.96 -41.34 -14.54
CBG DB8 W . -25.54 -41.10 -15.80
NBH DB8 W . -26.11 -35.21 -10.10
NBI DB8 W . -26.86 -32.95 -8.66
C01 DB8 W . -28.89 -46.09 -17.61
S SO4 X . -29.31 -34.34 -5.96
O1 SO4 X . -28.66 -35.03 -7.09
O2 SO4 X . -28.71 -33.02 -5.77
O3 SO4 X . -30.78 -34.23 -6.12
O4 SO4 X . -29.00 -35.14 -4.76
CAA DB8 Y . -25.53 27.76 -19.00
O02 DB8 Y . -19.39 30.09 -26.38
CAC DB8 Y . -22.94 25.47 -14.98
NAD DB8 Y . -20.10 32.81 -23.38
CL1 DB8 Y . -20.79 31.83 -28.07
CL2 DB8 Y . -24.44 31.95 -24.06
CAG DB8 Y . -20.29 32.04 -22.52
CAH DB8 Y . -19.91 31.31 -20.28
CAI DB8 Y . -22.56 31.81 -25.95
CAJ DB8 Y . -20.98 30.05 -24.52
CAK DB8 Y . -21.50 29.07 -18.02
CAL DB8 Y . -23.04 28.62 -20.29
CAM DB8 Y . -22.28 26.76 -14.60
CAN DB8 Y . -21.83 27.47 -15.85
CAO DB8 Y . -23.63 20.67 -12.51
CAP DB8 Y . -21.84 23.71 -13.84
CAQ DB8 Y . -24.37 24.11 -13.74
CAR DB8 Y . -22.21 22.24 -13.57
CAS DB8 Y . -24.55 22.75 -13.04
NAT DB8 Y . -20.15 30.62 -19.15
NAU DB8 Y . -22.48 29.99 -22.65
OAV DB8 Y . -24.33 27.00 -19.07
OAW DB8 Y . -22.88 27.43 -16.81
CAX DB8 Y . -20.57 30.50 -25.77
CAY DB8 Y . -21.36 31.37 -26.50
CAZ DB8 Y . -22.95 31.38 -24.68
CBA DB8 Y . -20.62 31.18 -21.46
CBB DB8 Y . -22.17 30.50 -23.93
CBC DB8 Y . -23.32 27.95 -19.11
CBD DB8 Y . -22.55 28.15 -17.96
CBE DB8 Y . -21.68 30.26 -21.52
CBF DB8 Y . -21.19 29.78 -19.18
CBG DB8 Y . -21.99 29.58 -20.32
NBH DB8 Y . -22.98 24.64 -13.79
NBI DB8 Y . -23.32 22.09 -12.60
C01 DB8 Y . -18.37 30.01 -25.40
S SO4 Z . -20.04 20.10 -11.61
O1 SO4 Z . -20.26 21.53 -11.32
O2 SO4 Z . -19.61 19.41 -10.38
O3 SO4 Z . -21.25 19.37 -12.05
O4 SO4 Z . -19.03 19.95 -12.67
S SO4 AA . -19.24 46.27 -6.80
O1 SO4 AA . -18.61 47.58 -7.00
O2 SO4 AA . -19.33 46.00 -5.36
O3 SO4 AA . -20.55 46.27 -7.48
O4 SO4 AA . -18.39 45.25 -7.46
#